data_9B03
#
_entry.id   9B03
#
_cell.length_a   1.00
_cell.length_b   1.00
_cell.length_c   1.00
_cell.angle_alpha   90.00
_cell.angle_beta   90.00
_cell.angle_gamma   90.00
#
_symmetry.space_group_name_H-M   'P 1'
#
loop_
_entity.id
_entity.type
_entity.pdbx_description
1 polymer 'Actin, alpha skeletal muscle'
2 polymer 'Inverted formin-2'
3 non-polymer "ADENOSINE-5'-DIPHOSPHATE"
4 non-polymer 'MAGNESIUM ION'
#
loop_
_entity_poly.entity_id
_entity_poly.type
_entity_poly.pdbx_seq_one_letter_code
_entity_poly.pdbx_strand_id
1 'polypeptide(L)'
;TTALVCDNGSGLVKAGFAGDDAPRAVFPSIVGRPRHQGVMVGMGQKDSYVGDEAQSKRGILTLKYPIE(HIC)GIITNWD
DMEKIWHHTFYNELRVAPEEHPTLLTEAPLNPKANREKMTQIMFETFNVPAMYVAIQAVLSLYASGRTTGIVLDSGDGVT
HNVPIYEGYALPHAIMRLDLAGRDLTDYLMKILTERGYSFVTTAEREIVRDIKEKLCYVALDFENEMATAASSSSLEKSY
ELPDGQVITIGNERFRCPETLFQPSFIGMESAGIHETTYNSIMKCDIDIRKDLYANNVMSGGTTMYPGIADRMQKEITAL
APSTMKIKIIAPPERKYSVWIGGSILASLSTFQQMWITKQEYDEAGPSIVHRKCF
;
A,B,C,D,E,F
2 'polypeptide(L)'
;VPSHRRVNPPTLRMKKLNWQKLPSNVAREHNSMWASLSSPDAEAVEPDFSSIERLFSFPAAKPKEPTMVAPRARKEPKEI
TFLDAKKSLNLNIFLKQFKCSNEEVAAMIRAGDTTKFDVEVLKQLLKLLPEKHEIENLRAFTEERAKLASADHFYLLLLA
IPCYQLRIECMLLCEGAAAVLDMVRPKAQLVLAACESLLTSRQLPIFCQLILRIGNFLNYGSHTGDADGFKISTLLKLTE
TKSQQNRVTLLHHVLEEAEKSHPDLLQLPRDLEQPSQAAGINLEIIRSEASSNLKKLLETERKVSASVAEVQEQYTERLQ
ASISAFRALDELFEAIEQKQRELADYLCEDAQQLSLEDTFSTMKAFRDLFLRALKENKDRKEQAAKAERRKQQLAEEEAR
RPRGEDGKPVRKGPGKQEEVCVIDALLADIRKGFQLR
;
G,H
#
loop_
_chem_comp.id
_chem_comp.type
_chem_comp.name
_chem_comp.formula
ADP non-polymer ADENOSINE-5'-DIPHOSPHATE 'C10 H15 N5 O10 P2'
MG non-polymer 'MAGNESIUM ION' 'Mg 2'
#
# COMPACT_ATOMS: atom_id res chain seq x y z
N THR A 1 -60.07 -46.01 9.36
CA THR A 1 -59.77 -47.10 10.28
C THR A 1 -58.95 -46.58 11.46
N THR A 2 -59.47 -46.81 12.67
CA THR A 2 -58.81 -46.35 13.88
C THR A 2 -57.56 -47.20 14.14
N ALA A 3 -56.45 -46.53 14.41
CA ALA A 3 -55.19 -47.22 14.68
C ALA A 3 -55.17 -47.78 16.10
N LEU A 4 -54.25 -48.70 16.35
CA LEU A 4 -54.11 -49.37 17.64
C LEU A 4 -52.89 -48.83 18.36
N VAL A 5 -53.08 -48.43 19.62
CA VAL A 5 -52.00 -47.97 20.47
C VAL A 5 -51.74 -49.06 21.50
N CYS A 6 -50.56 -49.68 21.43
CA CYS A 6 -50.23 -50.83 22.27
C CYS A 6 -48.86 -50.61 22.89
N ASP A 7 -48.85 -50.07 24.12
CA ASP A 7 -47.63 -49.93 24.89
C ASP A 7 -47.34 -51.30 25.52
N ASN A 8 -46.31 -51.96 25.03
CA ASN A 8 -45.87 -53.25 25.56
C ASN A 8 -44.73 -53.02 26.55
N GLY A 9 -45.10 -52.56 27.73
CA GLY A 9 -44.13 -52.36 28.79
C GLY A 9 -43.68 -53.66 29.41
N SER A 10 -42.64 -53.55 30.24
CA SER A 10 -42.02 -54.72 30.86
C SER A 10 -42.94 -55.36 31.89
N GLY A 11 -43.54 -54.53 32.75
CA GLY A 11 -44.51 -55.01 33.70
C GLY A 11 -45.90 -55.10 33.14
N LEU A 12 -46.44 -54.00 32.63
CA LEU A 12 -47.85 -53.96 32.23
C LEU A 12 -48.00 -53.65 30.74
N VAL A 13 -48.88 -54.39 30.09
CA VAL A 13 -49.27 -54.13 28.71
C VAL A 13 -50.53 -53.28 28.73
N LYS A 14 -50.48 -52.13 28.04
CA LYS A 14 -51.62 -51.24 27.92
C LYS A 14 -51.96 -51.09 26.44
N ALA A 15 -53.07 -51.68 26.02
CA ALA A 15 -53.47 -51.67 24.63
C ALA A 15 -54.83 -51.00 24.48
N GLY A 16 -55.09 -50.46 23.30
CA GLY A 16 -56.38 -49.84 23.05
C GLY A 16 -56.41 -49.15 21.71
N PHE A 17 -57.46 -48.36 21.50
CA PHE A 17 -57.68 -47.65 20.25
C PHE A 17 -57.17 -46.21 20.33
N ALA A 18 -56.95 -45.62 19.16
CA ALA A 18 -56.54 -44.22 19.09
C ALA A 18 -57.71 -43.31 19.43
N GLY A 19 -57.38 -42.13 19.98
CA GLY A 19 -58.37 -41.15 20.34
C GLY A 19 -58.94 -41.29 21.73
N ASP A 20 -58.65 -42.38 22.44
CA ASP A 20 -59.17 -42.59 23.77
C ASP A 20 -58.15 -42.15 24.82
N ASP A 21 -58.53 -42.25 26.09
CA ASP A 21 -57.68 -41.82 27.20
C ASP A 21 -57.24 -42.97 28.09
N ALA A 22 -58.19 -43.75 28.60
CA ALA A 22 -57.85 -44.99 29.27
C ALA A 22 -57.49 -46.02 28.21
N PRO A 23 -56.36 -46.72 28.36
CA PRO A 23 -56.11 -47.91 27.53
C PRO A 23 -57.15 -48.98 27.81
N ARG A 24 -57.58 -49.66 26.74
CA ARG A 24 -58.74 -50.55 26.81
C ARG A 24 -58.42 -51.82 27.58
N ALA A 25 -57.21 -52.35 27.41
CA ALA A 25 -56.74 -53.52 28.14
C ALA A 25 -55.47 -53.15 28.88
N VAL A 26 -55.57 -53.04 30.20
CA VAL A 26 -54.41 -52.87 31.08
C VAL A 26 -54.25 -54.16 31.86
N PHE A 27 -53.15 -54.88 31.61
CA PHE A 27 -52.97 -56.15 32.29
C PHE A 27 -51.48 -56.43 32.39
N PRO A 28 -51.02 -57.13 33.44
CA PRO A 28 -49.59 -57.45 33.52
C PRO A 28 -49.17 -58.50 32.50
N SER A 29 -47.96 -58.33 31.99
CA SER A 29 -47.43 -59.18 30.92
C SER A 29 -46.79 -60.41 31.56
N ILE A 30 -47.65 -61.39 31.84
CA ILE A 30 -47.22 -62.66 32.40
C ILE A 30 -47.82 -63.80 31.58
N VAL A 31 -47.12 -64.94 31.59
CA VAL A 31 -47.62 -66.19 31.03
C VAL A 31 -47.50 -67.24 32.12
N GLY A 32 -48.62 -67.86 32.48
CA GLY A 32 -48.64 -68.87 33.53
C GLY A 32 -48.65 -70.27 32.95
N ARG A 33 -47.88 -71.15 33.57
CA ARG A 33 -47.84 -72.56 33.22
C ARG A 33 -47.94 -73.40 34.48
N PRO A 34 -48.66 -74.53 34.44
CA PRO A 34 -48.82 -75.33 35.66
C PRO A 34 -47.56 -76.09 36.05
N ARG A 35 -47.38 -76.26 37.36
CA ARG A 35 -46.26 -76.99 37.92
C ARG A 35 -46.68 -78.21 38.73
N HIS A 36 -47.94 -78.32 39.12
CA HIS A 36 -48.46 -79.47 39.83
C HIS A 36 -49.17 -80.42 38.87
N GLN A 37 -49.45 -81.62 39.35
CA GLN A 37 -50.09 -82.64 38.54
C GLN A 37 -51.60 -82.53 38.75
N GLY A 38 -52.35 -82.34 37.66
CA GLY A 38 -53.79 -82.23 37.72
C GLY A 38 -54.47 -83.57 37.90
N VAL A 39 -55.16 -83.74 39.03
CA VAL A 39 -55.80 -85.01 39.33
C VAL A 39 -57.18 -85.16 38.67
N MET A 40 -57.88 -84.06 38.40
CA MET A 40 -59.22 -84.13 37.84
C MET A 40 -59.17 -83.90 36.33
N VAL A 41 -59.76 -84.83 35.58
CA VAL A 41 -59.77 -84.74 34.12
C VAL A 41 -60.81 -83.72 33.69
N GLY A 42 -60.55 -83.06 32.56
CA GLY A 42 -61.48 -82.09 32.02
C GLY A 42 -61.37 -80.70 32.64
N MET A 43 -62.54 -80.13 32.98
CA MET A 43 -62.79 -78.81 33.62
C MET A 43 -62.02 -77.63 32.98
N GLY A 44 -61.77 -77.72 31.68
CA GLY A 44 -61.05 -76.68 30.96
C GLY A 44 -59.62 -76.47 31.38
N GLN A 45 -58.87 -77.56 31.56
CA GLN A 45 -57.46 -77.47 31.97
C GLN A 45 -56.62 -76.98 30.79
N LYS A 46 -56.32 -75.68 30.79
CA LYS A 46 -55.53 -75.09 29.74
C LYS A 46 -54.05 -75.32 29.99
N ASP A 47 -53.29 -75.51 28.92
CA ASP A 47 -51.84 -75.67 29.03
C ASP A 47 -51.13 -74.38 29.42
N SER A 48 -51.74 -73.22 29.16
CA SER A 48 -51.12 -71.94 29.49
C SER A 48 -52.21 -70.91 29.75
N TYR A 49 -51.98 -70.05 30.74
CA TYR A 49 -52.88 -68.98 31.11
C TYR A 49 -52.19 -67.64 30.94
N VAL A 50 -52.86 -66.71 30.26
CA VAL A 50 -52.29 -65.42 29.89
C VAL A 50 -53.18 -64.31 30.45
N GLY A 51 -52.56 -63.36 31.16
CA GLY A 51 -53.28 -62.20 31.64
C GLY A 51 -53.80 -62.32 33.07
N ASP A 52 -54.99 -61.78 33.32
CA ASP A 52 -55.59 -61.78 34.65
C ASP A 52 -56.04 -63.17 35.10
N GLU A 53 -56.25 -64.10 34.16
CA GLU A 53 -56.52 -65.48 34.52
C GLU A 53 -55.30 -66.13 35.17
N ALA A 54 -54.10 -65.76 34.71
CA ALA A 54 -52.88 -66.22 35.36
C ALA A 54 -52.71 -65.55 36.73
N GLN A 55 -53.17 -64.31 36.86
CA GLN A 55 -53.12 -63.62 38.15
C GLN A 55 -54.06 -64.24 39.17
N SER A 56 -55.25 -64.65 38.73
CA SER A 56 -56.23 -65.25 39.63
C SER A 56 -55.81 -66.63 40.09
N LYS A 57 -55.22 -67.44 39.21
CA LYS A 57 -54.81 -68.80 39.51
C LYS A 57 -53.31 -68.90 39.82
N ARG A 58 -52.73 -67.85 40.42
CA ARG A 58 -51.28 -67.76 40.56
C ARG A 58 -50.70 -68.68 41.61
N GLY A 59 -51.53 -69.25 42.50
CA GLY A 59 -51.03 -70.18 43.49
C GLY A 59 -50.61 -71.52 42.92
N ILE A 60 -51.21 -71.90 41.78
CA ILE A 60 -50.89 -73.15 41.10
C ILE A 60 -49.90 -72.92 39.97
N LEU A 61 -49.90 -71.75 39.36
CA LEU A 61 -49.16 -71.48 38.13
C LEU A 61 -47.82 -70.84 38.43
N THR A 62 -46.79 -71.25 37.69
CA THR A 62 -45.54 -70.53 37.61
C THR A 62 -45.67 -69.46 36.53
N LEU A 63 -45.35 -68.21 36.89
CA LEU A 63 -45.53 -67.08 35.99
C LEU A 63 -44.19 -66.66 35.41
N LYS A 64 -44.18 -66.34 34.12
CA LYS A 64 -42.99 -65.89 33.42
C LYS A 64 -43.24 -64.57 32.72
N TYR A 65 -42.27 -63.66 32.81
CA TYR A 65 -42.33 -62.37 32.15
C TYR A 65 -41.60 -62.45 30.83
N PRO A 66 -42.27 -62.21 29.69
CA PRO A 66 -41.56 -62.23 28.40
C PRO A 66 -40.59 -61.07 28.17
N ILE A 67 -40.74 -59.97 28.90
CA ILE A 67 -39.83 -58.83 28.77
C ILE A 67 -38.99 -58.73 30.03
N GLU A 68 -37.68 -58.66 29.87
CA GLU A 68 -36.78 -58.31 30.95
C GLU A 68 -35.92 -57.12 30.52
N HIC A 69 -36.16 -55.98 31.17
CA HIC A 69 -35.50 -54.69 30.95
C HIC A 69 -35.61 -54.16 29.52
O HIC A 69 -34.66 -53.71 28.88
CB HIC A 69 -33.98 -54.66 31.28
CG HIC A 69 -33.66 -55.33 32.55
ND1 HIC A 69 -32.66 -56.29 32.71
CD2 HIC A 69 -34.28 -55.07 33.79
CE1 HIC A 69 -32.69 -56.64 34.01
NE2 HIC A 69 -33.66 -55.91 34.71
CZ HIC A 69 -33.96 -56.01 36.10
N GLY A 70 -36.83 -54.23 29.00
CA GLY A 70 -37.12 -53.67 27.69
C GLY A 70 -36.87 -54.58 26.50
N ILE A 71 -36.22 -55.73 26.76
CA ILE A 71 -35.81 -56.66 25.72
C ILE A 71 -36.62 -57.94 25.86
N ILE A 72 -37.20 -58.39 24.75
CA ILE A 72 -38.04 -59.58 24.76
C ILE A 72 -37.16 -60.81 24.63
N THR A 73 -37.25 -61.72 25.59
CA THR A 73 -36.44 -62.94 25.57
C THR A 73 -37.18 -64.10 24.91
N ASN A 74 -38.34 -64.46 25.45
CA ASN A 74 -39.15 -65.55 24.92
C ASN A 74 -40.16 -64.96 23.94
N TRP A 75 -40.12 -65.42 22.69
CA TRP A 75 -40.90 -64.79 21.62
C TRP A 75 -42.24 -65.48 21.38
N ASP A 76 -42.33 -66.78 21.65
CA ASP A 76 -43.62 -67.48 21.56
C ASP A 76 -44.56 -67.01 22.66
N ASP A 77 -44.01 -66.67 23.84
CA ASP A 77 -44.78 -66.04 24.90
C ASP A 77 -45.33 -64.68 24.47
N MET A 78 -44.51 -63.90 23.74
CA MET A 78 -45.00 -62.62 23.21
C MET A 78 -46.03 -62.80 22.10
N GLU A 79 -45.92 -63.87 21.31
CA GLU A 79 -46.97 -64.20 20.34
C GLU A 79 -48.28 -64.54 21.05
N LYS A 80 -48.18 -65.26 22.18
CA LYS A 80 -49.37 -65.53 23.00
C LYS A 80 -49.94 -64.26 23.63
N ILE A 81 -49.07 -63.35 24.11
CA ILE A 81 -49.49 -62.07 24.70
C ILE A 81 -50.20 -61.21 23.66
N TRP A 82 -49.64 -61.13 22.45
CA TRP A 82 -50.24 -60.31 21.40
C TRP A 82 -51.53 -60.94 20.87
N HIS A 83 -51.59 -62.27 20.79
CA HIS A 83 -52.83 -62.95 20.39
C HIS A 83 -53.93 -62.76 21.43
N HIS A 84 -53.56 -62.77 22.72
CA HIS A 84 -54.55 -62.54 23.78
C HIS A 84 -55.02 -61.09 23.81
N THR A 85 -54.10 -60.13 23.63
CA THR A 85 -54.51 -58.73 23.69
C THR A 85 -55.19 -58.27 22.41
N PHE A 86 -55.04 -59.02 21.31
CA PHE A 86 -55.83 -58.71 20.12
C PHE A 86 -57.19 -59.40 20.15
N TYR A 87 -57.21 -60.73 20.32
CA TYR A 87 -58.43 -61.49 20.06
C TYR A 87 -59.31 -61.60 21.31
N ASN A 88 -58.71 -61.71 22.49
CA ASN A 88 -59.51 -61.91 23.70
C ASN A 88 -59.85 -60.61 24.41
N GLU A 89 -58.90 -59.67 24.47
CA GLU A 89 -59.13 -58.44 25.21
C GLU A 89 -59.81 -57.38 24.35
N LEU A 90 -59.16 -56.97 23.26
CA LEU A 90 -59.72 -55.93 22.41
C LEU A 90 -60.78 -56.47 21.45
N ARG A 91 -60.65 -57.75 21.08
CA ARG A 91 -61.61 -58.52 20.25
C ARG A 91 -61.79 -57.90 18.86
N VAL A 92 -60.68 -57.56 18.22
CA VAL A 92 -60.68 -57.00 16.87
C VAL A 92 -59.67 -57.75 16.02
N ALA A 93 -59.88 -57.71 14.72
CA ALA A 93 -58.97 -58.35 13.78
C ALA A 93 -57.72 -57.50 13.60
N PRO A 94 -56.52 -58.08 13.64
CA PRO A 94 -55.30 -57.32 13.33
C PRO A 94 -55.08 -57.10 11.83
N GLU A 95 -55.90 -57.69 10.97
CA GLU A 95 -55.74 -57.59 9.52
C GLU A 95 -56.35 -56.32 8.94
N GLU A 96 -56.94 -55.46 9.76
CA GLU A 96 -57.54 -54.23 9.28
C GLU A 96 -57.00 -52.99 9.99
N HIS A 97 -56.63 -53.10 11.26
CA HIS A 97 -56.19 -51.97 12.08
C HIS A 97 -54.68 -51.81 12.00
N PRO A 98 -54.17 -50.62 11.71
CA PRO A 98 -52.73 -50.38 11.91
C PRO A 98 -52.38 -50.32 13.40
N THR A 99 -51.15 -50.67 13.71
CA THR A 99 -50.71 -50.87 15.09
C THR A 99 -49.52 -49.97 15.40
N LEU A 100 -49.64 -49.20 16.47
CA LEU A 100 -48.54 -48.35 16.95
C LEU A 100 -47.89 -49.02 18.15
N LEU A 101 -46.58 -49.23 18.07
CA LEU A 101 -45.82 -49.93 19.11
C LEU A 101 -44.80 -48.99 19.72
N THR A 102 -44.69 -49.06 21.05
CA THR A 102 -43.71 -48.27 21.78
C THR A 102 -42.42 -49.06 21.96
N GLU A 103 -41.35 -48.35 22.32
CA GLU A 103 -40.04 -48.97 22.46
C GLU A 103 -39.22 -48.14 23.43
N ALA A 104 -38.43 -48.82 24.26
CA ALA A 104 -37.45 -48.14 25.08
C ALA A 104 -36.31 -47.63 24.21
N PRO A 105 -35.68 -46.50 24.58
CA PRO A 105 -34.46 -46.09 23.89
C PRO A 105 -33.30 -47.04 24.19
N LEU A 106 -32.39 -47.12 23.22
CA LEU A 106 -31.20 -48.00 23.21
C LEU A 106 -31.56 -49.47 23.34
N ASN A 107 -32.72 -49.85 22.79
CA ASN A 107 -33.12 -51.25 22.70
C ASN A 107 -32.29 -51.92 21.61
N PRO A 108 -31.95 -53.20 21.74
CA PRO A 108 -31.37 -53.94 20.61
C PRO A 108 -32.24 -53.96 19.36
N LYS A 109 -31.57 -53.87 18.21
CA LYS A 109 -32.25 -53.78 16.92
C LYS A 109 -32.90 -55.09 16.51
N ALA A 110 -32.38 -56.23 16.98
CA ALA A 110 -32.96 -57.54 16.64
C ALA A 110 -34.34 -57.72 17.24
N ASN A 111 -34.60 -57.07 18.38
CA ASN A 111 -35.94 -56.96 18.95
C ASN A 111 -36.89 -56.26 17.98
N ARG A 112 -36.45 -55.15 17.39
CA ARG A 112 -37.25 -54.40 16.42
C ARG A 112 -37.49 -55.18 15.14
N GLU A 113 -36.44 -55.88 14.65
CA GLU A 113 -36.54 -56.76 13.48
C GLU A 113 -37.54 -57.87 13.70
N LYS A 114 -37.49 -58.52 14.87
CA LYS A 114 -38.35 -59.66 15.15
C LYS A 114 -39.80 -59.22 15.40
N MET A 115 -40.02 -58.07 16.05
CA MET A 115 -41.40 -57.65 16.25
C MET A 115 -42.01 -57.09 14.97
N THR A 116 -41.19 -56.50 14.08
CA THR A 116 -41.66 -56.12 12.75
C THR A 116 -42.04 -57.36 11.93
N GLN A 117 -41.22 -58.42 12.02
CA GLN A 117 -41.50 -59.66 11.31
C GLN A 117 -42.75 -60.36 11.82
N ILE A 118 -42.91 -60.41 13.15
CA ILE A 118 -44.07 -61.06 13.75
C ILE A 118 -45.34 -60.25 13.51
N MET A 119 -45.25 -58.91 13.58
CA MET A 119 -46.38 -58.05 13.31
C MET A 119 -46.77 -58.03 11.83
N PHE A 120 -45.82 -58.29 10.91
CA PHE A 120 -46.17 -58.33 9.51
C PHE A 120 -46.48 -59.73 8.97
N GLU A 121 -46.19 -60.80 9.72
CA GLU A 121 -46.45 -62.14 9.19
C GLU A 121 -47.52 -62.90 9.96
N THR A 122 -47.36 -63.10 11.28
CA THR A 122 -48.35 -63.87 12.03
C THR A 122 -49.61 -63.06 12.33
N PHE A 123 -49.44 -61.78 12.65
CA PHE A 123 -50.56 -60.91 12.97
C PHE A 123 -50.61 -59.75 11.97
N ASN A 124 -50.59 -60.09 10.67
CA ASN A 124 -50.28 -59.17 9.56
C ASN A 124 -51.20 -57.94 9.48
N VAL A 125 -50.58 -56.80 9.25
CA VAL A 125 -51.20 -55.49 9.42
C VAL A 125 -51.16 -54.77 8.07
N PRO A 126 -52.04 -53.79 7.84
CA PRO A 126 -51.79 -52.85 6.73
C PRO A 126 -50.53 -52.02 6.93
N ALA A 127 -50.25 -51.61 8.17
CA ALA A 127 -49.10 -50.75 8.47
C ALA A 127 -48.78 -50.87 9.96
N MET A 128 -47.56 -50.44 10.31
CA MET A 128 -47.14 -50.37 11.70
C MET A 128 -46.03 -49.32 11.85
N TYR A 129 -45.74 -48.99 13.10
CA TYR A 129 -44.70 -48.01 13.42
C TYR A 129 -44.13 -48.33 14.80
N VAL A 130 -42.86 -47.95 15.00
CA VAL A 130 -42.17 -48.11 16.27
C VAL A 130 -41.82 -46.73 16.82
N ALA A 131 -42.27 -46.44 18.04
CA ALA A 131 -42.16 -45.12 18.64
C ALA A 131 -41.42 -45.19 19.97
N ILE A 132 -40.92 -44.02 20.40
CA ILE A 132 -40.18 -43.88 21.66
C ILE A 132 -41.15 -43.42 22.74
N GLN A 133 -41.01 -43.99 23.95
CA GLN A 133 -41.97 -43.76 25.03
C GLN A 133 -41.90 -42.35 25.58
N ALA A 134 -40.70 -41.76 25.66
CA ALA A 134 -40.54 -40.44 26.24
C ALA A 134 -41.10 -39.34 25.34
N VAL A 135 -41.08 -39.56 24.02
CA VAL A 135 -41.70 -38.65 23.07
C VAL A 135 -43.22 -38.64 23.26
N LEU A 136 -43.81 -39.81 23.51
CA LEU A 136 -45.24 -39.89 23.81
C LEU A 136 -45.57 -39.29 25.17
N SER A 137 -44.65 -39.40 26.15
CA SER A 137 -44.84 -38.75 27.44
C SER A 137 -44.80 -37.23 27.32
N LEU A 138 -43.90 -36.71 26.47
CA LEU A 138 -43.86 -35.28 26.21
C LEU A 138 -45.05 -34.80 25.38
N TYR A 139 -45.62 -35.70 24.55
CA TYR A 139 -46.90 -35.42 23.90
C TYR A 139 -48.03 -35.30 24.92
N ALA A 140 -48.09 -36.23 25.88
CA ALA A 140 -49.15 -36.26 26.88
C ALA A 140 -49.03 -35.10 27.86
N SER A 141 -47.81 -34.63 28.11
CA SER A 141 -47.61 -33.40 28.87
C SER A 141 -48.14 -32.19 28.11
N GLY A 142 -48.01 -32.19 26.79
CA GLY A 142 -48.53 -31.15 25.94
C GLY A 142 -47.50 -30.11 25.53
N ARG A 143 -46.47 -29.91 26.34
CA ARG A 143 -45.42 -28.96 26.01
C ARG A 143 -44.46 -29.56 24.98
N THR A 144 -43.68 -28.69 24.36
CA THR A 144 -42.75 -29.09 23.31
C THR A 144 -41.33 -29.28 23.85
N THR A 145 -40.80 -28.27 24.53
CA THR A 145 -39.50 -28.41 25.17
C THR A 145 -39.64 -29.15 26.51
N GLY A 146 -38.52 -29.69 26.98
CA GLY A 146 -38.48 -30.36 28.26
C GLY A 146 -37.66 -31.63 28.28
N ILE A 147 -37.37 -32.12 29.48
CA ILE A 147 -36.66 -33.38 29.67
C ILE A 147 -37.61 -34.37 30.35
N VAL A 148 -37.66 -35.59 29.82
CA VAL A 148 -38.61 -36.59 30.26
C VAL A 148 -37.85 -37.71 30.97
N LEU A 149 -38.28 -38.01 32.21
CA LEU A 149 -37.84 -39.18 32.96
C LEU A 149 -38.99 -40.18 32.92
N ASP A 150 -38.86 -41.22 32.10
CA ASP A 150 -39.84 -42.29 32.06
C ASP A 150 -39.30 -43.48 32.83
N SER A 151 -40.04 -43.91 33.85
CA SER A 151 -39.60 -45.00 34.73
C SER A 151 -40.74 -46.02 34.80
N GLY A 152 -40.62 -47.10 34.03
CA GLY A 152 -41.64 -48.13 34.04
C GLY A 152 -41.35 -49.23 35.05
N ASP A 153 -41.30 -50.46 34.58
CA ASP A 153 -41.02 -51.61 35.44
C ASP A 153 -39.65 -52.23 35.16
N GLY A 154 -39.08 -52.01 33.97
CA GLY A 154 -37.74 -52.47 33.71
C GLY A 154 -36.75 -51.40 33.29
N VAL A 155 -37.23 -50.31 32.71
CA VAL A 155 -36.38 -49.30 32.08
C VAL A 155 -36.72 -47.93 32.65
N THR A 156 -35.70 -47.20 33.12
CA THR A 156 -35.82 -45.80 33.52
C THR A 156 -34.89 -44.98 32.65
N HIS A 157 -35.46 -44.16 31.77
CA HIS A 157 -34.66 -43.44 30.80
C HIS A 157 -35.01 -41.95 30.80
N ASN A 158 -33.99 -41.15 30.52
CA ASN A 158 -34.10 -39.69 30.43
C ASN A 158 -33.82 -39.25 29.01
N VAL A 159 -34.79 -38.53 28.42
CA VAL A 159 -34.67 -38.03 27.06
C VAL A 159 -34.98 -36.53 27.07
N PRO A 160 -34.04 -35.67 26.71
CA PRO A 160 -34.35 -34.24 26.58
C PRO A 160 -34.61 -33.80 25.15
N ILE A 161 -35.70 -33.04 24.96
CA ILE A 161 -36.13 -32.56 23.65
C ILE A 161 -36.36 -31.05 23.76
N TYR A 162 -35.81 -30.29 22.81
CA TYR A 162 -36.03 -28.85 22.75
C TYR A 162 -36.57 -28.48 21.38
N GLU A 163 -37.78 -27.89 21.38
CA GLU A 163 -38.52 -27.43 20.19
C GLU A 163 -38.75 -28.55 19.18
N GLY A 164 -39.03 -29.75 19.68
CA GLY A 164 -39.25 -30.89 18.82
C GLY A 164 -38.00 -31.57 18.33
N TYR A 165 -36.82 -31.11 18.73
CA TYR A 165 -35.55 -31.67 18.30
C TYR A 165 -34.91 -32.40 19.48
N ALA A 166 -34.96 -33.73 19.44
CA ALA A 166 -34.33 -34.53 20.47
C ALA A 166 -32.80 -34.47 20.33
N LEU A 167 -32.12 -34.70 21.45
CA LEU A 167 -30.66 -34.76 21.48
C LEU A 167 -30.30 -36.21 21.76
N PRO A 168 -29.94 -37.00 20.73
CA PRO A 168 -29.72 -38.44 20.93
C PRO A 168 -28.47 -38.78 21.72
N HIS A 169 -27.47 -37.90 21.75
CA HIS A 169 -26.29 -38.13 22.58
C HIS A 169 -26.59 -37.94 24.06
N ALA A 170 -27.62 -37.16 24.39
CA ALA A 170 -27.97 -36.87 25.77
C ALA A 170 -28.98 -37.85 26.35
N ILE A 171 -29.40 -38.87 25.60
CA ILE A 171 -30.32 -39.87 26.12
C ILE A 171 -29.58 -40.77 27.10
N MET A 172 -30.14 -40.91 28.30
CA MET A 172 -29.56 -41.76 29.33
C MET A 172 -30.50 -42.91 29.65
N ARG A 173 -29.93 -44.09 29.89
CA ARG A 173 -30.73 -45.28 30.18
C ARG A 173 -30.20 -45.93 31.45
N LEU A 174 -31.13 -46.35 32.31
CA LEU A 174 -30.81 -46.97 33.59
C LEU A 174 -31.75 -48.13 33.78
N ASP A 175 -31.20 -49.32 34.07
CA ASP A 175 -32.01 -50.51 34.30
C ASP A 175 -32.33 -50.67 35.79
N LEU A 176 -33.02 -49.67 36.33
CA LEU A 176 -33.45 -49.67 37.73
C LEU A 176 -34.87 -49.13 37.77
N ALA A 177 -35.81 -50.00 38.12
CA ALA A 177 -37.23 -49.65 38.15
C ALA A 177 -37.94 -50.61 39.11
N GLY A 178 -39.26 -50.74 38.93
CA GLY A 178 -40.14 -51.29 39.95
C GLY A 178 -39.95 -52.77 40.26
N ARG A 179 -39.47 -53.55 39.29
CA ARG A 179 -39.16 -54.95 39.57
C ARG A 179 -37.94 -55.09 40.47
N ASP A 180 -36.94 -54.22 40.27
CA ASP A 180 -35.78 -54.18 41.15
C ASP A 180 -36.16 -53.71 42.55
N LEU A 181 -37.10 -52.77 42.65
CA LEU A 181 -37.62 -52.33 43.95
C LEU A 181 -38.43 -53.44 44.62
N THR A 182 -39.14 -54.24 43.84
CA THR A 182 -39.88 -55.40 44.37
C THR A 182 -38.92 -56.45 44.92
N ASP A 183 -37.83 -56.73 44.20
CA ASP A 183 -36.81 -57.67 44.67
C ASP A 183 -36.07 -57.14 45.90
N TYR A 184 -35.82 -55.82 45.94
CA TYR A 184 -35.21 -55.22 47.12
C TYR A 184 -36.16 -55.26 48.32
N LEU A 185 -37.47 -55.11 48.09
CA LEU A 185 -38.45 -55.23 49.16
C LEU A 185 -38.54 -56.66 49.67
N MET A 186 -38.40 -57.65 48.78
CA MET A 186 -38.25 -59.05 49.18
C MET A 186 -37.00 -59.26 50.04
N LYS A 187 -35.91 -58.59 49.67
CA LYS A 187 -34.66 -58.72 50.44
C LYS A 187 -34.77 -58.09 51.82
N ILE A 188 -35.45 -56.95 51.94
CA ILE A 188 -35.50 -56.28 53.25
C ILE A 188 -36.69 -56.74 54.10
N LEU A 189 -37.67 -57.43 53.54
CA LEU A 189 -38.77 -57.95 54.36
C LEU A 189 -38.37 -59.13 55.23
N THR A 190 -37.25 -59.79 54.93
CA THR A 190 -36.78 -60.90 55.75
C THR A 190 -36.14 -60.46 57.06
N GLU A 191 -35.89 -59.16 57.25
CA GLU A 191 -35.40 -58.65 58.52
C GLU A 191 -36.41 -58.82 59.63
N ARG A 192 -37.69 -58.61 59.33
CA ARG A 192 -38.75 -58.80 60.31
C ARG A 192 -39.26 -60.23 60.38
N GLY A 193 -38.69 -61.14 59.60
CA GLY A 193 -39.07 -62.54 59.66
C GLY A 193 -40.12 -62.97 58.66
N TYR A 194 -40.39 -62.17 57.63
CA TYR A 194 -41.39 -62.50 56.62
C TYR A 194 -40.67 -62.99 55.37
N SER A 195 -41.04 -64.17 54.88
CA SER A 195 -40.38 -64.81 53.76
C SER A 195 -41.29 -64.79 52.53
N PHE A 196 -40.73 -64.39 51.39
CA PHE A 196 -41.46 -64.36 50.12
C PHE A 196 -40.48 -64.80 49.03
N VAL A 197 -40.60 -66.05 48.59
CA VAL A 197 -39.61 -66.63 47.69
C VAL A 197 -40.21 -67.04 46.35
N THR A 198 -41.51 -67.35 46.32
CA THR A 198 -42.11 -67.85 45.10
C THR A 198 -42.51 -66.70 44.17
N THR A 199 -42.84 -67.07 42.93
CA THR A 199 -43.27 -66.09 41.93
C THR A 199 -44.66 -65.55 42.23
N ALA A 200 -45.51 -66.34 42.92
CA ALA A 200 -46.83 -65.87 43.31
C ALA A 200 -46.74 -64.80 44.39
N GLU A 201 -45.74 -64.89 45.26
CA GLU A 201 -45.53 -63.90 46.31
C GLU A 201 -44.95 -62.59 45.78
N ARG A 202 -44.43 -62.57 44.55
CA ARG A 202 -43.96 -61.35 43.92
C ARG A 202 -45.08 -60.34 43.71
N GLU A 203 -46.28 -60.83 43.37
CA GLU A 203 -47.45 -59.97 43.22
C GLU A 203 -47.88 -59.38 44.57
N ILE A 204 -47.74 -60.16 45.64
CA ILE A 204 -48.07 -59.68 46.99
C ILE A 204 -47.09 -58.61 47.44
N VAL A 205 -45.79 -58.82 47.21
CA VAL A 205 -44.76 -57.84 47.56
C VAL A 205 -44.90 -56.57 46.71
N ARG A 206 -45.30 -56.74 45.43
CA ARG A 206 -45.58 -55.59 44.56
C ARG A 206 -46.81 -54.82 45.01
N ASP A 207 -47.83 -55.53 45.51
CA ASP A 207 -49.02 -54.85 46.04
C ASP A 207 -48.71 -54.08 47.34
N ILE A 208 -47.84 -54.65 48.18
CA ILE A 208 -47.36 -53.96 49.39
C ILE A 208 -46.56 -52.71 49.02
N LYS A 209 -45.71 -52.81 48.00
CA LYS A 209 -44.93 -51.68 47.51
C LYS A 209 -45.82 -50.60 46.89
N GLU A 210 -46.87 -51.00 46.18
CA GLU A 210 -47.80 -50.03 45.59
C GLU A 210 -48.64 -49.33 46.66
N LYS A 211 -49.06 -50.06 47.69
CA LYS A 211 -50.03 -49.49 48.63
C LYS A 211 -49.39 -48.76 49.81
N LEU A 212 -48.25 -49.20 50.32
CA LEU A 212 -47.77 -48.68 51.60
C LEU A 212 -46.54 -47.79 51.49
N CYS A 213 -45.74 -47.92 50.45
CA CYS A 213 -44.45 -47.24 50.41
C CYS A 213 -44.59 -45.78 49.96
N TYR A 214 -43.63 -44.96 50.37
CA TYR A 214 -43.59 -43.54 50.03
C TYR A 214 -42.15 -43.05 50.11
N VAL A 215 -41.91 -41.87 49.52
CA VAL A 215 -40.58 -41.29 49.42
C VAL A 215 -40.39 -40.29 50.56
N ALA A 216 -39.31 -40.47 51.32
CA ALA A 216 -38.95 -39.54 52.38
C ALA A 216 -38.29 -38.29 51.81
N LEU A 217 -38.61 -37.14 52.40
CA LEU A 217 -37.96 -35.90 51.98
C LEU A 217 -36.52 -35.84 52.46
N ASP A 218 -36.28 -36.19 53.72
CA ASP A 218 -34.94 -36.30 54.28
C ASP A 218 -34.79 -37.71 54.82
N PHE A 219 -33.77 -38.43 54.33
CA PHE A 219 -33.65 -39.86 54.63
C PHE A 219 -33.21 -40.11 56.07
N GLU A 220 -32.20 -39.37 56.53
CA GLU A 220 -31.59 -39.62 57.84
C GLU A 220 -32.53 -39.23 58.98
N ASN A 221 -33.25 -38.12 58.81
CA ASN A 221 -34.25 -37.70 59.79
C ASN A 221 -35.40 -38.69 59.88
N GLU A 222 -35.79 -39.28 58.75
CA GLU A 222 -36.87 -40.26 58.75
C GLU A 222 -36.43 -41.60 59.35
N MET A 223 -35.16 -41.99 59.13
CA MET A 223 -34.61 -43.15 59.83
C MET A 223 -34.52 -42.92 61.33
N ALA A 224 -34.14 -41.71 61.76
CA ALA A 224 -34.10 -41.38 63.17
C ALA A 224 -35.50 -41.34 63.79
N THR A 225 -36.48 -40.87 63.01
CA THR A 225 -37.87 -40.84 63.48
C THR A 225 -38.46 -42.24 63.59
N ALA A 226 -38.15 -43.11 62.63
CA ALA A 226 -38.62 -44.50 62.67
C ALA A 226 -37.94 -45.27 63.79
N ALA A 227 -36.65 -45.02 64.04
CA ALA A 227 -35.94 -45.70 65.10
C ALA A 227 -36.37 -45.19 66.48
N SER A 228 -36.73 -43.91 66.57
CA SER A 228 -37.09 -43.31 67.86
C SER A 228 -38.45 -43.79 68.34
N SER A 229 -39.44 -43.82 67.45
CA SER A 229 -40.80 -44.17 67.83
C SER A 229 -41.48 -44.92 66.69
N SER A 230 -42.50 -45.70 67.04
CA SER A 230 -43.27 -46.48 66.08
C SER A 230 -44.52 -45.72 65.61
N SER A 231 -44.32 -44.48 65.14
CA SER A 231 -45.41 -43.70 64.59
C SER A 231 -45.60 -43.92 63.10
N LEU A 232 -44.55 -44.30 62.39
CA LEU A 232 -44.58 -44.48 60.95
C LEU A 232 -44.99 -45.88 60.52
N GLU A 233 -45.22 -46.78 61.46
CA GLU A 233 -45.52 -48.17 61.14
C GLU A 233 -46.93 -48.31 60.58
N LYS A 234 -47.07 -49.20 59.58
CA LYS A 234 -48.35 -49.47 58.95
C LYS A 234 -48.53 -50.98 58.82
N SER A 235 -49.80 -51.39 58.77
CA SER A 235 -50.16 -52.81 58.74
C SER A 235 -50.76 -53.18 57.40
N TYR A 236 -50.58 -54.44 57.03
CA TYR A 236 -51.11 -55.01 55.80
C TYR A 236 -51.65 -56.41 56.09
N GLU A 237 -52.78 -56.74 55.48
CA GLU A 237 -53.39 -58.05 55.65
C GLU A 237 -53.13 -58.90 54.40
N LEU A 238 -52.55 -60.08 54.62
CA LEU A 238 -52.29 -61.03 53.55
C LEU A 238 -53.58 -61.72 53.14
N PRO A 239 -53.66 -62.29 51.92
CA PRO A 239 -54.86 -63.06 51.54
C PRO A 239 -55.09 -64.35 52.33
N ASP A 240 -54.09 -64.90 52.99
CA ASP A 240 -54.33 -66.07 53.86
C ASP A 240 -54.71 -65.68 55.29
N GLY A 241 -54.97 -64.39 55.54
CA GLY A 241 -55.41 -63.94 56.85
C GLY A 241 -54.34 -63.39 57.75
N GLN A 242 -53.07 -63.58 57.40
CA GLN A 242 -51.97 -63.07 58.22
C GLN A 242 -51.86 -61.55 58.12
N VAL A 243 -51.45 -60.92 59.22
CA VAL A 243 -51.32 -59.47 59.32
C VAL A 243 -49.87 -59.14 59.65
N ILE A 244 -49.25 -58.28 58.83
CA ILE A 244 -47.87 -57.88 59.01
C ILE A 244 -47.83 -56.38 59.28
N THR A 245 -46.75 -55.94 59.92
CA THR A 245 -46.53 -54.54 60.21
C THR A 245 -45.11 -54.16 59.81
N ILE A 246 -44.96 -53.03 59.13
CA ILE A 246 -43.66 -52.57 58.66
C ILE A 246 -43.47 -51.10 59.05
N GLY A 247 -42.22 -50.73 59.33
CA GLY A 247 -41.88 -49.39 59.77
C GLY A 247 -41.07 -48.60 58.75
N ASN A 248 -39.75 -48.62 58.90
CA ASN A 248 -38.86 -47.83 58.04
C ASN A 248 -38.79 -48.38 56.62
N GLU A 249 -39.19 -49.63 56.39
CA GLU A 249 -39.18 -50.26 55.07
C GLU A 249 -40.16 -49.62 54.08
N ARG A 250 -41.11 -48.81 54.56
CA ARG A 250 -41.93 -47.99 53.68
C ARG A 250 -41.12 -46.96 52.91
N PHE A 251 -40.02 -46.46 53.47
CA PHE A 251 -39.21 -45.47 52.76
C PHE A 251 -37.78 -45.91 52.51
N ARG A 252 -37.39 -47.12 52.91
CA ARG A 252 -36.12 -47.67 52.46
C ARG A 252 -36.20 -48.20 51.03
N CYS A 253 -37.40 -48.63 50.59
CA CYS A 253 -37.53 -49.23 49.26
C CYS A 253 -37.42 -48.24 48.09
N PRO A 254 -38.16 -47.10 48.04
CA PRO A 254 -37.94 -46.19 46.89
C PRO A 254 -36.65 -45.40 46.93
N GLU A 255 -35.93 -45.40 48.06
CA GLU A 255 -34.63 -44.74 48.18
C GLU A 255 -33.55 -45.38 47.32
N THR A 256 -33.75 -46.64 46.90
CA THR A 256 -32.94 -47.30 45.87
C THR A 256 -32.96 -46.53 44.55
N LEU A 257 -34.08 -45.87 44.23
CA LEU A 257 -34.14 -44.96 43.08
C LEU A 257 -33.23 -43.76 43.25
N PHE A 258 -32.98 -43.33 44.49
CA PHE A 258 -32.09 -42.20 44.73
C PHE A 258 -30.69 -42.63 45.14
N GLN A 259 -30.56 -43.82 45.72
CA GLN A 259 -29.27 -44.39 46.12
C GLN A 259 -29.20 -45.82 45.58
N PRO A 260 -28.68 -46.02 44.36
CA PRO A 260 -28.66 -47.36 43.75
C PRO A 260 -27.75 -48.39 44.41
N SER A 261 -26.83 -47.96 45.29
CA SER A 261 -25.88 -48.86 45.95
C SER A 261 -26.53 -49.81 46.95
N PHE A 262 -27.81 -49.60 47.29
CA PHE A 262 -28.56 -50.60 48.05
C PHE A 262 -28.74 -51.91 47.27
N ILE A 263 -28.80 -51.86 45.94
CA ILE A 263 -28.90 -53.09 45.18
C ILE A 263 -27.60 -53.37 44.41
N GLY A 264 -26.49 -52.76 44.83
CA GLY A 264 -25.18 -53.02 44.27
C GLY A 264 -24.98 -52.58 42.83
N MET A 265 -25.44 -51.38 42.49
CA MET A 265 -25.31 -50.84 41.15
C MET A 265 -24.42 -49.60 41.19
N GLU A 266 -23.46 -49.55 40.27
CA GLU A 266 -22.44 -48.49 40.26
C GLU A 266 -23.00 -47.15 39.77
N SER A 267 -24.15 -47.16 39.12
CA SER A 267 -24.74 -45.97 38.51
C SER A 267 -25.25 -45.00 39.57
N ALA A 268 -25.45 -43.75 39.14
CA ALA A 268 -25.93 -42.68 40.01
C ALA A 268 -27.45 -42.73 40.12
N GLY A 269 -27.98 -41.85 40.97
CA GLY A 269 -29.41 -41.74 41.15
C GLY A 269 -30.10 -41.08 39.98
N ILE A 270 -31.45 -41.08 40.05
CA ILE A 270 -32.27 -40.55 38.96
C ILE A 270 -32.18 -39.04 38.88
N HIS A 271 -31.99 -38.36 40.03
CA HIS A 271 -31.79 -36.92 40.03
C HIS A 271 -30.42 -36.55 39.46
N GLU A 272 -29.40 -37.35 39.76
CA GLU A 272 -28.08 -37.12 39.19
C GLU A 272 -28.05 -37.46 37.69
N THR A 273 -28.82 -38.48 37.29
CA THR A 273 -28.97 -38.81 35.88
C THR A 273 -29.68 -37.70 35.12
N THR A 274 -30.70 -37.09 35.73
CA THR A 274 -31.41 -35.96 35.14
C THR A 274 -30.50 -34.74 35.04
N TYR A 275 -29.70 -34.48 36.08
CA TYR A 275 -28.77 -33.35 36.09
C TYR A 275 -27.66 -33.50 35.05
N ASN A 276 -27.12 -34.72 34.91
CA ASN A 276 -26.11 -35.00 33.89
C ASN A 276 -26.70 -34.95 32.49
N SER A 277 -27.96 -35.37 32.32
CA SER A 277 -28.60 -35.28 31.01
C SER A 277 -28.91 -33.84 30.63
N ILE A 278 -29.21 -32.99 31.62
CA ILE A 278 -29.38 -31.56 31.35
C ILE A 278 -28.06 -30.91 30.98
N MET A 279 -26.99 -31.17 31.75
CA MET A 279 -25.70 -30.60 31.40
C MET A 279 -24.98 -31.30 30.24
N LYS A 280 -25.51 -32.41 29.72
CA LYS A 280 -25.02 -32.91 28.45
C LYS A 280 -25.57 -32.11 27.26
N CYS A 281 -26.66 -31.37 27.46
CA CYS A 281 -27.26 -30.57 26.41
C CYS A 281 -26.49 -29.27 26.22
N ASP A 282 -26.93 -28.50 25.22
CA ASP A 282 -26.35 -27.18 24.97
C ASP A 282 -26.79 -26.19 26.04
N ILE A 283 -26.00 -25.12 26.15
CA ILE A 283 -26.06 -24.23 27.32
C ILE A 283 -27.30 -23.34 27.30
N ASP A 284 -27.81 -23.02 26.11
CA ASP A 284 -28.89 -22.04 26.01
C ASP A 284 -30.28 -22.63 26.25
N ILE A 285 -30.42 -23.95 26.29
CA ILE A 285 -31.73 -24.56 26.44
C ILE A 285 -32.00 -25.07 27.86
N ARG A 286 -30.98 -25.05 28.73
CA ARG A 286 -31.06 -25.72 30.04
C ARG A 286 -32.04 -25.04 30.97
N LYS A 287 -32.17 -23.71 30.86
CA LYS A 287 -33.18 -22.96 31.60
C LYS A 287 -34.60 -23.35 31.19
N ASP A 288 -34.79 -23.74 29.92
CA ASP A 288 -36.05 -24.35 29.54
C ASP A 288 -36.17 -25.76 30.08
N LEU A 289 -35.04 -26.46 30.22
CA LEU A 289 -35.08 -27.85 30.69
C LEU A 289 -35.32 -27.95 32.19
N TYR A 290 -34.78 -27.01 32.98
CA TYR A 290 -34.94 -27.07 34.42
C TYR A 290 -36.36 -26.72 34.86
N ALA A 291 -37.07 -25.92 34.08
CA ALA A 291 -38.44 -25.56 34.41
C ALA A 291 -39.48 -26.49 33.79
N ASN A 292 -39.05 -27.53 33.08
CA ASN A 292 -39.97 -28.44 32.41
C ASN A 292 -39.56 -29.88 32.64
N ASN A 293 -39.26 -30.23 33.89
CA ASN A 293 -38.93 -31.61 34.25
C ASN A 293 -40.19 -32.46 34.22
N VAL A 294 -40.29 -33.38 33.25
CA VAL A 294 -41.47 -34.22 33.09
C VAL A 294 -41.15 -35.61 33.65
N MET A 295 -42.03 -36.10 34.52
CA MET A 295 -41.88 -37.43 35.11
C MET A 295 -43.09 -38.27 34.72
N SER A 296 -42.83 -39.51 34.30
CA SER A 296 -43.89 -40.39 33.82
C SER A 296 -43.55 -41.81 34.25
N GLY A 297 -44.56 -42.67 34.16
CA GLY A 297 -44.42 -44.06 34.56
C GLY A 297 -44.97 -44.33 35.94
N GLY A 298 -45.25 -45.62 36.19
CA GLY A 298 -45.82 -46.03 37.46
C GLY A 298 -44.85 -46.03 38.62
N THR A 299 -43.55 -45.99 38.35
CA THR A 299 -42.56 -45.93 39.42
C THR A 299 -42.54 -44.54 40.08
N THR A 300 -42.95 -43.50 39.36
CA THR A 300 -42.93 -42.14 39.89
C THR A 300 -44.22 -41.78 40.64
N MET A 301 -44.99 -42.77 41.08
CA MET A 301 -46.32 -42.59 41.64
C MET A 301 -46.29 -42.56 43.18
N TYR A 302 -45.10 -42.65 43.78
CA TYR A 302 -44.96 -42.56 45.24
C TYR A 302 -45.31 -41.15 45.71
N PRO A 303 -46.05 -41.00 46.82
CA PRO A 303 -46.53 -39.66 47.21
C PRO A 303 -45.55 -38.85 48.05
N GLY A 304 -44.27 -38.86 47.68
CA GLY A 304 -43.31 -37.94 48.26
C GLY A 304 -42.21 -37.59 47.31
N ILE A 305 -42.33 -38.03 46.05
CA ILE A 305 -41.17 -38.09 45.17
C ILE A 305 -40.91 -36.75 44.46
N ALA A 306 -41.96 -35.94 44.24
CA ALA A 306 -41.82 -34.69 43.49
C ALA A 306 -41.08 -33.63 44.29
N ASP A 307 -41.37 -33.54 45.60
CA ASP A 307 -40.64 -32.66 46.49
C ASP A 307 -39.18 -33.07 46.62
N ARG A 308 -38.91 -34.37 46.63
CA ARG A 308 -37.54 -34.86 46.74
C ARG A 308 -36.75 -34.60 45.46
N MET A 309 -37.38 -34.75 44.29
CA MET A 309 -36.75 -34.36 43.02
C MET A 309 -36.48 -32.86 42.95
N GLN A 310 -37.44 -32.04 43.42
CA GLN A 310 -37.25 -30.59 43.42
C GLN A 310 -36.13 -30.18 44.37
N LYS A 311 -36.05 -30.83 45.54
CA LYS A 311 -35.00 -30.56 46.52
C LYS A 311 -33.62 -30.96 46.01
N GLU A 312 -33.53 -32.15 45.39
CA GLU A 312 -32.23 -32.63 44.89
C GLU A 312 -31.75 -31.85 43.68
N ILE A 313 -32.65 -31.51 42.76
CA ILE A 313 -32.24 -30.72 41.60
C ILE A 313 -31.94 -29.27 42.00
N THR A 314 -32.67 -28.72 43.00
CA THR A 314 -32.39 -27.39 43.53
C THR A 314 -31.05 -27.35 44.25
N ALA A 315 -30.68 -28.44 44.94
CA ALA A 315 -29.34 -28.56 45.51
C ALA A 315 -28.28 -28.67 44.42
N LEU A 316 -28.57 -29.40 43.35
CA LEU A 316 -27.57 -29.59 42.29
C LEU A 316 -27.41 -28.35 41.43
N ALA A 317 -28.51 -27.71 41.04
CA ALA A 317 -28.46 -26.53 40.19
C ALA A 317 -28.12 -25.28 41.00
N PRO A 318 -27.52 -24.26 40.38
CA PRO A 318 -27.35 -22.99 41.08
C PRO A 318 -28.66 -22.26 41.33
N SER A 319 -28.61 -21.32 42.27
CA SER A 319 -29.79 -20.83 42.97
C SER A 319 -30.60 -19.81 42.19
N THR A 320 -30.12 -19.32 41.04
CA THR A 320 -30.77 -18.22 40.35
C THR A 320 -31.85 -18.66 39.36
N MET A 321 -32.38 -19.88 39.50
CA MET A 321 -33.34 -20.44 38.57
C MET A 321 -34.50 -21.08 39.31
N LYS A 322 -35.57 -21.37 38.56
CA LYS A 322 -36.80 -21.94 39.11
C LYS A 322 -36.89 -23.41 38.70
N ILE A 323 -36.65 -24.30 39.66
CA ILE A 323 -36.85 -25.73 39.43
C ILE A 323 -38.34 -26.05 39.51
N LYS A 324 -38.88 -26.62 38.44
CA LYS A 324 -40.28 -27.00 38.36
C LYS A 324 -40.37 -28.48 37.98
N ILE A 325 -41.16 -29.23 38.73
CA ILE A 325 -41.37 -30.65 38.49
C ILE A 325 -42.80 -30.85 38.00
N ILE A 326 -42.95 -31.45 36.83
CA ILE A 326 -44.26 -31.72 36.26
C ILE A 326 -44.56 -33.20 36.52
N ALA A 327 -45.45 -33.44 37.48
CA ALA A 327 -45.89 -34.79 37.85
C ALA A 327 -47.41 -34.80 37.89
N PRO A 328 -48.07 -35.04 36.76
CA PRO A 328 -49.54 -35.09 36.74
C PRO A 328 -50.05 -36.34 37.46
N PRO A 329 -51.29 -36.32 37.97
CA PRO A 329 -51.85 -37.53 38.58
C PRO A 329 -52.12 -38.67 37.60
N GLU A 330 -52.25 -38.37 36.31
CA GLU A 330 -52.46 -39.37 35.28
C GLU A 330 -51.15 -39.84 34.64
N ARG A 331 -50.02 -39.74 35.35
CA ARG A 331 -48.72 -40.04 34.75
C ARG A 331 -48.43 -41.53 34.62
N LYS A 332 -49.28 -42.40 35.18
CA LYS A 332 -49.06 -43.84 35.05
C LYS A 332 -49.34 -44.34 33.64
N TYR A 333 -50.32 -43.76 32.95
CA TYR A 333 -50.73 -44.21 31.62
C TYR A 333 -50.47 -43.13 30.56
N SER A 334 -49.53 -42.23 30.83
CA SER A 334 -49.30 -41.09 29.93
C SER A 334 -48.66 -41.51 28.61
N VAL A 335 -47.84 -42.58 28.66
CA VAL A 335 -47.13 -43.10 27.49
C VAL A 335 -48.13 -43.59 26.43
N TRP A 336 -49.21 -44.22 26.88
CA TRP A 336 -50.29 -44.59 25.98
C TRP A 336 -51.05 -43.37 25.46
N ILE A 337 -51.22 -42.34 26.32
CA ILE A 337 -52.09 -41.20 25.99
C ILE A 337 -51.48 -40.35 24.88
N GLY A 338 -50.17 -40.10 24.95
CA GLY A 338 -49.46 -39.51 23.82
C GLY A 338 -49.43 -40.38 22.60
N GLY A 339 -49.48 -41.71 22.79
CA GLY A 339 -49.69 -42.63 21.68
C GLY A 339 -51.06 -42.49 21.04
N SER A 340 -52.05 -42.02 21.80
CA SER A 340 -53.33 -41.63 21.20
C SER A 340 -53.21 -40.32 20.44
N ILE A 341 -52.21 -39.49 20.74
CA ILE A 341 -52.00 -38.25 19.98
C ILE A 341 -51.41 -38.56 18.62
N LEU A 342 -50.30 -39.31 18.60
CA LEU A 342 -49.50 -39.51 17.39
C LEU A 342 -50.23 -40.39 16.37
N ALA A 343 -51.02 -41.36 16.86
CA ALA A 343 -51.83 -42.17 15.96
C ALA A 343 -52.98 -41.37 15.35
N SER A 344 -53.50 -40.38 16.07
CA SER A 344 -54.59 -39.55 15.57
C SER A 344 -54.12 -38.26 14.92
N LEU A 345 -52.82 -38.03 14.81
CA LEU A 345 -52.32 -36.83 14.13
C LEU A 345 -52.50 -36.96 12.62
N SER A 346 -52.85 -35.83 11.99
CA SER A 346 -53.08 -35.82 10.55
C SER A 346 -51.78 -35.89 9.77
N THR A 347 -50.69 -35.34 10.32
CA THR A 347 -49.41 -35.35 9.63
C THR A 347 -48.71 -36.71 9.69
N PHE A 348 -49.15 -37.58 10.58
CA PHE A 348 -48.47 -38.86 10.80
C PHE A 348 -48.94 -39.95 9.83
N GLN A 349 -49.95 -39.68 9.01
CA GLN A 349 -50.53 -40.68 8.11
C GLN A 349 -49.59 -41.04 6.96
N GLN A 350 -48.63 -40.19 6.63
CA GLN A 350 -47.62 -40.48 5.62
C GLN A 350 -46.41 -41.20 6.17
N MET A 351 -46.28 -41.33 7.48
CA MET A 351 -45.05 -41.81 8.11
C MET A 351 -45.12 -43.26 8.55
N TRP A 352 -46.21 -43.97 8.27
CA TRP A 352 -46.30 -45.37 8.63
C TRP A 352 -45.43 -46.24 7.73
N ILE A 353 -45.05 -47.39 8.24
CA ILE A 353 -44.33 -48.40 7.47
C ILE A 353 -45.39 -49.38 6.95
N THR A 354 -45.69 -49.27 5.66
CA THR A 354 -46.76 -50.04 5.05
C THR A 354 -46.29 -51.45 4.72
N LYS A 355 -47.24 -52.25 4.23
CA LYS A 355 -46.96 -53.67 4.00
C LYS A 355 -46.10 -53.87 2.76
N GLN A 356 -46.33 -53.07 1.71
CA GLN A 356 -45.63 -53.30 0.46
C GLN A 356 -44.17 -52.86 0.54
N GLU A 357 -43.87 -51.80 1.31
CA GLU A 357 -42.49 -51.37 1.51
C GLU A 357 -41.69 -52.37 2.32
N TYR A 358 -42.38 -53.05 3.25
CA TYR A 358 -41.82 -54.23 3.91
C TYR A 358 -41.54 -55.33 2.90
N ASP A 359 -42.44 -55.51 1.91
CA ASP A 359 -42.25 -56.57 0.91
C ASP A 359 -41.10 -56.29 -0.06
N GLU A 360 -40.82 -55.03 -0.42
CA GLU A 360 -39.51 -54.83 -1.09
C GLU A 360 -38.34 -54.98 -0.12
N ALA A 361 -38.34 -54.26 1.02
CA ALA A 361 -37.10 -54.00 1.73
C ALA A 361 -36.83 -54.98 2.86
N GLY A 362 -37.59 -56.06 2.98
CA GLY A 362 -37.36 -57.02 4.03
C GLY A 362 -37.89 -56.50 5.35
N PRO A 363 -37.54 -57.16 6.46
CA PRO A 363 -37.87 -56.62 7.79
C PRO A 363 -36.77 -55.71 8.35
N SER A 364 -36.24 -54.82 7.50
CA SER A 364 -35.12 -53.97 7.85
C SER A 364 -35.34 -52.50 7.48
N ILE A 365 -36.46 -52.14 6.87
CA ILE A 365 -36.77 -50.74 6.57
C ILE A 365 -37.12 -49.96 7.83
N VAL A 366 -37.46 -50.65 8.93
CA VAL A 366 -37.87 -50.05 10.20
C VAL A 366 -36.73 -49.26 10.86
N HIS A 367 -35.47 -49.60 10.57
CA HIS A 367 -34.36 -48.83 11.10
C HIS A 367 -34.20 -47.48 10.40
N ARG A 368 -34.67 -47.38 9.16
CA ARG A 368 -34.59 -46.12 8.42
C ARG A 368 -35.80 -45.22 8.64
N LYS A 369 -36.97 -45.79 8.89
CA LYS A 369 -38.19 -45.02 9.04
C LYS A 369 -38.54 -44.69 10.50
N CYS A 370 -37.79 -45.21 11.46
CA CYS A 370 -38.06 -44.96 12.88
C CYS A 370 -36.78 -44.53 13.57
N PHE A 371 -36.94 -43.61 14.53
CA PHE A 371 -35.81 -43.11 15.31
C PHE A 371 -35.38 -44.18 16.32
N THR B 1 22.59 -35.40 36.33
CA THR B 1 21.26 -35.78 36.82
C THR B 1 20.29 -35.95 35.65
N THR B 2 19.78 -37.17 35.50
CA THR B 2 18.82 -37.47 34.45
C THR B 2 17.47 -36.82 34.74
N ALA B 3 16.80 -36.36 33.69
CA ALA B 3 15.51 -35.71 33.81
C ALA B 3 14.38 -36.73 33.75
N LEU B 4 13.16 -36.25 33.99
CA LEU B 4 11.96 -37.08 33.95
C LEU B 4 11.01 -36.55 32.90
N VAL B 5 10.41 -37.46 32.14
CA VAL B 5 9.33 -37.14 31.21
C VAL B 5 8.08 -37.87 31.70
N CYS B 6 7.01 -37.12 31.95
CA CYS B 6 5.77 -37.69 32.47
C CYS B 6 4.61 -37.08 31.68
N ASP B 7 4.21 -37.77 30.62
CA ASP B 7 3.03 -37.41 29.85
C ASP B 7 1.82 -37.84 30.68
N ASN B 8 1.14 -36.85 31.25
CA ASN B 8 -0.10 -37.08 32.00
C ASN B 8 -1.29 -36.85 31.07
N GLY B 9 -1.52 -37.84 30.21
CA GLY B 9 -2.65 -37.80 29.32
C GLY B 9 -3.96 -38.05 30.03
N SER B 10 -5.05 -37.85 29.29
CA SER B 10 -6.39 -38.11 29.82
C SER B 10 -6.62 -39.58 30.08
N GLY B 11 -6.08 -40.45 29.22
CA GLY B 11 -6.27 -41.87 29.39
C GLY B 11 -5.11 -42.60 30.04
N LEU B 12 -3.89 -42.39 29.54
CA LEU B 12 -2.74 -43.19 29.96
C LEU B 12 -1.62 -42.29 30.44
N VAL B 13 -1.16 -42.54 31.67
CA VAL B 13 0.06 -41.93 32.17
C VAL B 13 1.25 -42.68 31.58
N LYS B 14 2.15 -41.93 30.94
CA LYS B 14 3.38 -42.47 30.37
C LYS B 14 4.55 -41.73 31.00
N ALA B 15 5.26 -42.40 31.89
CA ALA B 15 6.32 -41.77 32.67
C ALA B 15 7.63 -42.53 32.50
N GLY B 16 8.73 -41.81 32.70
CA GLY B 16 10.04 -42.44 32.65
C GLY B 16 11.15 -41.42 32.67
N PHE B 17 12.37 -41.93 32.45
CA PHE B 17 13.58 -41.12 32.45
C PHE B 17 13.81 -40.51 31.06
N ALA B 18 15.00 -39.98 30.82
CA ALA B 18 15.32 -39.34 29.56
C ALA B 18 16.05 -40.29 28.63
N GLY B 19 15.53 -40.42 27.40
CA GLY B 19 16.21 -41.17 26.36
C GLY B 19 15.84 -42.62 26.25
N ASP B 20 14.55 -42.93 26.14
CA ASP B 20 14.07 -44.30 26.02
C ASP B 20 13.08 -44.39 24.86
N ASP B 21 12.95 -45.58 24.28
CA ASP B 21 11.87 -45.82 23.33
C ASP B 21 10.54 -45.88 24.05
N ALA B 22 10.36 -46.88 24.89
CA ALA B 22 9.12 -46.96 25.65
C ALA B 22 9.23 -46.13 26.92
N PRO B 23 8.16 -45.42 27.28
CA PRO B 23 8.03 -44.92 28.66
C PRO B 23 8.04 -46.07 29.65
N ARG B 24 8.72 -45.85 30.78
CA ARG B 24 8.98 -46.93 31.73
C ARG B 24 7.73 -47.36 32.47
N ALA B 25 6.80 -46.42 32.71
CA ALA B 25 5.51 -46.72 33.29
C ALA B 25 4.43 -46.27 32.31
N VAL B 26 3.80 -47.23 31.64
CA VAL B 26 2.62 -46.97 30.83
C VAL B 26 1.45 -47.63 31.54
N PHE B 27 0.54 -46.83 32.07
CA PHE B 27 -0.59 -47.38 32.81
C PHE B 27 -1.75 -46.40 32.73
N PRO B 28 -3.00 -46.88 32.74
CA PRO B 28 -4.13 -45.96 32.69
C PRO B 28 -4.29 -45.15 33.97
N SER B 29 -4.76 -43.91 33.80
CA SER B 29 -4.87 -42.95 34.89
C SER B 29 -6.23 -43.09 35.57
N ILE B 30 -6.34 -44.14 36.38
CA ILE B 30 -7.57 -44.46 37.09
C ILE B 30 -7.26 -44.57 38.57
N VAL B 31 -8.21 -44.13 39.40
CA VAL B 31 -8.16 -44.32 40.84
C VAL B 31 -9.41 -45.11 41.22
N GLY B 32 -9.21 -46.28 41.82
CA GLY B 32 -10.31 -47.15 42.17
C GLY B 32 -10.65 -47.06 43.65
N ARG B 33 -11.95 -47.00 43.94
CA ARG B 33 -12.43 -47.03 45.31
C ARG B 33 -13.51 -48.09 45.45
N PRO B 34 -13.54 -48.83 46.57
CA PRO B 34 -14.51 -49.93 46.69
C PRO B 34 -15.93 -49.44 46.92
N ARG B 35 -16.88 -50.19 46.36
CA ARG B 35 -18.29 -49.84 46.41
C ARG B 35 -19.15 -50.91 47.06
N HIS B 36 -18.54 -51.98 47.57
CA HIS B 36 -19.26 -53.08 48.17
C HIS B 36 -18.89 -53.19 49.64
N GLN B 37 -19.56 -54.10 50.34
CA GLN B 37 -19.35 -54.31 51.76
C GLN B 37 -18.22 -55.32 51.95
N GLY B 38 -17.12 -54.88 52.55
CA GLY B 38 -16.01 -55.76 52.83
C GLY B 38 -16.27 -56.63 54.04
N VAL B 39 -16.53 -57.91 53.81
CA VAL B 39 -16.90 -58.80 54.91
C VAL B 39 -15.70 -59.54 55.50
N MET B 40 -14.64 -59.74 54.73
CA MET B 40 -13.44 -60.38 55.26
C MET B 40 -12.54 -59.34 55.92
N VAL B 41 -11.89 -59.74 57.01
CA VAL B 41 -11.04 -58.83 57.77
C VAL B 41 -9.58 -59.08 57.39
N GLY B 42 -8.80 -58.01 57.29
CA GLY B 42 -7.37 -58.13 57.04
C GLY B 42 -7.08 -58.30 55.56
N MET B 43 -6.21 -59.28 55.25
CA MET B 43 -5.75 -59.72 53.91
C MET B 43 -5.31 -58.58 52.98
N GLY B 44 -4.77 -57.50 53.55
CA GLY B 44 -4.28 -56.38 52.77
C GLY B 44 -5.33 -55.58 52.03
N GLN B 45 -6.46 -55.27 52.69
CA GLN B 45 -7.47 -54.44 52.06
C GLN B 45 -7.01 -52.99 52.01
N LYS B 46 -7.11 -52.39 50.83
CA LYS B 46 -6.67 -51.02 50.59
C LYS B 46 -7.87 -50.14 50.30
N ASP B 47 -7.82 -48.90 50.81
CA ASP B 47 -8.89 -47.94 50.51
C ASP B 47 -8.82 -47.39 49.09
N SER B 48 -7.69 -47.55 48.39
CA SER B 48 -7.57 -47.06 47.03
C SER B 48 -6.63 -47.96 46.26
N TYR B 49 -6.82 -47.98 44.93
CA TYR B 49 -5.97 -48.72 44.01
C TYR B 49 -5.67 -47.83 42.82
N VAL B 50 -4.40 -47.76 42.43
CA VAL B 50 -3.93 -46.90 41.35
C VAL B 50 -3.24 -47.76 40.30
N GLY B 51 -3.59 -47.54 39.03
CA GLY B 51 -2.91 -48.20 37.94
C GLY B 51 -3.41 -49.58 37.59
N ASP B 52 -2.49 -50.50 37.30
CA ASP B 52 -2.86 -51.86 36.91
C ASP B 52 -3.42 -52.68 38.07
N GLU B 53 -3.16 -52.28 39.31
CA GLU B 53 -3.80 -52.91 40.47
C GLU B 53 -5.30 -52.65 40.48
N ALA B 54 -5.71 -51.43 40.10
CA ALA B 54 -7.13 -51.14 39.95
C ALA B 54 -7.72 -51.85 38.72
N GLN B 55 -6.89 -52.05 37.69
CA GLN B 55 -7.33 -52.78 36.51
C GLN B 55 -7.56 -54.26 36.81
N SER B 56 -6.74 -54.84 37.69
CA SER B 56 -6.88 -56.25 38.04
C SER B 56 -8.13 -56.51 38.87
N LYS B 57 -8.39 -55.64 39.85
CA LYS B 57 -9.52 -55.81 40.76
C LYS B 57 -10.70 -54.92 40.38
N ARG B 58 -10.93 -54.71 39.08
CA ARG B 58 -11.89 -53.71 38.62
C ARG B 58 -13.35 -54.14 38.80
N GLY B 59 -13.61 -55.42 39.09
CA GLY B 59 -14.98 -55.87 39.30
C GLY B 59 -15.61 -55.38 40.58
N ILE B 60 -14.79 -55.06 41.59
CA ILE B 60 -15.29 -54.65 42.90
C ILE B 60 -14.89 -53.21 43.20
N LEU B 61 -14.63 -52.43 42.15
CA LEU B 61 -14.16 -51.06 42.33
C LEU B 61 -14.95 -50.12 41.41
N THR B 62 -15.05 -48.88 41.83
CA THR B 62 -15.46 -47.76 40.98
C THR B 62 -14.20 -47.01 40.59
N LEU B 63 -13.98 -46.90 39.28
CA LEU B 63 -12.79 -46.26 38.74
C LEU B 63 -13.11 -44.83 38.35
N LYS B 64 -12.25 -43.89 38.76
CA LYS B 64 -12.42 -42.49 38.47
C LYS B 64 -11.22 -41.98 37.69
N TYR B 65 -11.48 -41.24 36.61
CA TYR B 65 -10.43 -40.59 35.84
C TYR B 65 -10.26 -39.17 36.39
N PRO B 66 -9.11 -38.82 36.96
CA PRO B 66 -8.93 -37.44 37.46
C PRO B 66 -8.74 -36.42 36.37
N ILE B 67 -8.38 -36.83 35.15
CA ILE B 67 -8.19 -35.91 34.02
C ILE B 67 -9.32 -36.13 33.04
N GLU B 68 -10.01 -35.05 32.69
CA GLU B 68 -11.06 -35.09 31.69
C GLU B 68 -10.88 -33.94 30.70
N HIC B 69 -10.64 -34.30 29.45
CA HIC B 69 -10.38 -33.41 28.31
C HIC B 69 -9.18 -32.49 28.55
O HIC B 69 -9.12 -31.32 28.16
CB HIC B 69 -11.55 -32.49 27.91
CG HIC B 69 -12.85 -33.16 27.89
ND1 HIC B 69 -13.76 -33.16 28.97
CD2 HIC B 69 -13.39 -33.89 26.82
CE1 HIC B 69 -14.82 -33.89 28.55
NE2 HIC B 69 -14.64 -34.35 27.24
CZ HIC B 69 -15.56 -35.14 26.48
N GLY B 70 -8.17 -33.04 29.22
CA GLY B 70 -6.94 -32.32 29.48
C GLY B 70 -6.95 -31.43 30.72
N ILE B 71 -8.11 -31.33 31.37
CA ILE B 71 -8.30 -30.47 32.53
C ILE B 71 -8.51 -31.38 33.74
N ILE B 72 -7.67 -31.20 34.76
CA ILE B 72 -7.74 -32.03 35.96
C ILE B 72 -8.81 -31.47 36.89
N THR B 73 -9.81 -32.30 37.20
CA THR B 73 -10.91 -31.88 38.07
C THR B 73 -10.63 -32.21 39.54
N ASN B 74 -10.43 -33.49 39.84
CA ASN B 74 -10.14 -33.93 41.20
C ASN B 74 -8.62 -33.90 41.39
N TRP B 75 -8.18 -33.19 42.42
CA TRP B 75 -6.75 -32.92 42.59
C TRP B 75 -6.07 -33.84 43.59
N ASP B 76 -6.80 -34.33 44.60
CA ASP B 76 -6.24 -35.32 45.51
C ASP B 76 -6.01 -36.65 44.80
N ASP B 77 -6.91 -37.00 43.87
CA ASP B 77 -6.71 -38.18 43.03
C ASP B 77 -5.50 -38.01 42.11
N MET B 78 -5.29 -36.78 41.61
CA MET B 78 -4.12 -36.50 40.76
C MET B 78 -2.84 -36.55 41.56
N GLU B 79 -2.89 -36.12 42.83
CA GLU B 79 -1.75 -36.26 43.74
C GLU B 79 -1.44 -37.72 44.04
N LYS B 80 -2.49 -38.55 44.16
CA LYS B 80 -2.30 -40.00 44.31
C LYS B 80 -1.71 -40.63 43.05
N ILE B 81 -2.11 -40.12 41.87
CA ILE B 81 -1.54 -40.56 40.59
C ILE B 81 -0.04 -40.23 40.52
N TRP B 82 0.32 -39.01 40.90
CA TRP B 82 1.73 -38.60 40.89
C TRP B 82 2.56 -39.32 41.95
N HIS B 83 1.98 -39.57 43.12
CA HIS B 83 2.68 -40.29 44.18
C HIS B 83 2.90 -41.75 43.80
N HIS B 84 1.94 -42.36 43.10
CA HIS B 84 2.11 -43.74 42.66
C HIS B 84 3.11 -43.84 41.51
N THR B 85 3.07 -42.89 40.56
CA THR B 85 4.02 -42.98 39.45
C THR B 85 5.43 -42.53 39.84
N PHE B 86 5.59 -41.80 40.95
CA PHE B 86 6.93 -41.52 41.45
C PHE B 86 7.46 -42.65 42.33
N TYR B 87 6.73 -42.96 43.42
CA TYR B 87 7.30 -43.79 44.47
C TYR B 87 7.15 -45.28 44.21
N ASN B 88 6.24 -45.70 43.33
CA ASN B 88 5.98 -47.12 43.12
C ASN B 88 6.31 -47.59 41.71
N GLU B 89 5.89 -46.85 40.69
CA GLU B 89 6.17 -47.25 39.31
C GLU B 89 7.63 -47.01 38.94
N LEU B 90 8.18 -45.85 39.32
CA LEU B 90 9.56 -45.52 38.98
C LEU B 90 10.51 -45.65 40.16
N ARG B 91 9.98 -45.56 41.40
CA ARG B 91 10.70 -45.79 42.67
C ARG B 91 11.86 -44.82 42.86
N VAL B 92 11.66 -43.57 42.46
CA VAL B 92 12.69 -42.54 42.57
C VAL B 92 12.13 -41.37 43.36
N ALA B 93 13.02 -40.68 44.08
CA ALA B 93 12.62 -39.51 44.83
C ALA B 93 12.37 -38.34 43.88
N PRO B 94 11.29 -37.57 44.07
CA PRO B 94 11.07 -36.37 43.25
C PRO B 94 11.92 -35.17 43.67
N GLU B 95 12.65 -35.24 44.78
CA GLU B 95 13.49 -34.14 45.23
C GLU B 95 14.85 -34.09 44.54
N GLU B 96 15.15 -35.06 43.68
CA GLU B 96 16.47 -35.16 43.06
C GLU B 96 16.38 -35.41 41.57
N HIS B 97 15.27 -35.03 40.95
CA HIS B 97 15.06 -35.26 39.53
C HIS B 97 14.21 -34.16 38.91
N PRO B 98 14.70 -33.45 37.90
CA PRO B 98 13.85 -32.51 37.16
C PRO B 98 12.81 -33.27 36.34
N THR B 99 11.64 -32.65 36.18
CA THR B 99 10.48 -33.32 35.62
C THR B 99 9.84 -32.46 34.54
N LEU B 100 9.87 -32.94 33.30
CA LEU B 100 9.19 -32.28 32.20
C LEU B 100 7.76 -32.81 32.10
N LEU B 101 6.80 -31.91 32.06
CA LEU B 101 5.38 -32.27 31.99
C LEU B 101 4.80 -31.78 30.68
N THR B 102 3.84 -32.52 30.16
CA THR B 102 3.17 -32.19 28.92
C THR B 102 1.84 -31.51 29.20
N GLU B 103 1.30 -30.85 28.18
CA GLU B 103 0.07 -30.09 28.36
C GLU B 103 -0.62 -29.95 27.01
N ALA B 104 -1.95 -30.05 27.03
CA ALA B 104 -2.72 -29.68 25.87
C ALA B 104 -2.71 -28.16 25.69
N PRO B 105 -2.79 -27.68 24.45
CA PRO B 105 -2.99 -26.23 24.24
C PRO B 105 -4.39 -25.81 24.64
N LEU B 106 -4.50 -24.50 24.95
CA LEU B 106 -5.73 -23.80 25.37
C LEU B 106 -6.35 -24.42 26.63
N ASN B 107 -5.49 -24.89 27.52
CA ASN B 107 -5.78 -25.37 28.87
C ASN B 107 -6.04 -24.15 29.75
N PRO B 108 -7.00 -24.21 30.68
CA PRO B 108 -7.10 -23.16 31.71
C PRO B 108 -5.84 -22.99 32.55
N LYS B 109 -5.54 -21.72 32.86
CA LYS B 109 -4.28 -21.36 33.50
C LYS B 109 -4.21 -21.81 34.95
N ALA B 110 -5.37 -21.95 35.61
CA ALA B 110 -5.41 -22.41 37.00
C ALA B 110 -4.96 -23.86 37.14
N ASN B 111 -5.13 -24.66 36.09
CA ASN B 111 -4.56 -26.01 36.02
C ASN B 111 -3.03 -25.96 36.06
N ARG B 112 -2.44 -25.02 35.32
CA ARG B 112 -0.98 -24.79 35.36
C ARG B 112 -0.53 -24.28 36.72
N GLU B 113 -1.31 -23.37 37.32
CA GLU B 113 -1.06 -22.84 38.67
C GLU B 113 -1.05 -23.96 39.71
N LYS B 114 -2.03 -24.86 39.63
CA LYS B 114 -2.16 -25.90 40.64
C LYS B 114 -1.12 -27.00 40.44
N MET B 115 -0.75 -27.32 39.18
CA MET B 115 0.30 -28.32 39.00
C MET B 115 1.67 -27.76 39.40
N THR B 116 1.89 -26.45 39.19
CA THR B 116 3.13 -25.82 39.65
C THR B 116 3.21 -25.78 41.17
N GLN B 117 2.09 -25.44 41.84
CA GLN B 117 2.05 -25.38 43.30
C GLN B 117 2.19 -26.76 43.94
N ILE B 118 1.53 -27.77 43.37
CA ILE B 118 1.63 -29.13 43.91
C ILE B 118 3.00 -29.73 43.63
N MET B 119 3.56 -29.49 42.43
CA MET B 119 4.86 -30.04 42.07
C MET B 119 5.99 -29.33 42.83
N PHE B 120 5.79 -28.08 43.26
CA PHE B 120 6.79 -27.39 44.05
C PHE B 120 6.56 -27.44 45.55
N GLU B 121 5.40 -27.93 46.03
CA GLU B 121 5.15 -27.94 47.47
C GLU B 121 4.80 -29.32 48.06
N THR B 122 4.32 -30.26 47.25
CA THR B 122 4.04 -31.61 47.73
C THR B 122 5.11 -32.60 47.28
N PHE B 123 5.47 -32.57 46.00
CA PHE B 123 6.52 -33.40 45.46
C PHE B 123 7.68 -32.53 45.00
N ASN B 124 8.16 -31.65 45.90
CA ASN B 124 9.07 -30.53 45.60
C ASN B 124 10.36 -30.91 44.87
N VAL B 125 10.52 -30.32 43.68
CA VAL B 125 11.51 -30.70 42.68
C VAL B 125 12.68 -29.73 42.70
N PRO B 126 13.85 -30.09 42.13
CA PRO B 126 14.79 -29.02 41.74
C PRO B 126 14.22 -28.09 40.67
N ALA B 127 13.48 -28.61 39.70
CA ALA B 127 12.94 -27.82 38.60
C ALA B 127 11.82 -28.61 37.93
N MET B 128 10.95 -27.88 37.23
CA MET B 128 9.91 -28.47 36.41
C MET B 128 9.57 -27.51 35.27
N TYR B 129 9.02 -28.07 34.19
CA TYR B 129 8.65 -27.29 33.03
C TYR B 129 7.36 -27.86 32.43
N VAL B 130 6.58 -27.00 31.81
CA VAL B 130 5.30 -27.38 31.20
C VAL B 130 5.41 -27.13 29.70
N ALA B 131 5.20 -28.18 28.91
CA ALA B 131 5.44 -28.15 27.47
C ALA B 131 4.19 -28.55 26.68
N ILE B 132 4.25 -28.31 25.37
CA ILE B 132 3.17 -28.61 24.44
C ILE B 132 3.46 -29.95 23.79
N GLN B 133 2.42 -30.79 23.64
CA GLN B 133 2.58 -32.16 23.18
C GLN B 133 2.94 -32.23 21.69
N ALA B 134 2.40 -31.32 20.89
CA ALA B 134 2.60 -31.35 19.44
C ALA B 134 4.04 -30.98 19.05
N VAL B 135 4.67 -30.12 19.86
CA VAL B 135 6.07 -29.76 19.65
C VAL B 135 6.98 -30.97 19.91
N LEU B 136 6.65 -31.76 20.94
CA LEU B 136 7.36 -33.01 21.20
C LEU B 136 7.09 -34.05 20.11
N SER B 137 5.88 -34.05 19.55
CA SER B 137 5.56 -34.96 18.45
C SER B 137 6.35 -34.61 17.20
N LEU B 138 6.53 -33.31 16.94
CA LEU B 138 7.34 -32.87 15.81
C LEU B 138 8.83 -33.11 16.07
N TYR B 139 9.24 -33.11 17.35
CA TYR B 139 10.60 -33.53 17.71
C TYR B 139 10.82 -35.00 17.41
N ALA B 140 9.86 -35.86 17.81
CA ALA B 140 9.97 -37.30 17.58
C ALA B 140 9.85 -37.67 16.11
N SER B 141 9.17 -36.82 15.32
CA SER B 141 9.12 -37.02 13.87
C SER B 141 10.48 -36.79 13.20
N GLY B 142 11.38 -36.04 13.84
CA GLY B 142 12.71 -35.84 13.30
C GLY B 142 12.80 -34.74 12.27
N ARG B 143 11.90 -33.76 12.31
CA ARG B 143 11.89 -32.67 11.36
C ARG B 143 11.64 -31.37 12.12
N THR B 144 11.60 -30.27 11.38
CA THR B 144 11.41 -28.95 11.96
C THR B 144 10.09 -28.31 11.55
N THR B 145 9.75 -28.39 10.26
CA THR B 145 8.50 -27.83 9.76
C THR B 145 7.44 -28.91 9.64
N GLY B 146 6.18 -28.48 9.68
CA GLY B 146 5.07 -29.40 9.58
C GLY B 146 3.90 -29.04 10.47
N ILE B 147 2.77 -29.70 10.24
CA ILE B 147 1.58 -29.53 11.05
C ILE B 147 1.30 -30.84 11.78
N VAL B 148 1.03 -30.74 13.09
CA VAL B 148 0.86 -31.91 13.94
C VAL B 148 -0.60 -32.01 14.36
N LEU B 149 -1.17 -33.21 14.19
CA LEU B 149 -2.47 -33.59 14.74
C LEU B 149 -2.20 -34.56 15.88
N ASP B 150 -2.25 -34.07 17.11
CA ASP B 150 -2.22 -34.94 18.28
C ASP B 150 -3.65 -35.34 18.62
N SER B 151 -3.82 -36.61 19.01
CA SER B 151 -5.14 -37.11 19.40
C SER B 151 -4.92 -38.18 20.47
N GLY B 152 -5.12 -37.81 21.72
CA GLY B 152 -4.95 -38.73 22.82
C GLY B 152 -6.25 -39.39 23.23
N ASP B 153 -6.67 -39.17 24.46
CA ASP B 153 -7.93 -39.71 24.96
C ASP B 153 -8.95 -38.63 25.30
N GLY B 154 -8.52 -37.40 25.56
CA GLY B 154 -9.46 -36.32 25.74
C GLY B 154 -9.30 -35.18 24.75
N VAL B 155 -8.08 -34.95 24.26
CA VAL B 155 -7.76 -33.76 23.48
C VAL B 155 -7.25 -34.18 22.11
N THR B 156 -7.77 -33.54 21.06
CA THR B 156 -7.26 -33.66 19.70
C THR B 156 -6.95 -32.25 19.20
N HIS B 157 -5.68 -31.93 19.04
CA HIS B 157 -5.29 -30.58 18.69
C HIS B 157 -4.33 -30.55 17.51
N ASN B 158 -4.47 -29.49 16.70
CA ASN B 158 -3.66 -29.25 15.53
C ASN B 158 -2.80 -28.03 15.75
N VAL B 159 -1.48 -28.20 15.60
CA VAL B 159 -0.49 -27.13 15.75
C VAL B 159 0.43 -27.10 14.54
N PRO B 160 0.46 -26.01 13.77
CA PRO B 160 1.43 -25.89 12.68
C PRO B 160 2.67 -25.08 13.05
N ILE B 161 3.84 -25.61 12.69
CA ILE B 161 5.13 -25.01 13.01
C ILE B 161 5.94 -24.94 11.71
N TYR B 162 6.55 -23.78 11.43
CA TYR B 162 7.42 -23.63 10.27
C TYR B 162 8.76 -23.08 10.74
N GLU B 163 9.83 -23.87 10.52
CA GLU B 163 11.22 -23.59 10.89
C GLU B 163 11.37 -23.26 12.38
N GLY B 164 10.65 -24.00 13.21
CA GLY B 164 10.68 -23.78 14.64
C GLY B 164 9.76 -22.70 15.15
N TYR B 165 8.95 -22.09 14.29
CA TYR B 165 8.06 -20.99 14.68
C TYR B 165 6.62 -21.48 14.62
N ALA B 166 6.04 -21.71 15.80
CA ALA B 166 4.63 -22.04 15.88
C ALA B 166 3.78 -20.81 15.62
N LEU B 167 2.58 -21.04 15.10
CA LEU B 167 1.61 -19.97 14.83
C LEU B 167 0.51 -20.12 15.87
N PRO B 168 0.48 -19.27 16.92
CA PRO B 168 -0.50 -19.45 18.00
C PRO B 168 -1.94 -19.14 17.60
N HIS B 169 -2.14 -18.27 16.60
CA HIS B 169 -3.48 -18.03 16.09
C HIS B 169 -4.04 -19.21 15.28
N ALA B 170 -3.16 -20.07 14.77
CA ALA B 170 -3.58 -21.21 13.97
C ALA B 170 -3.72 -22.50 14.77
N ILE B 171 -3.48 -22.47 16.08
CA ILE B 171 -3.66 -23.66 16.91
C ILE B 171 -5.14 -23.92 17.11
N MET B 172 -5.57 -25.17 16.85
CA MET B 172 -6.96 -25.53 17.02
C MET B 172 -7.10 -26.69 17.99
N ARG B 173 -8.14 -26.65 18.82
CA ARG B 173 -8.41 -27.65 19.83
C ARG B 173 -9.78 -28.27 19.58
N LEU B 174 -9.86 -29.58 19.72
CA LEU B 174 -11.10 -30.33 19.50
C LEU B 174 -11.19 -31.37 20.61
N ASP B 175 -12.23 -31.27 21.45
CA ASP B 175 -12.43 -32.22 22.55
C ASP B 175 -13.18 -33.45 22.04
N LEU B 176 -12.48 -34.24 21.24
CA LEU B 176 -13.03 -35.47 20.67
C LEU B 176 -11.89 -36.44 20.43
N ALA B 177 -11.91 -37.56 21.14
CA ALA B 177 -10.84 -38.55 21.10
C ALA B 177 -11.39 -39.87 21.63
N GLY B 178 -10.48 -40.76 22.07
CA GLY B 178 -10.80 -42.17 22.27
C GLY B 178 -11.76 -42.47 23.40
N ARG B 179 -11.88 -41.58 24.39
CA ARG B 179 -12.92 -41.76 25.41
C ARG B 179 -14.31 -41.53 24.84
N ASP B 180 -14.45 -40.54 23.96
CA ASP B 180 -15.72 -40.30 23.27
C ASP B 180 -16.03 -41.42 22.30
N LEU B 181 -15.00 -41.99 21.67
CA LEU B 181 -15.20 -43.15 20.80
C LEU B 181 -15.59 -44.38 21.60
N THR B 182 -15.05 -44.52 22.82
CA THR B 182 -15.44 -45.62 23.71
C THR B 182 -16.89 -45.49 24.17
N ASP B 183 -17.31 -44.26 24.48
CA ASP B 183 -18.70 -44.00 24.85
C ASP B 183 -19.65 -44.21 23.67
N TYR B 184 -19.23 -43.82 22.46
CA TYR B 184 -20.01 -44.08 21.26
C TYR B 184 -20.08 -45.57 20.94
N LEU B 185 -19.01 -46.31 21.23
CA LEU B 185 -19.04 -47.76 21.04
C LEU B 185 -19.94 -48.44 22.07
N MET B 186 -20.02 -47.90 23.29
CA MET B 186 -21.03 -48.33 24.25
C MET B 186 -22.45 -48.06 23.75
N LYS B 187 -22.64 -46.92 23.09
CA LYS B 187 -23.95 -46.58 22.55
C LYS B 187 -24.36 -47.49 21.40
N ILE B 188 -23.39 -47.87 20.54
CA ILE B 188 -23.74 -48.69 19.38
C ILE B 188 -23.57 -50.19 19.59
N LEU B 189 -22.93 -50.63 20.67
CA LEU B 189 -22.94 -52.06 21.01
C LEU B 189 -24.26 -52.51 21.59
N THR B 190 -25.10 -51.57 22.05
CA THR B 190 -26.44 -51.92 22.53
C THR B 190 -27.36 -52.37 21.41
N GLU B 191 -27.05 -52.05 20.14
CA GLU B 191 -27.86 -52.45 19.01
C GLU B 191 -27.84 -53.97 18.79
N ARG B 192 -26.69 -54.60 18.99
CA ARG B 192 -26.55 -56.03 18.73
C ARG B 192 -26.91 -56.90 19.92
N GLY B 193 -27.29 -56.30 21.05
CA GLY B 193 -27.73 -57.06 22.20
C GLY B 193 -26.77 -57.10 23.37
N TYR B 194 -25.73 -56.28 23.37
CA TYR B 194 -24.67 -56.34 24.37
C TYR B 194 -24.71 -55.06 25.19
N SER B 195 -24.81 -55.19 26.51
CA SER B 195 -25.00 -54.06 27.41
C SER B 195 -23.75 -53.86 28.26
N PHE B 196 -23.25 -52.62 28.30
CA PHE B 196 -22.06 -52.26 29.05
C PHE B 196 -22.32 -50.90 29.70
N VAL B 197 -22.60 -50.90 31.01
CA VAL B 197 -23.03 -49.67 31.67
C VAL B 197 -22.05 -49.20 32.73
N THR B 198 -21.27 -50.11 33.32
CA THR B 198 -20.41 -49.72 34.43
C THR B 198 -19.06 -49.22 33.93
N THR B 199 -18.28 -48.64 34.86
CA THR B 199 -16.95 -48.14 34.52
C THR B 199 -15.95 -49.27 34.31
N ALA B 200 -16.19 -50.44 34.91
CA ALA B 200 -15.34 -51.60 34.65
C ALA B 200 -15.54 -52.12 33.24
N GLU B 201 -16.76 -52.00 32.70
CA GLU B 201 -17.06 -52.42 31.34
C GLU B 201 -16.52 -51.44 30.29
N ARG B 202 -16.16 -50.22 30.70
CA ARG B 202 -15.49 -49.27 29.81
C ARG B 202 -14.14 -49.80 29.34
N GLU B 203 -13.44 -50.54 30.21
CA GLU B 203 -12.17 -51.17 29.85
C GLU B 203 -12.38 -52.27 28.81
N ILE B 204 -13.48 -53.02 28.90
CA ILE B 204 -13.79 -54.06 27.92
C ILE B 204 -14.17 -53.46 26.58
N VAL B 205 -14.97 -52.38 26.58
CA VAL B 205 -15.34 -51.67 25.35
C VAL B 205 -14.12 -51.01 24.71
N ARG B 206 -13.20 -50.49 25.54
CA ARG B 206 -11.95 -49.93 25.05
C ARG B 206 -11.03 -51.01 24.46
N ASP B 207 -11.03 -52.21 25.06
CA ASP B 207 -10.26 -53.33 24.52
C ASP B 207 -10.81 -53.80 23.17
N ILE B 208 -12.14 -53.82 23.03
CA ILE B 208 -12.79 -54.15 21.76
C ILE B 208 -12.45 -53.11 20.70
N LYS B 209 -12.47 -51.83 21.08
CA LYS B 209 -12.12 -50.72 20.19
C LYS B 209 -10.65 -50.77 19.77
N GLU B 210 -9.76 -51.14 20.70
CA GLU B 210 -8.33 -51.26 20.37
C GLU B 210 -8.06 -52.45 19.46
N LYS B 211 -8.73 -53.58 19.69
CA LYS B 211 -8.36 -54.79 18.98
C LYS B 211 -9.04 -54.90 17.61
N LEU B 212 -10.34 -54.65 17.53
CA LEU B 212 -11.09 -55.04 16.34
C LEU B 212 -11.38 -53.92 15.36
N CYS B 213 -11.48 -52.67 15.82
CA CYS B 213 -11.92 -51.56 14.97
C CYS B 213 -10.84 -51.13 13.98
N TYR B 214 -11.29 -50.53 12.88
CA TYR B 214 -10.40 -49.99 11.85
C TYR B 214 -11.13 -48.90 11.09
N VAL B 215 -10.37 -48.11 10.33
CA VAL B 215 -10.89 -46.98 9.57
C VAL B 215 -11.17 -47.43 8.14
N ALA B 216 -12.40 -47.19 7.67
CA ALA B 216 -12.79 -47.50 6.31
C ALA B 216 -12.31 -46.43 5.35
N LEU B 217 -11.88 -46.85 4.16
CA LEU B 217 -11.47 -45.89 3.12
C LEU B 217 -12.66 -45.13 2.56
N ASP B 218 -13.72 -45.83 2.19
CA ASP B 218 -14.94 -45.22 1.70
C ASP B 218 -16.08 -45.69 2.59
N PHE B 219 -16.84 -44.74 3.13
CA PHE B 219 -17.81 -45.06 4.17
C PHE B 219 -19.03 -45.79 3.61
N GLU B 220 -19.61 -45.27 2.52
CA GLU B 220 -20.87 -45.80 2.00
C GLU B 220 -20.68 -47.14 1.30
N ASN B 221 -19.53 -47.34 0.64
CA ASN B 221 -19.20 -48.63 0.05
C ASN B 221 -19.00 -49.70 1.13
N GLU B 222 -18.42 -49.30 2.27
CA GLU B 222 -18.24 -50.25 3.36
C GLU B 222 -19.55 -50.54 4.09
N MET B 223 -20.47 -49.55 4.13
CA MET B 223 -21.85 -49.80 4.57
C MET B 223 -22.55 -50.82 3.67
N ALA B 224 -22.39 -50.67 2.35
CA ALA B 224 -22.98 -51.61 1.41
C ALA B 224 -22.36 -53.00 1.52
N THR B 225 -21.05 -53.06 1.75
CA THR B 225 -20.36 -54.34 1.91
C THR B 225 -20.76 -55.04 3.20
N ALA B 226 -20.90 -54.28 4.31
CA ALA B 226 -21.32 -54.87 5.57
C ALA B 226 -22.79 -55.27 5.56
N ALA B 227 -23.63 -54.49 4.87
CA ALA B 227 -25.05 -54.82 4.77
C ALA B 227 -25.29 -56.01 3.85
N SER B 228 -24.48 -56.16 2.81
CA SER B 228 -24.69 -57.23 1.84
C SER B 228 -24.25 -58.58 2.40
N SER B 229 -22.96 -58.71 2.73
CA SER B 229 -22.40 -59.98 3.17
C SER B 229 -21.67 -59.81 4.49
N SER B 230 -21.65 -60.88 5.28
CA SER B 230 -21.01 -60.88 6.59
C SER B 230 -19.56 -61.36 6.52
N SER B 231 -18.77 -60.74 5.64
CA SER B 231 -17.34 -61.03 5.59
C SER B 231 -16.56 -60.14 6.56
N LEU B 232 -17.09 -58.96 6.87
CA LEU B 232 -16.42 -58.01 7.73
C LEU B 232 -16.65 -58.28 9.21
N GLU B 233 -17.58 -59.17 9.56
CA GLU B 233 -17.89 -59.45 10.94
C GLU B 233 -16.76 -60.24 11.61
N LYS B 234 -16.41 -59.83 12.83
CA LYS B 234 -15.31 -60.44 13.57
C LYS B 234 -15.76 -60.72 14.99
N SER B 235 -15.11 -61.71 15.61
CA SER B 235 -15.50 -62.22 16.91
C SER B 235 -14.52 -61.79 18.00
N TYR B 236 -15.01 -61.78 19.24
CA TYR B 236 -14.21 -61.43 20.40
C TYR B 236 -14.77 -62.21 21.59
N GLU B 237 -13.90 -62.52 22.55
CA GLU B 237 -14.27 -63.29 23.73
C GLU B 237 -14.13 -62.43 24.97
N LEU B 238 -15.19 -62.36 25.76
CA LEU B 238 -15.21 -61.62 27.02
C LEU B 238 -14.51 -62.45 28.10
N PRO B 239 -14.08 -61.82 29.22
CA PRO B 239 -13.48 -62.61 30.32
C PRO B 239 -14.42 -63.58 31.03
N ASP B 240 -15.74 -63.43 30.92
CA ASP B 240 -16.63 -64.45 31.49
C ASP B 240 -16.86 -65.62 30.55
N GLY B 241 -16.30 -65.60 29.34
CA GLY B 241 -16.40 -66.69 28.40
C GLY B 241 -17.40 -66.48 27.28
N GLN B 242 -18.16 -65.39 27.30
CA GLN B 242 -19.13 -65.14 26.24
C GLN B 242 -18.43 -64.67 24.95
N VAL B 243 -19.08 -64.95 23.83
CA VAL B 243 -18.54 -64.65 22.50
C VAL B 243 -19.45 -63.62 21.83
N ILE B 244 -18.86 -62.54 21.34
CA ILE B 244 -19.58 -61.51 20.62
C ILE B 244 -19.03 -61.41 19.20
N THR B 245 -19.88 -60.96 18.28
CA THR B 245 -19.52 -60.75 16.89
C THR B 245 -20.03 -59.39 16.46
N ILE B 246 -19.16 -58.58 15.84
CA ILE B 246 -19.51 -57.24 15.42
C ILE B 246 -19.22 -57.08 13.93
N GLY B 247 -20.05 -56.27 13.27
CA GLY B 247 -19.92 -56.02 11.85
C GLY B 247 -19.53 -54.61 11.49
N ASN B 248 -20.53 -53.76 11.21
CA ASN B 248 -20.30 -52.38 10.81
C ASN B 248 -19.73 -51.51 11.93
N GLU B 249 -19.91 -51.93 13.19
CA GLU B 249 -19.40 -51.19 14.35
C GLU B 249 -17.87 -51.19 14.44
N ARG B 250 -17.19 -52.06 13.68
CA ARG B 250 -15.75 -51.96 13.48
C ARG B 250 -15.34 -50.64 12.82
N PHE B 251 -16.18 -50.11 11.93
CA PHE B 251 -15.82 -48.88 11.23
C PHE B 251 -16.88 -47.79 11.35
N ARG B 252 -17.86 -47.96 12.24
CA ARG B 252 -18.67 -46.82 12.65
C ARG B 252 -18.04 -46.06 13.81
N CYS B 253 -17.26 -46.74 14.66
CA CYS B 253 -16.68 -46.10 15.83
C CYS B 253 -15.57 -45.07 15.52
N PRO B 254 -14.53 -45.37 14.71
CA PRO B 254 -13.54 -44.30 14.45
C PRO B 254 -14.01 -43.22 13.48
N GLU B 255 -15.13 -43.43 12.79
CA GLU B 255 -15.68 -42.49 11.82
C GLU B 255 -16.16 -41.19 12.48
N THR B 256 -16.42 -41.22 13.79
CA THR B 256 -16.72 -40.03 14.58
C THR B 256 -15.54 -39.05 14.60
N LEU B 257 -14.30 -39.55 14.43
CA LEU B 257 -13.17 -38.64 14.21
C LEU B 257 -13.30 -37.89 12.89
N PHE B 258 -13.77 -38.57 11.84
CA PHE B 258 -13.97 -37.91 10.56
C PHE B 258 -15.37 -37.34 10.38
N GLN B 259 -16.24 -37.53 11.36
CA GLN B 259 -17.62 -37.07 11.29
C GLN B 259 -18.17 -36.86 12.70
N PRO B 260 -17.93 -35.70 13.33
CA PRO B 260 -18.25 -35.53 14.76
C PRO B 260 -19.73 -35.40 15.08
N SER B 261 -20.62 -35.35 14.09
CA SER B 261 -22.05 -35.24 14.33
C SER B 261 -22.69 -36.53 14.83
N PHE B 262 -21.97 -37.65 14.85
CA PHE B 262 -22.49 -38.91 15.38
C PHE B 262 -22.75 -38.82 16.88
N ILE B 263 -21.87 -38.15 17.62
CA ILE B 263 -22.07 -37.94 19.04
C ILE B 263 -22.61 -36.53 19.33
N GLY B 264 -23.17 -35.87 18.33
CA GLY B 264 -23.84 -34.60 18.51
C GLY B 264 -22.95 -33.43 18.87
N MET B 265 -22.08 -33.01 17.95
CA MET B 265 -21.18 -31.89 18.20
C MET B 265 -21.03 -31.11 16.90
N GLU B 266 -21.10 -29.77 17.03
CA GLU B 266 -21.22 -28.88 15.87
C GLU B 266 -19.95 -28.79 15.04
N SER B 267 -18.78 -28.97 15.67
CA SER B 267 -17.51 -28.70 15.01
C SER B 267 -17.18 -29.79 13.99
N ALA B 268 -16.25 -29.45 13.10
CA ALA B 268 -15.94 -30.28 11.94
C ALA B 268 -14.96 -31.39 12.29
N GLY B 269 -14.71 -32.26 11.31
CA GLY B 269 -13.83 -33.39 11.50
C GLY B 269 -12.37 -32.99 11.54
N ILE B 270 -11.53 -34.00 11.79
CA ILE B 270 -10.10 -33.80 11.96
C ILE B 270 -9.41 -33.41 10.64
N HIS B 271 -9.93 -33.87 9.50
CA HIS B 271 -9.34 -33.45 8.23
C HIS B 271 -9.73 -32.03 7.85
N GLU B 272 -10.97 -31.61 8.15
CA GLU B 272 -11.32 -30.20 7.99
C GLU B 272 -10.58 -29.31 8.99
N THR B 273 -10.34 -29.81 10.21
CA THR B 273 -9.55 -29.06 11.19
C THR B 273 -8.10 -28.91 10.74
N THR B 274 -7.53 -29.97 10.14
CA THR B 274 -6.19 -29.93 9.58
C THR B 274 -6.10 -28.94 8.41
N TYR B 275 -7.10 -28.98 7.51
CA TYR B 275 -7.11 -28.08 6.36
C TYR B 275 -7.31 -26.63 6.77
N ASN B 276 -8.20 -26.36 7.71
CA ASN B 276 -8.43 -24.99 8.19
C ASN B 276 -7.25 -24.47 8.99
N SER B 277 -6.53 -25.35 9.69
CA SER B 277 -5.30 -24.94 10.35
C SER B 277 -4.19 -24.66 9.34
N ILE B 278 -4.20 -25.35 8.21
CA ILE B 278 -3.25 -25.05 7.13
C ILE B 278 -3.57 -23.69 6.49
N MET B 279 -4.84 -23.44 6.15
CA MET B 279 -5.18 -22.17 5.49
C MET B 279 -5.18 -20.97 6.43
N LYS B 280 -5.14 -21.17 7.75
CA LYS B 280 -4.93 -20.04 8.64
C LYS B 280 -3.48 -19.57 8.66
N CYS B 281 -2.55 -20.38 8.17
CA CYS B 281 -1.15 -19.99 8.10
C CYS B 281 -0.91 -19.02 6.95
N ASP B 282 0.30 -18.46 6.92
CA ASP B 282 0.70 -17.63 5.79
C ASP B 282 0.93 -18.50 4.55
N ILE B 283 0.83 -17.84 3.40
CA ILE B 283 0.56 -18.53 2.13
C ILE B 283 1.79 -19.26 1.60
N ASP B 284 3.00 -18.87 2.02
CA ASP B 284 4.20 -19.44 1.42
C ASP B 284 4.54 -20.81 2.00
N ILE B 285 4.14 -21.09 3.24
CA ILE B 285 4.61 -22.28 3.94
C ILE B 285 3.71 -23.49 3.77
N ARG B 286 2.54 -23.32 3.12
CA ARG B 286 1.50 -24.35 3.08
C ARG B 286 1.93 -25.57 2.28
N LYS B 287 2.73 -25.34 1.22
CA LYS B 287 3.32 -26.43 0.45
C LYS B 287 4.28 -27.26 1.30
N ASP B 288 4.96 -26.63 2.25
CA ASP B 288 5.74 -27.40 3.22
C ASP B 288 4.84 -28.10 4.23
N LEU B 289 3.64 -27.56 4.47
CA LEU B 289 2.73 -28.17 5.44
C LEU B 289 2.01 -29.38 4.88
N TYR B 290 1.72 -29.38 3.57
CA TYR B 290 0.96 -30.48 2.96
C TYR B 290 1.79 -31.76 2.87
N ALA B 291 3.11 -31.65 2.71
CA ALA B 291 3.97 -32.82 2.63
C ALA B 291 4.51 -33.25 3.98
N ASN B 292 4.12 -32.59 5.07
CA ASN B 292 4.68 -32.88 6.39
C ASN B 292 3.57 -32.95 7.45
N ASN B 293 2.45 -33.58 7.10
CA ASN B 293 1.43 -33.89 8.08
C ASN B 293 1.92 -34.96 9.04
N VAL B 294 1.76 -34.71 10.34
CA VAL B 294 2.19 -35.63 11.39
C VAL B 294 0.98 -35.99 12.24
N MET B 295 0.77 -37.29 12.45
CA MET B 295 -0.19 -37.80 13.41
C MET B 295 0.55 -38.42 14.57
N SER B 296 0.09 -38.17 15.79
CA SER B 296 0.59 -38.83 16.97
C SER B 296 -0.58 -39.24 17.86
N GLY B 297 -0.27 -39.89 18.97
CA GLY B 297 -1.28 -40.35 19.89
C GLY B 297 -1.85 -41.71 19.50
N GLY B 298 -2.52 -42.33 20.45
CA GLY B 298 -3.07 -43.65 20.25
C GLY B 298 -4.37 -43.70 19.46
N THR B 299 -5.01 -42.56 19.24
CA THR B 299 -6.27 -42.55 18.50
C THR B 299 -6.05 -42.75 17.01
N THR B 300 -4.87 -42.41 16.49
CA THR B 300 -4.53 -42.63 15.09
C THR B 300 -3.84 -43.97 14.85
N MET B 301 -4.10 -44.98 15.68
CA MET B 301 -3.52 -46.31 15.55
C MET B 301 -4.43 -47.30 14.84
N TYR B 302 -5.54 -46.84 14.28
CA TYR B 302 -6.36 -47.72 13.45
C TYR B 302 -5.65 -47.97 12.12
N PRO B 303 -5.72 -49.20 11.58
CA PRO B 303 -4.96 -49.49 10.36
C PRO B 303 -5.67 -49.14 9.06
N GLY B 304 -6.31 -47.98 8.99
CA GLY B 304 -6.84 -47.48 7.73
C GLY B 304 -6.85 -45.97 7.67
N ILE B 305 -6.24 -45.32 8.66
CA ILE B 305 -6.50 -43.90 8.87
C ILE B 305 -5.63 -43.02 7.97
N ALA B 306 -4.44 -43.49 7.58
CA ALA B 306 -3.52 -42.66 6.79
C ALA B 306 -4.00 -42.52 5.36
N ASP B 307 -4.50 -43.62 4.76
CA ASP B 307 -5.02 -43.59 3.39
C ASP B 307 -6.30 -42.76 3.30
N ARG B 308 -7.17 -42.89 4.30
CA ARG B 308 -8.39 -42.07 4.37
C ARG B 308 -8.06 -40.59 4.54
N MET B 309 -7.09 -40.27 5.40
CA MET B 309 -6.74 -38.87 5.63
C MET B 309 -6.03 -38.28 4.42
N GLN B 310 -5.25 -39.10 3.70
CA GLN B 310 -4.66 -38.70 2.43
C GLN B 310 -5.73 -38.43 1.36
N LYS B 311 -6.75 -39.30 1.29
CA LYS B 311 -7.85 -39.11 0.35
C LYS B 311 -8.65 -37.85 0.65
N GLU B 312 -8.91 -37.58 1.94
CA GLU B 312 -9.68 -36.40 2.33
C GLU B 312 -8.90 -35.11 2.11
N ILE B 313 -7.61 -35.09 2.43
CA ILE B 313 -6.83 -33.87 2.22
C ILE B 313 -6.58 -33.63 0.72
N THR B 314 -6.34 -34.70 -0.06
CA THR B 314 -6.20 -34.57 -1.51
C THR B 314 -7.51 -34.13 -2.18
N ALA B 315 -8.65 -34.50 -1.58
CA ALA B 315 -9.92 -33.88 -1.96
C ALA B 315 -9.94 -32.39 -1.60
N LEU B 316 -9.38 -32.04 -0.44
CA LEU B 316 -9.46 -30.65 0.02
C LEU B 316 -8.38 -29.75 -0.60
N ALA B 317 -7.13 -30.23 -0.66
CA ALA B 317 -6.02 -29.44 -1.18
C ALA B 317 -6.11 -29.36 -2.71
N PRO B 318 -5.51 -28.33 -3.33
CA PRO B 318 -5.38 -28.32 -4.79
C PRO B 318 -4.45 -29.42 -5.28
N SER B 319 -4.67 -29.83 -6.54
CA SER B 319 -4.14 -31.08 -7.08
C SER B 319 -2.65 -31.04 -7.39
N THR B 320 -2.00 -29.88 -7.32
CA THR B 320 -0.58 -29.78 -7.65
C THR B 320 0.34 -30.00 -6.45
N MET B 321 -0.18 -30.53 -5.34
CA MET B 321 0.59 -30.78 -4.13
C MET B 321 0.61 -32.27 -3.81
N LYS B 322 1.74 -32.72 -3.27
CA LYS B 322 1.91 -34.11 -2.84
C LYS B 322 1.53 -34.19 -1.36
N ILE B 323 0.37 -34.79 -1.08
CA ILE B 323 -0.09 -34.98 0.29
C ILE B 323 0.66 -36.18 0.87
N LYS B 324 1.67 -35.90 1.70
CA LYS B 324 2.43 -36.93 2.37
C LYS B 324 2.16 -36.85 3.87
N ILE B 325 1.69 -37.94 4.45
CA ILE B 325 1.38 -38.03 5.87
C ILE B 325 2.38 -38.96 6.51
N ILE B 326 3.08 -38.48 7.53
CA ILE B 326 4.00 -39.31 8.30
C ILE B 326 3.18 -40.04 9.36
N ALA B 327 3.16 -41.37 9.26
CA ALA B 327 2.44 -42.22 10.21
C ALA B 327 3.36 -43.34 10.66
N PRO B 328 4.26 -43.07 11.61
CA PRO B 328 5.20 -44.10 12.07
C PRO B 328 4.49 -45.14 12.92
N PRO B 329 5.03 -46.37 13.01
CA PRO B 329 4.47 -47.35 13.95
C PRO B 329 4.70 -47.00 15.41
N GLU B 330 5.67 -46.14 15.71
CA GLU B 330 6.00 -45.71 17.05
C GLU B 330 5.20 -44.49 17.54
N ARG B 331 4.13 -44.11 16.83
CA ARG B 331 3.46 -42.85 17.11
C ARG B 331 2.56 -42.89 18.35
N LYS B 332 2.37 -44.06 18.98
CA LYS B 332 1.57 -44.13 20.20
C LYS B 332 2.28 -43.50 21.39
N TYR B 333 3.60 -43.53 21.42
CA TYR B 333 4.37 -42.97 22.52
C TYR B 333 5.31 -41.84 22.10
N SER B 334 5.14 -41.32 20.87
CA SER B 334 6.06 -40.34 20.31
C SER B 334 6.01 -39.01 21.04
N VAL B 335 4.85 -38.69 21.64
CA VAL B 335 4.68 -37.53 22.52
C VAL B 335 5.63 -37.64 23.72
N TRP B 336 5.77 -38.86 24.24
CA TRP B 336 6.80 -39.10 25.25
C TRP B 336 8.21 -39.07 24.65
N ILE B 337 8.37 -39.60 23.42
CA ILE B 337 9.71 -39.84 22.86
C ILE B 337 10.39 -38.53 22.50
N GLY B 338 9.62 -37.58 21.96
CA GLY B 338 10.13 -36.22 21.78
C GLY B 338 10.38 -35.50 23.09
N GLY B 339 9.66 -35.87 24.15
CA GLY B 339 10.02 -35.44 25.49
C GLY B 339 11.37 -35.97 25.93
N SER B 340 11.76 -37.15 25.43
CA SER B 340 13.13 -37.62 25.59
C SER B 340 14.10 -36.80 24.74
N ILE B 341 13.64 -36.24 23.61
CA ILE B 341 14.51 -35.40 22.79
C ILE B 341 14.79 -34.07 23.49
N LEU B 342 13.73 -33.43 24.00
CA LEU B 342 13.84 -32.06 24.51
C LEU B 342 14.53 -32.00 25.87
N ALA B 343 14.29 -33.00 26.73
CA ALA B 343 14.91 -33.03 28.05
C ALA B 343 16.40 -33.32 27.97
N SER B 344 16.84 -34.03 26.93
CA SER B 344 18.25 -34.33 26.75
C SER B 344 19.01 -33.23 26.02
N LEU B 345 18.32 -32.18 25.56
CA LEU B 345 18.96 -31.12 24.78
C LEU B 345 19.80 -30.22 25.66
N SER B 346 20.98 -29.84 25.17
CA SER B 346 21.86 -28.95 25.91
C SER B 346 21.33 -27.53 25.96
N THR B 347 20.54 -27.12 24.96
CA THR B 347 19.98 -25.77 24.93
C THR B 347 18.73 -25.63 25.78
N PHE B 348 18.21 -26.73 26.34
CA PHE B 348 17.05 -26.69 27.22
C PHE B 348 17.41 -26.48 28.69
N GLN B 349 18.70 -26.48 29.04
CA GLN B 349 19.10 -26.46 30.45
C GLN B 349 18.90 -25.09 31.11
N GLN B 350 18.74 -24.03 30.34
CA GLN B 350 18.54 -22.69 30.88
C GLN B 350 17.08 -22.26 30.92
N MET B 351 16.15 -23.13 30.52
CA MET B 351 14.75 -22.75 30.37
C MET B 351 13.87 -23.34 31.49
N TRP B 352 14.43 -24.22 32.32
CA TRP B 352 13.72 -24.81 33.45
C TRP B 352 13.37 -23.76 34.51
N ILE B 353 12.24 -23.98 35.17
CA ILE B 353 11.76 -23.12 36.25
C ILE B 353 12.28 -23.68 37.55
N THR B 354 13.28 -23.01 38.13
CA THR B 354 13.93 -23.52 39.33
C THR B 354 13.09 -23.20 40.57
N LYS B 355 13.58 -23.69 41.72
CA LYS B 355 12.92 -23.51 43.00
C LYS B 355 12.96 -22.04 43.44
N GLN B 356 14.10 -21.38 43.22
CA GLN B 356 14.32 -20.01 43.72
C GLN B 356 13.43 -19.01 43.00
N GLU B 357 13.28 -19.15 41.67
CA GLU B 357 12.41 -18.29 40.87
C GLU B 357 10.96 -18.44 41.27
N TYR B 358 10.55 -19.67 41.61
CA TYR B 358 9.24 -19.91 42.21
C TYR B 358 9.10 -19.20 43.55
N ASP B 359 10.19 -19.16 44.33
CA ASP B 359 10.15 -18.52 45.65
C ASP B 359 9.99 -17.00 45.57
N GLU B 360 10.61 -16.32 44.58
CA GLU B 360 10.23 -14.90 44.53
C GLU B 360 8.88 -14.70 43.81
N ALA B 361 8.60 -15.46 42.76
CA ALA B 361 7.51 -15.08 41.87
C ALA B 361 6.16 -15.71 42.22
N GLY B 362 6.09 -16.59 43.22
CA GLY B 362 4.85 -17.29 43.48
C GLY B 362 4.62 -18.36 42.45
N PRO B 363 3.40 -18.90 42.38
CA PRO B 363 3.09 -19.88 41.32
C PRO B 363 2.60 -19.24 40.03
N SER B 364 3.21 -18.15 39.59
CA SER B 364 2.74 -17.41 38.43
C SER B 364 3.79 -17.25 37.34
N ILE B 365 5.04 -17.66 37.58
CA ILE B 365 6.10 -17.54 36.60
C ILE B 365 5.95 -18.56 35.46
N VAL B 366 5.12 -19.60 35.67
CA VAL B 366 4.93 -20.65 34.67
C VAL B 366 4.16 -20.12 33.44
N HIS B 367 3.38 -19.05 33.60
CA HIS B 367 2.75 -18.42 32.44
C HIS B 367 3.77 -17.65 31.60
N ARG B 368 4.64 -16.89 32.25
CA ARG B 368 5.58 -16.06 31.50
C ARG B 368 6.77 -16.86 30.98
N LYS B 369 7.05 -18.03 31.57
CA LYS B 369 8.22 -18.80 31.18
C LYS B 369 7.91 -19.83 30.10
N CYS B 370 6.79 -20.54 30.24
CA CYS B 370 6.40 -21.55 29.28
C CYS B 370 5.59 -20.92 28.14
N PHE B 371 5.07 -21.76 27.26
CA PHE B 371 4.27 -21.31 26.12
C PHE B 371 2.90 -20.84 26.57
N THR C 1 -41.62 9.06 -3.58
CA THR C 1 -41.40 7.72 -3.08
C THR C 1 -40.28 7.71 -2.04
N THR C 2 -40.60 7.18 -0.86
CA THR C 2 -39.63 7.06 0.23
C THR C 2 -38.55 6.04 -0.14
N ALA C 3 -37.31 6.37 0.19
CA ALA C 3 -36.16 5.51 -0.12
C ALA C 3 -35.84 4.61 1.05
N LEU C 4 -35.05 3.57 0.76
CA LEU C 4 -34.63 2.60 1.76
C LEU C 4 -33.12 2.67 1.94
N VAL C 5 -32.67 2.62 3.18
CA VAL C 5 -31.26 2.47 3.51
C VAL C 5 -31.10 1.13 4.21
N CYS C 6 -30.18 0.31 3.71
CA CYS C 6 -29.97 -1.03 4.26
C CYS C 6 -28.47 -1.26 4.39
N ASP C 7 -27.93 -0.93 5.56
CA ASP C 7 -26.54 -1.23 5.85
C ASP C 7 -26.45 -2.73 6.13
N ASN C 8 -25.91 -3.47 5.15
CA ASN C 8 -25.67 -4.90 5.28
C ASN C 8 -24.31 -5.09 5.93
N GLY C 9 -24.28 -4.93 7.25
CA GLY C 9 -23.08 -5.14 8.01
C GLY C 9 -22.67 -6.59 8.09
N SER C 10 -21.43 -6.81 8.50
CA SER C 10 -20.91 -8.17 8.68
C SER C 10 -21.58 -8.89 9.83
N GLY C 11 -22.03 -8.15 10.84
CA GLY C 11 -22.66 -8.77 11.98
C GLY C 11 -24.10 -8.35 12.21
N LEU C 12 -24.45 -7.11 11.87
CA LEU C 12 -25.80 -6.62 12.10
C LEU C 12 -26.30 -5.92 10.84
N VAL C 13 -27.50 -6.29 10.40
CA VAL C 13 -28.20 -5.60 9.33
C VAL C 13 -29.02 -4.47 9.96
N LYS C 14 -28.82 -3.24 9.46
CA LYS C 14 -29.55 -2.07 9.92
C LYS C 14 -30.28 -1.48 8.71
N ALA C 15 -31.59 -1.67 8.65
CA ALA C 15 -32.39 -1.20 7.53
C ALA C 15 -33.52 -0.30 8.01
N GLY C 16 -33.93 0.61 7.14
CA GLY C 16 -34.99 1.55 7.47
C GLY C 16 -35.23 2.62 6.42
N PHE C 17 -36.31 3.37 6.57
CA PHE C 17 -36.75 4.33 5.57
C PHE C 17 -35.87 5.59 5.59
N ALA C 18 -36.14 6.48 4.64
CA ALA C 18 -35.45 7.77 4.61
C ALA C 18 -36.22 8.80 5.41
N GLY C 19 -35.49 9.80 5.91
CA GLY C 19 -36.08 10.83 6.72
C GLY C 19 -36.35 10.46 8.16
N ASP C 20 -35.91 9.28 8.61
CA ASP C 20 -36.12 8.82 9.97
C ASP C 20 -34.83 8.93 10.77
N ASP C 21 -34.98 9.12 12.07
CA ASP C 21 -33.81 9.26 12.95
C ASP C 21 -33.23 7.91 13.37
N ALA C 22 -34.09 6.99 13.80
CA ALA C 22 -33.60 5.70 14.26
C ALA C 22 -33.85 4.62 13.22
N PRO C 23 -32.89 3.70 13.04
CA PRO C 23 -33.09 2.59 12.08
C PRO C 23 -34.18 1.64 12.55
N ARG C 24 -35.07 1.30 11.62
CA ARG C 24 -36.29 0.58 11.98
C ARG C 24 -36.01 -0.88 12.33
N ALA C 25 -35.18 -1.55 11.55
CA ALA C 25 -34.86 -2.96 11.78
C ALA C 25 -33.35 -3.10 11.98
N VAL C 26 -32.95 -3.28 13.22
CA VAL C 26 -31.57 -3.61 13.57
C VAL C 26 -31.58 -5.03 14.11
N PHE C 27 -30.97 -5.96 13.36
CA PHE C 27 -31.03 -7.35 13.78
C PHE C 27 -29.80 -8.06 13.23
N PRO C 28 -29.28 -9.08 13.91
CA PRO C 28 -28.07 -9.75 13.41
C PRO C 28 -28.31 -10.59 12.17
N SER C 29 -27.28 -10.66 11.33
CA SER C 29 -27.34 -11.32 10.03
C SER C 29 -26.77 -12.72 10.19
N ILE C 30 -27.65 -13.67 10.53
CA ILE C 30 -27.29 -15.06 10.71
C ILE C 30 -28.37 -15.93 10.08
N VAL C 31 -27.95 -17.05 9.50
CA VAL C 31 -28.86 -18.06 8.98
C VAL C 31 -28.67 -19.32 9.81
N GLY C 32 -29.71 -19.75 10.51
CA GLY C 32 -29.64 -20.93 11.33
C GLY C 32 -30.16 -22.15 10.62
N ARG C 33 -29.54 -23.30 10.91
CA ARG C 33 -29.99 -24.58 10.37
C ARG C 33 -29.90 -25.61 11.49
N PRO C 34 -30.92 -26.45 11.66
CA PRO C 34 -30.89 -27.43 12.76
C PRO C 34 -29.92 -28.56 12.48
N ARG C 35 -29.19 -28.96 13.51
CA ARG C 35 -28.16 -29.98 13.41
C ARG C 35 -28.50 -31.25 14.15
N HIS C 36 -29.70 -31.36 14.71
CA HIS C 36 -30.13 -32.52 15.46
C HIS C 36 -31.30 -33.19 14.76
N GLN C 37 -31.79 -34.27 15.36
CA GLN C 37 -32.84 -35.08 14.76
C GLN C 37 -34.19 -34.71 15.35
N GLY C 38 -35.07 -34.16 14.53
CA GLY C 38 -36.40 -33.79 15.00
C GLY C 38 -37.30 -35.01 15.10
N VAL C 39 -37.90 -35.21 16.27
CA VAL C 39 -38.74 -36.37 16.54
C VAL C 39 -40.21 -35.99 16.63
N MET C 40 -40.53 -34.74 16.97
CA MET C 40 -41.92 -34.29 17.00
C MET C 40 -42.32 -33.81 15.61
N VAL C 41 -43.27 -34.50 15.00
CA VAL C 41 -43.66 -34.21 13.62
C VAL C 41 -44.60 -33.02 13.58
N GLY C 42 -44.47 -32.20 12.53
CA GLY C 42 -45.35 -31.06 12.35
C GLY C 42 -44.96 -29.82 13.12
N MET C 43 -45.99 -29.12 13.62
CA MET C 43 -45.99 -27.81 14.32
C MET C 43 -45.01 -26.77 13.75
N GLY C 44 -44.97 -26.71 12.42
CA GLY C 44 -44.20 -25.69 11.70
C GLY C 44 -42.70 -25.71 11.87
N GLN C 45 -42.09 -26.89 11.78
CA GLN C 45 -40.64 -27.01 11.95
C GLN C 45 -39.95 -26.52 10.68
N LYS C 46 -39.49 -25.27 10.73
CA LYS C 46 -38.83 -24.66 9.58
C LYS C 46 -37.44 -25.25 9.37
N ASP C 47 -37.04 -25.32 8.10
CA ASP C 47 -35.68 -25.76 7.77
C ASP C 47 -34.63 -24.67 7.96
N SER C 48 -35.04 -23.42 8.20
CA SER C 48 -34.10 -22.34 8.39
C SER C 48 -34.72 -21.28 9.29
N TYR C 49 -33.85 -20.61 10.05
CA TYR C 49 -34.27 -19.52 10.93
C TYR C 49 -33.38 -18.33 10.67
N VAL C 50 -33.98 -17.16 10.43
CA VAL C 50 -33.26 -15.95 10.07
C VAL C 50 -33.59 -14.86 11.09
N GLY C 51 -32.57 -14.18 11.59
CA GLY C 51 -32.78 -13.01 12.42
C GLY C 51 -32.90 -13.31 13.91
N ASP C 52 -33.87 -12.65 14.55
CA ASP C 52 -34.08 -12.82 15.99
C ASP C 52 -34.65 -14.19 16.33
N GLU C 53 -35.34 -14.83 15.37
CA GLU C 53 -35.80 -16.21 15.55
C GLU C 53 -34.63 -17.18 15.65
N ALA C 54 -33.56 -16.93 14.89
CA ALA C 54 -32.35 -17.73 15.01
C ALA C 54 -31.63 -17.45 16.32
N GLN C 55 -31.78 -16.23 16.84
CA GLN C 55 -31.15 -15.87 18.12
C GLN C 55 -31.87 -16.55 19.28
N SER C 56 -33.21 -16.54 19.26
CA SER C 56 -33.98 -17.09 20.36
C SER C 56 -33.91 -18.61 20.41
N LYS C 57 -33.73 -19.26 19.26
CA LYS C 57 -33.67 -20.72 19.18
C LYS C 57 -32.26 -21.23 18.90
N ARG C 58 -31.23 -20.49 19.31
CA ARG C 58 -29.85 -20.77 18.91
C ARG C 58 -29.25 -22.02 19.56
N GLY C 59 -29.89 -22.59 20.57
CA GLY C 59 -29.36 -23.76 21.24
C GLY C 59 -29.49 -25.06 20.47
N ILE C 60 -30.20 -25.07 19.33
CA ILE C 60 -30.32 -26.25 18.49
C ILE C 60 -29.99 -25.91 17.05
N LEU C 61 -29.33 -24.77 16.82
CA LEU C 61 -29.06 -24.29 15.48
C LEU C 61 -27.57 -24.07 15.27
N THR C 62 -27.07 -24.50 14.12
CA THR C 62 -25.80 -24.01 13.59
C THR C 62 -26.07 -22.69 12.87
N LEU C 63 -25.42 -21.63 13.34
CA LEU C 63 -25.59 -20.29 12.78
C LEU C 63 -24.46 -20.00 11.80
N LYS C 64 -24.81 -19.54 10.61
CA LYS C 64 -23.85 -19.19 9.58
C LYS C 64 -23.94 -17.70 9.30
N TYR C 65 -22.78 -17.04 9.27
CA TYR C 65 -22.72 -15.63 8.90
C TYR C 65 -22.49 -15.55 7.40
N PRO C 66 -23.42 -14.99 6.61
CA PRO C 66 -23.23 -14.94 5.16
C PRO C 66 -22.19 -13.93 4.71
N ILE C 67 -21.84 -12.94 5.55
CA ILE C 67 -20.88 -11.91 5.20
C ILE C 67 -19.64 -12.11 6.04
N GLU C 68 -18.49 -12.24 5.38
CA GLU C 68 -17.22 -12.36 6.07
C GLU C 68 -16.23 -11.33 5.53
N HIC C 69 -15.88 -10.38 6.39
CA HIC C 69 -15.00 -9.24 6.12
C HIC C 69 -15.50 -8.39 4.95
O HIC C 69 -14.76 -7.92 4.09
CB HIC C 69 -13.53 -9.59 5.81
CG HIC C 69 -12.97 -10.64 6.67
ND1 HIC C 69 -12.27 -11.76 6.20
CD2 HIC C 69 -13.04 -10.70 8.08
CE1 HIC C 69 -11.93 -12.47 7.29
NE2 HIC C 69 -12.38 -11.86 8.46
CZ HIC C 69 -12.20 -12.32 9.80
N GLY C 70 -16.81 -8.19 4.93
CA GLY C 70 -17.44 -7.36 3.93
C GLY C 70 -17.71 -8.00 2.58
N ILE C 71 -17.25 -9.24 2.41
CA ILE C 71 -17.40 -9.97 1.16
C ILE C 71 -18.39 -11.09 1.39
N ILE C 72 -19.47 -11.11 0.60
CA ILE C 72 -20.52 -12.10 0.74
C ILE C 72 -20.03 -13.41 0.13
N THR C 73 -19.88 -14.44 0.96
CA THR C 73 -19.43 -15.75 0.50
C THR C 73 -20.59 -16.61 0.03
N ASN C 74 -21.55 -16.88 0.91
CA ASN C 74 -22.72 -17.68 0.56
C ASN C 74 -23.81 -16.73 0.11
N TRP C 75 -24.35 -16.97 -1.09
CA TRP C 75 -25.26 -16.01 -1.71
C TRP C 75 -26.72 -16.38 -1.56
N ASP C 76 -27.05 -17.68 -1.47
CA ASP C 76 -28.42 -18.09 -1.17
C ASP C 76 -28.82 -17.69 0.25
N ASP C 77 -27.88 -17.81 1.19
CA ASP C 77 -28.09 -17.35 2.56
C ASP C 77 -28.30 -15.83 2.62
N MET C 78 -27.53 -15.08 1.82
CA MET C 78 -27.66 -13.63 1.83
C MET C 78 -28.93 -13.19 1.10
N GLU C 79 -29.39 -13.99 0.13
CA GLU C 79 -30.72 -13.82 -0.46
C GLU C 79 -31.81 -14.03 0.58
N LYS C 80 -31.63 -15.01 1.47
CA LYS C 80 -32.58 -15.21 2.58
C LYS C 80 -32.53 -14.05 3.57
N ILE C 81 -31.33 -13.47 3.79
CA ILE C 81 -31.18 -12.26 4.62
C ILE C 81 -31.96 -11.10 4.02
N TRP C 82 -31.83 -10.89 2.70
CA TRP C 82 -32.54 -9.80 2.03
C TRP C 82 -34.05 -10.03 1.99
N HIS C 83 -34.47 -11.29 1.81
CA HIS C 83 -35.90 -11.64 1.83
C HIS C 83 -36.50 -11.41 3.20
N HIS C 84 -35.77 -11.75 4.26
CA HIS C 84 -36.25 -11.52 5.62
C HIS C 84 -36.29 -10.04 5.97
N THR C 85 -35.27 -9.27 5.56
CA THR C 85 -35.27 -7.85 5.92
C THR C 85 -36.21 -7.03 5.05
N PHE C 86 -36.62 -7.55 3.88
CA PHE C 86 -37.60 -6.82 3.09
C PHE C 86 -39.03 -7.22 3.45
N TYR C 87 -39.31 -8.53 3.49
CA TYR C 87 -40.68 -9.00 3.60
C TYR C 87 -41.15 -9.13 5.06
N ASN C 88 -40.28 -9.55 5.96
CA ASN C 88 -40.70 -9.80 7.33
C ASN C 88 -40.42 -8.64 8.27
N GLU C 89 -39.26 -7.99 8.15
CA GLU C 89 -38.90 -6.93 9.08
C GLU C 89 -39.57 -5.61 8.73
N LEU C 90 -39.26 -5.06 7.55
CA LEU C 90 -39.83 -3.78 7.16
C LEU C 90 -41.24 -3.92 6.61
N ARG C 91 -41.57 -5.11 6.08
CA ARG C 91 -42.86 -5.46 5.47
C ARG C 91 -43.23 -4.52 4.32
N VAL C 92 -42.35 -4.46 3.34
CA VAL C 92 -42.51 -3.60 2.17
C VAL C 92 -42.18 -4.39 0.91
N ALA C 93 -42.80 -3.99 -0.19
CA ALA C 93 -42.44 -4.54 -1.49
C ALA C 93 -41.16 -3.88 -1.98
N PRO C 94 -40.13 -4.64 -2.32
CA PRO C 94 -38.89 -4.04 -2.86
C PRO C 94 -39.05 -3.45 -4.26
N GLU C 95 -40.05 -3.87 -5.02
CA GLU C 95 -40.24 -3.40 -6.39
C GLU C 95 -40.93 -2.03 -6.48
N GLU C 96 -41.19 -1.37 -5.36
CA GLU C 96 -41.80 -0.05 -5.36
C GLU C 96 -41.06 0.91 -4.43
N HIS C 97 -39.77 0.64 -4.19
CA HIS C 97 -38.99 1.45 -3.26
C HIS C 97 -37.52 1.44 -3.68
N PRO C 98 -36.89 2.60 -3.86
CA PRO C 98 -35.45 2.63 -4.08
C PRO C 98 -34.69 2.24 -2.82
N THR C 99 -33.50 1.66 -3.01
CA THR C 99 -32.79 1.00 -1.92
C THR C 99 -31.30 1.33 -2.01
N LEU C 100 -30.85 2.27 -1.18
CA LEU C 100 -29.42 2.54 -1.07
C LEU C 100 -28.77 1.43 -0.26
N LEU C 101 -27.63 0.95 -0.75
CA LEU C 101 -26.85 -0.07 -0.05
C LEU C 101 -25.47 0.46 0.28
N THR C 102 -24.87 -0.11 1.31
CA THR C 102 -23.57 0.32 1.81
C THR C 102 -22.52 -0.71 1.44
N GLU C 103 -21.26 -0.30 1.56
CA GLU C 103 -20.15 -1.15 1.12
C GLU C 103 -18.88 -0.67 1.79
N ALA C 104 -18.01 -1.63 2.12
CA ALA C 104 -16.64 -1.31 2.48
C ALA C 104 -15.84 -0.97 1.22
N PRO C 105 -14.85 -0.09 1.34
CA PRO C 105 -13.95 0.15 0.20
C PRO C 105 -13.00 -1.02 -0.01
N LEU C 106 -12.43 -1.07 -1.22
CA LEU C 106 -11.46 -2.08 -1.69
C LEU C 106 -12.03 -3.51 -1.63
N ASN C 107 -13.34 -3.62 -1.85
CA ASN C 107 -14.14 -4.83 -1.97
C ASN C 107 -13.89 -5.42 -3.36
N PRO C 108 -13.84 -6.75 -3.49
CA PRO C 108 -13.90 -7.36 -4.83
C PRO C 108 -15.13 -6.99 -5.62
N LYS C 109 -14.92 -6.77 -6.92
CA LYS C 109 -15.94 -6.20 -7.79
C LYS C 109 -17.07 -7.17 -8.09
N ALA C 110 -16.79 -8.48 -8.06
CA ALA C 110 -17.80 -9.50 -8.34
C ALA C 110 -18.87 -9.55 -7.26
N ASN C 111 -18.52 -9.15 -6.03
CA ASN C 111 -19.51 -8.94 -4.98
C ASN C 111 -20.52 -7.85 -5.37
N ARG C 112 -20.00 -6.72 -5.89
CA ARG C 112 -20.86 -5.63 -6.34
C ARG C 112 -21.68 -6.03 -7.57
N GLU C 113 -21.08 -6.83 -8.45
CA GLU C 113 -21.77 -7.44 -9.60
C GLU C 113 -22.95 -8.30 -9.17
N LYS C 114 -22.74 -9.18 -8.20
CA LYS C 114 -23.80 -10.10 -7.79
C LYS C 114 -24.88 -9.40 -6.97
N MET C 115 -24.49 -8.40 -6.16
CA MET C 115 -25.49 -7.57 -5.46
C MET C 115 -26.33 -6.76 -6.43
N THR C 116 -25.71 -6.20 -7.48
CA THR C 116 -26.45 -5.46 -8.50
C THR C 116 -27.40 -6.37 -9.28
N GLN C 117 -26.95 -7.59 -9.60
CA GLN C 117 -27.78 -8.54 -10.34
C GLN C 117 -28.94 -9.08 -9.49
N ILE C 118 -28.70 -9.34 -8.20
CA ILE C 118 -29.77 -9.80 -7.31
C ILE C 118 -30.77 -8.68 -7.03
N MET C 119 -30.29 -7.47 -6.75
CA MET C 119 -31.19 -6.35 -6.51
C MET C 119 -31.85 -5.81 -7.78
N PHE C 120 -31.43 -6.22 -8.97
CA PHE C 120 -32.18 -5.86 -10.17
C PHE C 120 -32.96 -6.99 -10.81
N GLU C 121 -32.76 -8.24 -10.41
CA GLU C 121 -33.53 -9.29 -11.06
C GLU C 121 -34.27 -10.20 -10.08
N THR C 122 -33.70 -10.47 -8.90
CA THR C 122 -34.44 -11.25 -7.91
C THR C 122 -35.42 -10.36 -7.15
N PHE C 123 -34.89 -9.41 -6.38
CA PHE C 123 -35.71 -8.38 -5.76
C PHE C 123 -35.62 -7.08 -6.56
N ASN C 124 -36.30 -7.08 -7.71
CA ASN C 124 -36.11 -6.05 -8.73
C ASN C 124 -36.67 -4.67 -8.35
N VAL C 125 -35.80 -3.84 -7.80
CA VAL C 125 -36.13 -2.49 -7.33
C VAL C 125 -36.27 -1.55 -8.51
N PRO C 126 -36.95 -0.40 -8.38
CA PRO C 126 -36.81 0.63 -9.43
C PRO C 126 -35.39 1.20 -9.54
N ALA C 127 -34.68 1.33 -8.42
CA ALA C 127 -33.36 1.96 -8.42
C ALA C 127 -32.59 1.53 -7.18
N MET C 128 -31.27 1.43 -7.33
CA MET C 128 -30.42 1.12 -6.20
C MET C 128 -29.04 1.76 -6.42
N TYR C 129 -28.34 1.98 -5.32
CA TYR C 129 -27.03 2.61 -5.33
C TYR C 129 -26.16 1.94 -4.28
N VAL C 130 -24.86 1.84 -4.57
CA VAL C 130 -23.91 1.20 -3.67
C VAL C 130 -22.97 2.30 -3.19
N ALA C 131 -23.13 2.71 -1.94
CA ALA C 131 -22.37 3.82 -1.39
C ALA C 131 -21.17 3.33 -0.57
N ILE C 132 -20.45 4.28 0.03
CA ILE C 132 -19.31 4.00 0.90
C ILE C 132 -19.69 4.46 2.30
N GLN C 133 -19.39 3.61 3.31
CA GLN C 133 -19.90 3.77 4.67
C GLN C 133 -19.33 5.00 5.36
N ALA C 134 -18.05 5.30 5.10
CA ALA C 134 -17.37 6.40 5.78
C ALA C 134 -17.89 7.76 5.31
N VAL C 135 -18.29 7.84 4.04
CA VAL C 135 -18.93 9.05 3.52
C VAL C 135 -20.27 9.29 4.19
N LEU C 136 -21.02 8.21 4.48
CA LEU C 136 -22.28 8.33 5.22
C LEU C 136 -22.03 8.72 6.68
N SER C 137 -20.95 8.24 7.27
CA SER C 137 -20.61 8.63 8.64
C SER C 137 -20.22 10.10 8.71
N LEU C 138 -19.56 10.61 7.66
CA LEU C 138 -19.27 12.03 7.57
C LEU C 138 -20.53 12.85 7.30
N TYR C 139 -21.51 12.28 6.58
CA TYR C 139 -22.81 12.91 6.42
C TYR C 139 -23.54 13.05 7.75
N ALA C 140 -23.52 11.99 8.57
CA ALA C 140 -24.18 12.03 9.88
C ALA C 140 -23.43 12.92 10.86
N SER C 141 -22.12 13.09 10.67
CA SER C 141 -21.35 14.03 11.48
C SER C 141 -21.75 15.48 11.23
N GLY C 142 -22.28 15.79 10.05
CA GLY C 142 -22.77 17.12 9.74
C GLY C 142 -21.73 18.05 9.14
N ARG C 143 -20.45 17.71 9.28
CA ARG C 143 -19.37 18.51 8.71
C ARG C 143 -19.02 17.99 7.32
N THR C 144 -18.07 18.67 6.67
CA THR C 144 -17.67 18.35 5.30
C THR C 144 -16.27 17.80 5.22
N THR C 145 -15.32 18.40 5.94
CA THR C 145 -13.97 17.86 6.05
C THR C 145 -13.86 16.91 7.23
N GLY C 146 -12.90 16.01 7.15
CA GLY C 146 -12.63 15.07 8.22
C GLY C 146 -12.15 13.74 7.69
N ILE C 147 -11.50 12.99 8.57
CA ILE C 147 -11.11 11.62 8.30
C ILE C 147 -11.99 10.69 9.13
N VAL C 148 -12.52 9.66 8.50
CA VAL C 148 -13.50 8.77 9.12
C VAL C 148 -12.85 7.40 9.31
N LEU C 149 -12.88 6.92 10.55
CA LEU C 149 -12.57 5.54 10.90
C LEU C 149 -13.90 4.84 11.14
N ASP C 150 -14.21 3.86 10.30
CA ASP C 150 -15.41 3.05 10.47
C ASP C 150 -14.98 1.63 10.81
N SER C 151 -15.40 1.14 11.96
CA SER C 151 -15.04 -0.19 12.43
C SER C 151 -16.32 -0.94 12.76
N GLY C 152 -16.64 -1.96 11.97
CA GLY C 152 -17.87 -2.70 12.18
C GLY C 152 -17.69 -4.05 12.82
N ASP C 153 -18.21 -5.09 12.18
CA ASP C 153 -17.97 -6.45 12.65
C ASP C 153 -16.91 -7.17 11.82
N GLY C 154 -16.70 -6.76 10.56
CA GLY C 154 -15.67 -7.37 9.76
C GLY C 154 -14.57 -6.45 9.23
N VAL C 155 -14.88 -5.17 9.00
CA VAL C 155 -13.98 -4.27 8.29
C VAL C 155 -13.78 -3.00 9.11
N THR C 156 -12.51 -2.63 9.32
CA THR C 156 -12.14 -1.32 9.84
C THR C 156 -11.42 -0.56 8.73
N HIS C 157 -12.03 0.53 8.26
CA HIS C 157 -11.48 1.27 7.15
C HIS C 157 -11.43 2.76 7.46
N ASN C 158 -10.38 3.40 6.95
CA ASN C 158 -10.13 4.83 7.14
C ASN C 158 -10.20 5.53 5.80
N VAL C 159 -11.08 6.53 5.71
CA VAL C 159 -11.27 7.34 4.50
C VAL C 159 -11.17 8.82 4.85
N PRO C 160 -10.22 9.57 4.30
CA PRO C 160 -10.17 11.02 4.52
C PRO C 160 -10.79 11.83 3.40
N ILE C 161 -11.57 12.85 3.78
CA ILE C 161 -12.29 13.70 2.84
C ILE C 161 -12.03 15.15 3.23
N TYR C 162 -11.69 15.99 2.26
CA TYR C 162 -11.58 17.43 2.48
C TYR C 162 -12.45 18.15 1.47
N GLU C 163 -13.41 18.95 1.99
CA GLU C 163 -14.38 19.74 1.23
C GLU C 163 -15.20 18.90 0.25
N GLY C 164 -15.58 17.70 0.68
CA GLY C 164 -16.32 16.81 -0.17
C GLY C 164 -15.51 16.07 -1.21
N TYR C 165 -14.18 16.03 -1.06
CA TYR C 165 -13.30 15.36 -2.01
C TYR C 165 -12.55 14.25 -1.28
N ALA C 166 -12.92 13.00 -1.58
CA ALA C 166 -12.18 11.87 -1.05
C ALA C 166 -10.85 11.71 -1.77
N LEU C 167 -9.89 11.11 -1.08
CA LEU C 167 -8.58 10.81 -1.65
C LEU C 167 -8.48 9.29 -1.74
N PRO C 168 -8.69 8.70 -2.93
CA PRO C 168 -8.74 7.22 -3.04
C PRO C 168 -7.41 6.52 -2.80
N HIS C 169 -6.28 7.20 -3.00
CA HIS C 169 -5.00 6.61 -2.67
C HIS C 169 -4.74 6.57 -1.17
N ALA C 170 -5.43 7.40 -0.39
CA ALA C 170 -5.24 7.44 1.05
C ALA C 170 -6.22 6.56 1.82
N ILE C 171 -7.18 5.92 1.14
CA ILE C 171 -8.11 5.02 1.80
C ILE C 171 -7.40 3.74 2.21
N MET C 172 -7.58 3.34 3.48
CA MET C 172 -6.90 2.16 4.00
C MET C 172 -7.92 1.19 4.58
N ARG C 173 -7.71 -0.09 4.33
CA ARG C 173 -8.61 -1.16 4.76
C ARG C 173 -7.86 -2.13 5.66
N LEU C 174 -8.53 -2.54 6.75
CA LEU C 174 -7.99 -3.54 7.65
C LEU C 174 -9.12 -4.52 7.97
N ASP C 175 -8.83 -5.82 7.82
CA ASP C 175 -9.81 -6.86 8.13
C ASP C 175 -9.67 -7.28 9.60
N LEU C 176 -9.97 -6.33 10.48
CA LEU C 176 -9.95 -6.56 11.92
C LEU C 176 -11.03 -5.71 12.55
N ALA C 177 -12.03 -6.37 13.13
CA ALA C 177 -13.16 -5.71 13.75
C ALA C 177 -13.78 -6.69 14.75
N GLY C 178 -15.06 -6.49 15.07
CA GLY C 178 -15.67 -7.10 16.25
C GLY C 178 -15.79 -8.61 16.25
N ARG C 179 -15.85 -9.24 15.07
CA ARG C 179 -15.84 -10.71 15.01
C ARG C 179 -14.48 -11.27 15.40
N ASP C 180 -13.40 -10.60 14.98
CA ASP C 180 -12.06 -10.99 15.38
C ASP C 180 -11.83 -10.75 16.87
N LEU C 181 -12.43 -9.68 17.41
CA LEU C 181 -12.38 -9.43 18.85
C LEU C 181 -13.14 -10.49 19.63
N THR C 182 -14.28 -10.95 19.09
CA THR C 182 -15.06 -12.02 19.70
C THR C 182 -14.29 -13.35 19.70
N ASP C 183 -13.62 -13.66 18.58
CA ASP C 183 -12.84 -14.90 18.50
C ASP C 183 -11.60 -14.86 19.38
N TYR C 184 -10.99 -13.67 19.51
CA TYR C 184 -9.88 -13.50 20.45
C TYR C 184 -10.35 -13.62 21.90
N LEU C 185 -11.56 -13.12 22.20
CA LEU C 185 -12.15 -13.27 23.51
C LEU C 185 -12.45 -14.74 23.82
N MET C 186 -12.84 -15.51 22.80
CA MET C 186 -12.97 -16.97 22.96
C MET C 186 -11.64 -17.63 23.26
N LYS C 187 -10.57 -17.16 22.63
CA LYS C 187 -9.26 -17.75 22.87
C LYS C 187 -8.75 -17.42 24.28
N ILE C 188 -9.08 -16.23 24.79
CA ILE C 188 -8.59 -15.86 26.12
C ILE C 188 -9.55 -16.15 27.28
N LEU C 189 -10.84 -16.42 27.00
CA LEU C 189 -11.74 -16.87 28.07
C LEU C 189 -11.51 -18.32 28.46
N THR C 190 -10.80 -19.09 27.63
CA THR C 190 -10.41 -20.45 28.01
C THR C 190 -9.37 -20.47 29.12
N GLU C 191 -8.66 -19.36 29.36
CA GLU C 191 -7.64 -19.28 30.41
C GLU C 191 -8.25 -19.36 31.80
N ARG C 192 -9.39 -18.69 32.02
CA ARG C 192 -10.00 -18.71 33.34
C ARG C 192 -10.79 -19.97 33.63
N GLY C 193 -11.09 -20.78 32.62
CA GLY C 193 -11.81 -22.04 32.82
C GLY C 193 -13.09 -22.16 32.04
N TYR C 194 -13.54 -21.13 31.33
CA TYR C 194 -14.83 -21.15 30.65
C TYR C 194 -14.61 -21.50 29.19
N SER C 195 -15.25 -22.58 28.74
CA SER C 195 -15.05 -23.11 27.40
C SER C 195 -16.25 -22.76 26.53
N PHE C 196 -15.98 -22.12 25.39
CA PHE C 196 -17.02 -21.77 24.42
C PHE C 196 -16.52 -22.15 23.04
N VAL C 197 -17.16 -23.17 22.42
CA VAL C 197 -16.69 -23.75 21.17
C VAL C 197 -17.72 -23.63 20.06
N THR C 198 -19.01 -23.76 20.36
CA THR C 198 -20.02 -23.76 19.33
C THR C 198 -20.34 -22.34 18.86
N THR C 199 -21.08 -22.25 17.75
CA THR C 199 -21.54 -20.96 17.24
C THR C 199 -22.71 -20.41 18.05
N ALA C 200 -23.38 -21.26 18.84
CA ALA C 200 -24.40 -20.77 19.76
C ALA C 200 -23.78 -19.96 20.89
N GLU C 201 -22.58 -20.36 21.32
CA GLU C 201 -21.86 -19.67 22.38
C GLU C 201 -21.13 -18.42 21.89
N ARG C 202 -21.03 -18.24 20.56
CA ARG C 202 -20.55 -16.98 19.98
C ARG C 202 -21.41 -15.78 20.35
N GLU C 203 -22.72 -15.98 20.46
CA GLU C 203 -23.60 -14.89 20.86
C GLU C 203 -23.41 -14.54 22.34
N ILE C 204 -23.09 -15.54 23.16
CA ILE C 204 -22.80 -15.31 24.57
C ILE C 204 -21.49 -14.55 24.75
N VAL C 205 -20.44 -14.97 24.01
CA VAL C 205 -19.14 -14.29 24.07
C VAL C 205 -19.22 -12.87 23.52
N ARG C 206 -20.02 -12.66 22.46
CA ARG C 206 -20.28 -11.33 21.93
C ARG C 206 -21.05 -10.47 22.93
N ASP C 207 -22.01 -11.06 23.66
CA ASP C 207 -22.75 -10.32 24.66
C ASP C 207 -21.88 -9.94 25.86
N ILE C 208 -20.94 -10.81 26.24
CA ILE C 208 -19.97 -10.52 27.29
C ILE C 208 -19.05 -9.36 26.86
N LYS C 209 -18.61 -9.38 25.60
CA LYS C 209 -17.79 -8.31 25.03
C LYS C 209 -18.53 -6.98 24.96
N GLU C 210 -19.82 -7.01 24.60
CA GLU C 210 -20.62 -5.78 24.54
C GLU C 210 -20.90 -5.22 25.92
N LYS C 211 -21.21 -6.08 26.91
CA LYS C 211 -21.61 -5.56 28.21
C LYS C 211 -20.43 -5.12 29.07
N LEU C 212 -19.37 -5.93 29.15
CA LEU C 212 -18.38 -5.71 30.21
C LEU C 212 -17.08 -5.04 29.76
N CYS C 213 -16.67 -5.20 28.50
CA CYS C 213 -15.34 -4.77 28.09
C CYS C 213 -15.28 -3.24 27.90
N TYR C 214 -14.06 -2.71 28.02
CA TYR C 214 -13.79 -1.28 27.86
C TYR C 214 -12.34 -1.10 27.43
N VAL C 215 -12.05 0.06 26.84
CA VAL C 215 -10.73 0.37 26.30
C VAL C 215 -9.90 1.03 27.40
N ALA C 216 -8.70 0.49 27.63
CA ALA C 216 -7.79 1.04 28.63
C ALA C 216 -7.13 2.31 28.13
N LEU C 217 -6.96 3.28 29.02
CA LEU C 217 -6.22 4.49 28.69
C LEU C 217 -4.73 4.20 28.54
N ASP C 218 -4.16 3.46 29.49
CA ASP C 218 -2.78 2.98 29.41
C ASP C 218 -2.82 1.49 29.68
N PHE C 219 -2.20 0.71 28.78
CA PHE C 219 -2.34 -0.75 28.84
C PHE C 219 -1.56 -1.35 30.01
N GLU C 220 -0.30 -0.94 30.18
CA GLU C 220 0.57 -1.56 31.18
C GLU C 220 0.16 -1.21 32.61
N ASN C 221 -0.32 0.02 32.82
CA ASN C 221 -0.84 0.42 34.13
C ASN C 221 -2.12 -0.34 34.47
N GLU C 222 -2.96 -0.62 33.47
CA GLU C 222 -4.18 -1.39 33.72
C GLU C 222 -3.88 -2.86 33.97
N MET C 223 -2.86 -3.42 33.29
CA MET C 223 -2.41 -4.77 33.59
C MET C 223 -1.83 -4.88 35.00
N ALA C 224 -1.06 -3.86 35.42
CA ALA C 224 -0.53 -3.84 36.79
C ALA C 224 -1.64 -3.68 37.83
N THR C 225 -2.65 -2.87 37.51
CA THR C 225 -3.78 -2.66 38.42
C THR C 225 -4.63 -3.93 38.56
N ALA C 226 -4.87 -4.64 37.45
CA ALA C 226 -5.63 -5.88 37.51
C ALA C 226 -4.83 -7.02 38.13
N ALA C 227 -3.50 -7.02 37.94
CA ALA C 227 -2.66 -8.05 38.54
C ALA C 227 -2.51 -7.84 40.04
N SER C 228 -2.45 -6.59 40.49
CA SER C 228 -2.26 -6.31 41.91
C SER C 228 -3.52 -6.59 42.70
N SER C 229 -4.62 -5.91 42.38
CA SER C 229 -5.87 -6.01 43.11
C SER C 229 -7.00 -6.40 42.18
N SER C 230 -7.97 -7.12 42.73
CA SER C 230 -9.14 -7.56 41.96
C SER C 230 -10.30 -6.58 42.07
N SER C 231 -10.03 -5.30 41.77
CA SER C 231 -11.08 -4.29 41.75
C SER C 231 -11.69 -4.13 40.37
N LEU C 232 -10.93 -4.43 39.32
CA LEU C 232 -11.43 -4.35 37.95
C LEU C 232 -12.20 -5.60 37.53
N GLU C 233 -12.20 -6.64 38.36
CA GLU C 233 -12.95 -7.86 38.04
C GLU C 233 -14.44 -7.61 38.15
N LYS C 234 -15.18 -8.05 37.14
CA LYS C 234 -16.61 -7.85 37.06
C LYS C 234 -17.31 -9.15 36.71
N SER C 235 -18.56 -9.26 37.14
CA SER C 235 -19.31 -10.50 37.06
C SER C 235 -20.37 -10.44 35.95
N TYR C 236 -20.77 -11.62 35.51
CA TYR C 236 -21.79 -11.78 34.47
C TYR C 236 -22.49 -13.11 34.72
N GLU C 237 -23.76 -13.18 34.33
CA GLU C 237 -24.57 -14.38 34.54
C GLU C 237 -24.87 -15.03 33.19
N LEU C 238 -24.50 -16.30 33.07
CA LEU C 238 -24.75 -17.10 31.88
C LEU C 238 -26.22 -17.51 31.80
N PRO C 239 -26.73 -17.86 30.61
CA PRO C 239 -28.12 -18.36 30.52
C PRO C 239 -28.39 -19.68 31.25
N ASP C 240 -27.37 -20.50 31.53
CA ASP C 240 -27.57 -21.70 32.32
C ASP C 240 -27.42 -21.47 33.82
N GLY C 241 -27.34 -20.20 34.26
CA GLY C 241 -27.29 -19.86 35.66
C GLY C 241 -25.90 -19.71 36.26
N GLN C 242 -24.85 -20.10 35.54
CA GLN C 242 -23.50 -19.97 36.05
C GLN C 242 -23.04 -18.52 36.06
N VAL C 243 -22.28 -18.15 37.09
CA VAL C 243 -21.78 -16.80 37.27
C VAL C 243 -20.29 -16.79 36.98
N ILE C 244 -19.87 -15.95 36.02
CA ILE C 244 -18.47 -15.81 35.67
C ILE C 244 -17.97 -14.46 36.15
N THR C 245 -16.66 -14.37 36.38
CA THR C 245 -16.00 -13.12 36.74
C THR C 245 -14.74 -12.98 35.90
N ILE C 246 -14.55 -11.81 35.29
CA ILE C 246 -13.42 -11.57 34.41
C ILE C 246 -12.65 -10.36 34.90
N GLY C 247 -11.33 -10.38 34.68
CA GLY C 247 -10.45 -9.31 35.11
C GLY C 247 -9.81 -8.55 33.97
N ASN C 248 -8.59 -8.96 33.60
CA ASN C 248 -7.82 -8.28 32.55
C ASN C 248 -8.43 -8.44 31.16
N GLU C 249 -9.26 -9.47 30.94
CA GLU C 249 -9.93 -9.70 29.67
C GLU C 249 -10.96 -8.63 29.33
N ARG C 250 -11.35 -7.79 30.29
CA ARG C 250 -12.11 -6.57 30.01
C ARG C 250 -11.36 -5.61 29.10
N PHE C 251 -10.03 -5.54 29.20
CA PHE C 251 -9.28 -4.62 28.36
C PHE C 251 -8.21 -5.28 27.50
N ARG C 252 -7.98 -6.58 27.65
CA ARG C 252 -7.16 -7.29 26.67
C ARG C 252 -7.90 -7.50 25.37
N CYS C 253 -9.23 -7.67 25.43
CA CYS C 253 -10.03 -7.90 24.21
C CYS C 253 -10.11 -6.69 23.28
N PRO C 254 -10.44 -5.45 23.71
CA PRO C 254 -10.44 -4.35 22.73
C PRO C 254 -9.05 -3.83 22.37
N GLU C 255 -7.99 -4.30 23.03
CA GLU C 255 -6.63 -3.84 22.74
C GLU C 255 -6.08 -4.40 21.43
N THR C 256 -6.77 -5.38 20.84
CA THR C 256 -6.37 -5.95 19.55
C THR C 256 -6.53 -4.94 18.41
N LEU C 257 -7.44 -3.97 18.56
CA LEU C 257 -7.58 -2.89 17.58
C LEU C 257 -6.36 -2.00 17.53
N PHE C 258 -5.75 -1.72 18.69
CA PHE C 258 -4.51 -0.96 18.74
C PHE C 258 -3.27 -1.82 18.56
N GLN C 259 -3.35 -3.12 18.87
CA GLN C 259 -2.23 -4.06 18.72
C GLN C 259 -2.71 -5.30 17.98
N PRO C 260 -2.65 -5.30 16.64
CA PRO C 260 -3.16 -6.46 15.86
C PRO C 260 -2.37 -7.76 16.02
N SER C 261 -1.14 -7.70 16.53
CA SER C 261 -0.27 -8.86 16.69
C SER C 261 -0.74 -9.85 17.75
N PHE C 262 -1.76 -9.50 18.55
CA PHE C 262 -2.45 -10.47 19.39
C PHE C 262 -3.10 -11.58 18.57
N ILE C 263 -3.65 -11.26 17.40
CA ILE C 263 -4.31 -12.30 16.62
C ILE C 263 -3.49 -12.67 15.39
N GLY C 264 -2.19 -12.42 15.44
CA GLY C 264 -1.27 -12.84 14.40
C GLY C 264 -1.42 -12.14 13.06
N MET C 265 -1.59 -10.83 13.08
CA MET C 265 -1.63 -10.04 11.85
C MET C 265 -0.48 -9.05 11.83
N GLU C 266 0.14 -8.91 10.66
CA GLU C 266 1.34 -8.10 10.50
C GLU C 266 1.05 -6.60 10.50
N SER C 267 -0.21 -6.21 10.34
CA SER C 267 -0.61 -4.82 10.20
C SER C 267 -0.46 -4.04 11.50
N ALA C 268 -0.42 -2.73 11.37
CA ALA C 268 -0.38 -1.83 12.51
C ALA C 268 -1.80 -1.54 13.00
N GLY C 269 -1.88 -0.83 14.13
CA GLY C 269 -3.16 -0.54 14.76
C GLY C 269 -3.97 0.51 14.02
N ILE C 270 -5.17 0.77 14.55
CA ILE C 270 -6.09 1.72 13.95
C ILE C 270 -5.59 3.16 14.09
N HIS C 271 -4.83 3.46 15.15
CA HIS C 271 -4.25 4.78 15.31
C HIS C 271 -3.13 5.03 14.30
N GLU C 272 -2.30 4.02 14.03
CA GLU C 272 -1.27 4.15 13.01
C GLU C 272 -1.87 4.15 11.61
N THR C 273 -2.98 3.42 11.41
CA THR C 273 -3.72 3.47 10.15
C THR C 273 -4.30 4.86 9.91
N THR C 274 -4.84 5.49 10.96
CA THR C 274 -5.36 6.85 10.88
C THR C 274 -4.25 7.86 10.59
N TYR C 275 -3.10 7.70 11.27
CA TYR C 275 -1.98 8.62 11.08
C TYR C 275 -1.35 8.48 9.69
N ASN C 276 -1.24 7.25 9.18
CA ASN C 276 -0.73 7.03 7.82
C ASN C 276 -1.72 7.50 6.76
N SER C 277 -3.02 7.37 7.03
CA SER C 277 -4.03 7.88 6.11
C SER C 277 -4.05 9.41 6.10
N ILE C 278 -3.73 10.03 7.23
CA ILE C 278 -3.55 11.49 7.27
C ILE C 278 -2.31 11.89 6.49
N MET C 279 -1.18 11.21 6.73
CA MET C 279 0.07 11.56 6.06
C MET C 279 0.13 11.11 4.60
N LYS C 280 -0.80 10.27 4.14
CA LYS C 280 -0.89 10.01 2.71
C LYS C 280 -1.59 11.10 1.94
N CYS C 281 -2.24 12.04 2.64
CA CYS C 281 -2.92 13.15 2.00
C CYS C 281 -1.94 14.26 1.64
N ASP C 282 -2.47 15.28 0.96
CA ASP C 282 -1.72 16.51 0.77
C ASP C 282 -1.61 17.28 2.08
N ILE C 283 -0.63 18.18 2.12
CA ILE C 283 -0.16 18.76 3.38
C ILE C 283 -1.16 19.76 3.97
N ASP C 284 -1.75 20.62 3.12
CA ASP C 284 -2.49 21.79 3.58
C ASP C 284 -3.82 21.44 4.24
N ILE C 285 -4.32 20.23 4.00
CA ILE C 285 -5.57 19.80 4.61
C ILE C 285 -5.36 19.07 5.93
N ARG C 286 -4.10 18.76 6.30
CA ARG C 286 -3.81 17.81 7.38
C ARG C 286 -4.25 18.31 8.75
N LYS C 287 -4.07 19.61 9.00
CA LYS C 287 -4.60 20.27 10.19
C LYS C 287 -6.11 20.15 10.27
N ASP C 288 -6.79 20.31 9.14
CA ASP C 288 -8.24 20.14 9.09
C ASP C 288 -8.64 18.68 9.28
N LEU C 289 -7.72 17.75 9.02
CA LEU C 289 -7.98 16.35 9.37
C LEU C 289 -7.74 16.08 10.85
N TYR C 290 -6.91 16.89 11.51
CA TYR C 290 -6.57 16.57 12.91
C TYR C 290 -7.67 16.95 13.88
N ALA C 291 -8.44 17.99 13.59
CA ALA C 291 -9.50 18.43 14.49
C ALA C 291 -10.84 17.77 14.20
N ASN C 292 -10.91 16.86 13.23
CA ASN C 292 -12.18 16.27 12.80
C ASN C 292 -12.06 14.77 12.64
N ASN C 293 -11.47 14.10 13.63
CA ASN C 293 -11.38 12.63 13.63
C ASN C 293 -12.75 12.05 13.93
N VAL C 294 -13.47 11.65 12.89
CA VAL C 294 -14.80 11.07 13.07
C VAL C 294 -14.66 9.57 13.28
N MET C 295 -15.30 9.06 14.34
CA MET C 295 -15.25 7.65 14.67
C MET C 295 -16.67 7.11 14.66
N SER C 296 -16.89 6.03 13.91
CA SER C 296 -18.21 5.44 13.77
C SER C 296 -18.11 3.93 13.88
N GLY C 297 -19.27 3.30 13.80
CA GLY C 297 -19.33 1.84 13.93
C GLY C 297 -19.51 1.42 15.38
N GLY C 298 -20.03 0.20 15.54
CA GLY C 298 -20.27 -0.32 16.87
C GLY C 298 -19.05 -0.81 17.61
N THR C 299 -17.93 -1.01 16.91
CA THR C 299 -16.70 -1.44 17.56
C THR C 299 -16.07 -0.31 18.37
N THR C 300 -16.29 0.95 17.96
CA THR C 300 -15.78 2.10 18.68
C THR C 300 -16.73 2.58 19.79
N MET C 301 -17.53 1.69 20.37
CA MET C 301 -18.52 2.05 21.38
C MET C 301 -18.10 1.65 22.79
N TYR C 302 -16.86 1.23 22.98
CA TYR C 302 -16.34 1.00 24.33
C TYR C 302 -16.20 2.34 25.05
N PRO C 303 -16.43 2.40 26.37
CA PRO C 303 -16.35 3.69 27.06
C PRO C 303 -14.95 4.08 27.53
N GLY C 304 -13.93 3.88 26.69
CA GLY C 304 -12.60 4.39 26.97
C GLY C 304 -11.82 4.73 25.72
N ILE C 305 -12.49 4.71 24.57
CA ILE C 305 -11.77 4.65 23.30
C ILE C 305 -11.40 6.05 22.77
N ALA C 306 -12.18 7.08 23.12
CA ALA C 306 -11.92 8.42 22.61
C ALA C 306 -10.68 9.05 23.25
N ASP C 307 -10.51 8.85 24.57
CA ASP C 307 -9.34 9.37 25.28
C ASP C 307 -8.06 8.67 24.84
N ARG C 308 -8.11 7.35 24.68
CA ARG C 308 -6.97 6.58 24.16
C ARG C 308 -6.65 6.96 22.73
N MET C 309 -7.68 7.22 21.91
CA MET C 309 -7.49 7.54 20.50
C MET C 309 -6.88 8.93 20.35
N GLN C 310 -7.33 9.88 21.18
CA GLN C 310 -6.75 11.21 21.26
C GLN C 310 -5.31 11.18 21.77
N LYS C 311 -5.03 10.32 22.76
CA LYS C 311 -3.69 10.15 23.30
C LYS C 311 -2.71 9.59 22.27
N GLU C 312 -3.16 8.60 21.49
CA GLU C 312 -2.31 7.99 20.47
C GLU C 312 -2.04 8.94 19.31
N ILE C 313 -3.07 9.69 18.87
CA ILE C 313 -2.85 10.64 17.78
C ILE C 313 -1.99 11.83 18.25
N THR C 314 -2.22 12.29 19.50
CA THR C 314 -1.45 13.38 20.08
C THR C 314 0.02 12.99 20.29
N ALA C 315 0.26 11.71 20.59
CA ALA C 315 1.62 11.18 20.53
C ALA C 315 2.16 11.17 19.10
N LEU C 316 1.31 10.84 18.12
CA LEU C 316 1.80 10.74 16.75
C LEU C 316 1.90 12.09 16.06
N ALA C 317 0.94 12.99 16.27
CA ALA C 317 0.92 14.28 15.60
C ALA C 317 1.93 15.24 16.24
N PRO C 318 2.38 16.26 15.51
CA PRO C 318 3.17 17.33 16.16
C PRO C 318 2.34 18.14 17.13
N SER C 319 3.05 18.73 18.11
CA SER C 319 2.44 19.29 19.32
C SER C 319 1.67 20.58 19.10
N THR C 320 1.76 21.20 17.93
CA THR C 320 1.06 22.46 17.66
C THR C 320 -0.30 22.24 17.00
N MET C 321 -0.94 21.10 17.24
CA MET C 321 -2.23 20.79 16.64
C MET C 321 -3.22 20.34 17.71
N LYS C 322 -4.46 20.80 17.55
CA LYS C 322 -5.54 20.45 18.48
C LYS C 322 -6.22 19.18 17.98
N ILE C 323 -5.86 18.05 18.58
CA ILE C 323 -6.51 16.79 18.25
C ILE C 323 -7.89 16.76 18.89
N LYS C 324 -8.90 16.44 18.09
CA LYS C 324 -10.28 16.42 18.60
C LYS C 324 -10.98 15.21 17.99
N ILE C 325 -11.20 14.19 18.80
CA ILE C 325 -11.91 13.00 18.35
C ILE C 325 -13.40 13.29 18.38
N ILE C 326 -14.04 13.20 17.23
CA ILE C 326 -15.49 13.38 17.13
C ILE C 326 -16.10 12.00 17.34
N ALA C 327 -16.46 11.70 18.58
CA ALA C 327 -17.06 10.44 18.98
C ALA C 327 -18.44 10.77 19.55
N PRO C 328 -19.47 10.77 18.71
CA PRO C 328 -20.83 11.08 19.20
C PRO C 328 -21.37 9.94 20.07
N PRO C 329 -22.30 10.23 20.98
CA PRO C 329 -22.85 9.15 21.84
C PRO C 329 -23.76 8.16 21.11
N GLU C 330 -24.17 8.46 19.89
CA GLU C 330 -25.03 7.60 19.09
C GLU C 330 -24.33 7.31 17.76
N ARG C 331 -23.07 6.87 17.85
CA ARG C 331 -22.26 6.56 16.69
C ARG C 331 -22.45 5.13 16.17
N LYS C 332 -23.33 4.35 16.80
CA LYS C 332 -23.53 2.98 16.35
C LYS C 332 -24.34 2.90 15.06
N TYR C 333 -25.25 3.86 14.84
CA TYR C 333 -26.13 3.84 13.67
C TYR C 333 -25.88 5.01 12.74
N SER C 334 -24.68 5.59 12.77
CA SER C 334 -24.41 6.80 12.00
C SER C 334 -24.33 6.53 10.50
N VAL C 335 -23.94 5.31 10.11
CA VAL C 335 -23.89 4.94 8.68
C VAL C 335 -25.29 4.94 8.09
N TRP C 336 -26.27 4.37 8.82
CA TRP C 336 -27.66 4.40 8.40
C TRP C 336 -28.23 5.81 8.40
N ILE C 337 -27.84 6.63 9.38
CA ILE C 337 -28.37 7.98 9.51
C ILE C 337 -27.88 8.86 8.35
N GLY C 338 -26.58 8.79 8.05
CA GLY C 338 -26.06 9.51 6.89
C GLY C 338 -26.57 8.98 5.56
N GLY C 339 -26.89 7.68 5.50
CA GLY C 339 -27.67 7.17 4.38
C GLY C 339 -29.07 7.77 4.31
N SER C 340 -29.66 8.08 5.46
CA SER C 340 -31.00 8.67 5.47
C SER C 340 -31.00 10.13 5.02
N ILE C 341 -30.00 10.92 5.44
CA ILE C 341 -29.85 12.28 4.88
C ILE C 341 -29.48 12.24 3.40
N LEU C 342 -28.59 11.32 2.98
CA LEU C 342 -28.19 11.24 1.57
C LEU C 342 -29.34 10.77 0.68
N ALA C 343 -30.16 9.84 1.17
CA ALA C 343 -31.35 9.41 0.44
C ALA C 343 -32.41 10.50 0.38
N SER C 344 -32.45 11.39 1.37
CA SER C 344 -33.39 12.51 1.38
C SER C 344 -32.83 13.77 0.73
N LEU C 345 -31.61 13.71 0.20
CA LEU C 345 -31.05 14.86 -0.50
C LEU C 345 -31.70 15.01 -1.87
N SER C 346 -32.05 16.25 -2.21
CA SER C 346 -32.71 16.53 -3.49
C SER C 346 -31.77 16.38 -4.66
N THR C 347 -30.47 16.61 -4.44
CA THR C 347 -29.49 16.48 -5.53
C THR C 347 -29.08 15.03 -5.79
N PHE C 348 -29.41 14.11 -4.88
CA PHE C 348 -29.04 12.70 -5.04
C PHE C 348 -29.96 11.96 -6.01
N GLN C 349 -31.09 12.56 -6.38
CA GLN C 349 -32.11 11.87 -7.17
C GLN C 349 -31.69 11.62 -8.62
N GLN C 350 -30.66 12.30 -9.11
CA GLN C 350 -30.15 12.09 -10.46
C GLN C 350 -29.02 11.08 -10.52
N MET C 351 -28.60 10.52 -9.39
CA MET C 351 -27.41 9.69 -9.32
C MET C 351 -27.78 8.20 -9.14
N TRP C 352 -29.09 7.90 -9.05
CA TRP C 352 -29.57 6.53 -8.94
C TRP C 352 -29.29 5.73 -10.21
N ILE C 353 -29.01 4.44 -10.03
CA ILE C 353 -28.87 3.50 -11.13
C ILE C 353 -30.26 2.91 -11.38
N THR C 354 -30.86 3.25 -12.51
CA THR C 354 -32.23 2.85 -12.78
C THR C 354 -32.28 1.46 -13.39
N LYS C 355 -33.51 0.95 -13.51
CA LYS C 355 -33.75 -0.35 -14.13
C LYS C 355 -33.40 -0.32 -15.62
N GLN C 356 -33.74 0.78 -16.30
CA GLN C 356 -33.51 0.92 -17.73
C GLN C 356 -32.02 0.98 -18.06
N GLU C 357 -31.24 1.67 -17.21
CA GLU C 357 -29.80 1.73 -17.40
C GLU C 357 -29.14 0.38 -17.17
N TYR C 358 -29.66 -0.42 -16.24
CA TYR C 358 -29.21 -1.79 -16.05
C TYR C 358 -29.51 -2.66 -17.27
N ASP C 359 -30.72 -2.52 -17.83
CA ASP C 359 -31.10 -3.30 -19.00
C ASP C 359 -30.31 -2.89 -20.25
N GLU C 360 -29.95 -1.61 -20.36
CA GLU C 360 -29.10 -1.19 -21.48
C GLU C 360 -27.65 -1.64 -21.30
N ALA C 361 -27.08 -1.49 -20.10
CA ALA C 361 -25.64 -1.60 -19.94
C ALA C 361 -25.19 -2.89 -19.26
N GLY C 362 -26.09 -3.85 -19.01
CA GLY C 362 -25.69 -5.06 -18.33
C GLY C 362 -25.51 -4.81 -16.85
N PRO C 363 -24.93 -5.77 -16.12
CA PRO C 363 -24.57 -5.50 -14.72
C PRO C 363 -23.20 -4.89 -14.53
N SER C 364 -22.83 -3.92 -15.37
CA SER C 364 -21.50 -3.33 -15.34
C SER C 364 -21.50 -1.83 -15.13
N ILE C 365 -22.67 -1.18 -15.10
CA ILE C 365 -22.74 0.27 -14.92
C ILE C 365 -22.43 0.66 -13.48
N VAL C 366 -22.52 -0.28 -12.53
CA VAL C 366 -22.23 -0.01 -11.12
C VAL C 366 -20.75 0.26 -10.88
N HIS C 367 -19.87 -0.24 -11.75
CA HIS C 367 -18.48 0.21 -11.71
C HIS C 367 -18.34 1.62 -12.28
N ARG C 368 -19.15 1.96 -13.27
CA ARG C 368 -19.04 3.22 -13.98
C ARG C 368 -19.94 4.31 -13.43
N LYS C 369 -20.72 4.03 -12.39
CA LYS C 369 -21.55 5.05 -11.75
C LYS C 369 -21.18 5.26 -10.29
N CYS C 370 -21.04 4.19 -9.52
CA CYS C 370 -20.67 4.29 -8.12
C CYS C 370 -19.16 4.50 -7.98
N PHE C 371 -18.75 4.81 -6.76
CA PHE C 371 -17.34 5.04 -6.46
C PHE C 371 -16.82 3.85 -5.65
N THR D 1 44.84 -3.53 -8.48
CA THR D 1 43.70 -4.04 -7.74
C THR D 1 42.41 -3.88 -8.52
N THR D 2 41.60 -4.94 -8.55
CA THR D 2 40.29 -4.86 -9.19
C THR D 2 39.34 -4.01 -8.33
N ALA D 3 38.33 -3.47 -8.99
CA ALA D 3 37.37 -2.59 -8.34
C ALA D 3 36.02 -3.28 -8.22
N LEU D 4 35.19 -2.75 -7.33
CA LEU D 4 33.85 -3.26 -7.09
C LEU D 4 32.82 -2.27 -7.62
N VAL D 5 31.76 -2.80 -8.21
CA VAL D 5 30.58 -2.03 -8.57
C VAL D 5 29.43 -2.58 -7.76
N CYS D 6 28.67 -1.71 -7.11
CA CYS D 6 27.56 -2.13 -6.26
C CYS D 6 26.43 -1.12 -6.47
N ASP D 7 25.54 -1.43 -7.41
CA ASP D 7 24.32 -0.65 -7.58
C ASP D 7 23.40 -1.04 -6.43
N ASN D 8 23.37 -0.20 -5.40
CA ASN D 8 22.54 -0.43 -4.21
C ASN D 8 21.20 0.31 -4.33
N GLY D 9 20.41 -0.14 -5.30
CA GLY D 9 19.11 0.44 -5.57
C GLY D 9 18.07 0.11 -4.50
N SER D 10 16.86 0.61 -4.74
CA SER D 10 15.76 0.45 -3.79
C SER D 10 15.31 -1.00 -3.69
N GLY D 11 15.19 -1.67 -4.82
CA GLY D 11 14.78 -3.06 -4.85
C GLY D 11 15.91 -4.06 -4.82
N LEU D 12 16.79 -4.06 -5.82
CA LEU D 12 17.75 -5.15 -5.99
C LEU D 12 19.18 -4.62 -5.92
N VAL D 13 19.96 -5.19 -5.00
CA VAL D 13 21.39 -4.90 -4.94
C VAL D 13 22.08 -5.72 -6.03
N LYS D 14 22.79 -5.04 -6.93
CA LYS D 14 23.55 -5.67 -8.01
C LYS D 14 25.01 -5.35 -7.80
N ALA D 15 25.79 -6.33 -7.36
CA ALA D 15 27.18 -6.10 -7.03
C ALA D 15 28.08 -7.13 -7.72
N GLY D 16 29.29 -6.69 -8.02
CA GLY D 16 30.25 -7.54 -8.72
C GLY D 16 31.55 -6.80 -8.90
N PHE D 17 32.48 -7.45 -9.61
CA PHE D 17 33.81 -6.89 -9.82
C PHE D 17 33.81 -5.94 -11.02
N ALA D 18 35.01 -5.48 -11.37
CA ALA D 18 35.20 -4.63 -12.53
C ALA D 18 35.72 -5.45 -13.71
N GLY D 19 35.31 -5.07 -14.92
CA GLY D 19 35.69 -5.78 -16.11
C GLY D 19 34.87 -7.00 -16.44
N ASP D 20 33.88 -7.34 -15.61
CA ASP D 20 33.03 -8.51 -15.83
C ASP D 20 31.80 -8.15 -16.64
N ASP D 21 31.22 -9.15 -17.29
CA ASP D 21 30.06 -8.92 -18.15
C ASP D 21 28.79 -8.76 -17.34
N ALA D 22 28.52 -9.71 -16.44
CA ALA D 22 27.26 -9.78 -15.72
C ALA D 22 27.48 -9.57 -14.22
N PRO D 23 26.54 -8.91 -13.52
CA PRO D 23 26.68 -8.75 -12.07
C PRO D 23 26.52 -10.07 -11.33
N ARG D 24 27.52 -10.41 -10.53
CA ARG D 24 27.60 -11.74 -9.94
C ARG D 24 26.58 -11.91 -8.81
N ALA D 25 26.42 -10.92 -7.96
CA ALA D 25 25.49 -10.98 -6.84
C ALA D 25 24.33 -10.04 -7.13
N VAL D 26 23.24 -10.60 -7.64
CA VAL D 26 21.99 -9.87 -7.82
C VAL D 26 21.00 -10.46 -6.82
N PHE D 27 20.58 -9.64 -5.85
CA PHE D 27 19.66 -10.16 -4.84
C PHE D 27 18.85 -8.98 -4.30
N PRO D 28 17.58 -9.19 -3.93
CA PRO D 28 16.77 -8.07 -3.44
C PRO D 28 17.19 -7.60 -2.06
N SER D 29 16.97 -6.31 -1.81
CA SER D 29 17.45 -5.63 -0.61
C SER D 29 16.33 -5.57 0.41
N ILE D 30 16.28 -6.58 1.28
CA ILE D 30 15.26 -6.71 2.32
C ILE D 30 15.90 -7.24 3.58
N VAL D 31 15.39 -6.77 4.72
CA VAL D 31 15.78 -7.28 6.03
C VAL D 31 14.55 -7.91 6.66
N GLY D 32 14.63 -9.21 6.94
CA GLY D 32 13.49 -9.97 7.44
C GLY D 32 13.67 -10.32 8.91
N ARG D 33 12.64 -10.00 9.70
CA ARG D 33 12.64 -10.32 11.11
C ARG D 33 11.42 -11.16 11.45
N PRO D 34 11.55 -12.14 12.36
CA PRO D 34 10.40 -12.98 12.70
C PRO D 34 9.36 -12.23 13.52
N ARG D 35 8.10 -12.62 13.33
CA ARG D 35 6.98 -11.98 13.99
C ARG D 35 6.11 -12.95 14.79
N HIS D 36 6.46 -14.23 14.82
CA HIS D 36 5.74 -15.24 15.58
C HIS D 36 6.60 -15.70 16.75
N GLN D 37 6.05 -16.63 17.54
CA GLN D 37 6.73 -17.12 18.73
C GLN D 37 7.41 -18.45 18.41
N GLY D 38 8.73 -18.47 18.57
CA GLY D 38 9.51 -19.67 18.30
C GLY D 38 9.51 -20.65 19.46
N VAL D 39 8.95 -21.84 19.25
CA VAL D 39 8.86 -22.82 20.32
C VAL D 39 10.02 -23.82 20.30
N MET D 40 10.65 -24.05 19.15
CA MET D 40 11.78 -24.96 19.08
C MET D 40 13.05 -24.25 19.54
N VAL D 41 13.92 -25.00 20.21
CA VAL D 41 15.17 -24.49 20.77
C VAL D 41 16.34 -25.24 20.12
N GLY D 42 17.40 -24.50 19.81
CA GLY D 42 18.55 -25.07 19.12
C GLY D 42 18.49 -24.90 17.62
N MET D 43 19.56 -25.40 16.97
CA MET D 43 19.74 -25.45 15.51
C MET D 43 19.67 -24.08 14.83
N GLY D 44 20.16 -23.05 15.52
CA GLY D 44 20.46 -21.76 14.94
C GLY D 44 19.30 -20.91 14.42
N GLN D 45 18.45 -20.42 15.32
CA GLN D 45 17.38 -19.50 14.95
C GLN D 45 17.93 -18.08 14.94
N LYS D 46 18.14 -17.52 13.75
CA LYS D 46 18.65 -16.17 13.62
C LYS D 46 17.53 -15.16 13.81
N ASP D 47 17.89 -13.98 14.30
CA ASP D 47 16.94 -12.90 14.52
C ASP D 47 16.77 -11.97 13.32
N SER D 48 17.57 -12.16 12.26
CA SER D 48 17.50 -11.30 11.09
C SER D 48 17.96 -12.07 9.86
N TYR D 49 17.15 -12.05 8.82
CA TYR D 49 17.47 -12.73 7.56
C TYR D 49 17.59 -11.69 6.45
N VAL D 50 18.71 -11.72 5.74
CA VAL D 50 19.04 -10.74 4.72
C VAL D 50 19.25 -11.47 3.39
N GLY D 51 18.60 -10.96 2.34
CA GLY D 51 18.86 -11.47 1.00
C GLY D 51 17.94 -12.60 0.56
N ASP D 52 18.53 -13.64 -0.06
CA ASP D 52 17.76 -14.76 -0.58
C ASP D 52 17.19 -15.63 0.53
N GLU D 53 17.83 -15.63 1.71
CA GLU D 53 17.30 -16.37 2.85
C GLU D 53 16.00 -15.75 3.35
N ALA D 54 15.89 -14.43 3.30
CA ALA D 54 14.63 -13.77 3.61
C ALA D 54 13.56 -14.04 2.56
N GLN D 55 13.97 -14.26 1.32
CA GLN D 55 13.02 -14.60 0.26
C GLN D 55 12.51 -16.03 0.41
N SER D 56 13.40 -16.96 0.76
CA SER D 56 13.01 -18.36 0.89
C SER D 56 12.15 -18.58 2.13
N LYS D 57 12.46 -17.90 3.23
CA LYS D 57 11.78 -18.10 4.50
C LYS D 57 10.73 -17.03 4.77
N ARG D 58 10.15 -16.42 3.73
CA ARG D 58 9.32 -15.22 3.89
C ARG D 58 7.97 -15.48 4.54
N GLY D 59 7.55 -16.73 4.69
CA GLY D 59 6.26 -17.00 5.30
C GLY D 59 6.17 -16.87 6.81
N ILE D 60 7.26 -16.51 7.48
CA ILE D 60 7.26 -16.26 8.92
C ILE D 60 7.95 -14.95 9.25
N LEU D 61 8.15 -14.10 8.23
CA LEU D 61 8.98 -12.91 8.40
C LEU D 61 8.22 -11.65 8.01
N THR D 62 8.55 -10.57 8.71
CA THR D 62 8.25 -9.21 8.28
C THR D 62 9.48 -8.69 7.53
N LEU D 63 9.30 -8.33 6.27
CA LEU D 63 10.38 -7.84 5.43
C LEU D 63 10.32 -6.31 5.39
N LYS D 64 11.46 -5.67 5.64
CA LYS D 64 11.58 -4.23 5.59
C LYS D 64 12.56 -3.86 4.47
N TYR D 65 12.14 -2.91 3.64
CA TYR D 65 13.01 -2.35 2.62
C TYR D 65 13.75 -1.17 3.23
N PRO D 66 15.08 -1.20 3.35
CA PRO D 66 15.80 -0.08 3.97
C PRO D 66 15.86 1.17 3.11
N ILE D 67 15.64 1.06 1.80
CA ILE D 67 15.72 2.19 0.89
C ILE D 67 14.32 2.49 0.36
N GLU D 68 13.90 3.74 0.50
CA GLU D 68 12.60 4.19 0.00
C GLU D 68 12.77 5.45 -0.84
N HIC D 69 12.50 5.30 -2.14
CA HIC D 69 12.66 6.32 -3.18
C HIC D 69 14.08 6.87 -3.26
O HIC D 69 14.35 8.07 -3.40
CB HIC D 69 11.74 7.55 -3.07
CG HIC D 69 10.38 7.29 -2.57
ND1 HIC D 69 9.95 7.56 -1.27
CD2 HIC D 69 9.32 6.73 -3.31
CE1 HIC D 69 8.65 7.18 -1.22
NE2 HIC D 69 8.22 6.66 -2.45
CZ HIC D 69 6.93 6.17 -2.76
N GLY D 70 15.04 5.96 -3.12
CA GLY D 70 16.45 6.31 -3.21
C GLY D 70 17.09 6.86 -1.95
N ILE D 71 16.27 7.14 -0.94
CA ILE D 71 16.72 7.71 0.32
C ILE D 71 16.70 6.61 1.37
N ILE D 72 17.85 6.34 1.98
CA ILE D 72 17.96 5.28 2.97
C ILE D 72 17.37 5.80 4.28
N THR D 73 16.27 5.17 4.72
CA THR D 73 15.60 5.57 5.95
C THR D 73 16.22 4.87 7.17
N ASN D 74 16.21 3.54 7.17
CA ASN D 74 16.80 2.76 8.24
C ASN D 74 18.24 2.46 7.89
N TRP D 75 19.17 2.87 8.76
CA TRP D 75 20.59 2.79 8.44
C TRP D 75 21.28 1.56 9.00
N ASP D 76 20.78 0.99 10.10
CA ASP D 76 21.32 -0.28 10.58
C ASP D 76 20.95 -1.43 9.64
N ASP D 77 19.76 -1.35 9.05
CA ASP D 77 19.35 -2.30 8.02
C ASP D 77 20.23 -2.20 6.77
N MET D 78 20.58 -0.97 6.37
CA MET D 78 21.45 -0.78 5.22
C MET D 78 22.89 -1.18 5.53
N GLU D 79 23.31 -1.04 6.80
CA GLU D 79 24.58 -1.57 7.27
C GLU D 79 24.63 -3.09 7.14
N LYS D 80 23.53 -3.75 7.52
CA LYS D 80 23.44 -5.21 7.37
C LYS D 80 23.37 -5.63 5.90
N ILE D 81 22.75 -4.81 5.05
CA ILE D 81 22.69 -5.06 3.60
C ILE D 81 24.09 -4.99 2.99
N TRP D 82 24.86 -3.95 3.34
CA TRP D 82 26.25 -3.84 2.88
C TRP D 82 27.14 -4.93 3.43
N HIS D 83 26.91 -5.33 4.70
CA HIS D 83 27.65 -6.42 5.33
C HIS D 83 27.39 -7.75 4.62
N HIS D 84 26.12 -7.99 4.24
CA HIS D 84 25.77 -9.21 3.52
C HIS D 84 26.33 -9.20 2.09
N THR D 85 26.27 -8.05 1.41
CA THR D 85 26.74 -8.01 0.02
C THR D 85 28.27 -7.99 -0.08
N PHE D 86 28.98 -7.62 0.99
CA PHE D 86 30.43 -7.73 0.96
C PHE D 86 30.90 -9.08 1.49
N TYR D 87 30.49 -9.45 2.71
CA TYR D 87 31.10 -10.59 3.37
C TYR D 87 30.50 -11.93 2.91
N ASN D 88 29.21 -11.95 2.60
CA ASN D 88 28.53 -13.21 2.33
C ASN D 88 28.27 -13.48 0.85
N GLU D 89 28.03 -12.45 0.04
CA GLU D 89 27.74 -12.67 -1.38
C GLU D 89 29.02 -12.70 -2.21
N LEU D 90 29.78 -11.61 -2.21
CA LEU D 90 31.00 -11.57 -3.01
C LEU D 90 32.15 -12.29 -2.33
N ARG D 91 32.09 -12.41 -0.99
CA ARG D 91 33.12 -12.98 -0.11
C ARG D 91 34.46 -12.26 -0.28
N VAL D 92 34.42 -10.95 -0.06
CA VAL D 92 35.57 -10.09 -0.31
C VAL D 92 35.83 -9.24 0.93
N ALA D 93 37.06 -8.73 1.00
CA ALA D 93 37.43 -7.76 2.03
C ALA D 93 37.29 -6.36 1.44
N PRO D 94 36.42 -5.51 1.98
CA PRO D 94 36.30 -4.13 1.45
C PRO D 94 37.49 -3.23 1.79
N GLU D 95 38.38 -3.65 2.69
CA GLU D 95 39.56 -2.87 3.06
C GLU D 95 40.66 -2.91 2.01
N GLU D 96 40.54 -3.73 0.98
CA GLU D 96 41.55 -3.85 -0.06
C GLU D 96 40.94 -3.74 -1.45
N HIS D 97 39.73 -3.16 -1.55
CA HIS D 97 39.03 -3.08 -2.81
C HIS D 97 38.32 -1.74 -2.96
N PRO D 98 38.55 -1.02 -4.06
CA PRO D 98 37.76 0.20 -4.32
C PRO D 98 36.32 -0.15 -4.68
N THR D 99 35.44 0.84 -4.52
CA THR D 99 34.01 0.57 -4.61
C THR D 99 33.32 1.78 -5.25
N LEU D 100 32.51 1.52 -6.28
CA LEU D 100 31.70 2.54 -6.94
C LEU D 100 30.25 2.29 -6.57
N LEU D 101 29.65 3.24 -5.86
CA LEU D 101 28.23 3.19 -5.52
C LEU D 101 27.44 4.06 -6.48
N THR D 102 26.16 3.75 -6.60
CA THR D 102 25.26 4.48 -7.48
C THR D 102 24.32 5.34 -6.65
N GLU D 103 23.85 6.43 -7.24
CA GLU D 103 22.95 7.32 -6.53
C GLU D 103 22.04 8.02 -7.52
N ALA D 104 20.79 8.20 -7.15
CA ALA D 104 19.86 8.99 -7.92
C ALA D 104 20.17 10.48 -7.74
N PRO D 105 19.91 11.30 -8.76
CA PRO D 105 20.06 12.75 -8.59
C PRO D 105 18.93 13.32 -7.75
N LEU D 106 19.18 14.56 -7.27
CA LEU D 106 18.27 15.34 -6.41
C LEU D 106 17.90 14.61 -5.12
N ASN D 107 18.87 13.93 -4.55
CA ASN D 107 18.89 13.20 -3.29
C ASN D 107 19.19 14.22 -2.19
N PRO D 108 18.65 14.06 -0.97
CA PRO D 108 19.16 14.85 0.16
C PRO D 108 20.63 14.61 0.47
N LYS D 109 21.30 15.69 0.89
CA LYS D 109 22.75 15.67 1.01
C LYS D 109 23.22 14.87 2.21
N ALA D 110 22.43 14.85 3.29
CA ALA D 110 22.80 14.10 4.50
C ALA D 110 22.76 12.60 4.27
N ASN D 111 21.96 12.14 3.31
CA ASN D 111 22.00 10.76 2.85
C ASN D 111 23.36 10.41 2.26
N ARG D 112 23.90 11.30 1.42
CA ARG D 112 25.24 11.13 0.87
C ARG D 112 26.33 11.23 1.94
N GLU D 113 26.11 12.12 2.92
CA GLU D 113 26.99 12.26 4.09
C GLU D 113 27.08 10.95 4.88
N LYS D 114 25.93 10.32 5.10
CA LYS D 114 25.91 9.10 5.90
C LYS D 114 26.43 7.91 5.09
N MET D 115 26.19 7.88 3.77
CA MET D 115 26.83 6.88 2.90
C MET D 115 28.35 6.97 2.94
N THR D 116 28.88 8.19 2.86
CA THR D 116 30.33 8.41 2.94
C THR D 116 30.89 8.02 4.31
N GLN D 117 30.19 8.38 5.39
CA GLN D 117 30.72 8.15 6.73
C GLN D 117 30.66 6.67 7.14
N ILE D 118 29.53 6.01 6.88
CA ILE D 118 29.42 4.57 7.15
C ILE D 118 30.31 3.76 6.22
N MET D 119 30.44 4.19 4.95
CA MET D 119 31.25 3.43 4.00
C MET D 119 32.75 3.61 4.27
N PHE D 120 33.14 4.74 4.87
CA PHE D 120 34.53 4.99 5.24
C PHE D 120 34.88 4.67 6.68
N GLU D 121 33.91 4.33 7.55
CA GLU D 121 34.23 4.06 8.94
C GLU D 121 33.73 2.73 9.49
N THR D 122 32.85 2.03 8.78
CA THR D 122 32.49 0.66 9.12
C THR D 122 33.12 -0.34 8.18
N PHE D 123 33.03 -0.08 6.88
CA PHE D 123 33.59 -0.91 5.83
C PHE D 123 34.72 -0.15 5.15
N ASN D 124 35.67 0.38 5.94
CA ASN D 124 36.68 1.36 5.51
C ASN D 124 37.56 0.88 4.34
N VAL D 125 37.49 1.63 3.24
CA VAL D 125 38.05 1.27 1.94
C VAL D 125 39.36 2.00 1.71
N PRO D 126 40.18 1.60 0.73
CA PRO D 126 41.17 2.55 0.22
C PRO D 126 40.54 3.70 -0.54
N ALA D 127 39.49 3.43 -1.32
CA ALA D 127 38.86 4.45 -2.15
C ALA D 127 37.42 4.06 -2.44
N MET D 128 36.60 5.07 -2.69
CA MET D 128 35.18 4.85 -2.99
C MET D 128 34.68 6.07 -3.78
N TYR D 129 33.75 5.82 -4.69
CA TYR D 129 33.14 6.89 -5.47
C TYR D 129 31.62 6.74 -5.46
N VAL D 130 30.93 7.86 -5.59
CA VAL D 130 29.47 7.89 -5.71
C VAL D 130 29.13 8.51 -7.07
N ALA D 131 28.48 7.74 -7.93
CA ALA D 131 28.20 8.15 -9.30
C ALA D 131 26.70 8.30 -9.53
N ILE D 132 26.38 8.97 -10.63
CA ILE D 132 25.00 9.07 -11.11
C ILE D 132 24.71 7.87 -12.00
N GLN D 133 23.51 7.29 -11.85
CA GLN D 133 23.18 6.04 -12.52
C GLN D 133 22.98 6.23 -14.02
N ALA D 134 22.49 7.40 -14.44
CA ALA D 134 22.22 7.67 -15.85
C ALA D 134 23.52 7.81 -16.65
N VAL D 135 24.57 8.34 -16.02
CA VAL D 135 25.89 8.43 -16.64
C VAL D 135 26.47 7.04 -16.86
N LEU D 136 26.25 6.12 -15.91
CA LEU D 136 26.68 4.73 -16.08
C LEU D 136 25.86 4.02 -17.14
N SER D 137 24.58 4.37 -17.27
CA SER D 137 23.76 3.77 -18.32
C SER D 137 24.20 4.25 -19.70
N LEU D 138 24.65 5.50 -19.80
CA LEU D 138 25.22 6.00 -21.05
C LEU D 138 26.59 5.37 -21.34
N TYR D 139 27.36 5.06 -20.29
CA TYR D 139 28.58 4.25 -20.44
C TYR D 139 28.27 2.86 -20.99
N ALA D 140 27.19 2.23 -20.51
CA ALA D 140 26.80 0.92 -21.02
C ALA D 140 26.29 1.00 -22.45
N SER D 141 25.64 2.10 -22.82
CA SER D 141 25.12 2.25 -24.18
C SER D 141 26.22 2.43 -25.23
N GLY D 142 27.42 2.82 -24.80
CA GLY D 142 28.54 2.92 -25.72
C GLY D 142 28.54 4.19 -26.55
N ARG D 143 27.78 5.19 -26.15
CA ARG D 143 27.70 6.45 -26.87
C ARG D 143 27.94 7.59 -25.89
N THR D 144 28.32 8.74 -26.45
CA THR D 144 28.68 9.91 -25.64
C THR D 144 27.46 10.79 -25.35
N THR D 145 26.59 10.99 -26.34
CA THR D 145 25.42 11.83 -26.18
C THR D 145 24.15 10.99 -26.07
N GLY D 146 23.14 11.58 -25.46
CA GLY D 146 21.84 10.94 -25.29
C GLY D 146 21.15 11.41 -24.05
N ILE D 147 19.84 11.22 -24.02
CA ILE D 147 19.04 11.40 -22.82
C ILE D 147 18.78 10.02 -22.22
N VAL D 148 19.03 9.89 -20.93
CA VAL D 148 18.85 8.63 -20.23
C VAL D 148 17.65 8.75 -19.29
N LEU D 149 16.69 7.84 -19.46
CA LEU D 149 15.60 7.61 -18.52
C LEU D 149 15.99 6.36 -17.74
N ASP D 150 16.29 6.53 -16.46
CA ASP D 150 16.51 5.40 -15.58
C ASP D 150 15.27 5.23 -14.70
N SER D 151 14.89 3.98 -14.48
CA SER D 151 13.72 3.69 -13.64
C SER D 151 14.03 2.40 -12.88
N GLY D 152 14.42 2.56 -11.62
CA GLY D 152 14.70 1.40 -10.80
C GLY D 152 13.45 0.91 -10.09
N ASP D 153 13.55 0.74 -8.77
CA ASP D 153 12.40 0.37 -7.97
C ASP D 153 11.82 1.55 -7.20
N GLY D 154 12.58 2.60 -6.97
CA GLY D 154 12.05 3.77 -6.31
C GLY D 154 12.07 5.07 -7.09
N VAL D 155 13.03 5.25 -7.99
CA VAL D 155 13.28 6.54 -8.64
C VAL D 155 13.27 6.36 -10.15
N THR D 156 12.49 7.21 -10.84
CA THR D 156 12.59 7.37 -12.29
C THR D 156 13.15 8.76 -12.56
N HIS D 157 14.38 8.81 -13.06
CA HIS D 157 15.05 10.09 -13.28
C HIS D 157 15.54 10.20 -14.72
N ASN D 158 15.45 11.42 -15.25
CA ASN D 158 15.84 11.76 -16.60
C ASN D 158 17.03 12.71 -16.58
N VAL D 159 18.12 12.32 -17.24
CA VAL D 159 19.34 13.12 -17.35
C VAL D 159 19.79 13.18 -18.81
N PRO D 160 19.86 14.37 -19.41
CA PRO D 160 20.42 14.49 -20.77
C PRO D 160 21.87 14.95 -20.81
N ILE D 161 22.67 14.29 -21.66
CA ILE D 161 24.11 14.55 -21.79
C ILE D 161 24.42 14.74 -23.26
N TYR D 162 25.21 15.78 -23.60
CA TYR D 162 25.66 15.98 -24.98
C TYR D 162 27.16 16.22 -24.98
N GLU D 163 27.90 15.35 -25.69
CA GLU D 163 29.37 15.39 -25.87
C GLU D 163 30.11 15.41 -24.53
N GLY D 164 29.61 14.63 -23.58
CA GLY D 164 30.20 14.58 -22.27
C GLY D 164 29.67 15.58 -21.27
N TYR D 165 28.70 16.40 -21.62
CA TYR D 165 28.26 17.49 -20.76
C TYR D 165 26.83 17.26 -20.31
N ALA D 166 26.65 16.95 -19.04
CA ALA D 166 25.32 16.86 -18.45
C ALA D 166 24.81 18.25 -18.13
N LEU D 167 23.52 18.47 -18.41
CA LEU D 167 22.89 19.74 -18.09
C LEU D 167 22.16 19.59 -16.76
N PRO D 168 22.63 20.23 -15.69
CA PRO D 168 22.03 19.98 -14.36
C PRO D 168 20.66 20.59 -14.18
N HIS D 169 20.33 21.67 -14.90
CA HIS D 169 19.01 22.27 -14.77
C HIS D 169 17.94 21.48 -15.52
N ALA D 170 18.32 20.57 -16.41
CA ALA D 170 17.39 19.75 -17.14
C ALA D 170 17.17 18.37 -16.52
N ILE D 171 17.86 18.06 -15.41
CA ILE D 171 17.69 16.79 -14.74
C ILE D 171 16.37 16.79 -13.98
N MET D 172 15.56 15.75 -14.18
CA MET D 172 14.28 15.66 -13.47
C MET D 172 14.17 14.33 -12.71
N ARG D 173 13.53 14.41 -11.55
CA ARG D 173 13.31 13.27 -10.66
C ARG D 173 11.82 13.06 -10.47
N LEU D 174 11.39 11.81 -10.58
CA LEU D 174 10.01 11.42 -10.29
C LEU D 174 10.07 10.20 -9.38
N ASP D 175 9.42 10.29 -8.22
CA ASP D 175 9.39 9.20 -7.25
C ASP D 175 8.24 8.24 -7.60
N LEU D 176 8.40 7.55 -8.73
CA LEU D 176 7.42 6.59 -9.21
C LEU D 176 8.15 5.54 -10.03
N ALA D 177 8.15 4.32 -9.52
CA ALA D 177 8.84 3.19 -10.17
C ALA D 177 8.18 1.91 -9.67
N GLY D 178 8.92 0.80 -9.74
CA GLY D 178 8.34 -0.53 -9.62
C GLY D 178 7.74 -0.88 -8.26
N ARG D 179 8.17 -0.21 -7.19
CA ARG D 179 7.55 -0.42 -5.89
C ARG D 179 6.15 0.18 -5.85
N ASP D 180 5.98 1.37 -6.43
CA ASP D 180 4.66 1.98 -6.54
C ASP D 180 3.76 1.22 -7.50
N LEU D 181 4.35 0.64 -8.56
CA LEU D 181 3.62 -0.26 -9.44
C LEU D 181 3.18 -1.52 -8.71
N THR D 182 4.04 -2.05 -7.84
CA THR D 182 3.71 -3.23 -7.03
C THR D 182 2.59 -2.93 -6.04
N ASP D 183 2.64 -1.76 -5.39
CA ASP D 183 1.59 -1.35 -4.45
C ASP D 183 0.27 -1.07 -5.16
N TYR D 184 0.32 -0.49 -6.36
CA TYR D 184 -0.89 -0.30 -7.16
C TYR D 184 -1.46 -1.63 -7.65
N LEU D 185 -0.58 -2.60 -7.95
CA LEU D 185 -1.05 -3.93 -8.35
C LEU D 185 -1.67 -4.67 -7.17
N MET D 186 -1.13 -4.47 -5.95
CA MET D 186 -1.77 -4.96 -4.73
C MET D 186 -3.13 -4.31 -4.51
N LYS D 187 -3.27 -3.04 -4.89
CA LYS D 187 -4.57 -2.38 -4.78
C LYS D 187 -5.56 -2.93 -5.80
N ILE D 188 -5.13 -3.20 -7.04
CA ILE D 188 -6.08 -3.57 -8.09
C ILE D 188 -6.28 -5.08 -8.25
N LEU D 189 -5.42 -5.91 -7.67
CA LEU D 189 -5.71 -7.35 -7.60
C LEU D 189 -6.81 -7.68 -6.60
N THR D 190 -7.12 -6.76 -5.68
CA THR D 190 -8.27 -6.93 -4.79
C THR D 190 -9.60 -6.87 -5.52
N GLU D 191 -9.65 -6.27 -6.72
CA GLU D 191 -10.88 -6.24 -7.51
C GLU D 191 -11.29 -7.63 -7.97
N ARG D 192 -10.33 -8.46 -8.39
CA ARG D 192 -10.63 -9.81 -8.87
C ARG D 192 -10.87 -10.80 -7.75
N GLY D 193 -10.67 -10.43 -6.49
CA GLY D 193 -10.93 -11.28 -5.36
C GLY D 193 -9.70 -11.71 -4.59
N TYR D 194 -8.51 -11.50 -5.14
CA TYR D 194 -7.29 -11.98 -4.53
C TYR D 194 -6.78 -10.93 -3.55
N SER D 195 -6.67 -11.30 -2.28
CA SER D 195 -6.28 -10.37 -1.22
C SER D 195 -4.82 -10.58 -0.85
N PHE D 196 -4.05 -9.50 -0.85
CA PHE D 196 -2.65 -9.53 -0.48
C PHE D 196 -2.39 -8.36 0.44
N VAL D 197 -2.02 -8.63 1.70
CA VAL D 197 -1.88 -7.56 2.68
C VAL D 197 -0.50 -7.55 3.34
N THR D 198 0.18 -8.70 3.38
CA THR D 198 1.43 -8.77 4.13
C THR D 198 2.62 -8.36 3.27
N THR D 199 3.76 -8.21 3.92
CA THR D 199 5.01 -7.88 3.21
C THR D 199 5.53 -9.06 2.41
N ALA D 200 5.21 -10.29 2.82
CA ALA D 200 5.59 -11.47 2.05
C ALA D 200 4.79 -11.58 0.76
N GLU D 201 3.53 -11.11 0.78
CA GLU D 201 2.68 -11.16 -0.39
C GLU D 201 3.04 -10.09 -1.42
N ARG D 202 3.78 -9.06 -0.99
CA ARG D 202 4.36 -8.07 -1.92
C ARG D 202 5.33 -8.72 -2.89
N GLU D 203 6.08 -9.73 -2.43
CA GLU D 203 7.02 -10.44 -3.29
C GLU D 203 6.28 -11.28 -4.32
N ILE D 204 5.12 -11.85 -3.95
CA ILE D 204 4.32 -12.64 -4.88
C ILE D 204 3.67 -11.74 -5.93
N VAL D 205 3.16 -10.57 -5.51
CA VAL D 205 2.64 -9.57 -6.45
C VAL D 205 3.74 -9.02 -7.36
N ARG D 206 4.95 -8.87 -6.83
CA ARG D 206 6.12 -8.48 -7.64
C ARG D 206 6.49 -9.55 -8.66
N ASP D 207 6.39 -10.83 -8.26
CA ASP D 207 6.65 -11.91 -9.21
C ASP D 207 5.58 -11.98 -10.30
N ILE D 208 4.32 -11.69 -9.94
CA ILE D 208 3.23 -11.58 -10.92
C ILE D 208 3.50 -10.46 -11.91
N LYS D 209 3.95 -9.30 -11.40
CA LYS D 209 4.27 -8.14 -12.22
C LYS D 209 5.48 -8.40 -13.14
N GLU D 210 6.49 -9.11 -12.63
CA GLU D 210 7.65 -9.43 -13.44
C GLU D 210 7.33 -10.47 -14.51
N LYS D 211 6.45 -11.43 -14.20
CA LYS D 211 6.22 -12.53 -15.11
C LYS D 211 5.14 -12.27 -16.15
N LEU D 212 4.10 -11.51 -15.82
CA LEU D 212 2.93 -11.44 -16.69
C LEU D 212 2.68 -10.07 -17.30
N CYS D 213 3.06 -8.98 -16.64
CA CYS D 213 2.67 -7.64 -17.06
C CYS D 213 3.45 -7.19 -18.30
N TYR D 214 2.80 -6.30 -19.08
CA TYR D 214 3.39 -5.76 -20.30
C TYR D 214 2.81 -4.38 -20.54
N VAL D 215 3.57 -3.55 -21.26
CA VAL D 215 3.16 -2.17 -21.56
C VAL D 215 2.32 -2.18 -22.83
N ALA D 216 1.11 -1.63 -22.73
CA ALA D 216 0.22 -1.55 -23.88
C ALA D 216 0.71 -0.49 -24.88
N LEU D 217 0.53 -0.79 -26.17
CA LEU D 217 0.86 0.19 -27.20
C LEU D 217 -0.21 1.27 -27.28
N ASP D 218 -1.48 0.90 -27.11
CA ASP D 218 -2.58 1.85 -27.01
C ASP D 218 -3.46 1.40 -25.87
N PHE D 219 -3.67 2.28 -24.89
CA PHE D 219 -4.32 1.87 -23.64
C PHE D 219 -5.81 1.63 -23.82
N GLU D 220 -6.51 2.53 -24.52
CA GLU D 220 -7.96 2.45 -24.64
C GLU D 220 -8.40 1.27 -25.51
N ASN D 221 -7.65 0.99 -26.58
CA ASN D 221 -7.92 -0.18 -27.42
C ASN D 221 -7.66 -1.48 -26.66
N GLU D 222 -6.65 -1.48 -25.78
CA GLU D 222 -6.36 -2.67 -24.99
C GLU D 222 -7.41 -2.90 -23.91
N MET D 223 -7.93 -1.81 -23.31
CA MET D 223 -9.06 -1.92 -22.38
C MET D 223 -10.32 -2.43 -23.09
N ALA D 224 -10.58 -1.94 -24.31
CA ALA D 224 -11.72 -2.43 -25.08
C ALA D 224 -11.56 -3.89 -25.49
N THR D 225 -10.33 -4.30 -25.83
CA THR D 225 -10.07 -5.69 -26.21
C THR D 225 -10.20 -6.63 -25.01
N ALA D 226 -9.70 -6.21 -23.84
CA ALA D 226 -9.82 -7.03 -22.64
C ALA D 226 -11.25 -7.05 -22.12
N ALA D 227 -12.02 -5.97 -22.30
CA ALA D 227 -13.42 -5.97 -21.92
C ALA D 227 -14.27 -6.82 -22.85
N SER D 228 -13.90 -6.86 -24.14
CA SER D 228 -14.68 -7.61 -25.12
C SER D 228 -14.47 -9.11 -24.97
N SER D 229 -13.22 -9.56 -25.12
CA SER D 229 -12.90 -10.98 -25.12
C SER D 229 -11.77 -11.26 -24.13
N SER D 230 -11.75 -12.48 -23.62
CA SER D 230 -10.72 -12.90 -22.65
C SER D 230 -9.54 -13.57 -23.35
N SER D 231 -8.97 -12.89 -24.34
CA SER D 231 -7.76 -13.37 -24.99
C SER D 231 -6.49 -12.85 -24.33
N LEU D 232 -6.59 -11.69 -23.67
CA LEU D 232 -5.45 -11.10 -22.98
C LEU D 232 -5.28 -11.63 -21.57
N GLU D 233 -6.24 -12.42 -21.08
CA GLU D 233 -6.15 -13.00 -19.74
C GLU D 233 -5.08 -14.08 -19.70
N LYS D 234 -4.33 -14.12 -18.59
CA LYS D 234 -3.26 -15.09 -18.42
C LYS D 234 -3.27 -15.60 -16.99
N SER D 235 -2.77 -16.83 -16.81
CA SER D 235 -2.85 -17.52 -15.53
C SER D 235 -1.48 -17.63 -14.88
N TYR D 236 -1.49 -17.76 -13.56
CA TYR D 236 -0.29 -17.83 -12.75
C TYR D 236 -0.58 -18.77 -11.57
N GLU D 237 0.47 -19.44 -11.08
CA GLU D 237 0.33 -20.41 -10.01
C GLU D 237 0.97 -19.85 -8.74
N LEU D 238 0.18 -19.76 -7.67
CA LEU D 238 0.64 -19.30 -6.37
C LEU D 238 1.40 -20.42 -5.65
N PRO D 239 2.23 -20.08 -4.65
CA PRO D 239 2.89 -21.14 -3.85
C PRO D 239 1.95 -22.02 -3.02
N ASP D 240 0.71 -21.60 -2.74
CA ASP D 240 -0.22 -22.50 -2.05
C ASP D 240 -1.01 -23.40 -3.01
N GLY D 241 -0.73 -23.35 -4.31
CA GLY D 241 -1.38 -24.19 -5.28
C GLY D 241 -2.56 -23.57 -5.99
N GLN D 242 -3.06 -22.42 -5.52
CA GLN D 242 -4.17 -21.76 -6.17
C GLN D 242 -3.71 -21.12 -7.49
N VAL D 243 -4.57 -21.21 -8.50
CA VAL D 243 -4.28 -20.69 -9.83
C VAL D 243 -5.11 -19.44 -10.05
N ILE D 244 -4.43 -18.32 -10.27
CA ILE D 244 -5.11 -17.06 -10.57
C ILE D 244 -5.08 -16.82 -12.07
N THR D 245 -6.01 -15.98 -12.54
CA THR D 245 -6.06 -15.56 -13.94
C THR D 245 -6.41 -14.09 -13.96
N ILE D 246 -5.54 -13.28 -14.57
CA ILE D 246 -5.69 -11.83 -14.57
C ILE D 246 -5.87 -11.34 -16.00
N GLY D 247 -6.53 -10.19 -16.12
CA GLY D 247 -6.86 -9.61 -17.41
C GLY D 247 -6.21 -8.27 -17.67
N ASN D 248 -6.97 -7.18 -17.49
CA ASN D 248 -6.50 -5.83 -17.77
C ASN D 248 -5.41 -5.34 -16.83
N GLU D 249 -5.26 -5.97 -15.66
CA GLU D 249 -4.21 -5.64 -14.70
C GLU D 249 -2.81 -5.96 -15.20
N ARG D 250 -2.68 -6.76 -16.27
CA ARG D 250 -1.42 -6.92 -16.97
C ARG D 250 -0.92 -5.61 -17.57
N PHE D 251 -1.83 -4.76 -18.04
CA PHE D 251 -1.41 -3.51 -18.66
C PHE D 251 -1.98 -2.26 -18.00
N ARG D 252 -2.81 -2.41 -16.97
CA ARG D 252 -3.16 -1.26 -16.14
C ARG D 252 -2.04 -0.91 -15.16
N CYS D 253 -1.34 -1.94 -14.68
CA CYS D 253 -0.23 -1.73 -13.74
C CYS D 253 0.98 -0.97 -14.31
N PRO D 254 1.54 -1.28 -15.50
CA PRO D 254 2.64 -0.42 -15.98
C PRO D 254 2.19 0.90 -16.57
N GLU D 255 0.89 1.15 -16.71
CA GLU D 255 0.38 2.40 -17.26
C GLU D 255 0.53 3.57 -16.30
N THR D 256 0.81 3.29 -15.02
CA THR D 256 1.03 4.34 -14.02
C THR D 256 2.30 5.14 -14.31
N LEU D 257 3.27 4.53 -15.01
CA LEU D 257 4.45 5.26 -15.48
C LEU D 257 4.08 6.33 -16.51
N PHE D 258 3.13 6.03 -17.38
CA PHE D 258 2.63 7.02 -18.34
C PHE D 258 1.48 7.84 -17.81
N GLN D 259 0.78 7.37 -16.78
CA GLN D 259 -0.32 8.13 -16.16
C GLN D 259 -0.16 8.10 -14.64
N PRO D 260 0.59 9.04 -14.07
CA PRO D 260 0.81 9.05 -12.61
C PRO D 260 -0.40 9.41 -11.75
N SER D 261 -1.51 9.86 -12.36
CA SER D 261 -2.72 10.17 -11.62
C SER D 261 -3.49 8.95 -11.12
N PHE D 262 -3.07 7.73 -11.50
CA PHE D 262 -3.67 6.51 -10.97
C PHE D 262 -3.41 6.37 -9.47
N ILE D 263 -2.22 6.72 -9.00
CA ILE D 263 -1.91 6.65 -7.59
C ILE D 263 -1.95 8.03 -6.93
N GLY D 264 -2.64 8.98 -7.55
CA GLY D 264 -2.88 10.27 -6.93
C GLY D 264 -1.78 11.29 -7.06
N MET D 265 -0.80 11.08 -7.93
CA MET D 265 0.28 12.04 -8.11
C MET D 265 -0.07 13.06 -9.19
N GLU D 266 0.25 14.33 -8.91
CA GLU D 266 -0.10 15.42 -9.80
C GLU D 266 0.79 15.48 -11.03
N SER D 267 2.01 14.94 -10.94
CA SER D 267 3.03 15.09 -11.96
C SER D 267 2.69 14.29 -13.21
N ALA D 268 3.30 14.71 -14.33
CA ALA D 268 3.04 14.10 -15.62
C ALA D 268 3.86 12.82 -15.80
N GLY D 269 3.61 12.13 -16.91
CA GLY D 269 4.25 10.85 -17.19
C GLY D 269 5.71 10.97 -17.57
N ILE D 270 6.31 9.80 -17.81
CA ILE D 270 7.73 9.72 -18.15
C ILE D 270 8.01 10.25 -19.55
N HIS D 271 7.02 10.18 -20.45
CA HIS D 271 7.19 10.74 -21.79
C HIS D 271 7.19 12.27 -21.76
N GLU D 272 6.32 12.87 -20.95
CA GLU D 272 6.32 14.31 -20.77
C GLU D 272 7.55 14.78 -20.01
N THR D 273 8.04 13.96 -19.07
CA THR D 273 9.29 14.25 -18.37
C THR D 273 10.49 14.22 -19.33
N THR D 274 10.51 13.25 -20.24
CA THR D 274 11.57 13.16 -21.25
C THR D 274 11.52 14.32 -22.23
N TYR D 275 10.31 14.68 -22.68
CA TYR D 275 10.15 15.80 -23.61
C TYR D 275 10.47 17.14 -22.96
N ASN D 276 10.07 17.33 -21.69
CA ASN D 276 10.42 18.56 -20.98
C ASN D 276 11.90 18.62 -20.63
N SER D 277 12.53 17.47 -20.38
CA SER D 277 13.97 17.44 -20.15
C SER D 277 14.75 17.78 -21.41
N ILE D 278 14.25 17.34 -22.57
CA ILE D 278 14.87 17.73 -23.84
C ILE D 278 14.64 19.21 -24.12
N MET D 279 13.42 19.70 -23.90
CA MET D 279 13.06 21.09 -24.20
C MET D 279 13.70 22.08 -23.23
N LYS D 280 14.12 21.63 -22.03
CA LYS D 280 14.85 22.52 -21.14
C LYS D 280 16.29 22.73 -21.55
N CYS D 281 16.83 21.88 -22.42
CA CYS D 281 18.21 22.04 -22.89
C CYS D 281 18.32 23.16 -23.91
N ASP D 282 19.57 23.43 -24.31
CA ASP D 282 19.82 24.31 -25.45
C ASP D 282 19.37 23.63 -26.74
N ILE D 283 19.13 24.46 -27.75
CA ILE D 283 18.36 24.04 -28.91
C ILE D 283 19.14 23.10 -29.84
N ASP D 284 20.44 23.37 -30.04
CA ASP D 284 21.23 22.72 -31.08
C ASP D 284 21.56 21.27 -30.77
N ILE D 285 21.39 20.86 -29.52
CA ILE D 285 21.65 19.48 -29.14
C ILE D 285 20.40 18.61 -29.16
N ARG D 286 19.21 19.23 -29.31
CA ARG D 286 17.92 18.54 -29.07
C ARG D 286 17.67 17.42 -30.07
N LYS D 287 18.11 17.62 -31.33
CA LYS D 287 18.07 16.59 -32.37
C LYS D 287 18.86 15.37 -31.97
N ASP D 288 20.06 15.58 -31.40
CA ASP D 288 20.87 14.48 -30.92
C ASP D 288 20.32 13.83 -29.64
N LEU D 289 19.35 14.48 -28.97
CA LEU D 289 18.68 13.79 -27.89
C LEU D 289 17.47 12.99 -28.38
N TYR D 290 16.96 13.31 -29.58
CA TYR D 290 15.82 12.56 -30.11
C TYR D 290 16.22 11.18 -30.63
N ALA D 291 17.41 11.04 -31.18
CA ALA D 291 17.83 9.78 -31.78
C ALA D 291 18.54 8.85 -30.81
N ASN D 292 18.72 9.25 -29.54
CA ASN D 292 19.52 8.49 -28.59
C ASN D 292 18.82 8.39 -27.24
N ASN D 293 17.54 8.02 -27.24
CA ASN D 293 16.79 7.84 -26.01
C ASN D 293 17.18 6.54 -25.31
N VAL D 294 18.17 6.60 -24.43
CA VAL D 294 18.69 5.42 -23.77
C VAL D 294 17.80 5.07 -22.59
N MET D 295 17.36 3.81 -22.51
CA MET D 295 16.57 3.31 -21.40
C MET D 295 17.40 2.37 -20.54
N SER D 296 17.07 2.35 -19.25
CA SER D 296 17.74 1.49 -18.30
C SER D 296 16.79 1.16 -17.16
N GLY D 297 17.29 0.37 -16.21
CA GLY D 297 16.49 -0.06 -15.08
C GLY D 297 15.60 -1.26 -15.41
N GLY D 298 15.21 -1.96 -14.34
CA GLY D 298 14.35 -3.12 -14.50
C GLY D 298 12.90 -2.81 -14.76
N THR D 299 12.48 -1.56 -14.51
CA THR D 299 11.11 -1.16 -14.76
C THR D 299 10.82 -1.03 -16.26
N THR D 300 11.83 -0.74 -17.07
CA THR D 300 11.67 -0.68 -18.52
C THR D 300 11.89 -2.03 -19.21
N MET D 301 11.73 -3.14 -18.50
CA MET D 301 11.91 -4.48 -19.04
C MET D 301 10.61 -5.13 -19.51
N TYR D 302 9.49 -4.41 -19.48
CA TYR D 302 8.26 -4.96 -20.05
C TYR D 302 8.39 -5.03 -21.57
N PRO D 303 7.86 -6.06 -22.23
CA PRO D 303 8.06 -6.17 -23.68
C PRO D 303 7.04 -5.41 -24.53
N GLY D 304 6.72 -4.17 -24.14
CA GLY D 304 5.90 -3.30 -24.97
C GLY D 304 6.22 -1.83 -24.79
N ILE D 305 7.34 -1.52 -24.15
CA ILE D 305 7.55 -0.17 -23.64
C ILE D 305 8.32 0.73 -24.63
N ALA D 306 9.17 0.14 -25.48
CA ALA D 306 9.99 0.93 -26.41
C ALA D 306 9.15 1.53 -27.53
N ASP D 307 8.25 0.71 -28.10
CA ASP D 307 7.35 1.19 -29.16
C ASP D 307 6.34 2.19 -28.62
N ARG D 308 5.88 1.99 -27.39
CA ARG D 308 4.96 2.93 -26.74
C ARG D 308 5.63 4.28 -26.47
N MET D 309 6.86 4.28 -25.95
CA MET D 309 7.50 5.55 -25.63
C MET D 309 7.98 6.25 -26.91
N GLN D 310 8.32 5.46 -27.94
CA GLN D 310 8.60 6.00 -29.27
C GLN D 310 7.36 6.67 -29.87
N LYS D 311 6.18 6.04 -29.71
CA LYS D 311 4.92 6.63 -30.14
C LYS D 311 4.61 7.93 -29.40
N GLU D 312 4.83 7.95 -28.08
CA GLU D 312 4.51 9.14 -27.29
C GLU D 312 5.46 10.30 -27.59
N ILE D 313 6.76 10.03 -27.71
CA ILE D 313 7.73 11.08 -28.03
C ILE D 313 7.56 11.55 -29.47
N THR D 314 7.24 10.65 -30.41
CA THR D 314 6.98 11.00 -31.81
C THR D 314 5.71 11.84 -31.94
N ALA D 315 4.73 11.59 -31.07
CA ALA D 315 3.60 12.51 -30.96
C ALA D 315 4.03 13.85 -30.37
N LEU D 316 4.99 13.84 -29.43
CA LEU D 316 5.37 15.08 -28.77
C LEU D 316 6.39 15.90 -29.58
N ALA D 317 7.38 15.24 -30.19
CA ALA D 317 8.43 15.92 -30.93
C ALA D 317 7.90 16.46 -32.26
N PRO D 318 8.58 17.45 -32.87
CA PRO D 318 8.27 17.81 -34.26
C PRO D 318 8.55 16.67 -35.23
N SER D 319 7.70 16.58 -36.25
CA SER D 319 7.62 15.40 -37.12
C SER D 319 8.70 15.35 -38.19
N THR D 320 9.54 16.37 -38.32
CA THR D 320 10.56 16.41 -39.37
C THR D 320 11.89 15.81 -38.92
N MET D 321 11.87 14.92 -37.92
CA MET D 321 13.11 14.51 -37.25
C MET D 321 12.90 13.17 -36.56
N LYS D 322 13.91 12.31 -36.66
CA LYS D 322 13.80 10.91 -36.29
C LYS D 322 13.85 10.71 -34.78
N ILE D 323 12.99 9.81 -34.28
CA ILE D 323 13.01 9.34 -32.90
C ILE D 323 13.53 7.91 -32.91
N LYS D 324 14.46 7.61 -32.00
CA LYS D 324 15.05 6.27 -31.93
C LYS D 324 15.32 5.94 -30.46
N ILE D 325 14.61 4.96 -29.94
CA ILE D 325 14.81 4.48 -28.56
C ILE D 325 15.94 3.48 -28.56
N ILE D 326 16.93 3.70 -27.70
CA ILE D 326 18.05 2.78 -27.51
C ILE D 326 17.69 1.89 -26.33
N ALA D 327 17.14 0.72 -26.62
CA ALA D 327 16.70 -0.25 -25.61
C ALA D 327 17.52 -1.52 -25.79
N PRO D 328 18.60 -1.68 -25.04
CA PRO D 328 19.41 -2.91 -25.16
C PRO D 328 18.69 -4.10 -24.56
N PRO D 329 19.03 -5.33 -24.97
CA PRO D 329 18.44 -6.52 -24.33
C PRO D 329 18.87 -6.74 -22.89
N GLU D 330 19.98 -6.15 -22.45
CA GLU D 330 20.49 -6.28 -21.09
C GLU D 330 20.37 -4.98 -20.30
N ARG D 331 19.25 -4.26 -20.48
CA ARG D 331 19.06 -2.97 -19.82
C ARG D 331 18.71 -3.07 -18.33
N LYS D 332 18.49 -4.28 -17.81
CA LYS D 332 18.32 -4.47 -16.38
C LYS D 332 19.61 -4.17 -15.62
N TYR D 333 20.74 -4.66 -16.13
CA TYR D 333 22.01 -4.58 -15.42
C TYR D 333 22.95 -3.52 -16.01
N SER D 334 22.42 -2.58 -16.79
CA SER D 334 23.27 -1.65 -17.53
C SER D 334 23.95 -0.63 -16.63
N VAL D 335 23.34 -0.31 -15.48
CA VAL D 335 23.98 0.56 -14.50
C VAL D 335 25.24 -0.09 -13.94
N TRP D 336 25.15 -1.40 -13.65
CA TRP D 336 26.31 -2.18 -13.21
C TRP D 336 27.36 -2.32 -14.30
N ILE D 337 26.91 -2.52 -15.56
CA ILE D 337 27.83 -2.72 -16.68
C ILE D 337 28.63 -1.46 -16.95
N GLY D 338 27.95 -0.31 -17.01
CA GLY D 338 28.65 0.95 -17.20
C GLY D 338 29.49 1.36 -16.00
N GLY D 339 29.10 0.93 -14.80
CA GLY D 339 30.01 1.01 -13.66
C GLY D 339 31.24 0.14 -13.82
N SER D 340 31.11 -0.99 -14.52
CA SER D 340 32.27 -1.86 -14.73
C SER D 340 33.24 -1.29 -15.77
N ILE D 341 32.73 -0.66 -16.85
CA ILE D 341 33.63 0.07 -17.76
C ILE D 341 34.25 1.29 -17.08
N LEU D 342 33.47 2.05 -16.28
CA LEU D 342 34.02 3.24 -15.60
C LEU D 342 35.02 2.87 -14.51
N ALA D 343 34.79 1.75 -13.82
CA ALA D 343 35.77 1.27 -12.85
C ALA D 343 37.05 0.76 -13.50
N SER D 344 36.95 0.25 -14.73
CA SER D 344 38.11 -0.22 -15.48
C SER D 344 38.76 0.86 -16.35
N LEU D 345 38.22 2.07 -16.36
CA LEU D 345 38.80 3.15 -17.16
C LEU D 345 40.09 3.66 -16.52
N SER D 346 41.08 3.94 -17.38
CA SER D 346 42.39 4.39 -16.90
C SER D 346 42.33 5.81 -16.38
N THR D 347 41.51 6.67 -17.00
CA THR D 347 41.42 8.07 -16.58
C THR D 347 40.63 8.26 -15.29
N PHE D 348 39.84 7.27 -14.88
CA PHE D 348 39.02 7.38 -13.67
C PHE D 348 39.84 7.27 -12.39
N GLN D 349 41.08 6.77 -12.48
CA GLN D 349 41.90 6.47 -11.30
C GLN D 349 42.34 7.71 -10.53
N GLN D 350 42.30 8.90 -11.14
CA GLN D 350 42.55 10.14 -10.42
C GLN D 350 41.33 10.69 -9.71
N MET D 351 40.14 10.19 -10.01
CA MET D 351 38.90 10.74 -9.46
C MET D 351 38.38 9.97 -8.24
N TRP D 352 39.18 9.04 -7.70
CA TRP D 352 38.79 8.33 -6.48
C TRP D 352 38.84 9.26 -5.28
N ILE D 353 37.95 9.00 -4.32
CA ILE D 353 37.99 9.67 -3.02
C ILE D 353 38.80 8.75 -2.11
N THR D 354 40.07 9.06 -1.95
CA THR D 354 40.94 8.24 -1.10
C THR D 354 40.65 8.50 0.37
N LYS D 355 41.16 7.59 1.21
CA LYS D 355 40.96 7.66 2.65
C LYS D 355 41.67 8.86 3.27
N GLN D 356 42.84 9.21 2.73
CA GLN D 356 43.60 10.36 3.21
C GLN D 356 42.87 11.68 2.96
N GLU D 357 42.24 11.80 1.79
CA GLU D 357 41.45 13.00 1.47
C GLU D 357 40.21 13.09 2.34
N TYR D 358 39.60 11.94 2.66
CA TYR D 358 38.48 11.90 3.60
C TYR D 358 38.89 12.33 5.00
N ASP D 359 40.05 11.86 5.47
CA ASP D 359 40.55 12.25 6.79
C ASP D 359 40.92 13.73 6.85
N GLU D 360 41.45 14.28 5.75
CA GLU D 360 41.74 15.71 5.73
C GLU D 360 40.49 16.56 5.66
N ALA D 361 39.51 16.18 4.82
CA ALA D 361 38.40 17.08 4.52
C ALA D 361 37.13 16.76 5.28
N GLY D 362 37.14 15.76 6.18
CA GLY D 362 35.93 15.38 6.88
C GLY D 362 35.01 14.63 5.94
N PRO D 363 33.72 14.51 6.29
CA PRO D 363 32.75 13.98 5.33
C PRO D 363 32.13 15.04 4.43
N SER D 364 32.94 15.96 3.92
CA SER D 364 32.43 17.07 3.11
C SER D 364 32.97 17.08 1.70
N ILE D 365 33.93 16.20 1.37
CA ILE D 365 34.51 16.16 0.03
C ILE D 365 33.52 15.61 -0.99
N VAL D 366 32.55 14.80 -0.55
CA VAL D 366 31.62 14.13 -1.44
C VAL D 366 30.63 15.11 -2.09
N HIS D 367 30.45 16.30 -1.51
CA HIS D 367 29.70 17.35 -2.20
C HIS D 367 30.52 17.96 -3.33
N ARG D 368 31.84 18.09 -3.13
CA ARG D 368 32.68 18.79 -4.09
C ARG D 368 33.47 17.87 -5.02
N LYS D 369 33.68 16.60 -4.66
CA LYS D 369 34.40 15.71 -5.55
C LYS D 369 33.46 15.00 -6.51
N CYS D 370 32.30 14.55 -6.02
CA CYS D 370 31.29 13.93 -6.86
C CYS D 370 30.45 15.00 -7.56
N PHE D 371 29.40 14.55 -8.24
CA PHE D 371 28.53 15.44 -8.99
C PHE D 371 27.62 16.24 -8.06
N THR E 1 -15.72 59.15 -15.28
CA THR E 1 -15.75 58.78 -13.87
C THR E 1 -14.33 58.56 -13.34
N THR E 2 -14.25 58.02 -12.13
CA THR E 2 -12.95 57.67 -11.55
C THR E 2 -12.38 56.45 -12.26
N ALA E 3 -11.10 56.54 -12.63
CA ALA E 3 -10.46 55.49 -13.40
C ALA E 3 -10.04 54.34 -12.49
N LEU E 4 -9.71 53.21 -13.12
CA LEU E 4 -9.20 52.04 -12.43
C LEU E 4 -7.75 51.78 -12.84
N VAL E 5 -6.97 51.24 -11.92
CA VAL E 5 -5.63 50.76 -12.21
C VAL E 5 -5.61 49.28 -11.87
N CYS E 6 -5.19 48.45 -12.83
CA CYS E 6 -5.18 47.00 -12.65
C CYS E 6 -3.83 46.49 -13.14
N ASP E 7 -2.86 46.42 -12.22
CA ASP E 7 -1.57 45.81 -12.52
C ASP E 7 -1.80 44.30 -12.52
N ASN E 8 -1.86 43.74 -13.73
CA ASN E 8 -2.04 42.30 -13.92
C ASN E 8 -0.70 41.60 -14.15
N GLY E 9 0.11 41.61 -13.09
CA GLY E 9 1.42 40.98 -13.12
C GLY E 9 1.35 39.46 -13.14
N SER E 10 2.54 38.86 -13.23
CA SER E 10 2.66 37.40 -13.34
C SER E 10 2.25 36.70 -12.05
N GLY E 11 2.66 37.25 -10.91
CA GLY E 11 2.31 36.69 -9.62
C GLY E 11 1.04 37.27 -9.00
N LEU E 12 0.98 38.58 -8.78
CA LEU E 12 -0.12 39.15 -8.01
C LEU E 12 -0.85 40.23 -8.80
N VAL E 13 -2.17 40.11 -8.85
CA VAL E 13 -3.02 41.12 -9.47
C VAL E 13 -3.34 42.18 -8.42
N LYS E 14 -3.05 43.44 -8.75
CA LYS E 14 -3.28 44.58 -7.87
C LYS E 14 -4.21 45.56 -8.58
N ALA E 15 -5.46 45.63 -8.13
CA ALA E 15 -6.46 46.51 -8.72
C ALA E 15 -6.95 47.52 -7.70
N GLY E 16 -7.35 48.68 -8.21
CA GLY E 16 -7.82 49.75 -7.34
C GLY E 16 -8.30 50.92 -8.16
N PHE E 17 -8.74 51.96 -7.44
CA PHE E 17 -9.29 53.15 -8.08
C PHE E 17 -8.21 54.20 -8.30
N ALA E 18 -8.50 55.15 -9.19
CA ALA E 18 -7.61 56.29 -9.37
C ALA E 18 -7.80 57.28 -8.23
N GLY E 19 -6.77 58.08 -7.99
CA GLY E 19 -6.79 59.04 -6.91
C GLY E 19 -6.71 58.45 -5.52
N ASP E 20 -6.23 57.21 -5.41
CA ASP E 20 -6.08 56.52 -4.13
C ASP E 20 -4.60 56.22 -3.90
N ASP E 21 -4.25 56.01 -2.64
CA ASP E 21 -2.86 55.82 -2.25
C ASP E 21 -2.44 54.36 -2.10
N ALA E 22 -3.38 53.44 -1.93
CA ALA E 22 -3.08 52.04 -1.70
C ALA E 22 -3.99 51.19 -2.57
N PRO E 23 -3.47 50.09 -3.14
CA PRO E 23 -4.31 49.23 -3.99
C PRO E 23 -5.32 48.44 -3.17
N ARG E 24 -6.59 48.56 -3.56
CA ARG E 24 -7.69 48.06 -2.75
C ARG E 24 -7.78 46.54 -2.81
N ALA E 25 -7.54 45.95 -3.97
CA ALA E 25 -7.70 44.51 -4.18
C ALA E 25 -6.38 43.93 -4.64
N VAL E 26 -5.63 43.34 -3.72
CA VAL E 26 -4.39 42.63 -4.03
C VAL E 26 -4.63 41.15 -3.77
N PHE E 27 -4.44 40.34 -4.81
CA PHE E 27 -4.65 38.90 -4.66
C PHE E 27 -3.81 38.19 -5.72
N PRO E 28 -3.30 36.98 -5.44
CA PRO E 28 -2.45 36.31 -6.43
C PRO E 28 -3.23 35.78 -7.62
N SER E 29 -2.52 35.66 -8.74
CA SER E 29 -3.12 35.31 -10.03
C SER E 29 -2.90 33.82 -10.29
N ILE E 30 -3.83 33.00 -9.81
CA ILE E 30 -3.82 31.56 -10.01
C ILE E 30 -5.22 31.10 -10.36
N VAL E 31 -5.30 29.96 -11.04
CA VAL E 31 -6.57 29.29 -11.31
C VAL E 31 -6.46 27.87 -10.76
N GLY E 32 -7.33 27.53 -9.82
CA GLY E 32 -7.28 26.23 -9.18
C GLY E 32 -8.39 25.30 -9.58
N ARG E 33 -8.05 24.14 -10.14
CA ARG E 33 -9.01 23.16 -10.58
C ARG E 33 -8.85 21.88 -9.75
N PRO E 34 -9.94 21.24 -9.33
CA PRO E 34 -9.81 20.05 -8.48
C PRO E 34 -9.31 18.84 -9.26
N ARG E 35 -8.46 18.06 -8.60
CA ARG E 35 -7.83 16.90 -9.21
C ARG E 35 -8.22 15.58 -8.57
N HIS E 36 -8.84 15.59 -7.39
CA HIS E 36 -9.32 14.38 -6.76
C HIS E 36 -10.80 14.18 -7.08
N GLN E 37 -11.38 13.13 -6.50
CA GLN E 37 -12.76 12.74 -6.82
C GLN E 37 -13.72 13.28 -5.77
N GLY E 38 -14.72 14.04 -6.21
CA GLY E 38 -15.72 14.57 -5.30
C GLY E 38 -16.78 13.53 -4.99
N VAL E 39 -17.02 13.28 -3.70
CA VAL E 39 -17.94 12.26 -3.26
C VAL E 39 -19.18 12.84 -2.60
N MET E 40 -19.07 14.00 -1.96
CA MET E 40 -20.22 14.61 -1.29
C MET E 40 -20.98 15.46 -2.30
N VAL E 41 -22.22 15.04 -2.59
CA VAL E 41 -23.03 15.73 -3.59
C VAL E 41 -23.60 17.01 -3.01
N GLY E 42 -23.76 18.02 -3.85
CA GLY E 42 -24.34 19.28 -3.44
C GLY E 42 -23.32 20.29 -2.95
N MET E 43 -23.79 21.22 -2.10
CA MET E 43 -23.05 22.32 -1.41
C MET E 43 -22.13 23.16 -2.33
N GLY E 44 -22.47 23.25 -3.61
CA GLY E 44 -21.79 24.11 -4.57
C GLY E 44 -20.32 23.82 -4.82
N GLN E 45 -20.00 22.66 -5.38
CA GLN E 45 -18.61 22.31 -5.67
C GLN E 45 -18.22 22.94 -7.00
N LYS E 46 -17.51 24.06 -6.92
CA LYS E 46 -17.06 24.75 -8.13
C LYS E 46 -15.94 23.97 -8.82
N ASP E 47 -15.92 24.03 -10.14
CA ASP E 47 -14.91 23.35 -10.93
C ASP E 47 -13.66 24.21 -11.17
N SER E 48 -13.65 25.45 -10.68
CA SER E 48 -12.49 26.33 -10.85
C SER E 48 -12.53 27.39 -9.76
N TYR E 49 -11.50 27.40 -8.92
CA TYR E 49 -11.35 28.41 -7.88
C TYR E 49 -10.29 29.41 -8.28
N VAL E 50 -10.62 30.70 -8.16
CA VAL E 50 -9.77 31.80 -8.62
C VAL E 50 -9.47 32.72 -7.44
N GLY E 51 -8.19 33.02 -7.23
CA GLY E 51 -7.82 34.01 -6.24
C GLY E 51 -7.57 33.47 -4.84
N ASP E 52 -8.15 34.15 -3.84
CA ASP E 52 -7.93 33.78 -2.44
C ASP E 52 -8.61 32.47 -2.07
N GLU E 53 -9.71 32.13 -2.76
CA GLU E 53 -10.38 30.86 -2.52
C GLU E 53 -9.54 29.69 -3.00
N ALA E 54 -8.77 29.88 -4.07
CA ALA E 54 -7.81 28.87 -4.51
C ALA E 54 -6.66 28.75 -3.53
N GLN E 55 -6.29 29.87 -2.89
CA GLN E 55 -5.21 29.84 -1.90
C GLN E 55 -5.64 29.10 -0.63
N SER E 56 -6.87 29.35 -0.17
CA SER E 56 -7.35 28.74 1.06
C SER E 56 -7.65 27.26 0.88
N LYS E 57 -8.01 26.83 -0.33
CA LYS E 57 -8.42 25.45 -0.59
C LYS E 57 -7.39 24.69 -1.41
N ARG E 58 -6.12 25.09 -1.37
CA ARG E 58 -5.11 24.60 -2.31
C ARG E 58 -4.70 23.14 -2.11
N GLY E 59 -5.09 22.51 -1.00
CA GLY E 59 -4.73 21.12 -0.74
C GLY E 59 -5.46 20.11 -1.60
N ILE E 60 -6.48 20.51 -2.34
CA ILE E 60 -7.22 19.60 -3.22
C ILE E 60 -7.26 20.17 -4.63
N LEU E 61 -6.33 21.06 -4.96
CA LEU E 61 -6.37 21.76 -6.24
C LEU E 61 -5.04 21.66 -6.97
N THR E 62 -5.14 21.71 -8.29
CA THR E 62 -4.03 22.00 -9.20
C THR E 62 -4.10 23.48 -9.51
N LEU E 63 -3.03 24.21 -9.20
CA LEU E 63 -2.96 25.64 -9.42
C LEU E 63 -2.17 25.94 -10.68
N LYS E 64 -2.77 26.68 -11.60
CA LYS E 64 -2.10 27.09 -12.83
C LYS E 64 -1.90 28.60 -12.81
N TYR E 65 -0.67 29.01 -13.11
CA TYR E 65 -0.35 30.42 -13.29
C TYR E 65 -0.58 30.77 -14.76
N PRO E 66 -1.51 31.67 -15.08
CA PRO E 66 -1.81 31.95 -16.48
C PRO E 66 -0.74 32.76 -17.21
N ILE E 67 0.06 33.54 -16.48
CA ILE E 67 1.11 34.37 -17.08
C ILE E 67 2.45 33.70 -16.84
N GLU E 68 3.21 33.51 -17.91
CA GLU E 68 4.56 32.96 -17.81
C GLU E 68 5.57 33.89 -18.49
N HIC E 69 6.46 34.47 -17.66
CA HIC E 69 7.47 35.44 -18.03
C HIC E 69 6.91 36.66 -18.74
O HIC E 69 7.41 37.17 -19.74
CB HIC E 69 8.61 34.93 -18.95
CG HIC E 69 9.05 33.54 -18.73
ND1 HIC E 69 9.16 32.59 -19.76
CD2 HIC E 69 9.45 32.98 -17.50
CE1 HIC E 69 9.60 31.46 -19.15
NE2 HIC E 69 9.80 31.65 -17.78
CZ HIC E 69 10.26 30.69 -16.85
N GLY E 70 5.79 37.15 -18.21
CA GLY E 70 5.13 38.32 -18.74
C GLY E 70 4.27 38.09 -19.98
N ILE E 71 4.19 36.84 -20.41
CA ILE E 71 3.45 36.45 -21.61
C ILE E 71 2.27 35.61 -21.16
N ILE E 72 1.07 36.03 -21.54
CA ILE E 72 -0.15 35.31 -21.17
C ILE E 72 -0.24 34.05 -22.03
N THR E 73 -0.06 32.89 -21.39
CA THR E 73 -0.12 31.63 -22.11
C THR E 73 -1.54 31.11 -22.23
N ASN E 74 -2.33 31.21 -21.16
CA ASN E 74 -3.70 30.75 -21.14
C ASN E 74 -4.62 31.97 -21.06
N TRP E 75 -5.51 32.11 -22.03
CA TRP E 75 -6.34 33.30 -22.14
C TRP E 75 -7.69 33.17 -21.47
N ASP E 76 -8.25 31.95 -21.41
CA ASP E 76 -9.48 31.71 -20.67
C ASP E 76 -9.28 31.90 -19.18
N ASP E 77 -8.10 31.49 -18.68
CA ASP E 77 -7.73 31.69 -17.28
C ASP E 77 -7.58 33.17 -16.96
N MET E 78 -6.99 33.96 -17.86
CA MET E 78 -6.86 35.38 -17.61
C MET E 78 -8.19 36.12 -17.78
N GLU E 79 -9.10 35.59 -18.60
CA GLU E 79 -10.47 36.08 -18.62
C GLU E 79 -11.16 35.85 -17.29
N LYS E 80 -10.92 34.68 -16.68
CA LYS E 80 -11.45 34.40 -15.34
C LYS E 80 -10.82 35.31 -14.28
N ILE E 81 -9.52 35.61 -14.43
CA ILE E 81 -8.82 36.52 -13.51
C ILE E 81 -9.37 37.94 -13.61
N TRP E 82 -9.59 38.43 -14.84
CA TRP E 82 -10.20 39.75 -15.04
C TRP E 82 -11.64 39.81 -14.56
N HIS E 83 -12.40 38.73 -14.76
CA HIS E 83 -13.77 38.65 -14.26
C HIS E 83 -13.82 38.66 -12.74
N HIS E 84 -12.88 37.97 -12.09
CA HIS E 84 -12.80 37.97 -10.63
C HIS E 84 -12.38 39.33 -10.08
N THR E 85 -11.40 39.98 -10.72
CA THR E 85 -10.92 41.26 -10.19
C THR E 85 -11.88 42.41 -10.51
N PHE E 86 -12.76 42.24 -11.49
CA PHE E 86 -13.74 43.30 -11.74
C PHE E 86 -15.02 43.07 -10.95
N TYR E 87 -15.59 41.86 -11.02
CA TYR E 87 -16.93 41.64 -10.50
C TYR E 87 -16.94 41.26 -9.02
N ASN E 88 -15.94 40.51 -8.56
CA ASN E 88 -15.95 39.96 -7.21
C ASN E 88 -15.12 40.78 -6.23
N GLU E 89 -13.87 41.08 -6.56
CA GLU E 89 -13.00 41.78 -5.62
C GLU E 89 -13.31 43.28 -5.56
N LEU E 90 -13.15 43.98 -6.68
CA LEU E 90 -13.35 45.42 -6.70
C LEU E 90 -14.84 45.79 -6.71
N ARG E 91 -15.68 44.92 -7.27
CA ARG E 91 -17.14 45.06 -7.44
C ARG E 91 -17.48 46.34 -8.20
N VAL E 92 -17.02 46.37 -9.45
CA VAL E 92 -17.20 47.52 -10.32
C VAL E 92 -17.83 47.08 -11.63
N ALA E 93 -18.45 48.04 -12.31
CA ALA E 93 -18.95 47.83 -13.66
C ALA E 93 -17.87 48.28 -14.64
N PRO E 94 -17.25 47.38 -15.42
CA PRO E 94 -16.15 47.78 -16.31
C PRO E 94 -16.58 48.60 -17.51
N GLU E 95 -17.87 48.61 -17.85
CA GLU E 95 -18.35 49.36 -19.00
C GLU E 95 -18.57 50.85 -18.72
N GLU E 96 -18.33 51.30 -17.48
CA GLU E 96 -18.47 52.73 -17.16
C GLU E 96 -17.28 53.24 -16.36
N HIS E 97 -16.12 52.59 -16.50
CA HIS E 97 -14.92 52.99 -15.79
C HIS E 97 -13.69 52.71 -16.65
N PRO E 98 -12.86 53.72 -16.91
CA PRO E 98 -11.58 53.47 -17.58
C PRO E 98 -10.63 52.67 -16.69
N THR E 99 -9.78 51.87 -17.34
CA THR E 99 -8.93 50.91 -16.65
C THR E 99 -7.52 51.00 -17.22
N LEU E 100 -6.53 51.25 -16.37
CA LEU E 100 -5.15 51.33 -16.81
C LEU E 100 -4.50 49.97 -16.59
N LEU E 101 -3.81 49.47 -17.62
CA LEU E 101 -3.14 48.18 -17.57
C LEU E 101 -1.64 48.38 -17.67
N THR E 102 -0.89 47.41 -17.14
CA THR E 102 0.56 47.46 -17.10
C THR E 102 1.12 46.32 -17.94
N GLU E 103 2.25 46.57 -18.60
CA GLU E 103 2.86 45.56 -19.44
C GLU E 103 4.37 45.74 -19.43
N ALA E 104 5.08 44.62 -19.51
CA ALA E 104 6.53 44.61 -19.60
C ALA E 104 6.97 44.99 -21.02
N PRO E 105 8.13 45.61 -21.18
CA PRO E 105 8.63 45.89 -22.53
C PRO E 105 9.23 44.64 -23.17
N LEU E 106 9.45 44.74 -24.48
CA LEU E 106 9.99 43.68 -25.37
C LEU E 106 9.17 42.40 -25.30
N ASN E 107 7.88 42.55 -25.24
CA ASN E 107 6.84 41.53 -25.18
C ASN E 107 6.47 41.16 -26.62
N PRO E 108 5.99 39.94 -26.89
CA PRO E 108 5.35 39.68 -28.19
C PRO E 108 4.09 40.51 -28.41
N LYS E 109 3.91 40.94 -29.66
CA LYS E 109 2.88 41.91 -29.99
C LYS E 109 1.49 41.30 -29.98
N ALA E 110 1.38 40.00 -30.30
CA ALA E 110 0.07 39.33 -30.36
C ALA E 110 -0.57 39.20 -28.99
N ASN E 111 0.24 39.16 -27.93
CA ASN E 111 -0.26 39.26 -26.56
C ASN E 111 -0.97 40.58 -26.33
N ARG E 112 -0.37 41.69 -26.78
CA ARG E 112 -0.99 43.01 -26.69
C ARG E 112 -2.23 43.12 -27.57
N GLU E 113 -2.20 42.46 -28.74
CA GLU E 113 -3.36 42.39 -29.64
C GLU E 113 -4.55 41.70 -28.97
N LYS E 114 -4.28 40.57 -28.31
CA LYS E 114 -5.36 39.82 -27.69
C LYS E 114 -5.85 40.47 -26.41
N MET E 115 -4.98 41.17 -25.66
CA MET E 115 -5.44 42.01 -24.54
C MET E 115 -6.34 43.14 -25.01
N THR E 116 -5.98 43.79 -26.14
CA THR E 116 -6.80 44.85 -26.70
C THR E 116 -8.17 44.33 -27.16
N GLN E 117 -8.18 43.18 -27.84
CA GLN E 117 -9.41 42.59 -28.34
C GLN E 117 -10.32 42.09 -27.22
N ILE E 118 -9.74 41.45 -26.20
CA ILE E 118 -10.54 40.93 -25.09
C ILE E 118 -11.08 42.07 -24.21
N MET E 119 -10.23 43.05 -23.89
CA MET E 119 -10.69 44.17 -23.07
C MET E 119 -11.57 45.16 -23.81
N PHE E 120 -11.64 45.12 -25.14
CA PHE E 120 -12.70 45.86 -25.82
C PHE E 120 -13.90 45.01 -26.24
N GLU E 121 -13.85 43.67 -26.14
CA GLU E 121 -14.95 42.86 -26.62
C GLU E 121 -15.52 41.87 -25.60
N THR E 122 -14.95 41.77 -24.40
CA THR E 122 -15.52 40.93 -23.36
C THR E 122 -15.71 41.76 -22.10
N PHE E 123 -14.78 42.68 -21.88
CA PHE E 123 -14.76 43.55 -20.71
C PHE E 123 -14.79 45.00 -21.18
N ASN E 124 -15.76 45.34 -22.03
CA ASN E 124 -15.71 46.51 -22.91
C ASN E 124 -15.76 47.85 -22.20
N VAL E 125 -14.57 48.40 -21.96
CA VAL E 125 -14.34 49.65 -21.26
C VAL E 125 -14.80 50.84 -22.09
N PRO E 126 -15.11 51.99 -21.49
CA PRO E 126 -15.19 53.22 -22.30
C PRO E 126 -13.84 53.62 -22.89
N ALA E 127 -12.75 53.40 -22.16
CA ALA E 127 -11.40 53.72 -22.61
C ALA E 127 -10.42 52.91 -21.77
N MET E 128 -9.19 52.80 -22.26
CA MET E 128 -8.12 52.15 -21.49
C MET E 128 -6.78 52.67 -22.00
N TYR E 129 -5.71 52.15 -21.39
CA TYR E 129 -4.35 52.40 -21.83
C TYR E 129 -3.49 51.23 -21.38
N VAL E 130 -2.43 50.97 -22.13
CA VAL E 130 -1.44 49.94 -21.81
C VAL E 130 -0.10 50.63 -21.61
N ALA E 131 0.45 50.54 -20.41
CA ALA E 131 1.60 51.35 -20.04
C ALA E 131 2.78 50.46 -19.63
N ILE E 132 3.98 50.99 -19.89
CA ILE E 132 5.21 50.37 -19.39
C ILE E 132 5.26 50.56 -17.88
N GLN E 133 5.63 49.50 -17.16
CA GLN E 133 5.61 49.48 -15.70
C GLN E 133 6.67 50.39 -15.09
N ALA E 134 7.81 50.53 -15.78
CA ALA E 134 8.91 51.35 -15.29
C ALA E 134 8.58 52.84 -15.32
N VAL E 135 7.82 53.28 -16.33
CA VAL E 135 7.37 54.67 -16.42
C VAL E 135 6.38 54.97 -15.29
N LEU E 136 5.52 54.00 -14.96
CA LEU E 136 4.60 54.15 -13.83
C LEU E 136 5.34 54.18 -12.50
N SER E 137 6.42 53.39 -12.38
CA SER E 137 7.24 53.42 -11.17
C SER E 137 7.97 54.73 -11.00
N LEU E 138 8.48 55.30 -12.10
CA LEU E 138 9.13 56.59 -12.07
C LEU E 138 8.15 57.72 -11.76
N TYR E 139 6.91 57.61 -12.26
CA TYR E 139 5.88 58.57 -11.92
C TYR E 139 5.43 58.43 -10.47
N ALA E 140 5.51 57.21 -9.92
CA ALA E 140 5.28 57.01 -8.49
C ALA E 140 6.39 57.64 -7.66
N SER E 141 7.63 57.63 -8.18
CA SER E 141 8.76 58.19 -7.44
C SER E 141 8.73 59.72 -7.36
N GLY E 142 7.92 60.38 -8.17
CA GLY E 142 7.81 61.83 -8.10
C GLY E 142 8.94 62.57 -8.76
N ARG E 143 9.72 61.90 -9.60
CA ARG E 143 10.86 62.48 -10.29
C ARG E 143 10.69 62.27 -11.79
N THR E 144 11.48 63.00 -12.57
CA THR E 144 11.39 62.97 -14.02
C THR E 144 12.48 62.12 -14.64
N THR E 145 13.68 62.09 -14.04
CA THR E 145 14.81 61.34 -14.58
C THR E 145 15.15 60.18 -13.64
N GLY E 146 15.80 59.18 -14.21
CA GLY E 146 16.22 58.01 -13.47
C GLY E 146 16.10 56.76 -14.32
N ILE E 147 16.77 55.70 -13.87
CA ILE E 147 16.66 54.39 -14.49
C ILE E 147 15.91 53.48 -13.53
N VAL E 148 14.89 52.79 -14.05
CA VAL E 148 14.03 51.94 -13.23
C VAL E 148 14.34 50.48 -13.56
N LEU E 149 14.73 49.74 -12.54
CA LEU E 149 14.69 48.29 -12.56
C LEU E 149 13.36 47.85 -11.95
N ASP E 150 12.58 47.09 -12.71
CA ASP E 150 11.34 46.54 -12.18
C ASP E 150 11.40 45.03 -12.32
N SER E 151 11.24 44.34 -11.20
CA SER E 151 11.35 42.88 -11.13
C SER E 151 10.10 42.36 -10.45
N GLY E 152 9.18 41.79 -11.23
CA GLY E 152 7.98 41.23 -10.66
C GLY E 152 8.14 39.75 -10.36
N ASP E 153 7.27 38.92 -10.92
CA ASP E 153 7.34 37.49 -10.77
C ASP E 153 7.77 36.78 -12.05
N GLY E 154 7.61 37.42 -13.21
CA GLY E 154 8.10 36.85 -14.44
C GLY E 154 9.19 37.63 -15.15
N VAL E 155 9.19 38.96 -15.07
CA VAL E 155 10.05 39.81 -15.89
C VAL E 155 10.86 40.74 -14.98
N THR E 156 12.17 40.80 -15.21
CA THR E 156 13.02 41.83 -14.65
C THR E 156 13.52 42.70 -15.79
N HIS E 157 13.06 43.95 -15.86
CA HIS E 157 13.37 44.82 -16.98
C HIS E 157 13.92 46.15 -16.50
N ASN E 158 14.88 46.67 -17.26
CA ASN E 158 15.57 47.93 -16.98
C ASN E 158 15.24 48.93 -18.07
N VAL E 159 14.69 50.07 -17.67
CA VAL E 159 14.33 51.18 -18.58
C VAL E 159 14.90 52.48 -18.04
N PRO E 160 15.79 53.16 -18.78
CA PRO E 160 16.23 54.50 -18.36
C PRO E 160 15.45 55.63 -19.02
N ILE E 161 15.10 56.64 -18.22
CA ILE E 161 14.31 57.79 -18.67
C ILE E 161 15.04 59.05 -18.24
N TYR E 162 15.22 59.99 -19.18
CA TYR E 162 15.84 61.28 -18.86
C TYR E 162 14.93 62.38 -19.38
N GLU E 163 14.46 63.24 -18.45
CA GLU E 163 13.57 64.38 -18.71
C GLU E 163 12.27 63.97 -19.42
N GLY E 164 11.73 62.81 -19.04
CA GLY E 164 10.54 62.30 -19.66
C GLY E 164 10.76 61.56 -20.96
N TYR E 165 12.01 61.46 -21.43
CA TYR E 165 12.33 60.77 -22.67
C TYR E 165 12.93 59.41 -22.32
N ALA E 166 12.29 58.34 -22.79
CA ALA E 166 12.77 56.99 -22.58
C ALA E 166 13.57 56.55 -23.79
N LEU E 167 14.77 56.03 -23.54
CA LEU E 167 15.61 55.56 -24.63
C LEU E 167 15.25 54.11 -24.95
N PRO E 168 14.70 53.84 -26.14
CA PRO E 168 14.18 52.49 -26.40
C PRO E 168 15.25 51.45 -26.67
N HIS E 169 16.40 51.86 -27.22
CA HIS E 169 17.46 50.89 -27.51
C HIS E 169 18.20 50.43 -26.26
N ALA E 170 18.10 51.17 -25.16
CA ALA E 170 18.75 50.79 -23.91
C ALA E 170 17.85 49.99 -22.98
N ILE E 171 16.61 49.72 -23.37
CA ILE E 171 15.71 48.91 -22.56
C ILE E 171 16.16 47.46 -22.62
N MET E 172 16.35 46.84 -21.45
CA MET E 172 16.86 45.48 -21.39
C MET E 172 15.93 44.59 -20.59
N ARG E 173 15.55 43.45 -21.17
CA ARG E 173 14.63 42.51 -20.56
C ARG E 173 15.38 41.24 -20.16
N LEU E 174 15.10 40.74 -18.96
CA LEU E 174 15.64 39.49 -18.47
C LEU E 174 14.49 38.68 -17.90
N ASP E 175 14.36 37.43 -18.36
CA ASP E 175 13.29 36.54 -17.90
C ASP E 175 13.77 35.76 -16.68
N LEU E 176 13.99 36.49 -15.59
CA LEU E 176 14.39 35.90 -14.32
C LEU E 176 13.82 36.76 -13.20
N ALA E 177 12.90 36.20 -12.44
CA ALA E 177 12.24 36.88 -11.34
C ALA E 177 11.73 35.83 -10.37
N GLY E 178 10.73 36.18 -9.56
CA GLY E 178 10.40 35.46 -8.33
C GLY E 178 9.88 34.04 -8.51
N ARG E 179 9.27 33.74 -9.65
CA ARG E 179 8.84 32.36 -9.90
C ARG E 179 10.03 31.45 -10.17
N ASP E 180 11.04 31.95 -10.89
CA ASP E 180 12.27 31.20 -11.08
C ASP E 180 13.04 31.03 -9.77
N LEU E 181 12.95 32.04 -8.89
CA LEU E 181 13.52 31.94 -7.55
C LEU E 181 12.80 30.89 -6.73
N THR E 182 11.47 30.80 -6.86
CA THR E 182 10.67 29.79 -6.16
C THR E 182 10.98 28.39 -6.66
N ASP E 183 11.16 28.22 -7.98
CA ASP E 183 11.53 26.93 -8.55
C ASP E 183 12.95 26.51 -8.15
N TYR E 184 13.88 27.48 -8.10
CA TYR E 184 15.22 27.18 -7.62
C TYR E 184 15.23 26.88 -6.11
N LEU E 185 14.32 27.48 -5.35
CA LEU E 185 14.20 27.17 -3.93
C LEU E 185 13.61 25.78 -3.72
N MET E 186 12.69 25.36 -4.60
CA MET E 186 12.26 23.96 -4.65
C MET E 186 13.42 23.01 -4.94
N LYS E 187 14.31 23.40 -5.87
CA LYS E 187 15.42 22.54 -6.23
C LYS E 187 16.45 22.44 -5.10
N ILE E 188 16.68 23.53 -4.38
CA ILE E 188 17.68 23.48 -3.30
C ILE E 188 17.11 23.07 -1.95
N LEU E 189 15.78 23.09 -1.77
CA LEU E 189 15.19 22.57 -0.53
C LEU E 189 15.20 21.05 -0.47
N THR E 190 15.41 20.36 -1.59
CA THR E 190 15.53 18.91 -1.57
C THR E 190 16.85 18.44 -0.98
N GLU E 191 17.84 19.33 -0.83
CA GLU E 191 19.08 18.98 -0.15
C GLU E 191 18.86 18.69 1.33
N ARG E 192 17.98 19.47 1.98
CA ARG E 192 17.67 19.28 3.38
C ARG E 192 16.63 18.21 3.65
N GLY E 193 16.08 17.58 2.61
CA GLY E 193 15.13 16.51 2.78
C GLY E 193 13.68 16.88 2.53
N TYR E 194 13.37 18.16 2.46
CA TYR E 194 11.99 18.61 2.34
C TYR E 194 11.58 18.55 0.87
N SER E 195 10.68 17.62 0.56
CA SER E 195 10.24 17.41 -0.82
C SER E 195 9.00 18.24 -1.09
N PHE E 196 9.11 19.17 -2.04
CA PHE E 196 7.99 20.00 -2.47
C PHE E 196 7.83 19.79 -3.97
N VAL E 197 6.81 19.04 -4.39
CA VAL E 197 6.65 18.68 -5.79
C VAL E 197 5.35 19.21 -6.38
N THR E 198 4.35 19.44 -5.54
CA THR E 198 3.04 19.80 -6.06
C THR E 198 2.95 21.31 -6.31
N THR E 199 1.87 21.71 -7.00
CA THR E 199 1.61 23.14 -7.21
C THR E 199 1.14 23.82 -5.94
N ALA E 200 0.53 23.06 -5.02
CA ALA E 200 0.13 23.60 -3.72
C ALA E 200 1.35 23.94 -2.87
N GLU E 201 2.40 23.11 -2.96
CA GLU E 201 3.62 23.34 -2.21
C GLU E 201 4.45 24.50 -2.76
N ARG E 202 4.18 24.94 -4.00
CA ARG E 202 4.82 26.13 -4.56
C ARG E 202 4.45 27.38 -3.78
N GLU E 203 3.21 27.45 -3.29
CA GLU E 203 2.78 28.58 -2.47
C GLU E 203 3.45 28.56 -1.10
N ILE E 204 3.73 27.37 -0.57
CA ILE E 204 4.44 27.23 0.71
C ILE E 204 5.90 27.65 0.56
N VAL E 205 6.55 27.23 -0.54
CA VAL E 205 7.92 27.64 -0.84
C VAL E 205 8.00 29.15 -1.12
N ARG E 206 6.96 29.70 -1.76
CA ARG E 206 6.86 31.15 -1.97
C ARG E 206 6.68 31.91 -0.66
N ASP E 207 5.91 31.34 0.28
CA ASP E 207 5.76 31.98 1.58
C ASP E 207 7.04 31.92 2.41
N ILE E 208 7.80 30.82 2.27
CA ILE E 208 9.14 30.70 2.87
C ILE E 208 10.07 31.76 2.30
N LYS E 209 10.03 31.95 0.98
CA LYS E 209 10.84 32.94 0.29
C LYS E 209 10.45 34.36 0.66
N GLU E 210 9.16 34.61 0.88
CA GLU E 210 8.70 35.93 1.31
C GLU E 210 9.09 36.23 2.74
N LYS E 211 8.96 35.25 3.64
CA LYS E 211 9.12 35.54 5.06
C LYS E 211 10.56 35.43 5.56
N LEU E 212 11.39 34.55 4.98
CA LEU E 212 12.68 34.26 5.57
C LEU E 212 13.88 34.68 4.74
N CYS E 213 13.75 34.76 3.41
CA CYS E 213 14.90 34.98 2.54
C CYS E 213 15.33 36.46 2.56
N TYR E 214 16.61 36.68 2.20
CA TYR E 214 17.20 38.01 2.18
C TYR E 214 18.39 38.01 1.22
N VAL E 215 18.74 39.20 0.72
CA VAL E 215 19.87 39.37 -0.17
C VAL E 215 21.13 39.61 0.65
N ALA E 216 22.14 38.78 0.45
CA ALA E 216 23.42 38.94 1.14
C ALA E 216 24.19 40.12 0.57
N LEU E 217 24.87 40.87 1.46
CA LEU E 217 25.72 41.96 1.03
C LEU E 217 27.02 41.44 0.41
N ASP E 218 27.54 40.33 0.90
CA ASP E 218 28.68 39.64 0.29
C ASP E 218 28.38 38.16 0.33
N PHE E 219 28.36 37.51 -0.84
CA PHE E 219 27.86 36.14 -0.92
C PHE E 219 28.86 35.13 -0.36
N GLU E 220 30.16 35.32 -0.64
CA GLU E 220 31.17 34.34 -0.24
C GLU E 220 31.40 34.33 1.27
N ASN E 221 31.38 35.51 1.90
CA ASN E 221 31.47 35.60 3.35
C ASN E 221 30.24 34.99 4.03
N GLU E 222 29.08 35.11 3.40
CA GLU E 222 27.86 34.54 3.97
C GLU E 222 27.85 33.02 3.81
N MET E 223 28.39 32.51 2.70
CA MET E 223 28.62 31.06 2.56
C MET E 223 29.61 30.54 3.58
N ALA E 224 30.67 31.32 3.86
CA ALA E 224 31.63 30.92 4.89
C ALA E 224 31.01 30.93 6.29
N THR E 225 30.13 31.90 6.56
CA THR E 225 29.42 31.96 7.83
C THR E 225 28.43 30.80 7.98
N ALA E 226 27.74 30.45 6.89
CA ALA E 226 26.79 29.33 6.91
C ALA E 226 27.50 28.00 7.01
N ALA E 227 28.67 27.87 6.39
CA ALA E 227 29.47 26.65 6.53
C ALA E 227 30.06 26.54 7.93
N SER E 228 30.40 27.68 8.55
CA SER E 228 31.01 27.65 9.87
C SER E 228 29.99 27.33 10.97
N SER E 229 29.00 28.19 11.13
CA SER E 229 28.07 28.10 12.25
C SER E 229 26.63 28.21 11.78
N SER E 230 25.73 27.64 12.57
CA SER E 230 24.29 27.70 12.29
C SER E 230 23.60 28.83 13.07
N SER E 231 24.12 30.06 12.93
CA SER E 231 23.52 31.19 13.64
C SER E 231 22.44 31.86 12.82
N LEU E 232 22.63 31.93 11.52
CA LEU E 232 21.71 32.56 10.58
C LEU E 232 20.65 31.62 10.06
N GLU E 233 20.61 30.37 10.53
CA GLU E 233 19.51 29.48 10.23
C GLU E 233 18.23 29.96 10.90
N LYS E 234 17.10 29.76 10.23
CA LYS E 234 15.81 30.19 10.75
C LYS E 234 14.78 29.12 10.50
N SER E 235 13.78 29.08 11.37
CA SER E 235 12.78 28.01 11.37
C SER E 235 11.45 28.55 10.88
N TYR E 236 10.72 27.70 10.18
CA TYR E 236 9.41 28.03 9.62
C TYR E 236 8.45 26.90 9.97
N GLU E 237 7.18 27.25 10.15
CA GLU E 237 6.15 26.29 10.53
C GLU E 237 5.28 25.98 9.32
N LEU E 238 5.28 24.71 8.91
CA LEU E 238 4.44 24.22 7.82
C LEU E 238 2.99 24.12 8.31
N PRO E 239 2.01 24.11 7.38
CA PRO E 239 0.60 23.95 7.81
C PRO E 239 0.24 22.60 8.43
N ASP E 240 1.05 21.55 8.27
CA ASP E 240 0.78 20.30 8.96
C ASP E 240 1.39 20.24 10.37
N GLY E 241 2.05 21.31 10.81
CA GLY E 241 2.66 21.36 12.12
C GLY E 241 4.14 21.03 12.14
N GLN E 242 4.70 20.54 11.04
CA GLN E 242 6.14 20.28 10.99
C GLN E 242 6.90 21.59 10.92
N VAL E 243 8.04 21.64 11.62
CA VAL E 243 8.89 22.82 11.69
C VAL E 243 10.16 22.53 10.92
N ILE E 244 10.39 23.30 9.85
CA ILE E 244 11.62 23.18 9.08
C ILE E 244 12.59 24.26 9.53
N THR E 245 13.87 24.06 9.21
CA THR E 245 14.91 25.05 9.48
C THR E 245 15.79 25.14 8.25
N ILE E 246 15.97 26.35 7.73
CA ILE E 246 16.78 26.57 6.53
C ILE E 246 17.96 27.46 6.90
N GLY E 247 19.08 27.25 6.20
CA GLY E 247 20.31 27.98 6.46
C GLY E 247 20.74 28.88 5.32
N ASN E 248 21.65 28.38 4.48
CA ASN E 248 22.20 29.17 3.38
C ASN E 248 21.19 29.46 2.27
N GLU E 249 20.10 28.67 2.19
CA GLU E 249 19.06 28.87 1.18
C GLU E 249 18.26 30.15 1.36
N ARG E 250 18.40 30.84 2.51
CA ARG E 250 17.88 32.19 2.66
C ARG E 250 18.53 33.17 1.68
N PHE E 251 19.82 32.98 1.36
CA PHE E 251 20.47 33.93 0.47
C PHE E 251 20.98 33.31 -0.83
N ARG E 252 20.93 31.99 -0.96
CA ARG E 252 21.23 31.37 -2.24
C ARG E 252 20.08 31.55 -3.23
N CYS E 253 18.85 31.61 -2.71
CA CYS E 253 17.69 31.83 -3.58
C CYS E 253 17.64 33.22 -4.23
N PRO E 254 17.83 34.37 -3.55
CA PRO E 254 17.84 35.63 -4.32
C PRO E 254 19.17 35.94 -5.01
N GLU E 255 20.20 35.11 -4.84
CA GLU E 255 21.47 35.32 -5.52
C GLU E 255 21.39 34.99 -7.01
N THR E 256 20.33 34.27 -7.43
CA THR E 256 20.10 33.95 -8.84
C THR E 256 19.83 35.22 -9.67
N LEU E 257 19.31 36.28 -9.04
CA LEU E 257 19.17 37.58 -9.68
C LEU E 257 20.53 38.17 -10.03
N PHE E 258 21.51 38.01 -9.14
CA PHE E 258 22.86 38.50 -9.41
C PHE E 258 23.74 37.48 -10.14
N GLN E 259 23.42 36.19 -10.03
CA GLN E 259 24.14 35.13 -10.75
C GLN E 259 23.14 34.24 -11.46
N PRO E 260 22.78 34.57 -12.71
CA PRO E 260 21.80 33.75 -13.45
C PRO E 260 22.28 32.36 -13.87
N SER E 261 23.57 32.03 -13.70
CA SER E 261 24.09 30.71 -14.05
C SER E 261 23.69 29.61 -13.08
N PHE E 262 23.03 29.94 -11.96
CA PHE E 262 22.50 28.93 -11.04
C PHE E 262 21.41 28.09 -11.69
N ILE E 263 20.54 28.72 -12.47
CA ILE E 263 19.48 28.00 -13.15
C ILE E 263 19.81 27.78 -14.64
N GLY E 264 21.08 27.88 -15.01
CA GLY E 264 21.52 27.52 -16.34
C GLY E 264 21.45 28.61 -17.39
N MET E 265 20.98 29.80 -17.05
CA MET E 265 20.91 30.87 -18.04
C MET E 265 22.28 31.50 -18.25
N GLU E 266 22.58 31.80 -19.52
CA GLU E 266 23.88 32.34 -19.90
C GLU E 266 24.02 33.82 -19.57
N SER E 267 22.91 34.52 -19.33
CA SER E 267 22.88 35.96 -19.23
C SER E 267 23.54 36.45 -17.93
N ALA E 268 23.86 37.74 -17.92
CA ALA E 268 24.52 38.38 -16.79
C ALA E 268 23.48 38.83 -15.76
N GLY E 269 23.99 39.26 -14.61
CA GLY E 269 23.13 39.66 -13.50
C GLY E 269 22.41 40.97 -13.74
N ILE E 270 21.52 41.29 -12.79
CA ILE E 270 20.69 42.49 -12.90
C ILE E 270 21.50 43.76 -12.71
N HIS E 271 22.60 43.69 -11.96
CA HIS E 271 23.51 44.83 -11.84
C HIS E 271 24.24 45.10 -13.16
N GLU E 272 24.67 44.04 -13.85
CA GLU E 272 25.28 44.20 -15.17
C GLU E 272 24.25 44.62 -16.20
N THR E 273 23.00 44.17 -16.04
CA THR E 273 21.89 44.61 -16.89
C THR E 273 21.63 46.10 -16.72
N THR E 274 21.64 46.58 -15.47
CA THR E 274 21.47 48.01 -15.18
C THR E 274 22.63 48.83 -15.71
N TYR E 275 23.87 48.33 -15.56
CA TYR E 275 25.06 49.06 -16.01
C TYR E 275 25.14 49.12 -17.53
N ASN E 276 24.78 48.03 -18.21
CA ASN E 276 24.74 48.04 -19.67
C ASN E 276 23.57 48.86 -20.20
N SER E 277 22.48 48.97 -19.43
CA SER E 277 21.39 49.87 -19.81
C SER E 277 21.81 51.33 -19.67
N ILE E 278 22.64 51.64 -18.66
CA ILE E 278 23.15 53.01 -18.52
C ILE E 278 24.16 53.34 -19.62
N MET E 279 25.11 52.43 -19.89
CA MET E 279 26.17 52.69 -20.85
C MET E 279 25.70 52.70 -22.31
N LYS E 280 24.50 52.16 -22.60
CA LYS E 280 23.96 52.27 -23.94
C LYS E 280 23.39 53.66 -24.24
N CYS E 281 23.21 54.51 -23.24
CA CYS E 281 22.66 55.84 -23.41
C CYS E 281 23.76 56.83 -23.79
N ASP E 282 23.38 58.09 -23.94
CA ASP E 282 24.33 59.16 -24.21
C ASP E 282 25.18 59.45 -22.98
N ILE E 283 26.37 60.03 -23.23
CA ILE E 283 27.35 60.24 -22.17
C ILE E 283 26.95 61.38 -21.24
N ASP E 284 26.10 62.31 -21.71
CA ASP E 284 25.79 63.50 -20.91
C ASP E 284 24.74 63.24 -19.83
N ILE E 285 23.99 62.13 -19.91
CA ILE E 285 22.86 61.91 -19.02
C ILE E 285 23.14 60.86 -17.95
N ARG E 286 24.27 60.15 -18.04
CA ARG E 286 24.55 58.99 -17.19
C ARG E 286 24.73 59.38 -15.73
N LYS E 287 25.26 60.59 -15.49
CA LYS E 287 25.38 61.16 -14.15
C LYS E 287 24.01 61.34 -13.49
N ASP E 288 22.98 61.66 -14.29
CA ASP E 288 21.64 61.69 -13.73
C ASP E 288 21.09 60.29 -13.50
N LEU E 289 21.56 59.30 -14.26
CA LEU E 289 21.02 57.96 -14.09
C LEU E 289 21.74 57.17 -12.99
N TYR E 290 22.98 57.56 -12.66
CA TYR E 290 23.67 56.92 -11.54
C TYR E 290 23.05 57.30 -10.19
N ALA E 291 22.59 58.54 -10.06
CA ALA E 291 22.11 59.02 -8.77
C ALA E 291 20.62 58.73 -8.52
N ASN E 292 19.91 58.13 -9.48
CA ASN E 292 18.47 57.96 -9.37
C ASN E 292 18.05 56.54 -9.79
N ASN E 293 18.75 55.53 -9.25
CA ASN E 293 18.38 54.15 -9.51
C ASN E 293 17.13 53.76 -8.75
N VAL E 294 15.97 53.86 -9.40
CA VAL E 294 14.70 53.53 -8.79
C VAL E 294 14.47 52.03 -8.89
N MET E 295 14.10 51.39 -7.78
CA MET E 295 13.73 49.99 -7.76
C MET E 295 12.24 49.85 -7.48
N SER E 296 11.64 48.80 -8.03
CA SER E 296 10.24 48.50 -7.80
C SER E 296 10.02 47.00 -7.93
N GLY E 297 8.81 46.57 -7.65
CA GLY E 297 8.48 45.16 -7.70
C GLY E 297 8.72 44.46 -6.39
N GLY E 298 8.00 43.34 -6.20
CA GLY E 298 8.10 42.56 -4.97
C GLY E 298 9.40 41.79 -4.83
N THR E 299 10.11 41.56 -5.94
CA THR E 299 11.40 40.90 -5.88
C THR E 299 12.48 41.81 -5.25
N THR E 300 12.21 43.11 -5.15
CA THR E 300 13.03 44.01 -4.35
C THR E 300 12.49 44.18 -2.91
N MET E 301 11.73 43.22 -2.39
CA MET E 301 11.33 43.27 -0.98
C MET E 301 12.29 42.57 -0.03
N TYR E 302 13.39 42.02 -0.53
CA TYR E 302 14.36 41.40 0.36
C TYR E 302 15.10 42.50 1.10
N PRO E 303 15.29 42.39 2.42
CA PRO E 303 15.89 43.51 3.15
C PRO E 303 17.41 43.55 3.15
N GLY E 304 18.03 43.31 2.00
CA GLY E 304 19.45 43.50 1.82
C GLY E 304 19.83 43.84 0.39
N ILE E 305 18.85 44.22 -0.42
CA ILE E 305 19.06 44.29 -1.86
C ILE E 305 19.60 45.66 -2.28
N ALA E 306 19.27 46.72 -1.53
CA ALA E 306 19.67 48.08 -1.92
C ALA E 306 21.15 48.32 -1.70
N ASP E 307 21.70 47.83 -0.59
CA ASP E 307 23.12 47.97 -0.31
C ASP E 307 23.96 47.13 -1.25
N ARG E 308 23.49 45.92 -1.59
CA ARG E 308 24.16 45.08 -2.58
C ARG E 308 24.11 45.69 -3.98
N MET E 309 22.98 46.32 -4.33
CA MET E 309 22.84 47.00 -5.62
C MET E 309 23.75 48.21 -5.72
N GLN E 310 23.85 48.99 -4.62
CA GLN E 310 24.75 50.12 -4.56
C GLN E 310 26.22 49.69 -4.62
N LYS E 311 26.55 48.59 -3.94
CA LYS E 311 27.91 48.05 -3.95
C LYS E 311 28.32 47.55 -5.34
N GLU E 312 27.42 46.83 -6.03
CA GLU E 312 27.75 46.30 -7.35
C GLU E 312 27.82 47.39 -8.41
N ILE E 313 26.90 48.38 -8.36
CA ILE E 313 26.95 49.48 -9.33
C ILE E 313 28.15 50.39 -9.05
N THR E 314 28.48 50.64 -7.77
CA THR E 314 29.65 51.42 -7.40
C THR E 314 30.96 50.73 -7.78
N ALA E 315 30.96 49.39 -7.77
CA ALA E 315 32.08 48.65 -8.34
C ALA E 315 32.11 48.77 -9.86
N LEU E 316 30.94 48.86 -10.50
CA LEU E 316 30.91 48.93 -11.96
C LEU E 316 31.12 50.35 -12.48
N ALA E 317 30.45 51.35 -11.89
CA ALA E 317 30.52 52.72 -12.38
C ALA E 317 31.86 53.36 -12.02
N PRO E 318 32.27 54.42 -12.75
CA PRO E 318 33.41 55.21 -12.27
C PRO E 318 33.12 55.93 -10.97
N SER E 319 34.17 56.09 -10.16
CA SER E 319 34.02 56.50 -8.76
C SER E 319 33.74 57.98 -8.58
N THR E 320 33.85 58.79 -9.64
CA THR E 320 33.66 60.23 -9.53
C THR E 320 32.20 60.66 -9.63
N MET E 321 31.28 59.72 -9.74
CA MET E 321 29.85 60.01 -9.83
C MET E 321 29.12 59.29 -8.70
N LYS E 322 28.04 59.93 -8.21
CA LYS E 322 27.34 59.43 -7.04
C LYS E 322 26.38 58.30 -7.41
N ILE E 323 26.44 57.23 -6.64
CA ILE E 323 25.50 56.11 -6.75
C ILE E 323 24.50 56.21 -5.61
N LYS E 324 23.23 56.35 -5.94
CA LYS E 324 22.16 56.39 -4.96
C LYS E 324 21.00 55.54 -5.46
N ILE E 325 20.51 54.66 -4.61
CA ILE E 325 19.43 53.74 -4.97
C ILE E 325 18.15 54.25 -4.33
N ILE E 326 17.18 54.59 -5.16
CA ILE E 326 15.88 55.09 -4.70
C ILE E 326 15.02 53.87 -4.41
N ALA E 327 14.90 53.52 -3.13
CA ALA E 327 14.13 52.36 -2.69
C ALA E 327 13.11 52.83 -1.66
N PRO E 328 11.93 53.28 -2.09
CA PRO E 328 10.88 53.69 -1.16
C PRO E 328 10.29 52.48 -0.45
N PRO E 329 9.71 52.67 0.75
CA PRO E 329 9.12 51.52 1.47
C PRO E 329 7.87 50.93 0.82
N GLU E 330 7.20 51.67 -0.07
CA GLU E 330 6.00 51.19 -0.74
C GLU E 330 6.26 50.95 -2.24
N ARG E 331 7.45 50.47 -2.59
CA ARG E 331 7.75 50.22 -3.99
C ARG E 331 7.19 48.90 -4.51
N LYS E 332 6.59 48.07 -3.64
CA LYS E 332 5.82 46.92 -4.09
C LYS E 332 4.61 47.35 -4.92
N TYR E 333 3.86 48.33 -4.44
CA TYR E 333 2.63 48.76 -5.07
C TYR E 333 2.81 49.99 -5.94
N SER E 334 4.06 50.42 -6.16
CA SER E 334 4.37 51.68 -6.83
C SER E 334 3.94 51.68 -8.29
N VAL E 335 4.00 50.51 -8.93
CA VAL E 335 3.48 50.29 -10.28
C VAL E 335 1.98 50.59 -10.34
N TRP E 336 1.27 50.26 -9.26
CA TRP E 336 -0.10 50.72 -9.10
C TRP E 336 -0.17 52.23 -8.86
N ILE E 337 0.67 52.74 -7.92
CA ILE E 337 0.49 54.07 -7.33
C ILE E 337 0.73 55.17 -8.35
N GLY E 338 1.82 55.05 -9.13
CA GLY E 338 2.07 55.94 -10.24
C GLY E 338 1.02 55.88 -11.33
N GLY E 339 0.43 54.69 -11.54
CA GLY E 339 -0.74 54.57 -12.38
C GLY E 339 -1.91 55.37 -11.84
N SER E 340 -2.11 55.30 -10.51
CA SER E 340 -3.07 56.17 -9.84
C SER E 340 -2.65 57.63 -9.87
N ILE E 341 -1.35 57.91 -10.02
CA ILE E 341 -0.92 59.26 -10.34
C ILE E 341 -1.28 59.59 -11.79
N LEU E 342 -1.01 58.67 -12.71
CA LEU E 342 -1.11 59.00 -14.13
C LEU E 342 -2.55 59.04 -14.61
N ALA E 343 -3.43 58.20 -14.05
CA ALA E 343 -4.83 58.20 -14.46
C ALA E 343 -5.58 59.45 -14.00
N SER E 344 -5.09 60.11 -12.93
CA SER E 344 -5.75 61.29 -12.39
C SER E 344 -5.17 62.60 -12.93
N LEU E 345 -4.15 62.55 -13.78
CA LEU E 345 -3.63 63.78 -14.39
C LEU E 345 -4.58 64.30 -15.47
N SER E 346 -4.63 65.63 -15.60
CA SER E 346 -5.48 66.26 -16.60
C SER E 346 -4.91 66.10 -18.01
N THR E 347 -3.59 66.01 -18.14
CA THR E 347 -2.95 65.87 -19.44
C THR E 347 -3.02 64.46 -20.00
N PHE E 348 -3.45 63.48 -19.21
CA PHE E 348 -3.59 62.11 -19.68
C PHE E 348 -4.91 61.87 -20.40
N GLN E 349 -5.88 62.78 -20.26
CA GLN E 349 -7.25 62.51 -20.65
C GLN E 349 -7.44 62.47 -22.17
N GLN E 350 -6.56 63.11 -22.93
CA GLN E 350 -6.59 62.96 -24.38
C GLN E 350 -5.83 61.74 -24.88
N MET E 351 -5.05 61.09 -24.02
CA MET E 351 -4.24 59.94 -24.43
C MET E 351 -4.94 58.61 -24.23
N TRP E 352 -6.22 58.62 -23.90
CA TRP E 352 -6.98 57.39 -23.74
C TRP E 352 -7.22 56.73 -25.10
N ILE E 353 -7.40 55.40 -25.07
CA ILE E 353 -7.77 54.63 -26.25
C ILE E 353 -9.28 54.44 -26.19
N THR E 354 -10.01 55.27 -26.92
CA THR E 354 -11.46 55.20 -26.90
C THR E 354 -11.97 54.03 -27.75
N LYS E 355 -13.25 53.72 -27.57
CA LYS E 355 -13.89 52.62 -28.31
C LYS E 355 -14.02 52.94 -29.78
N GLN E 356 -14.18 54.23 -30.12
CA GLN E 356 -14.33 54.65 -31.51
C GLN E 356 -13.04 54.42 -32.30
N GLU E 357 -11.89 54.67 -31.67
CA GLU E 357 -10.59 54.42 -32.29
C GLU E 357 -10.37 52.94 -32.54
N TYR E 358 -10.76 52.09 -31.58
CA TYR E 358 -10.67 50.65 -31.74
C TYR E 358 -11.57 50.14 -32.86
N ASP E 359 -12.80 50.68 -32.93
CA ASP E 359 -13.73 50.28 -33.98
C ASP E 359 -13.29 50.75 -35.36
N GLU E 360 -12.64 51.91 -35.46
CA GLU E 360 -12.19 52.35 -36.78
C GLU E 360 -10.87 51.72 -37.20
N ALA E 361 -10.03 51.27 -36.26
CA ALA E 361 -8.69 50.83 -36.61
C ALA E 361 -8.39 49.38 -36.29
N GLY E 362 -9.37 48.59 -35.82
CA GLY E 362 -9.11 47.23 -35.43
C GLY E 362 -8.34 47.20 -34.12
N PRO E 363 -7.74 46.06 -33.78
CA PRO E 363 -6.83 46.04 -32.61
C PRO E 363 -5.39 46.41 -32.96
N SER E 364 -5.20 47.44 -33.79
CA SER E 364 -3.87 47.87 -34.19
C SER E 364 -3.52 49.27 -33.71
N ILE E 365 -4.47 49.97 -33.08
CA ILE E 365 -4.22 51.30 -32.54
C ILE E 365 -3.34 51.25 -31.28
N VAL E 366 -3.23 50.07 -30.64
CA VAL E 366 -2.41 49.95 -29.44
C VAL E 366 -0.92 49.99 -29.78
N HIS E 367 -0.55 49.65 -31.01
CA HIS E 367 0.85 49.77 -31.42
C HIS E 367 1.22 51.22 -31.73
N ARG E 368 0.24 52.03 -32.14
CA ARG E 368 0.50 53.39 -32.59
C ARG E 368 0.22 54.44 -31.53
N LYS E 369 -0.62 54.14 -30.53
CA LYS E 369 -0.93 55.07 -29.46
C LYS E 369 -0.06 54.84 -28.22
N CYS E 370 0.06 53.59 -27.79
CA CYS E 370 0.91 53.26 -26.65
C CYS E 370 2.36 53.18 -27.08
N PHE E 371 3.25 53.44 -26.13
CA PHE E 371 4.68 53.33 -26.37
C PHE E 371 5.09 51.87 -26.21
N THR F 1 58.61 31.59 -53.62
CA THR F 1 57.89 31.49 -52.35
C THR F 1 56.48 32.03 -52.49
N THR F 2 55.50 31.13 -52.37
CA THR F 2 54.10 31.51 -52.43
C THR F 2 53.70 32.24 -51.14
N ALA F 3 53.07 33.40 -51.29
CA ALA F 3 52.63 34.17 -50.14
C ALA F 3 51.29 33.66 -49.62
N LEU F 4 51.00 33.98 -48.36
CA LEU F 4 49.71 33.70 -47.78
C LEU F 4 48.90 34.98 -47.69
N VAL F 5 47.60 34.87 -47.98
CA VAL F 5 46.67 35.97 -47.82
C VAL F 5 45.65 35.54 -46.79
N CYS F 6 45.56 36.28 -45.68
CA CYS F 6 44.70 35.93 -44.56
C CYS F 6 43.89 37.17 -44.18
N ASP F 7 42.70 37.31 -44.77
CA ASP F 7 41.77 38.35 -44.39
C ASP F 7 41.20 37.97 -43.03
N ASN F 8 41.67 38.64 -41.99
CA ASN F 8 41.15 38.49 -40.63
C ASN F 8 40.08 39.55 -40.40
N GLY F 9 38.98 39.39 -41.11
CA GLY F 9 37.86 40.29 -40.93
C GLY F 9 37.09 40.00 -39.65
N SER F 10 36.14 40.89 -39.37
CA SER F 10 35.24 40.72 -38.24
C SER F 10 34.37 39.48 -38.38
N GLY F 11 33.88 39.20 -39.59
CA GLY F 11 32.96 38.09 -39.74
C GLY F 11 33.58 36.72 -39.80
N LEU F 12 34.27 36.43 -40.90
CA LEU F 12 34.85 35.11 -41.13
C LEU F 12 36.28 35.29 -41.61
N VAL F 13 37.18 34.49 -41.05
CA VAL F 13 38.57 34.48 -41.50
C VAL F 13 38.66 33.78 -42.84
N LYS F 14 39.25 34.44 -43.83
CA LYS F 14 39.39 33.93 -45.19
C LYS F 14 40.87 33.89 -45.52
N ALA F 15 41.47 32.71 -45.47
CA ALA F 15 42.91 32.56 -45.66
C ALA F 15 43.19 31.57 -46.79
N GLY F 16 44.32 31.78 -47.46
CA GLY F 16 44.67 30.96 -48.60
C GLY F 16 46.01 31.39 -49.18
N PHE F 17 46.32 30.85 -50.35
CA PHE F 17 47.61 31.05 -50.99
C PHE F 17 47.52 32.11 -52.07
N ALA F 18 48.62 32.83 -52.27
CA ALA F 18 48.66 33.88 -53.29
C ALA F 18 48.71 33.28 -54.69
N GLY F 19 48.14 34.02 -55.65
CA GLY F 19 48.02 33.56 -57.01
C GLY F 19 46.77 32.77 -57.31
N ASP F 20 46.04 32.34 -56.30
CA ASP F 20 44.82 31.57 -56.48
C ASP F 20 43.62 32.50 -56.59
N ASP F 21 42.52 31.96 -57.11
CA ASP F 21 41.31 32.74 -57.32
C ASP F 21 40.29 32.59 -56.19
N ALA F 22 40.37 31.51 -55.42
CA ALA F 22 39.43 31.26 -54.34
C ALA F 22 40.20 30.91 -53.07
N PRO F 23 39.75 31.41 -51.91
CA PRO F 23 40.47 31.11 -50.66
C PRO F 23 40.21 29.69 -50.18
N ARG F 24 41.28 29.06 -49.69
CA ARG F 24 41.21 27.64 -49.30
C ARG F 24 40.47 27.45 -48.00
N ALA F 25 40.64 28.36 -47.04
CA ALA F 25 40.11 28.20 -45.70
C ALA F 25 39.22 29.39 -45.36
N VAL F 26 37.90 29.21 -45.45
CA VAL F 26 36.93 30.17 -44.97
C VAL F 26 36.25 29.59 -43.75
N PHE F 27 36.38 30.26 -42.60
CA PHE F 27 35.81 29.72 -41.38
C PHE F 27 35.51 30.88 -40.43
N PRO F 28 34.45 30.78 -39.61
CA PRO F 28 34.10 31.92 -38.76
C PRO F 28 35.03 32.09 -37.57
N SER F 29 35.16 33.34 -37.14
CA SER F 29 36.10 33.74 -36.09
C SER F 29 35.33 33.81 -34.77
N ILE F 30 35.24 32.68 -34.08
CA ILE F 30 34.64 32.60 -32.76
C ILE F 30 35.53 31.71 -31.89
N VAL F 31 35.39 31.88 -30.58
CA VAL F 31 36.01 30.99 -29.61
C VAL F 31 34.91 30.48 -28.69
N GLY F 32 34.73 29.16 -28.64
CA GLY F 32 33.69 28.56 -27.85
C GLY F 32 34.19 27.85 -26.61
N ARG F 33 33.77 28.32 -25.44
CA ARG F 33 34.16 27.73 -24.17
C ARG F 33 32.97 27.02 -23.55
N PRO F 34 33.14 25.80 -23.01
CA PRO F 34 32.01 25.11 -22.39
C PRO F 34 31.55 25.76 -21.10
N ARG F 35 30.26 25.68 -20.85
CA ARG F 35 29.63 26.33 -19.71
C ARG F 35 28.93 25.38 -18.75
N HIS F 36 28.52 24.21 -19.21
CA HIS F 36 27.89 23.21 -18.36
C HIS F 36 28.96 22.31 -17.75
N GLN F 37 28.55 21.26 -17.05
CA GLN F 37 29.46 20.41 -16.29
C GLN F 37 29.76 19.12 -17.07
N GLY F 38 31.04 18.80 -17.20
CA GLY F 38 31.44 17.56 -17.85
C GLY F 38 31.41 16.40 -16.87
N VAL F 39 30.79 15.29 -17.28
CA VAL F 39 30.64 14.13 -16.40
C VAL F 39 31.35 12.91 -16.97
N MET F 40 31.50 12.85 -18.30
CA MET F 40 32.06 11.70 -18.98
C MET F 40 33.58 11.87 -19.02
N VAL F 41 34.30 10.96 -18.38
CA VAL F 41 35.74 11.15 -18.20
C VAL F 41 36.47 10.69 -19.46
N GLY F 42 37.55 11.40 -19.80
CA GLY F 42 38.34 11.06 -20.96
C GLY F 42 37.88 11.72 -22.25
N MET F 43 38.06 10.99 -23.35
CA MET F 43 37.77 11.30 -24.76
C MET F 43 38.06 12.72 -25.24
N GLY F 44 39.11 13.35 -24.69
CA GLY F 44 39.58 14.66 -25.11
C GLY F 44 38.63 15.82 -25.00
N GLN F 45 38.21 16.18 -23.78
CA GLN F 45 37.31 17.30 -23.58
C GLN F 45 38.12 18.59 -23.58
N LYS F 46 38.17 19.24 -24.74
CA LYS F 46 38.91 20.49 -24.88
C LYS F 46 38.19 21.63 -24.17
N ASP F 47 38.97 22.51 -23.55
CA ASP F 47 38.42 23.63 -22.80
C ASP F 47 38.09 24.84 -23.67
N SER F 48 38.39 24.79 -24.96
CA SER F 48 38.09 25.91 -25.86
C SER F 48 38.02 25.36 -27.29
N TYR F 49 36.85 25.48 -27.91
CA TYR F 49 36.66 25.11 -29.30
C TYR F 49 36.74 26.35 -30.18
N VAL F 50 37.50 26.25 -31.26
CA VAL F 50 37.84 27.39 -32.12
C VAL F 50 37.41 27.05 -33.55
N GLY F 51 36.63 27.94 -34.16
CA GLY F 51 36.37 27.82 -35.59
C GLY F 51 35.19 26.93 -35.88
N ASP F 52 35.40 25.96 -36.78
CA ASP F 52 34.32 25.11 -37.28
C ASP F 52 33.81 24.15 -36.20
N GLU F 53 34.70 23.69 -35.32
CA GLU F 53 34.30 22.79 -34.24
C GLU F 53 33.43 23.51 -33.21
N ALA F 54 33.67 24.81 -33.01
CA ALA F 54 32.80 25.61 -32.16
C ALA F 54 31.43 25.82 -32.80
N GLN F 55 31.39 25.96 -34.13
CA GLN F 55 30.11 26.07 -34.84
C GLN F 55 29.32 24.77 -34.80
N SER F 56 30.00 23.63 -34.94
CA SER F 56 29.31 22.35 -35.01
C SER F 56 28.94 21.79 -33.65
N LYS F 57 29.37 22.43 -32.55
CA LYS F 57 29.06 21.95 -31.21
C LYS F 57 28.56 23.08 -30.32
N ARG F 58 27.89 24.08 -30.90
CA ARG F 58 27.61 25.34 -30.22
C ARG F 58 26.53 25.25 -29.15
N GLY F 59 25.83 24.13 -29.03
CA GLY F 59 24.79 23.99 -28.03
C GLY F 59 25.26 23.77 -26.60
N ILE F 60 26.57 23.70 -26.36
CA ILE F 60 27.10 23.55 -25.01
C ILE F 60 28.16 24.61 -24.77
N LEU F 61 28.22 25.63 -25.63
CA LEU F 61 29.33 26.57 -25.64
C LEU F 61 28.85 28.01 -25.51
N THR F 62 29.66 28.81 -24.84
CA THR F 62 29.60 30.26 -24.91
C THR F 62 30.56 30.71 -26.01
N LEU F 63 30.05 31.42 -27.01
CA LEU F 63 30.83 31.86 -28.15
C LEU F 63 31.21 33.32 -27.98
N LYS F 64 32.50 33.61 -28.11
CA LYS F 64 33.03 34.96 -28.02
C LYS F 64 33.63 35.36 -29.36
N TYR F 65 33.28 36.55 -29.82
CA TYR F 65 33.87 37.12 -31.03
C TYR F 65 35.09 37.95 -30.64
N PRO F 66 36.28 37.66 -31.20
CA PRO F 66 37.46 38.45 -30.83
C PRO F 66 37.45 39.88 -31.35
N ILE F 67 36.75 40.17 -32.45
CA ILE F 67 36.68 41.52 -33.01
C ILE F 67 35.33 42.12 -32.68
N GLU F 68 35.34 43.35 -32.20
CA GLU F 68 34.12 44.13 -32.05
C GLU F 68 34.30 45.49 -32.71
N HIC F 69 33.55 45.70 -33.80
CA HIC F 69 33.56 46.90 -34.65
C HIC F 69 34.94 47.22 -35.21
O HIC F 69 35.43 48.36 -35.21
CB HIC F 69 33.06 48.20 -33.98
CG HIC F 69 31.91 48.02 -33.09
ND1 HIC F 69 31.99 47.67 -31.75
CD2 HIC F 69 30.56 48.21 -33.45
CE1 HIC F 69 30.72 47.62 -31.29
NE2 HIC F 69 29.81 47.95 -32.31
CZ HIC F 69 28.39 48.00 -32.18
N GLY F 70 35.60 46.19 -35.71
CA GLY F 70 36.89 46.35 -36.37
C GLY F 70 38.09 46.38 -35.46
N ILE F 71 37.85 46.30 -34.15
CA ILE F 71 38.89 46.41 -33.13
C ILE F 71 38.95 45.08 -32.39
N ILE F 72 40.16 44.54 -32.26
CA ILE F 72 40.37 43.25 -31.60
C ILE F 72 40.33 43.51 -30.10
N THR F 73 39.25 43.09 -29.45
CA THR F 73 39.13 43.26 -27.99
C THR F 73 39.94 42.22 -27.24
N ASN F 74 39.66 40.94 -27.49
CA ASN F 74 40.34 39.85 -26.80
C ASN F 74 41.50 39.36 -27.67
N TRP F 75 42.70 39.37 -27.11
CA TRP F 75 43.91 39.08 -27.88
C TRP F 75 44.35 37.63 -27.78
N ASP F 76 44.07 36.96 -26.66
CA ASP F 76 44.37 35.53 -26.52
C ASP F 76 43.48 34.70 -27.45
N ASP F 77 42.23 35.11 -27.60
CA ASP F 77 41.32 34.48 -28.56
C ASP F 77 41.80 34.68 -30.00
N MET F 78 42.34 35.85 -30.31
CA MET F 78 42.91 36.09 -31.63
C MET F 78 44.21 35.32 -31.86
N GLU F 79 44.99 35.09 -30.80
CA GLU F 79 46.14 34.20 -30.88
C GLU F 79 45.71 32.77 -31.19
N LYS F 80 44.60 32.33 -30.57
CA LYS F 80 44.03 31.01 -30.88
C LYS F 80 43.48 30.93 -32.30
N ILE F 81 42.86 32.02 -32.79
CA ILE F 81 42.34 32.09 -34.17
C ILE F 81 43.48 32.04 -35.19
N TRP F 82 44.58 32.77 -34.93
CA TRP F 82 45.73 32.75 -35.83
C TRP F 82 46.46 31.41 -35.81
N HIS F 83 46.53 30.77 -34.63
CA HIS F 83 47.10 29.42 -34.53
C HIS F 83 46.23 28.41 -35.27
N HIS F 84 44.90 28.58 -35.22
CA HIS F 84 44.00 27.69 -35.95
C HIS F 84 44.10 27.88 -37.46
N THR F 85 44.17 29.14 -37.92
CA THR F 85 44.20 29.38 -39.36
C THR F 85 45.57 29.08 -39.97
N PHE F 86 46.64 29.07 -39.16
CA PHE F 86 47.93 28.66 -39.72
C PHE F 86 48.15 27.16 -39.61
N TYR F 87 47.97 26.60 -38.41
CA TYR F 87 48.43 25.23 -38.17
C TYR F 87 47.38 24.18 -38.53
N ASN F 88 46.10 24.49 -38.39
CA ASN F 88 45.06 23.48 -38.55
C ASN F 88 44.37 23.51 -39.90
N GLU F 89 44.23 24.68 -40.52
CA GLU F 89 43.46 24.78 -41.76
C GLU F 89 44.36 24.68 -42.99
N LEU F 90 45.30 25.61 -43.13
CA LEU F 90 46.22 25.57 -44.26
C LEU F 90 47.32 24.53 -44.08
N ARG F 91 47.68 24.25 -42.82
CA ARG F 91 48.76 23.33 -42.40
C ARG F 91 50.10 23.72 -43.03
N VAL F 92 50.52 24.96 -42.77
CA VAL F 92 51.75 25.53 -43.32
C VAL F 92 52.57 26.12 -42.19
N ALA F 93 53.89 26.07 -42.35
CA ALA F 93 54.79 26.75 -41.44
C ALA F 93 54.75 28.25 -41.70
N PRO F 94 54.45 29.09 -40.70
CA PRO F 94 54.41 30.54 -40.95
C PRO F 94 55.78 31.17 -41.13
N GLU F 95 56.84 30.53 -40.64
CA GLU F 95 58.18 31.09 -40.66
C GLU F 95 58.86 31.01 -42.02
N GLU F 96 58.24 30.37 -43.01
CA GLU F 96 58.82 30.29 -44.34
C GLU F 96 57.97 30.96 -45.42
N HIS F 97 56.79 31.47 -45.07
CA HIS F 97 55.94 32.11 -46.04
C HIS F 97 55.49 33.48 -45.56
N PRO F 98 55.47 34.47 -46.44
CA PRO F 98 54.90 35.78 -46.05
C PRO F 98 53.38 35.71 -45.94
N THR F 99 52.83 36.62 -45.13
CA THR F 99 51.42 36.61 -44.79
C THR F 99 50.88 38.02 -44.82
N LEU F 100 49.98 38.29 -45.77
CA LEU F 100 49.37 39.61 -45.88
C LEU F 100 48.20 39.72 -44.91
N LEU F 101 47.97 40.94 -44.42
CA LEU F 101 46.89 41.21 -43.48
C LEU F 101 46.04 42.37 -43.99
N THR F 102 44.81 42.44 -43.48
CA THR F 102 43.85 43.46 -43.88
C THR F 102 43.39 44.23 -42.64
N GLU F 103 42.99 45.48 -42.85
CA GLU F 103 42.59 46.34 -41.73
C GLU F 103 41.65 47.42 -42.23
N ALA F 104 40.68 47.76 -41.40
CA ALA F 104 39.73 48.84 -41.66
C ALA F 104 40.41 50.20 -41.38
N PRO F 105 40.02 51.25 -42.10
CA PRO F 105 40.55 52.58 -41.78
C PRO F 105 39.90 53.18 -40.54
N LEU F 106 40.55 54.23 -40.02
CA LEU F 106 40.21 54.93 -38.77
C LEU F 106 40.15 53.99 -37.57
N ASN F 107 41.08 53.06 -37.53
CA ASN F 107 41.32 52.12 -36.46
C ASN F 107 42.22 52.80 -35.42
N PRO F 108 41.98 52.57 -34.13
CA PRO F 108 42.99 52.92 -33.12
C PRO F 108 44.31 52.19 -33.36
N LYS F 109 45.40 52.91 -33.09
CA LYS F 109 46.73 52.52 -33.57
C LYS F 109 47.28 51.31 -32.84
N ALA F 110 46.85 51.09 -31.59
CA ALA F 110 47.39 50.01 -30.76
C ALA F 110 46.98 48.64 -31.27
N ASN F 111 45.87 48.56 -32.03
CA ASN F 111 45.50 47.34 -32.75
C ASN F 111 46.57 46.97 -33.78
N ARG F 112 47.04 47.96 -34.55
CA ARG F 112 48.09 47.74 -35.53
C ARG F 112 49.44 47.45 -34.85
N GLU F 113 49.69 48.12 -33.71
CA GLU F 113 50.87 47.86 -32.88
C GLU F 113 50.93 46.41 -32.40
N LYS F 114 49.83 45.91 -31.85
CA LYS F 114 49.83 44.56 -31.30
C LYS F 114 49.76 43.51 -32.42
N MET F 115 49.18 43.87 -33.58
CA MET F 115 49.24 43.02 -34.76
C MET F 115 50.68 42.83 -35.23
N THR F 116 51.44 43.93 -35.29
CA THR F 116 52.86 43.89 -35.65
C THR F 116 53.68 43.08 -34.64
N GLN F 117 53.40 43.28 -33.35
CA GLN F 117 54.15 42.62 -32.29
C GLN F 117 53.87 41.10 -32.26
N ILE F 118 52.61 40.71 -32.46
CA ILE F 118 52.27 39.29 -32.45
C ILE F 118 52.75 38.60 -33.73
N MET F 119 52.56 39.22 -34.90
CA MET F 119 53.07 38.64 -36.14
C MET F 119 54.59 38.70 -36.30
N PHE F 120 55.33 39.42 -35.47
CA PHE F 120 56.78 39.25 -35.51
C PHE F 120 57.38 38.72 -34.21
N GLU F 121 56.57 38.33 -33.22
CA GLU F 121 57.12 37.70 -32.01
C GLU F 121 56.43 36.42 -31.61
N THR F 122 55.32 36.04 -32.22
CA THR F 122 54.64 34.78 -31.94
C THR F 122 54.41 33.97 -33.21
N PHE F 123 54.06 34.63 -34.31
CA PHE F 123 53.85 34.01 -35.61
C PHE F 123 54.82 34.59 -36.61
N ASN F 124 56.12 34.61 -36.25
CA ASN F 124 57.16 35.36 -36.96
C ASN F 124 57.40 34.90 -38.39
N VAL F 125 56.97 35.75 -39.32
CA VAL F 125 56.98 35.51 -40.76
C VAL F 125 58.26 36.11 -41.31
N PRO F 126 58.74 35.70 -42.49
CA PRO F 126 59.83 36.48 -43.13
C PRO F 126 59.41 37.89 -43.53
N ALA F 127 58.15 38.09 -43.91
CA ALA F 127 57.66 39.41 -44.30
C ALA F 127 56.15 39.45 -44.12
N MET F 128 55.61 40.67 -44.03
CA MET F 128 54.17 40.83 -43.99
C MET F 128 53.81 42.20 -44.54
N TYR F 129 52.52 42.44 -44.69
CA TYR F 129 52.00 43.75 -45.03
C TYR F 129 50.57 43.86 -44.53
N VAL F 130 50.25 45.00 -43.93
CA VAL F 130 48.89 45.31 -43.50
C VAL F 130 48.32 46.31 -44.49
N ALA F 131 47.13 46.02 -45.02
CA ALA F 131 46.58 46.82 -46.10
C ALA F 131 45.16 47.27 -45.77
N ILE F 132 44.76 48.37 -46.39
CA ILE F 132 43.38 48.83 -46.33
C ILE F 132 42.53 47.92 -47.20
N GLN F 133 41.35 47.53 -46.68
CA GLN F 133 40.49 46.55 -47.35
C GLN F 133 39.89 47.11 -48.64
N ALA F 134 39.62 48.41 -48.67
CA ALA F 134 39.01 49.04 -49.84
C ALA F 134 39.98 49.11 -51.02
N VAL F 135 41.27 49.33 -50.73
CA VAL F 135 42.31 49.33 -51.74
C VAL F 135 42.44 47.94 -52.37
N LEU F 136 42.36 46.90 -51.54
CA LEU F 136 42.36 45.53 -52.02
C LEU F 136 41.11 45.20 -52.83
N SER F 137 39.96 45.74 -52.43
CA SER F 137 38.72 45.53 -53.20
C SER F 137 38.79 46.21 -54.57
N LEU F 138 39.40 47.39 -54.64
CA LEU F 138 39.59 48.06 -55.92
C LEU F 138 40.64 47.35 -56.78
N TYR F 139 41.64 46.75 -56.15
CA TYR F 139 42.62 45.94 -56.90
C TYR F 139 41.99 44.67 -57.47
N ALA F 140 41.09 44.04 -56.73
CA ALA F 140 40.36 42.89 -57.26
C ALA F 140 39.33 43.30 -58.30
N SER F 141 38.84 44.55 -58.23
CA SER F 141 37.92 45.04 -59.25
C SER F 141 38.59 45.28 -60.60
N GLY F 142 39.92 45.38 -60.63
CA GLY F 142 40.64 45.52 -61.89
C GLY F 142 40.64 46.90 -62.47
N ARG F 143 40.30 47.92 -61.68
CA ARG F 143 40.28 49.29 -62.13
C ARG F 143 41.10 50.16 -61.19
N THR F 144 41.73 51.19 -61.75
CA THR F 144 42.59 52.06 -60.96
C THR F 144 41.79 53.05 -60.12
N THR F 145 40.66 53.51 -60.63
CA THR F 145 39.86 54.52 -59.96
C THR F 145 38.52 53.94 -59.52
N GLY F 146 37.96 54.53 -58.48
CA GLY F 146 36.68 54.11 -57.94
C GLY F 146 36.60 54.39 -56.46
N ILE F 147 35.37 54.37 -55.96
CA ILE F 147 35.10 54.50 -54.53
C ILE F 147 34.54 53.17 -54.03
N VAL F 148 35.09 52.68 -52.92
CA VAL F 148 34.73 51.38 -52.38
C VAL F 148 34.00 51.60 -51.06
N LEU F 149 32.76 51.10 -51.00
CA LEU F 149 32.03 50.90 -49.75
C LEU F 149 32.27 49.45 -49.35
N ASP F 150 33.00 49.23 -48.26
CA ASP F 150 33.20 47.89 -47.75
C ASP F 150 32.48 47.78 -46.40
N SER F 151 31.59 46.80 -46.30
CA SER F 151 30.78 46.61 -45.11
C SER F 151 30.94 45.15 -44.68
N GLY F 152 31.69 44.93 -43.61
CA GLY F 152 31.89 43.59 -43.11
C GLY F 152 30.88 43.22 -42.06
N ASP F 153 31.37 42.75 -40.91
CA ASP F 153 30.52 42.47 -39.76
C ASP F 153 30.62 43.55 -38.69
N GLY F 154 31.70 44.32 -38.67
CA GLY F 154 31.81 45.40 -37.70
C GLY F 154 31.88 46.81 -38.23
N VAL F 155 32.50 47.00 -39.41
CA VAL F 155 32.81 48.34 -39.93
C VAL F 155 32.24 48.47 -41.33
N THR F 156 31.49 49.56 -41.56
CA THR F 156 31.09 49.99 -42.91
C THR F 156 31.85 51.26 -43.23
N HIS F 157 32.80 51.17 -44.18
CA HIS F 157 33.67 52.30 -44.46
C HIS F 157 33.70 52.61 -45.95
N ASN F 158 33.80 53.92 -46.24
CA ASN F 158 33.83 54.45 -47.59
C ASN F 158 35.20 55.06 -47.86
N VAL F 159 35.88 54.57 -48.89
CA VAL F 159 37.19 55.10 -49.31
C VAL F 159 37.18 55.38 -50.81
N PRO F 160 37.40 56.62 -51.24
CA PRO F 160 37.61 56.88 -52.67
C PRO F 160 39.08 56.91 -53.08
N ILE F 161 39.35 56.33 -54.26
CA ILE F 161 40.70 56.31 -54.84
C ILE F 161 40.57 56.78 -56.28
N TYR F 162 41.40 57.74 -56.67
CA TYR F 162 41.43 58.24 -58.04
C TYR F 162 42.85 58.15 -58.57
N GLU F 163 43.04 57.34 -59.62
CA GLU F 163 44.32 57.09 -60.31
C GLU F 163 45.40 56.57 -59.35
N GLY F 164 45.01 55.69 -58.44
CA GLY F 164 45.92 55.16 -57.45
C GLY F 164 46.16 56.05 -56.26
N TYR F 165 45.50 57.20 -56.17
CA TYR F 165 45.66 58.14 -55.06
C TYR F 165 44.40 58.09 -54.21
N ALA F 166 44.55 57.69 -52.94
CA ALA F 166 43.44 57.63 -52.00
C ALA F 166 43.41 58.92 -51.20
N LEU F 167 42.29 59.63 -51.26
CA LEU F 167 42.15 60.87 -50.51
C LEU F 167 41.87 60.55 -49.05
N PRO F 168 42.71 61.00 -48.12
CA PRO F 168 42.54 60.57 -46.71
C PRO F 168 41.39 61.26 -45.98
N HIS F 169 41.15 62.54 -46.25
CA HIS F 169 40.14 63.30 -45.53
C HIS F 169 38.72 62.90 -45.90
N ALA F 170 38.52 62.30 -47.07
CA ALA F 170 37.19 61.88 -47.50
C ALA F 170 36.83 60.47 -47.03
N ILE F 171 37.76 59.76 -46.38
CA ILE F 171 37.50 58.41 -45.89
C ILE F 171 36.57 58.49 -44.69
N MET F 172 35.47 57.72 -44.73
CA MET F 172 34.49 57.76 -43.66
C MET F 172 34.28 56.36 -43.08
N ARG F 173 33.99 56.34 -41.78
CA ARG F 173 33.79 55.10 -41.04
C ARG F 173 32.45 55.16 -40.31
N LEU F 174 31.70 54.07 -40.35
CA LEU F 174 30.46 53.95 -39.61
C LEU F 174 30.47 52.58 -38.93
N ASP F 175 30.19 52.57 -37.64
CA ASP F 175 30.19 51.33 -36.85
C ASP F 175 28.80 50.68 -36.87
N LEU F 176 28.38 50.30 -38.08
CA LEU F 176 27.10 49.63 -38.28
C LEU F 176 27.29 48.65 -39.43
N ALA F 177 27.29 47.37 -39.11
CA ALA F 177 27.41 46.31 -40.10
C ALA F 177 26.65 45.09 -39.57
N GLY F 178 27.07 43.90 -40.03
CA GLY F 178 26.24 42.70 -39.96
C GLY F 178 25.96 42.17 -38.56
N ARG F 179 26.87 42.40 -37.61
CA ARG F 179 26.62 42.00 -36.23
C ARG F 179 25.54 42.86 -35.59
N ASP F 180 25.53 44.16 -35.90
CA ASP F 180 24.49 45.04 -35.39
C ASP F 180 23.14 44.72 -36.03
N LEU F 181 23.16 44.30 -37.30
CA LEU F 181 21.96 43.79 -37.95
C LEU F 181 21.44 42.52 -37.29
N THR F 182 22.36 41.64 -36.89
CA THR F 182 21.98 40.41 -36.19
C THR F 182 21.43 40.70 -34.79
N ASP F 183 22.02 41.70 -34.10
CA ASP F 183 21.53 42.13 -32.80
C ASP F 183 20.13 42.75 -32.90
N TYR F 184 19.91 43.58 -33.92
CA TYR F 184 18.59 44.16 -34.18
C TYR F 184 17.58 43.10 -34.61
N LEU F 185 18.05 42.08 -35.33
CA LEU F 185 17.16 41.00 -35.76
C LEU F 185 16.75 40.11 -34.59
N MET F 186 17.66 39.91 -33.61
CA MET F 186 17.25 39.26 -32.36
C MET F 186 16.29 40.12 -31.56
N LYS F 187 16.44 41.45 -31.65
CA LYS F 187 15.51 42.35 -30.98
C LYS F 187 14.11 42.29 -31.60
N ILE F 188 14.02 42.28 -32.93
CA ILE F 188 12.70 42.36 -33.57
C ILE F 188 12.04 40.99 -33.72
N LEU F 189 12.78 39.89 -33.56
CA LEU F 189 12.16 38.56 -33.53
C LEU F 189 11.37 38.30 -32.26
N THR F 190 11.59 39.08 -31.19
CA THR F 190 10.79 38.95 -29.98
C THR F 190 9.37 39.45 -30.14
N GLU F 191 9.09 40.24 -31.19
CA GLU F 191 7.73 40.63 -31.52
C GLU F 191 6.89 39.42 -31.93
N ARG F 192 7.49 38.48 -32.67
CA ARG F 192 6.81 37.25 -33.06
C ARG F 192 6.94 36.14 -32.02
N GLY F 193 7.63 36.39 -30.90
CA GLY F 193 7.68 35.47 -29.79
C GLY F 193 8.88 34.56 -29.74
N TYR F 194 9.76 34.60 -30.73
CA TYR F 194 10.91 33.69 -30.79
C TYR F 194 12.06 34.35 -30.03
N SER F 195 12.27 33.93 -28.78
CA SER F 195 13.26 34.54 -27.90
C SER F 195 14.62 33.90 -28.16
N PHE F 196 15.51 34.64 -28.81
CA PHE F 196 16.88 34.20 -29.08
C PHE F 196 17.80 35.03 -28.21
N VAL F 197 18.29 34.45 -27.10
CA VAL F 197 19.04 35.20 -26.10
C VAL F 197 20.48 34.72 -25.97
N THR F 198 20.75 33.47 -26.33
CA THR F 198 22.08 32.92 -26.09
C THR F 198 23.03 33.31 -27.22
N THR F 199 24.33 33.10 -26.99
CA THR F 199 25.33 33.31 -28.02
C THR F 199 25.22 32.28 -29.13
N ALA F 200 24.77 31.07 -28.81
CA ALA F 200 24.52 30.05 -29.82
C ALA F 200 23.37 30.42 -30.75
N GLU F 201 22.31 31.01 -30.17
CA GLU F 201 21.15 31.43 -30.94
C GLU F 201 21.43 32.64 -31.83
N ARG F 202 22.48 33.41 -31.52
CA ARG F 202 22.94 34.48 -32.41
C ARG F 202 23.41 33.94 -33.76
N GLU F 203 24.03 32.75 -33.77
CA GLU F 203 24.41 32.11 -35.02
C GLU F 203 23.18 31.63 -35.80
N ILE F 204 22.13 31.23 -35.10
CA ILE F 204 20.88 30.83 -35.76
C ILE F 204 20.20 32.02 -36.41
N VAL F 205 20.17 33.16 -35.70
CA VAL F 205 19.65 34.42 -36.25
C VAL F 205 20.52 34.92 -37.40
N ARG F 206 21.84 34.70 -37.32
CA ARG F 206 22.75 35.02 -38.42
C ARG F 206 22.48 34.14 -39.65
N ASP F 207 22.16 32.86 -39.44
CA ASP F 207 21.81 31.99 -40.56
C ASP F 207 20.47 32.39 -41.18
N ILE F 208 19.52 32.83 -40.35
CA ILE F 208 18.25 33.39 -40.80
C ILE F 208 18.48 34.63 -41.67
N LYS F 209 19.38 35.50 -41.21
CA LYS F 209 19.73 36.73 -41.90
C LYS F 209 20.45 36.45 -43.22
N GLU F 210 21.32 35.45 -43.24
CA GLU F 210 22.03 35.08 -44.48
C GLU F 210 21.10 34.44 -45.49
N LYS F 211 20.16 33.62 -45.03
CA LYS F 211 19.33 32.87 -45.96
C LYS F 211 18.08 33.62 -46.44
N LEU F 212 17.51 34.49 -45.61
CA LEU F 212 16.17 34.99 -45.89
C LEU F 212 16.09 36.50 -46.09
N CYS F 213 16.94 37.28 -45.41
CA CYS F 213 16.82 38.74 -45.43
C CYS F 213 17.28 39.33 -46.76
N TYR F 214 16.70 40.48 -47.10
CA TYR F 214 16.98 41.16 -48.36
C TYR F 214 16.74 42.65 -48.19
N VAL F 215 17.40 43.45 -49.04
CA VAL F 215 17.25 44.90 -49.02
C VAL F 215 16.06 45.27 -49.89
N ALA F 216 15.12 46.04 -49.32
CA ALA F 216 13.95 46.49 -50.07
C ALA F 216 14.30 47.66 -50.98
N LEU F 217 13.65 47.69 -52.16
CA LEU F 217 13.89 48.78 -53.10
C LEU F 217 13.16 50.05 -52.67
N ASP F 218 11.97 49.91 -52.09
CA ASP F 218 11.30 51.00 -51.42
C ASP F 218 10.77 50.45 -50.10
N PHE F 219 10.82 51.26 -49.05
CA PHE F 219 10.61 50.76 -47.70
C PHE F 219 9.14 50.87 -47.28
N GLU F 220 8.51 52.01 -47.58
CA GLU F 220 7.12 52.23 -47.21
C GLU F 220 6.16 51.37 -48.05
N ASN F 221 6.49 51.18 -49.33
CA ASN F 221 5.68 50.31 -50.18
C ASN F 221 5.79 48.84 -49.75
N GLU F 222 6.95 48.44 -49.23
CA GLU F 222 7.06 47.07 -48.72
C GLU F 222 6.39 46.92 -47.36
N MET F 223 6.31 47.98 -46.54
CA MET F 223 5.31 48.01 -45.45
C MET F 223 3.89 47.83 -45.93
N ALA F 224 3.51 48.50 -47.04
CA ALA F 224 2.16 48.39 -47.56
C ALA F 224 1.86 46.98 -48.07
N THR F 225 2.82 46.37 -48.77
CA THR F 225 2.68 45.01 -49.29
C THR F 225 2.68 43.98 -48.17
N ALA F 226 3.55 44.15 -47.16
CA ALA F 226 3.63 43.20 -46.05
C ALA F 226 2.44 43.30 -45.12
N ALA F 227 1.96 44.53 -44.85
CA ALA F 227 0.81 44.69 -43.97
C ALA F 227 -0.48 44.30 -44.67
N SER F 228 -0.56 44.51 -45.99
CA SER F 228 -1.77 44.16 -46.72
C SER F 228 -1.91 42.65 -46.88
N SER F 229 -0.92 42.01 -47.50
CA SER F 229 -0.98 40.59 -47.83
C SER F 229 0.18 39.83 -47.22
N SER F 230 -0.02 38.56 -46.94
CA SER F 230 1.04 37.67 -46.44
C SER F 230 1.72 36.92 -47.58
N SER F 231 2.20 37.66 -48.58
CA SER F 231 2.88 37.05 -49.71
C SER F 231 4.38 36.95 -49.53
N LEU F 232 4.95 37.83 -48.71
CA LEU F 232 6.40 37.90 -48.53
C LEU F 232 6.89 37.02 -47.38
N GLU F 233 5.98 36.44 -46.59
CA GLU F 233 6.33 35.68 -45.41
C GLU F 233 7.04 34.38 -45.76
N LYS F 234 8.10 34.08 -45.03
CA LYS F 234 8.97 32.95 -45.34
C LYS F 234 9.21 32.14 -44.08
N SER F 235 9.24 30.82 -44.24
CA SER F 235 9.42 29.90 -43.13
C SER F 235 10.86 29.40 -43.08
N TYR F 236 11.33 29.14 -41.86
CA TYR F 236 12.69 28.70 -41.60
C TYR F 236 12.64 27.53 -40.65
N GLU F 237 13.59 26.60 -40.80
CA GLU F 237 13.66 25.41 -39.98
C GLU F 237 14.79 25.55 -38.96
N LEU F 238 14.43 25.49 -37.68
CA LEU F 238 15.39 25.55 -36.58
C LEU F 238 16.07 24.18 -36.43
N PRO F 239 17.23 24.12 -35.77
CA PRO F 239 17.89 22.80 -35.56
C PRO F 239 17.14 21.82 -34.65
N ASP F 240 16.18 22.26 -33.84
CA ASP F 240 15.37 21.32 -33.07
C ASP F 240 14.17 20.80 -33.84
N GLY F 241 13.94 21.26 -35.07
CA GLY F 241 12.82 20.84 -35.87
C GLY F 241 11.66 21.80 -35.90
N GLN F 242 11.64 22.79 -35.00
CA GLN F 242 10.60 23.81 -35.02
C GLN F 242 10.74 24.72 -36.24
N VAL F 243 9.61 25.15 -36.76
CA VAL F 243 9.56 25.97 -37.97
C VAL F 243 8.99 27.32 -37.60
N ILE F 244 9.73 28.38 -37.91
CA ILE F 244 9.28 29.74 -37.67
C ILE F 244 8.88 30.36 -39.00
N THR F 245 8.21 31.51 -38.93
CA THR F 245 7.83 32.27 -40.12
C THR F 245 8.08 33.74 -39.83
N ILE F 246 8.79 34.43 -40.72
CA ILE F 246 9.06 35.85 -40.58
C ILE F 246 8.45 36.59 -41.77
N GLY F 247 7.99 37.81 -41.51
CA GLY F 247 7.32 38.61 -42.52
C GLY F 247 8.11 39.84 -42.93
N ASN F 248 7.76 41.00 -42.35
CA ASN F 248 8.44 42.25 -42.67
C ASN F 248 9.87 42.32 -42.12
N GLU F 249 10.20 41.46 -41.15
CA GLU F 249 11.53 41.40 -40.54
C GLU F 249 12.64 40.96 -41.51
N ARG F 250 12.28 40.42 -42.68
CA ARG F 250 13.24 40.20 -43.75
C ARG F 250 13.89 41.50 -44.21
N PHE F 251 13.12 42.60 -44.31
CA PHE F 251 13.69 43.83 -44.83
C PHE F 251 13.83 44.94 -43.79
N ARG F 252 13.28 44.77 -42.59
CA ARG F 252 13.52 45.72 -41.51
C ARG F 252 14.95 45.62 -41.01
N CYS F 253 15.54 44.44 -41.09
CA CYS F 253 16.92 44.23 -40.65
C CYS F 253 17.98 44.97 -41.48
N PRO F 254 18.01 44.97 -42.84
CA PRO F 254 19.08 45.73 -43.51
C PRO F 254 18.82 47.23 -43.61
N GLU F 255 17.62 47.70 -43.30
CA GLU F 255 17.30 49.13 -43.42
C GLU F 255 17.97 49.97 -42.33
N THR F 256 18.46 49.31 -41.27
CA THR F 256 19.39 49.91 -40.32
C THR F 256 20.67 50.43 -41.01
N LEU F 257 21.09 49.78 -42.11
CA LEU F 257 22.14 50.33 -42.97
C LEU F 257 21.71 51.65 -43.61
N PHE F 258 20.45 51.75 -44.04
CA PHE F 258 19.97 52.98 -44.66
C PHE F 258 19.26 53.91 -43.68
N GLN F 259 19.03 53.47 -42.44
CA GLN F 259 18.45 54.33 -41.41
C GLN F 259 19.03 53.91 -40.06
N PRO F 260 20.14 54.52 -39.63
CA PRO F 260 20.78 54.11 -38.37
C PRO F 260 20.02 54.50 -37.09
N SER F 261 18.92 55.25 -37.18
CA SER F 261 18.10 55.58 -36.02
C SER F 261 17.26 54.40 -35.52
N PHE F 262 17.22 53.28 -36.24
CA PHE F 262 16.55 52.07 -35.77
C PHE F 262 17.21 51.51 -34.51
N ILE F 263 18.54 51.54 -34.45
CA ILE F 263 19.25 51.10 -33.26
C ILE F 263 19.76 52.30 -32.44
N GLY F 264 19.16 53.47 -32.63
CA GLY F 264 19.50 54.64 -31.85
C GLY F 264 20.85 55.27 -32.12
N MET F 265 21.18 55.49 -33.39
CA MET F 265 22.40 56.20 -33.76
C MET F 265 22.04 57.48 -34.51
N GLU F 266 22.76 58.57 -34.17
CA GLU F 266 22.50 59.87 -34.76
C GLU F 266 23.01 59.99 -36.18
N SER F 267 23.91 59.11 -36.61
CA SER F 267 24.56 59.20 -37.91
C SER F 267 23.58 58.88 -39.04
N ALA F 268 23.94 59.36 -40.24
CA ALA F 268 23.14 59.15 -41.43
C ALA F 268 23.45 57.80 -42.06
N GLY F 269 22.68 57.46 -43.09
CA GLY F 269 22.81 56.19 -43.75
C GLY F 269 24.06 56.05 -44.59
N ILE F 270 24.25 54.84 -45.12
CA ILE F 270 25.45 54.52 -45.89
C ILE F 270 25.45 55.23 -47.25
N HIS F 271 24.26 55.49 -47.82
CA HIS F 271 24.17 56.25 -49.06
C HIS F 271 24.54 57.72 -48.84
N GLU F 272 24.10 58.31 -47.72
CA GLU F 272 24.50 59.66 -47.38
C GLU F 272 25.97 59.74 -47.00
N THR F 273 26.50 58.66 -46.40
CA THR F 273 27.92 58.55 -46.12
C THR F 273 28.74 58.52 -47.41
N THR F 274 28.25 57.77 -48.42
CA THR F 274 28.91 57.73 -49.72
C THR F 274 28.84 59.07 -50.45
N TYR F 275 27.68 59.75 -50.37
CA TYR F 275 27.51 61.04 -51.04
C TYR F 275 28.35 62.13 -50.39
N ASN F 276 28.45 62.12 -49.06
CA ASN F 276 29.33 63.08 -48.38
C ASN F 276 30.80 62.73 -48.55
N SER F 277 31.12 61.44 -48.73
CA SER F 277 32.49 61.06 -49.04
C SER F 277 32.91 61.53 -50.44
N ILE F 278 31.99 61.44 -51.40
CA ILE F 278 32.26 61.93 -52.76
C ILE F 278 32.34 63.45 -52.78
N MET F 279 31.41 64.13 -52.07
CA MET F 279 31.33 65.58 -52.07
C MET F 279 32.51 66.24 -51.35
N LYS F 280 33.15 65.54 -50.43
CA LYS F 280 34.35 66.05 -49.77
C LYS F 280 35.57 66.05 -50.69
N CYS F 281 35.54 65.32 -51.79
CA CYS F 281 36.62 65.30 -52.76
C CYS F 281 36.57 66.53 -53.66
N ASP F 282 37.53 66.62 -54.57
CA ASP F 282 37.61 67.73 -55.51
C ASP F 282 36.51 67.64 -56.57
N ILE F 283 36.23 68.78 -57.20
CA ILE F 283 35.11 68.88 -58.13
C ILE F 283 35.45 68.20 -59.47
N ASP F 284 36.74 68.05 -59.78
CA ASP F 284 37.14 67.41 -61.03
C ASP F 284 36.93 65.90 -60.98
N ILE F 285 37.18 65.29 -59.83
CA ILE F 285 37.28 63.83 -59.74
C ILE F 285 35.98 63.17 -59.31
N ARG F 286 34.90 63.96 -59.18
CA ARG F 286 33.63 63.40 -58.71
C ARG F 286 32.93 62.56 -59.79
N LYS F 287 33.22 62.82 -61.07
CA LYS F 287 32.55 62.16 -62.17
C LYS F 287 32.93 60.69 -62.27
N ASP F 288 34.21 60.38 -62.05
CA ASP F 288 34.66 59.00 -62.08
C ASP F 288 34.19 58.23 -60.84
N LEU F 289 34.06 58.91 -59.70
CA LEU F 289 33.57 58.24 -58.50
C LEU F 289 32.05 58.04 -58.54
N TYR F 290 31.32 58.83 -59.34
CA TYR F 290 29.92 58.54 -59.60
C TYR F 290 29.74 57.24 -60.39
N ALA F 291 30.60 56.97 -61.36
CA ALA F 291 30.39 55.86 -62.27
C ALA F 291 31.07 54.57 -61.82
N ASN F 292 31.73 54.55 -60.66
CA ASN F 292 32.52 53.39 -60.25
C ASN F 292 32.28 53.05 -58.78
N ASN F 293 31.02 52.93 -58.38
CA ASN F 293 30.66 52.54 -57.02
C ASN F 293 30.90 51.04 -56.83
N VAL F 294 32.14 50.70 -56.51
CA VAL F 294 32.51 49.33 -56.20
C VAL F 294 32.05 49.01 -54.79
N MET F 295 31.52 47.81 -54.59
CA MET F 295 31.03 47.39 -53.27
C MET F 295 31.61 46.02 -52.95
N SER F 296 31.85 45.78 -51.65
CA SER F 296 32.46 44.54 -51.20
C SER F 296 32.03 44.27 -49.76
N GLY F 297 32.26 43.04 -49.33
CA GLY F 297 31.84 42.62 -48.00
C GLY F 297 30.58 41.77 -48.04
N GLY F 298 30.43 40.95 -47.00
CA GLY F 298 29.29 40.03 -46.92
C GLY F 298 27.97 40.71 -46.67
N THR F 299 28.00 41.89 -46.04
CA THR F 299 26.81 42.70 -45.83
C THR F 299 26.27 43.25 -47.17
N THR F 300 27.11 43.33 -48.21
CA THR F 300 26.64 43.58 -49.56
C THR F 300 26.21 42.32 -50.31
N MET F 301 25.91 41.23 -49.61
CA MET F 301 25.41 40.02 -50.26
C MET F 301 23.90 39.86 -50.20
N TYR F 302 23.16 40.83 -49.70
CA TYR F 302 21.71 40.79 -49.82
C TYR F 302 21.32 41.03 -51.27
N PRO F 303 20.29 40.34 -51.80
CA PRO F 303 19.94 40.52 -53.21
C PRO F 303 19.00 41.69 -53.50
N GLY F 304 19.23 42.85 -52.89
CA GLY F 304 18.49 44.05 -53.25
C GLY F 304 19.27 45.33 -53.00
N ILE F 305 20.56 45.21 -52.74
CA ILE F 305 21.33 46.33 -52.18
C ILE F 305 21.85 47.26 -53.27
N ALA F 306 22.15 46.73 -54.46
CA ALA F 306 22.76 47.53 -55.52
C ALA F 306 21.75 48.47 -56.15
N ASP F 307 20.52 48.01 -56.36
CA ASP F 307 19.48 48.84 -56.96
C ASP F 307 19.02 49.94 -56.00
N ARG F 308 18.90 49.61 -54.71
CA ARG F 308 18.60 50.61 -53.69
C ARG F 308 19.73 51.64 -53.54
N MET F 309 20.98 51.17 -53.63
CA MET F 309 22.15 52.05 -53.57
C MET F 309 22.19 53.00 -54.77
N GLN F 310 21.89 52.48 -55.97
CA GLN F 310 21.80 53.29 -57.18
C GLN F 310 20.67 54.31 -57.11
N LYS F 311 19.51 53.88 -56.57
CA LYS F 311 18.36 54.77 -56.43
C LYS F 311 18.63 55.91 -55.46
N GLU F 312 19.25 55.62 -54.31
CA GLU F 312 19.53 56.64 -53.32
C GLU F 312 20.63 57.59 -53.76
N ILE F 313 21.68 57.08 -54.43
CA ILE F 313 22.74 57.95 -54.92
C ILE F 313 22.24 58.81 -56.08
N THR F 314 21.44 58.24 -56.99
CA THR F 314 20.88 58.98 -58.12
C THR F 314 19.87 60.03 -57.66
N ALA F 315 19.15 59.75 -56.56
CA ALA F 315 18.37 60.79 -55.90
C ALA F 315 19.27 61.85 -55.27
N LEU F 316 20.44 61.47 -54.76
CA LEU F 316 21.30 62.44 -54.07
C LEU F 316 22.18 63.21 -55.05
N ALA F 317 22.81 62.52 -56.01
CA ALA F 317 23.71 63.15 -56.96
C ALA F 317 22.90 63.98 -57.98
N PRO F 318 23.54 64.97 -58.62
CA PRO F 318 22.89 65.61 -59.78
C PRO F 318 22.71 64.64 -60.94
N SER F 319 21.58 64.81 -61.65
CA SER F 319 21.11 63.81 -62.61
C SER F 319 21.90 63.81 -63.91
N THR F 320 22.70 64.84 -64.18
CA THR F 320 23.45 64.91 -65.43
C THR F 320 24.60 63.92 -65.51
N MET F 321 25.08 63.42 -64.37
CA MET F 321 26.24 62.55 -64.34
C MET F 321 25.81 61.10 -64.10
N LYS F 322 26.58 60.18 -64.66
CA LYS F 322 26.19 58.77 -64.71
C LYS F 322 26.49 58.08 -63.39
N ILE F 323 25.52 57.32 -62.88
CA ILE F 323 25.66 56.54 -61.66
C ILE F 323 25.69 55.06 -62.05
N LYS F 324 26.71 54.34 -61.58
CA LYS F 324 26.84 52.92 -61.87
C LYS F 324 27.38 52.22 -60.64
N ILE F 325 26.82 51.04 -60.34
CA ILE F 325 27.24 50.23 -59.21
C ILE F 325 27.98 49.02 -59.75
N ILE F 326 29.21 48.81 -59.30
CA ILE F 326 30.01 47.66 -59.69
C ILE F 326 29.87 46.61 -58.59
N ALA F 327 29.11 45.56 -58.88
CA ALA F 327 28.83 44.49 -57.92
C ALA F 327 29.19 43.15 -58.56
N PRO F 328 30.44 42.71 -58.42
CA PRO F 328 30.81 41.37 -58.91
C PRO F 328 30.18 40.29 -58.05
N PRO F 329 29.93 39.10 -58.62
CA PRO F 329 29.37 38.00 -57.80
C PRO F 329 30.31 37.45 -56.75
N GLU F 330 31.62 37.58 -56.95
CA GLU F 330 32.61 37.13 -55.98
C GLU F 330 33.11 38.26 -55.08
N ARG F 331 32.25 39.23 -54.76
CA ARG F 331 32.65 40.37 -53.93
C ARG F 331 32.78 40.01 -52.45
N LYS F 332 32.29 38.83 -52.03
CA LYS F 332 32.51 38.36 -50.67
C LYS F 332 33.98 38.08 -50.39
N TYR F 333 34.68 37.47 -51.36
CA TYR F 333 36.08 37.12 -51.23
C TYR F 333 36.99 38.13 -51.92
N SER F 334 36.47 39.30 -52.29
CA SER F 334 37.22 40.26 -53.10
C SER F 334 38.37 40.89 -52.34
N VAL F 335 38.29 40.94 -51.01
CA VAL F 335 39.42 41.37 -50.21
C VAL F 335 40.56 40.37 -50.31
N TRP F 336 40.22 39.07 -50.26
CA TRP F 336 41.22 38.01 -50.43
C TRP F 336 41.77 37.97 -51.84
N ILE F 337 40.90 38.17 -52.85
CA ILE F 337 41.32 38.16 -54.25
C ILE F 337 42.25 39.33 -54.55
N GLY F 338 41.95 40.51 -53.99
CA GLY F 338 42.84 41.65 -54.13
C GLY F 338 44.15 41.48 -53.39
N GLY F 339 44.12 40.81 -52.23
CA GLY F 339 45.36 40.46 -51.55
C GLY F 339 46.21 39.46 -52.32
N SER F 340 45.56 38.52 -53.01
CA SER F 340 46.27 37.56 -53.84
C SER F 340 46.84 38.22 -55.10
N ILE F 341 46.14 39.23 -55.63
CA ILE F 341 46.66 39.97 -56.77
C ILE F 341 47.85 40.83 -56.35
N LEU F 342 47.75 41.51 -55.19
CA LEU F 342 48.81 42.40 -54.75
C LEU F 342 50.03 41.63 -54.24
N ALA F 343 49.82 40.45 -53.65
CA ALA F 343 50.93 39.64 -53.15
C ALA F 343 51.78 39.07 -54.28
N SER F 344 51.15 38.70 -55.39
CA SER F 344 51.88 38.11 -56.52
C SER F 344 52.50 39.17 -57.43
N LEU F 345 52.27 40.45 -57.18
CA LEU F 345 52.82 41.50 -58.03
C LEU F 345 54.31 41.67 -57.80
N SER F 346 55.04 41.97 -58.88
CA SER F 346 56.49 42.12 -58.81
C SER F 346 56.90 43.43 -58.15
N THR F 347 56.06 44.47 -58.25
CA THR F 347 56.36 45.77 -57.65
C THR F 347 56.12 45.81 -56.14
N PHE F 348 55.51 44.77 -55.58
CA PHE F 348 55.18 44.72 -54.16
C PHE F 348 56.35 44.23 -53.30
N GLN F 349 57.41 43.69 -53.93
CA GLN F 349 58.45 42.98 -53.20
C GLN F 349 59.35 43.91 -52.40
N GLN F 350 59.53 45.16 -52.84
CA GLN F 350 60.26 46.12 -52.03
C GLN F 350 59.39 46.74 -50.93
N MET F 351 58.08 46.55 -50.99
CA MET F 351 57.15 47.15 -50.04
C MET F 351 56.87 46.25 -48.84
N TRP F 352 57.57 45.13 -48.71
CA TRP F 352 57.38 44.22 -47.58
C TRP F 352 57.94 44.84 -46.30
N ILE F 353 57.41 44.36 -45.17
CA ILE F 353 57.93 44.70 -43.84
C ILE F 353 58.72 43.50 -43.35
N THR F 354 60.05 43.64 -43.31
CA THR F 354 60.92 42.52 -43.03
C THR F 354 61.12 42.36 -41.52
N LYS F 355 61.74 41.23 -41.16
CA LYS F 355 62.14 40.99 -39.77
C LYS F 355 63.22 41.97 -39.32
N GLN F 356 64.16 42.27 -40.23
CA GLN F 356 65.26 43.17 -39.93
C GLN F 356 64.79 44.61 -39.72
N GLU F 357 63.82 45.05 -40.54
CA GLU F 357 63.24 46.38 -40.39
C GLU F 357 62.47 46.52 -39.08
N TYR F 358 61.74 45.46 -38.69
CA TYR F 358 61.05 45.42 -37.41
C TYR F 358 62.03 45.47 -36.24
N ASP F 359 63.13 44.71 -36.34
CA ASP F 359 64.12 44.68 -35.28
C ASP F 359 64.87 46.00 -35.12
N GLU F 360 65.12 46.70 -36.24
CA GLU F 360 65.78 48.00 -36.09
C GLU F 360 64.80 49.10 -35.66
N ALA F 361 63.52 49.01 -36.03
CA ALA F 361 62.61 50.13 -35.85
C ALA F 361 61.56 49.92 -34.76
N GLY F 362 61.53 48.78 -34.07
CA GLY F 362 60.47 48.50 -33.13
C GLY F 362 59.20 48.13 -33.86
N PRO F 363 58.07 48.08 -33.15
CA PRO F 363 56.78 47.92 -33.84
C PRO F 363 56.14 49.24 -34.25
N SER F 364 56.94 50.16 -34.79
CA SER F 364 56.45 51.48 -35.16
C SER F 364 56.63 51.80 -36.64
N ILE F 365 57.29 50.91 -37.39
CA ILE F 365 57.47 51.10 -38.83
C ILE F 365 56.19 50.86 -39.62
N VAL F 366 55.18 50.24 -39.00
CA VAL F 366 53.90 49.97 -39.66
C VAL F 366 53.10 51.26 -39.89
N HIS F 367 53.35 52.31 -39.11
CA HIS F 367 52.69 53.59 -39.37
C HIS F 367 53.32 54.32 -40.55
N ARG F 368 54.64 54.23 -40.71
CA ARG F 368 55.33 54.97 -41.76
C ARG F 368 55.48 54.17 -43.06
N LYS F 369 55.28 52.86 -43.02
CA LYS F 369 55.37 52.02 -44.21
C LYS F 369 54.01 51.87 -44.88
N CYS F 370 52.99 51.50 -44.10
CA CYS F 370 51.62 51.39 -44.59
C CYS F 370 50.97 52.78 -44.66
N PHE F 371 49.80 52.82 -45.30
CA PHE F 371 49.01 54.03 -45.38
C PHE F 371 48.11 54.16 -44.17
N VAL G 1 -29.49 -26.44 -54.60
CA VAL G 1 -28.96 -27.68 -54.00
C VAL G 1 -28.17 -27.67 -52.64
N PRO G 2 -27.74 -26.53 -52.08
CA PRO G 2 -27.45 -26.55 -50.63
C PRO G 2 -28.72 -26.43 -49.80
N SER G 3 -28.85 -27.28 -48.78
CA SER G 3 -29.99 -27.22 -47.88
C SER G 3 -29.96 -25.97 -47.01
N HIS G 4 -28.75 -25.51 -46.65
CA HIS G 4 -28.62 -24.30 -45.84
C HIS G 4 -28.97 -23.03 -46.61
N ARG G 5 -28.89 -23.06 -47.94
CA ARG G 5 -29.30 -21.91 -48.75
C ARG G 5 -30.80 -21.84 -48.99
N ARG G 6 -31.56 -22.86 -48.59
CA ARG G 6 -33.02 -22.84 -48.73
C ARG G 6 -33.60 -22.02 -47.58
N VAL G 7 -33.65 -20.70 -47.80
CA VAL G 7 -34.02 -19.74 -46.76
C VAL G 7 -35.39 -19.14 -47.13
N ASN G 8 -36.29 -19.10 -46.16
CA ASN G 8 -37.56 -18.41 -46.31
C ASN G 8 -37.33 -16.89 -46.28
N PRO G 9 -38.13 -16.12 -47.02
CA PRO G 9 -37.95 -14.66 -47.01
C PRO G 9 -38.57 -14.03 -45.77
N PRO G 10 -37.88 -13.10 -45.13
CA PRO G 10 -38.43 -12.42 -43.96
C PRO G 10 -39.29 -11.22 -44.34
N THR G 11 -39.94 -10.64 -43.33
CA THR G 11 -40.86 -9.53 -43.51
C THR G 11 -40.28 -8.18 -43.09
N LEU G 12 -39.80 -8.08 -41.85
CA LEU G 12 -39.35 -6.81 -41.30
C LEU G 12 -37.87 -6.58 -41.63
N ARG G 13 -37.32 -5.49 -41.08
CA ARG G 13 -35.89 -5.22 -41.17
C ARG G 13 -35.21 -5.64 -39.86
N MET G 14 -34.03 -6.24 -39.99
CA MET G 14 -33.33 -6.82 -38.84
C MET G 14 -31.86 -6.44 -38.89
N LYS G 15 -31.19 -6.61 -37.75
CA LYS G 15 -29.83 -6.13 -37.55
C LYS G 15 -28.82 -6.97 -38.32
N LYS G 16 -27.65 -6.38 -38.56
CA LYS G 16 -26.65 -6.93 -39.45
C LYS G 16 -25.53 -7.57 -38.64
N LEU G 17 -25.30 -8.87 -38.88
CA LEU G 17 -24.18 -9.55 -38.26
C LEU G 17 -22.91 -9.36 -39.08
N ASN G 18 -21.83 -9.01 -38.42
CA ASN G 18 -20.57 -8.68 -39.08
C ASN G 18 -19.70 -9.92 -39.18
N TRP G 19 -19.37 -10.32 -40.41
CA TRP G 19 -18.40 -11.39 -40.67
C TRP G 19 -17.78 -11.19 -42.04
N GLN G 20 -16.73 -11.95 -42.30
CA GLN G 20 -16.05 -11.95 -43.59
C GLN G 20 -16.48 -13.18 -44.39
N LYS G 21 -16.91 -12.95 -45.63
CA LYS G 21 -17.45 -14.01 -46.47
C LYS G 21 -16.32 -14.82 -47.11
N LEU G 22 -16.43 -16.15 -47.02
CA LEU G 22 -15.48 -17.04 -47.68
C LEU G 22 -15.77 -17.11 -49.18
N PRO G 23 -14.76 -17.42 -49.99
CA PRO G 23 -15.03 -17.84 -51.37
C PRO G 23 -15.72 -19.19 -51.41
N SER G 24 -16.61 -19.34 -52.40
CA SER G 24 -17.43 -20.55 -52.49
C SER G 24 -16.65 -21.74 -53.04
N ASN G 25 -15.68 -21.49 -53.92
CA ASN G 25 -14.93 -22.57 -54.54
C ASN G 25 -13.99 -23.25 -53.54
N VAL G 26 -13.43 -22.47 -52.60
CA VAL G 26 -12.57 -23.05 -51.58
C VAL G 26 -13.41 -23.77 -50.52
N ALA G 27 -14.65 -23.29 -50.30
CA ALA G 27 -15.55 -23.91 -49.32
C ALA G 27 -16.06 -25.27 -49.77
N ARG G 28 -16.07 -25.52 -51.08
CA ARG G 28 -16.48 -26.81 -51.63
C ARG G 28 -15.28 -27.67 -52.03
N GLU G 29 -14.15 -27.50 -51.36
CA GLU G 29 -12.99 -28.35 -51.59
C GLU G 29 -13.22 -29.73 -50.96
N HIS G 30 -12.37 -30.69 -51.36
CA HIS G 30 -12.52 -32.07 -50.93
C HIS G 30 -12.18 -32.29 -49.46
N ASN G 31 -11.43 -31.37 -48.84
CA ASN G 31 -11.09 -31.49 -47.42
C ASN G 31 -11.59 -30.28 -46.63
N SER G 32 -12.81 -29.82 -46.89
CA SER G 32 -13.32 -28.58 -46.32
C SER G 32 -14.42 -28.85 -45.30
N MET G 33 -14.82 -27.77 -44.61
CA MET G 33 -16.00 -27.79 -43.75
C MET G 33 -17.27 -28.11 -44.52
N TRP G 34 -17.51 -27.39 -45.60
CA TRP G 34 -18.85 -27.28 -46.15
C TRP G 34 -19.15 -28.31 -47.23
N ALA G 35 -18.16 -29.12 -47.62
CA ALA G 35 -18.44 -30.26 -48.50
C ALA G 35 -19.21 -31.34 -47.75
N SER G 36 -18.83 -31.60 -46.49
CA SER G 36 -19.56 -32.57 -45.67
C SER G 36 -20.95 -32.07 -45.31
N LEU G 37 -21.08 -30.77 -45.05
CA LEU G 37 -22.38 -30.19 -44.74
C LEU G 37 -23.25 -30.04 -45.98
N SER G 38 -22.64 -29.93 -47.16
CA SER G 38 -23.41 -29.84 -48.40
C SER G 38 -24.01 -31.19 -48.79
N SER G 39 -23.45 -32.29 -48.28
CA SER G 39 -24.06 -33.59 -48.40
C SER G 39 -25.37 -33.62 -47.59
N PRO G 40 -26.40 -34.30 -48.09
CA PRO G 40 -27.68 -34.33 -47.37
C PRO G 40 -27.71 -35.24 -46.15
N ASP G 41 -26.68 -36.05 -45.93
CA ASP G 41 -26.63 -36.94 -44.77
C ASP G 41 -26.26 -36.23 -43.47
N ALA G 42 -25.83 -34.97 -43.54
CA ALA G 42 -25.46 -34.23 -42.34
C ALA G 42 -26.70 -33.82 -41.54
N GLU G 43 -26.53 -33.70 -40.23
CA GLU G 43 -27.62 -33.33 -39.33
C GLU G 43 -27.77 -31.82 -39.33
N ALA G 44 -28.90 -31.32 -39.80
CA ALA G 44 -29.17 -29.90 -39.90
C ALA G 44 -30.23 -29.50 -38.88
N VAL G 45 -29.92 -28.50 -38.06
CA VAL G 45 -30.88 -27.96 -37.10
C VAL G 45 -31.71 -26.90 -37.81
N GLU G 46 -33.03 -27.08 -37.80
CA GLU G 46 -33.93 -26.08 -38.35
C GLU G 46 -34.02 -24.90 -37.40
N PRO G 47 -33.64 -23.69 -37.83
CA PRO G 47 -33.71 -22.53 -36.93
C PRO G 47 -35.13 -21.99 -36.84
N ASP G 48 -35.51 -21.62 -35.62
CA ASP G 48 -36.81 -21.01 -35.36
C ASP G 48 -36.73 -19.56 -35.82
N PHE G 49 -37.09 -19.35 -37.09
CA PHE G 49 -36.92 -18.04 -37.74
C PHE G 49 -37.87 -16.99 -37.18
N SER G 50 -39.04 -17.42 -36.70
CA SER G 50 -40.05 -16.51 -36.18
C SER G 50 -39.60 -15.83 -34.89
N SER G 51 -38.91 -16.56 -34.01
CA SER G 51 -38.43 -15.96 -32.77
C SER G 51 -37.25 -15.03 -33.02
N ILE G 52 -36.42 -15.35 -34.02
CA ILE G 52 -35.33 -14.45 -34.41
C ILE G 52 -35.87 -13.16 -35.02
N GLU G 53 -36.93 -13.27 -35.85
CA GLU G 53 -37.60 -12.09 -36.36
C GLU G 53 -38.34 -11.32 -35.27
N ARG G 54 -38.82 -12.01 -34.25
CA ARG G 54 -39.49 -11.36 -33.12
C ARG G 54 -38.49 -10.56 -32.29
N LEU G 55 -37.31 -11.12 -32.01
CA LEU G 55 -36.37 -10.50 -31.09
C LEU G 55 -35.41 -9.53 -31.79
N PHE G 56 -34.73 -9.98 -32.83
CA PHE G 56 -33.60 -9.27 -33.40
C PHE G 56 -33.97 -8.37 -34.57
N SER G 57 -35.22 -7.94 -34.68
CA SER G 57 -35.60 -6.95 -35.67
C SER G 57 -35.25 -5.56 -35.17
N PHE G 58 -35.11 -4.62 -36.12
CA PHE G 58 -35.00 -3.22 -35.75
C PHE G 58 -36.31 -2.72 -35.15
N PRO G 59 -36.26 -1.95 -34.07
CA PRO G 59 -37.48 -1.38 -33.50
C PRO G 59 -38.02 -0.25 -34.37
N ALA G 60 -39.34 -0.10 -34.34
CA ALA G 60 -40.03 0.91 -35.12
C ALA G 60 -40.19 2.17 -34.28
N ALA G 61 -39.59 3.26 -34.75
CA ALA G 61 -39.65 4.53 -34.04
C ALA G 61 -40.99 5.23 -34.29
N GLU G 76 -45.99 23.22 -1.79
CA GLU G 76 -45.26 23.95 -0.76
C GLU G 76 -45.45 25.47 -0.91
N PRO G 77 -45.63 26.16 0.22
CA PRO G 77 -45.71 27.63 0.18
C PRO G 77 -44.37 28.25 -0.16
N LYS G 78 -44.43 29.45 -0.74
CA LYS G 78 -43.24 30.13 -1.21
C LYS G 78 -42.44 30.71 -0.04
N GLU G 79 -41.16 30.36 0.02
CA GLU G 79 -40.26 30.87 1.05
C GLU G 79 -39.81 32.26 0.63
N ILE G 80 -40.54 33.27 1.10
CA ILE G 80 -40.27 34.66 0.74
C ILE G 80 -39.03 35.13 1.49
N THR G 81 -38.06 35.67 0.76
CA THR G 81 -36.81 36.08 1.36
C THR G 81 -36.37 37.44 0.85
N PHE G 82 -35.72 38.20 1.73
CA PHE G 82 -35.12 39.47 1.39
C PHE G 82 -33.63 39.38 1.11
N LEU G 83 -33.08 38.16 1.15
CA LEU G 83 -31.66 37.91 0.91
C LEU G 83 -31.47 37.30 -0.46
N ASP G 84 -30.25 37.41 -0.98
CA ASP G 84 -29.88 36.68 -2.19
C ASP G 84 -29.65 35.20 -1.87
N ALA G 85 -29.48 34.42 -2.95
CA ALA G 85 -29.42 32.95 -2.84
C ALA G 85 -28.13 32.48 -2.16
N LYS G 86 -27.00 33.15 -2.44
CA LYS G 86 -25.70 32.68 -1.96
C LYS G 86 -25.55 32.82 -0.45
N LYS G 87 -26.06 33.91 0.13
CA LYS G 87 -25.97 34.12 1.57
C LYS G 87 -26.91 33.19 2.33
N SER G 88 -28.08 32.92 1.73
CA SER G 88 -29.03 31.96 2.31
C SER G 88 -28.47 30.54 2.29
N LEU G 89 -27.80 30.14 1.20
CA LEU G 89 -27.25 28.79 1.16
C LEU G 89 -26.00 28.65 2.04
N ASN G 90 -25.20 29.73 2.16
CA ASN G 90 -24.07 29.72 3.10
C ASN G 90 -24.54 29.67 4.56
N LEU G 91 -25.64 30.33 4.89
CA LEU G 91 -26.16 30.22 6.25
C LEU G 91 -26.79 28.86 6.50
N ASN G 92 -27.42 28.26 5.47
CA ASN G 92 -27.98 26.92 5.61
C ASN G 92 -26.89 25.86 5.76
N ILE G 93 -25.76 26.04 5.10
CA ILE G 93 -24.58 25.21 5.35
C ILE G 93 -24.04 25.46 6.75
N PHE G 94 -24.02 26.74 7.17
CA PHE G 94 -23.44 27.13 8.45
C PHE G 94 -24.28 26.63 9.64
N LEU G 95 -25.61 26.67 9.52
CA LEU G 95 -26.48 26.19 10.58
C LEU G 95 -26.65 24.67 10.58
N LYS G 96 -26.11 23.98 9.58
CA LYS G 96 -26.29 22.53 9.49
C LYS G 96 -25.42 21.77 10.49
N GLN G 97 -24.22 22.29 10.77
CA GLN G 97 -23.26 21.58 11.60
C GLN G 97 -23.56 21.66 13.09
N PHE G 98 -24.50 22.52 13.50
CA PHE G 98 -24.85 22.65 14.91
C PHE G 98 -25.70 21.49 15.42
N LYS G 99 -26.32 20.73 14.50
CA LYS G 99 -27.17 19.56 14.78
C LYS G 99 -28.35 19.88 15.68
N CYS G 100 -28.91 21.08 15.50
CA CYS G 100 -30.03 21.55 16.32
C CYS G 100 -30.74 22.67 15.57
N SER G 101 -31.93 23.00 16.07
CA SER G 101 -32.78 24.01 15.44
C SER G 101 -32.26 25.42 15.72
N ASN G 102 -32.84 26.39 15.00
CA ASN G 102 -32.40 27.79 15.06
C ASN G 102 -32.72 28.44 16.40
N GLU G 103 -33.75 27.95 17.09
CA GLU G 103 -34.14 28.50 18.40
C GLU G 103 -33.06 28.26 19.45
N GLU G 104 -32.45 27.06 19.45
CA GLU G 104 -31.38 26.76 20.38
C GLU G 104 -30.11 27.54 20.06
N VAL G 105 -29.83 27.75 18.76
CA VAL G 105 -28.67 28.54 18.32
C VAL G 105 -28.83 29.99 18.77
N ALA G 106 -30.03 30.57 18.59
CA ALA G 106 -30.29 31.93 19.07
C ALA G 106 -30.27 32.01 20.59
N ALA G 107 -30.72 30.95 21.27
CA ALA G 107 -30.73 30.91 22.73
C ALA G 107 -29.33 30.89 23.33
N MET G 108 -28.41 30.13 22.73
CA MET G 108 -27.05 30.14 23.28
C MET G 108 -26.14 31.16 22.61
N ILE G 109 -26.59 31.88 21.57
CA ILE G 109 -25.98 33.16 21.25
C ILE G 109 -26.35 34.20 22.31
N ARG G 110 -27.62 34.22 22.73
CA ARG G 110 -28.07 35.12 23.80
C ARG G 110 -27.42 34.77 25.14
N ALA G 111 -27.21 33.48 25.40
CA ALA G 111 -26.58 33.05 26.64
C ALA G 111 -25.06 33.21 26.63
N GLY G 112 -24.46 33.37 25.46
CA GLY G 112 -23.01 33.54 25.39
C GLY G 112 -22.21 32.27 25.63
N ASP G 113 -22.78 31.10 25.32
CA ASP G 113 -22.08 29.84 25.56
C ASP G 113 -21.01 29.64 24.49
N THR G 114 -19.82 29.26 24.93
CA THR G 114 -18.66 29.09 24.06
C THR G 114 -18.36 27.64 23.72
N THR G 115 -19.28 26.71 24.02
CA THR G 115 -19.04 25.30 23.73
C THR G 115 -19.10 25.01 22.24
N LYS G 116 -20.09 25.59 21.54
CA LYS G 116 -20.26 25.41 20.10
C LYS G 116 -19.81 26.63 19.31
N PHE G 117 -19.00 27.50 19.92
CA PHE G 117 -18.50 28.72 19.27
C PHE G 117 -17.01 28.89 19.55
N ASP G 118 -16.18 28.43 18.61
CA ASP G 118 -14.78 28.81 18.57
C ASP G 118 -14.62 30.03 17.66
N VAL G 119 -13.37 30.39 17.32
CA VAL G 119 -13.11 31.65 16.62
C VAL G 119 -13.57 31.59 15.16
N GLU G 120 -13.49 30.41 14.53
CA GLU G 120 -13.83 30.29 13.12
C GLU G 120 -15.34 30.37 12.89
N VAL G 121 -16.12 29.79 13.80
CA VAL G 121 -17.59 29.82 13.71
C VAL G 121 -18.11 31.25 13.96
N LEU G 122 -17.45 31.97 14.89
CA LEU G 122 -17.80 33.38 15.12
C LEU G 122 -17.41 34.27 13.95
N LYS G 123 -16.28 33.97 13.29
CA LYS G 123 -15.92 34.70 12.07
C LYS G 123 -16.90 34.43 10.93
N GLN G 124 -17.37 33.19 10.81
CA GLN G 124 -18.40 32.85 9.83
C GLN G 124 -19.74 33.51 10.15
N LEU G 125 -20.04 33.67 11.44
CA LEU G 125 -21.28 34.32 11.86
C LEU G 125 -21.25 35.82 11.58
N LEU G 126 -20.10 36.48 11.84
CA LEU G 126 -20.00 37.90 11.52
C LEU G 126 -19.87 38.14 10.01
N LYS G 127 -19.39 37.15 9.27
CA LYS G 127 -19.44 37.25 7.81
C LYS G 127 -20.86 37.11 7.26
N LEU G 128 -21.78 36.50 8.02
CA LEU G 128 -23.16 36.31 7.59
C LEU G 128 -24.14 37.14 8.43
N LEU G 129 -23.74 38.37 8.78
CA LEU G 129 -24.62 39.27 9.51
C LEU G 129 -25.73 39.79 8.60
N PRO G 130 -26.90 40.10 9.15
CA PRO G 130 -27.96 40.72 8.32
C PRO G 130 -27.64 42.18 8.02
N GLU G 131 -27.95 42.58 6.79
CA GLU G 131 -27.75 43.95 6.36
C GLU G 131 -28.91 44.82 6.81
N LYS G 132 -28.74 46.14 6.67
CA LYS G 132 -29.66 47.12 7.24
C LYS G 132 -31.01 47.12 6.54
N HIS G 133 -31.00 47.00 5.20
CA HIS G 133 -32.25 46.89 4.46
C HIS G 133 -32.94 45.55 4.71
N GLU G 134 -32.16 44.50 4.97
CA GLU G 134 -32.75 43.20 5.35
C GLU G 134 -33.41 43.27 6.73
N ILE G 135 -32.79 43.99 7.68
CA ILE G 135 -33.38 44.20 9.00
C ILE G 135 -34.66 45.04 8.90
N GLU G 136 -34.64 46.07 8.04
CA GLU G 136 -35.83 46.90 7.83
C GLU G 136 -36.95 46.13 7.13
N ASN G 137 -36.60 45.24 6.19
CA ASN G 137 -37.61 44.41 5.52
C ASN G 137 -38.18 43.35 6.46
N LEU G 138 -37.36 42.78 7.35
CA LEU G 138 -37.86 41.83 8.33
C LEU G 138 -38.72 42.52 9.39
N ARG G 139 -38.37 43.75 9.77
CA ARG G 139 -39.20 44.51 10.69
C ARG G 139 -40.52 44.93 10.04
N ALA G 140 -40.49 45.24 8.74
CA ALA G 140 -41.70 45.57 8.01
C ALA G 140 -42.57 44.36 7.69
N PHE G 141 -42.04 43.15 7.84
CA PHE G 141 -42.79 41.92 7.54
C PHE G 141 -43.73 41.63 8.69
N THR G 142 -45.01 41.99 8.52
CA THR G 142 -46.03 41.79 9.53
C THR G 142 -46.85 40.53 9.31
N GLU G 143 -46.51 39.71 8.31
CA GLU G 143 -47.29 38.52 7.98
C GLU G 143 -46.85 37.33 8.83
N GLU G 144 -47.29 36.13 8.44
CA GLU G 144 -46.99 34.93 9.20
C GLU G 144 -45.53 34.50 9.02
N ARG G 145 -44.90 34.13 10.13
CA ARG G 145 -43.50 33.74 10.14
C ARG G 145 -43.28 32.29 9.72
N ALA G 146 -44.34 31.50 9.63
CA ALA G 146 -44.21 30.08 9.31
C ALA G 146 -43.86 29.86 7.84
N LYS G 147 -44.28 30.76 6.96
CA LYS G 147 -44.06 30.60 5.53
C LYS G 147 -42.70 31.13 5.06
N LEU G 148 -41.88 31.65 5.98
CA LEU G 148 -40.56 32.15 5.64
C LEU G 148 -39.57 30.99 5.49
N ALA G 149 -38.36 31.34 5.06
CA ALA G 149 -37.26 30.38 5.00
C ALA G 149 -36.66 30.17 6.39
N SER G 150 -35.73 29.21 6.48
CA SER G 150 -35.03 28.95 7.73
C SER G 150 -34.07 30.07 8.08
N ALA G 151 -33.45 30.68 7.06
CA ALA G 151 -32.52 31.80 7.25
C ALA G 151 -33.25 33.03 7.79
N ASP G 152 -34.44 33.31 7.26
CA ASP G 152 -35.24 34.43 7.74
C ASP G 152 -35.77 34.20 9.15
N HIS G 153 -36.11 32.95 9.46
CA HIS G 153 -36.59 32.60 10.80
C HIS G 153 -35.46 32.71 11.82
N PHE G 154 -34.24 32.30 11.43
CA PHE G 154 -33.06 32.48 12.26
C PHE G 154 -32.70 33.95 12.43
N TYR G 155 -32.89 34.76 11.38
CA TYR G 155 -32.65 36.20 11.48
C TYR G 155 -33.69 36.90 12.37
N LEU G 156 -34.94 36.43 12.34
CA LEU G 156 -35.95 36.98 13.24
C LEU G 156 -35.70 36.56 14.69
N LEU G 157 -35.17 35.35 14.89
CA LEU G 157 -34.75 34.93 16.23
C LEU G 157 -33.55 35.74 16.72
N LEU G 158 -32.60 36.01 15.83
CA LEU G 158 -31.40 36.77 16.18
C LEU G 158 -31.72 38.24 16.46
N LEU G 159 -32.68 38.81 15.71
CA LEU G 159 -33.03 40.21 15.89
C LEU G 159 -33.82 40.46 17.17
N ALA G 160 -34.44 39.42 17.73
CA ALA G 160 -35.13 39.54 19.01
C ALA G 160 -34.16 39.75 20.16
N ILE G 161 -32.93 39.29 20.02
CA ILE G 161 -31.87 39.51 21.02
C ILE G 161 -31.48 40.99 20.99
N PRO G 162 -31.48 41.69 22.13
CA PRO G 162 -31.05 43.09 22.15
C PRO G 162 -29.54 43.19 22.02
N CYS G 163 -29.11 43.86 20.94
CA CYS G 163 -27.71 44.20 20.62
C CYS G 163 -26.84 42.93 20.47
N TYR G 164 -27.22 42.12 19.48
CA TYR G 164 -26.58 40.82 19.26
C TYR G 164 -25.17 40.94 18.68
N GLN G 165 -24.90 41.98 17.90
CA GLN G 165 -23.63 42.15 17.21
C GLN G 165 -22.48 42.38 18.19
N LEU G 166 -22.75 43.15 19.25
CA LEU G 166 -21.76 43.35 20.31
C LEU G 166 -21.48 42.06 21.07
N ARG G 167 -22.50 41.22 21.25
CA ARG G 167 -22.31 39.93 21.93
C ARG G 167 -21.45 38.98 21.09
N ILE G 168 -21.67 38.95 19.77
CA ILE G 168 -20.88 38.13 18.86
C ILE G 168 -19.43 38.61 18.81
N GLU G 169 -19.25 39.94 18.76
CA GLU G 169 -17.91 40.53 18.77
C GLU G 169 -17.19 40.32 20.10
N CYS G 170 -17.95 40.31 21.22
CA CYS G 170 -17.38 40.04 22.53
C CYS G 170 -16.91 38.59 22.65
N MET G 171 -17.70 37.63 22.15
CA MET G 171 -17.28 36.23 22.14
C MET G 171 -16.05 36.01 21.25
N LEU G 172 -16.01 36.69 20.08
CA LEU G 172 -14.83 36.63 19.21
C LEU G 172 -13.60 37.21 19.88
N LEU G 173 -13.74 38.38 20.52
CA LEU G 173 -12.59 39.03 21.13
C LEU G 173 -12.16 38.34 22.42
N CYS G 174 -13.10 37.72 23.15
CA CYS G 174 -12.75 36.97 24.36
C CYS G 174 -11.99 35.69 24.03
N GLU G 175 -12.50 34.91 23.06
CA GLU G 175 -11.81 33.68 22.65
C GLU G 175 -10.48 34.00 21.96
N GLY G 176 -10.45 35.09 21.18
CA GLY G 176 -9.20 35.53 20.58
C GLY G 176 -8.18 36.02 21.59
N ALA G 177 -8.63 36.74 22.62
CA ALA G 177 -7.73 37.19 23.68
C ALA G 177 -7.17 36.03 24.50
N ALA G 178 -8.01 35.02 24.78
CA ALA G 178 -7.53 33.83 25.47
C ALA G 178 -6.54 33.03 24.61
N ALA G 179 -6.82 32.91 23.31
CA ALA G 179 -5.93 32.20 22.40
C ALA G 179 -4.61 32.94 22.20
N VAL G 180 -4.65 34.28 22.18
CA VAL G 180 -3.42 35.08 22.11
C VAL G 180 -2.61 34.95 23.40
N LEU G 181 -3.27 35.00 24.57
CA LEU G 181 -2.58 34.93 25.85
C LEU G 181 -1.92 33.58 26.10
N ASP G 182 -2.60 32.48 25.71
CA ASP G 182 -2.09 31.12 25.90
C ASP G 182 -0.83 30.80 25.07
N MET G 183 -0.53 31.59 24.04
CA MET G 183 0.71 31.41 23.29
C MET G 183 1.69 32.55 23.42
N VAL G 184 1.26 33.76 23.80
CA VAL G 184 2.22 34.84 24.05
C VAL G 184 2.90 34.66 25.40
N ARG G 185 2.11 34.38 26.46
CA ARG G 185 2.68 34.32 27.81
C ARG G 185 3.70 33.21 28.08
N PRO G 186 3.58 31.95 27.58
CA PRO G 186 4.75 31.05 27.67
C PRO G 186 5.98 31.49 26.88
N LYS G 187 5.81 32.14 25.72
CA LYS G 187 6.96 32.63 24.97
C LYS G 187 7.63 33.82 25.66
N ALA G 188 6.83 34.72 26.25
CA ALA G 188 7.39 35.84 27.00
C ALA G 188 8.06 35.38 28.29
N GLN G 189 7.49 34.37 28.96
CA GLN G 189 8.13 33.76 30.12
C GLN G 189 9.40 33.02 29.72
N LEU G 190 9.44 32.43 28.53
CA LEU G 190 10.64 31.79 28.02
C LEU G 190 11.75 32.81 27.73
N VAL G 191 11.37 33.99 27.21
CA VAL G 191 12.33 35.06 26.96
C VAL G 191 12.89 35.60 28.28
N LEU G 192 12.02 35.81 29.27
CA LEU G 192 12.47 36.27 30.59
C LEU G 192 13.30 35.22 31.32
N ALA G 193 12.95 33.94 31.17
CA ALA G 193 13.72 32.86 31.78
C ALA G 193 15.07 32.69 31.10
N ALA G 194 15.14 32.90 29.79
CA ALA G 194 16.42 32.86 29.07
C ALA G 194 17.32 34.03 29.47
N CYS G 195 16.73 35.22 29.65
CA CYS G 195 17.50 36.38 30.11
C CYS G 195 18.00 36.19 31.54
N GLU G 196 17.17 35.60 32.41
CA GLU G 196 17.59 35.28 33.77
C GLU G 196 18.65 34.18 33.81
N SER G 197 18.54 33.20 32.90
CA SER G 197 19.53 32.14 32.82
C SER G 197 20.87 32.66 32.30
N LEU G 198 20.84 33.60 31.35
CA LEU G 198 22.08 34.22 30.88
C LEU G 198 22.68 35.14 31.93
N LEU G 199 21.84 35.86 32.68
CA LEU G 199 22.34 36.78 33.69
C LEU G 199 22.86 36.08 34.94
N THR G 200 22.37 34.87 35.24
CA THR G 200 22.76 34.15 36.44
C THR G 200 23.43 32.82 36.10
N SER G 201 24.14 32.75 34.97
CA SER G 201 24.87 31.54 34.62
C SER G 201 26.20 31.51 35.36
N ARG G 202 26.56 30.33 35.86
CA ARG G 202 27.85 30.19 36.53
C ARG G 202 28.94 29.69 35.59
N GLN G 203 28.63 28.71 34.74
CA GLN G 203 29.64 28.09 33.89
C GLN G 203 29.99 28.92 32.66
N LEU G 204 29.09 29.81 32.23
CA LEU G 204 29.39 30.66 31.07
C LEU G 204 30.51 31.69 31.32
N PRO G 205 30.58 32.43 32.46
CA PRO G 205 31.82 33.21 32.71
C PRO G 205 33.08 32.38 32.89
N ILE G 206 32.94 31.14 33.40
CA ILE G 206 34.06 30.20 33.50
C ILE G 206 34.61 29.87 32.12
N PHE G 207 33.70 29.57 31.17
CA PHE G 207 34.12 29.27 29.80
C PHE G 207 34.65 30.52 29.09
N CYS G 208 34.08 31.69 29.37
CA CYS G 208 34.57 32.93 28.75
C CYS G 208 35.96 33.31 29.25
N GLN G 209 36.25 33.10 30.53
CA GLN G 209 37.61 33.31 31.02
C GLN G 209 38.58 32.27 30.48
N LEU G 210 38.10 31.03 30.24
CA LEU G 210 38.94 29.98 29.67
C LEU G 210 39.33 30.31 28.22
N ILE G 211 38.35 30.72 27.40
CA ILE G 211 38.63 31.07 26.00
C ILE G 211 39.43 32.38 25.91
N LEU G 212 39.23 33.28 26.88
CA LEU G 212 40.05 34.50 26.94
C LEU G 212 41.51 34.21 27.28
N ARG G 213 41.76 33.26 28.19
CA ARG G 213 43.14 32.87 28.49
C ARG G 213 43.78 32.12 27.33
N ILE G 214 43.02 31.28 26.63
CA ILE G 214 43.53 30.55 25.47
C ILE G 214 43.85 31.52 24.32
N GLY G 215 42.96 32.49 24.07
CA GLY G 215 43.23 33.50 23.07
C GLY G 215 44.37 34.45 23.43
N ASN G 216 44.53 34.76 24.71
CA ASN G 216 45.65 35.59 25.16
C ASN G 216 46.97 34.84 25.02
N PHE G 217 46.94 33.51 25.18
CA PHE G 217 48.09 32.70 24.75
C PHE G 217 48.24 32.73 23.24
N LEU G 218 47.13 32.68 22.51
CA LEU G 218 47.14 32.24 21.13
C LEU G 218 47.30 33.44 20.19
N ASN G 219 46.79 34.60 20.58
CA ASN G 219 46.94 35.83 19.81
C ASN G 219 47.97 36.79 20.43
N TYR G 220 49.06 36.26 20.96
CA TYR G 220 50.13 37.13 21.45
C TYR G 220 50.91 37.73 20.28
N GLY G 221 51.35 38.98 20.45
CA GLY G 221 52.10 39.66 19.41
C GLY G 221 51.28 40.29 18.33
N SER G 222 49.95 40.30 18.48
CA SER G 222 49.04 40.90 17.52
C SER G 222 48.25 42.00 18.19
N HIS G 223 47.52 42.76 17.35
CA HIS G 223 46.67 43.83 17.85
C HIS G 223 45.44 43.32 18.61
N THR G 224 45.01 42.08 18.34
CA THR G 224 43.85 41.53 19.02
C THR G 224 44.15 41.03 20.42
N GLY G 225 45.43 40.89 20.78
CA GLY G 225 45.79 40.38 22.08
C GLY G 225 45.61 41.39 23.20
N ASP G 226 45.78 40.87 24.44
CA ASP G 226 45.67 41.62 25.70
C ASP G 226 44.28 42.28 25.85
N ALA G 227 43.25 41.47 25.69
CA ALA G 227 41.87 41.94 25.67
C ALA G 227 41.20 41.73 27.02
N ASP G 228 40.42 42.73 27.43
CA ASP G 228 39.58 42.63 28.62
C ASP G 228 38.20 42.04 28.33
N GLY G 229 37.89 41.81 27.07
CA GLY G 229 36.59 41.26 26.70
C GLY G 229 36.44 41.24 25.20
N PHE G 230 35.39 40.55 24.76
CA PHE G 230 35.10 40.37 23.34
C PHE G 230 33.60 40.19 23.13
N LYS G 231 33.21 40.15 21.86
CA LYS G 231 31.81 40.13 21.47
C LYS G 231 31.22 38.74 21.64
N ILE G 232 29.95 38.60 21.27
CA ILE G 232 29.28 37.31 21.43
C ILE G 232 29.61 36.39 20.25
N SER G 233 30.02 36.93 19.10
CA SER G 233 30.24 36.17 17.88
C SER G 233 31.56 35.40 17.86
N THR G 234 32.34 35.45 18.94
CA THR G 234 33.62 34.73 19.00
C THR G 234 33.41 33.22 19.12
N LEU G 235 32.30 32.81 19.72
CA LEU G 235 32.03 31.38 19.92
C LEU G 235 31.66 30.68 18.61
N LEU G 236 31.17 31.43 17.63
CA LEU G 236 30.80 30.84 16.35
C LEU G 236 32.01 30.49 15.51
N LYS G 237 33.12 31.21 15.68
CA LYS G 237 34.31 31.08 14.84
C LYS G 237 35.31 30.06 15.39
N LEU G 238 34.94 29.33 16.44
CA LEU G 238 35.85 28.41 17.12
C LEU G 238 36.24 27.21 16.27
N THR G 239 35.41 26.84 15.30
CA THR G 239 35.78 25.78 14.37
C THR G 239 36.74 26.25 13.28
N GLU G 240 37.05 27.55 13.19
CA GLU G 240 38.03 28.03 12.22
C GLU G 240 39.44 27.58 12.57
N THR G 241 39.78 27.57 13.87
CA THR G 241 41.12 27.19 14.30
C THR G 241 41.24 25.68 14.28
N LYS G 242 41.87 25.15 13.24
CA LYS G 242 42.05 23.71 13.06
C LYS G 242 43.44 23.27 13.51
N SER G 243 43.60 21.95 13.65
CA SER G 243 44.89 21.37 13.98
C SER G 243 45.72 21.18 12.71
N GLN G 244 46.90 20.57 12.89
CA GLN G 244 47.79 20.32 11.75
C GLN G 244 47.27 19.18 10.87
N GLN G 245 46.45 18.30 11.42
CA GLN G 245 45.89 17.18 10.67
C GLN G 245 44.54 17.51 10.03
N ASN G 246 44.01 18.72 10.26
CA ASN G 246 42.70 19.21 9.79
C ASN G 246 41.55 18.30 10.26
N ARG G 247 41.66 17.80 11.48
CA ARG G 247 40.67 16.92 12.08
C ARG G 247 40.08 17.47 13.36
N VAL G 248 40.88 18.11 14.20
CA VAL G 248 40.47 18.56 15.52
C VAL G 248 40.44 20.08 15.51
N THR G 249 39.27 20.65 15.81
CA THR G 249 39.15 22.09 15.95
C THR G 249 39.45 22.48 17.39
N LEU G 250 39.42 23.79 17.68
CA LEU G 250 39.79 24.25 19.01
C LEU G 250 38.67 23.97 20.00
N LEU G 251 37.41 24.01 19.55
CA LEU G 251 36.26 23.67 20.38
C LEU G 251 36.31 22.22 20.85
N HIS G 252 36.66 21.30 19.94
CA HIS G 252 36.79 19.88 20.26
C HIS G 252 37.91 19.64 21.27
N HIS G 253 39.02 20.37 21.14
CA HIS G 253 40.11 20.23 22.09
C HIS G 253 39.79 20.84 23.46
N VAL G 254 39.03 21.95 23.48
CA VAL G 254 38.61 22.53 24.77
C VAL G 254 37.65 21.61 25.50
N LEU G 255 36.71 20.99 24.79
CA LEU G 255 35.83 20.02 25.47
C LEU G 255 36.55 18.71 25.79
N GLU G 256 37.59 18.36 25.03
CA GLU G 256 38.43 17.21 25.38
C GLU G 256 39.22 17.45 26.66
N GLU G 257 39.74 18.67 26.84
CA GLU G 257 40.42 19.01 28.08
C GLU G 257 39.43 19.17 29.22
N ALA G 258 38.21 19.63 28.92
CA ALA G 258 37.20 19.83 29.95
C ALA G 258 36.56 18.52 30.41
N GLU G 259 36.66 17.46 29.60
CA GLU G 259 36.18 16.16 30.05
C GLU G 259 37.03 15.60 31.19
N LYS G 260 38.32 15.91 31.23
CA LYS G 260 39.20 15.40 32.27
C LYS G 260 39.26 16.33 33.49
N SER G 261 39.61 17.60 33.28
CA SER G 261 39.93 18.48 34.40
C SER G 261 38.68 19.06 35.06
N HIS G 262 37.84 19.74 34.29
CA HIS G 262 36.71 20.51 34.82
C HIS G 262 35.42 20.07 34.14
N PRO G 263 34.79 19.00 34.63
CA PRO G 263 33.59 18.46 33.95
C PRO G 263 32.33 19.31 34.08
N ASP G 264 32.32 20.33 34.96
CA ASP G 264 31.14 21.17 35.18
C ASP G 264 30.78 22.01 33.96
N LEU G 265 31.75 22.24 33.07
CA LEU G 265 31.50 22.88 31.78
C LEU G 265 30.56 22.07 30.89
N LEU G 266 30.50 20.74 31.09
CA LEU G 266 29.50 19.89 30.42
C LEU G 266 28.09 20.14 30.92
N GLN G 267 27.90 20.86 32.03
CA GLN G 267 26.59 21.35 32.47
C GLN G 267 26.16 22.59 31.67
N LEU G 268 27.04 23.12 30.82
CA LEU G 268 26.76 24.34 30.03
C LEU G 268 25.56 24.31 29.07
N PRO G 269 25.18 23.20 28.38
CA PRO G 269 23.89 23.24 27.63
C PRO G 269 22.63 23.37 28.48
N ARG G 270 22.67 23.04 29.78
CA ARG G 270 21.52 23.23 30.64
C ARG G 270 21.21 24.71 30.85
N ASP G 271 22.24 25.54 31.01
CA ASP G 271 22.05 26.98 31.12
C ASP G 271 21.62 27.61 29.80
N LEU G 272 22.09 27.06 28.68
CA LEU G 272 21.84 27.62 27.37
C LEU G 272 20.68 26.96 26.63
N GLU G 273 19.95 26.05 27.29
CA GLU G 273 18.78 25.42 26.68
C GLU G 273 17.65 26.42 26.50
N GLN G 274 17.42 27.27 27.50
CA GLN G 274 16.37 28.28 27.42
C GLN G 274 16.70 29.44 26.46
N PRO G 275 17.97 29.92 26.31
CA PRO G 275 18.25 30.74 25.12
C PRO G 275 18.04 30.06 23.79
N SER G 276 18.30 28.75 23.69
CA SER G 276 18.08 28.02 22.45
C SER G 276 16.59 27.89 22.14
N GLN G 277 15.77 27.67 23.16
CA GLN G 277 14.32 27.64 22.97
C GLN G 277 13.78 29.04 22.71
N ALA G 278 14.39 30.06 23.31
CA ALA G 278 13.94 31.43 23.11
C ALA G 278 14.36 32.02 21.78
N ALA G 279 15.30 31.39 21.09
CA ALA G 279 15.77 31.88 19.79
C ALA G 279 14.69 31.72 18.72
N GLY G 280 14.66 32.68 17.80
CA GLY G 280 13.66 32.72 16.76
C GLY G 280 12.36 33.39 17.15
N ILE G 281 12.21 33.81 18.40
CA ILE G 281 11.00 34.45 18.88
C ILE G 281 11.14 35.95 18.66
N ASN G 282 10.25 36.51 17.83
CA ASN G 282 10.24 37.94 17.56
C ASN G 282 9.36 38.61 18.62
N LEU G 283 9.99 39.46 19.45
CA LEU G 283 9.28 40.14 20.54
C LEU G 283 8.33 41.21 20.03
N GLU G 284 8.66 41.83 18.89
CA GLU G 284 7.93 42.98 18.39
C GLU G 284 6.52 42.61 17.91
N ILE G 285 6.40 41.48 17.21
CA ILE G 285 5.10 41.06 16.67
C ILE G 285 4.15 40.60 17.78
N ILE G 286 4.67 39.92 18.81
CA ILE G 286 3.80 39.49 19.90
C ILE G 286 3.45 40.64 20.82
N ARG G 287 4.35 41.62 20.99
CA ARG G 287 4.03 42.81 21.77
C ARG G 287 3.02 43.70 21.03
N SER G 288 3.14 43.79 19.70
CA SER G 288 2.16 44.54 18.91
C SER G 288 0.80 43.86 18.91
N GLU G 289 0.78 42.52 18.86
CA GLU G 289 -0.49 41.79 18.94
C GLU G 289 -1.14 41.93 20.32
N ALA G 290 -0.33 41.92 21.38
CA ALA G 290 -0.85 42.14 22.74
C ALA G 290 -1.38 43.56 22.91
N SER G 291 -0.68 44.55 22.36
CA SER G 291 -1.13 45.95 22.44
C SER G 291 -2.42 46.18 21.63
N SER G 292 -2.51 45.56 20.44
CA SER G 292 -3.72 45.66 19.63
C SER G 292 -4.90 44.95 20.28
N ASN G 293 -4.65 43.80 20.91
CA ASN G 293 -5.71 43.09 21.63
C ASN G 293 -6.18 43.85 22.87
N LEU G 294 -5.24 44.51 23.57
CA LEU G 294 -5.62 45.32 24.72
C LEU G 294 -6.39 46.57 24.31
N LYS G 295 -6.03 47.17 23.17
CA LYS G 295 -6.77 48.30 22.61
C LYS G 295 -8.17 47.90 22.18
N LYS G 296 -8.31 46.73 21.55
CA LYS G 296 -9.62 46.20 21.17
C LYS G 296 -10.46 45.85 22.39
N LEU G 297 -9.84 45.33 23.45
CA LEU G 297 -10.57 45.03 24.68
C LEU G 297 -11.01 46.29 25.41
N LEU G 298 -10.20 47.35 25.36
CA LEU G 298 -10.59 48.63 25.96
C LEU G 298 -11.74 49.29 25.18
N GLU G 299 -11.70 49.20 23.84
CA GLU G 299 -12.80 49.67 23.01
C GLU G 299 -14.07 48.84 23.25
N THR G 300 -13.90 47.54 23.46
CA THR G 300 -15.02 46.64 23.76
C THR G 300 -15.64 46.95 25.13
N GLU G 301 -14.79 47.28 26.12
CA GLU G 301 -15.28 47.67 27.44
C GLU G 301 -16.02 49.00 27.38
N ARG G 302 -15.54 49.94 26.56
CA ARG G 302 -16.26 51.19 26.35
C ARG G 302 -17.60 50.99 25.65
N LYS G 303 -17.65 50.05 24.69
CA LYS G 303 -18.91 49.74 24.02
C LYS G 303 -19.90 49.03 24.95
N VAL G 304 -19.40 48.15 25.82
CA VAL G 304 -20.26 47.45 26.77
C VAL G 304 -20.79 48.40 27.84
N SER G 305 -19.94 49.34 28.31
CA SER G 305 -20.34 50.30 29.34
C SER G 305 -21.39 51.30 28.84
N ALA G 306 -21.44 51.54 27.52
CA ALA G 306 -22.51 52.33 26.95
C ALA G 306 -23.77 51.53 26.64
N SER G 307 -23.72 50.20 26.77
CA SER G 307 -24.83 49.34 26.42
C SER G 307 -25.76 49.10 27.62
N VAL G 308 -26.70 48.17 27.47
CA VAL G 308 -27.68 47.84 28.49
C VAL G 308 -27.04 47.02 29.61
N ALA G 309 -27.75 46.88 30.72
CA ALA G 309 -27.20 46.22 31.90
C ALA G 309 -27.11 44.71 31.75
N GLU G 310 -27.90 44.11 30.85
CA GLU G 310 -27.83 42.66 30.62
C GLU G 310 -26.51 42.26 29.98
N VAL G 311 -25.96 43.10 29.10
CA VAL G 311 -24.62 42.89 28.57
C VAL G 311 -23.58 43.11 29.65
N GLN G 312 -23.80 44.13 30.50
CA GLN G 312 -22.80 44.57 31.47
C GLN G 312 -22.59 43.56 32.59
N GLU G 313 -23.69 43.08 33.19
CA GLU G 313 -23.67 42.19 34.35
C GLU G 313 -23.06 40.83 34.01
N GLN G 314 -23.20 40.41 32.76
CA GLN G 314 -22.70 39.14 32.26
C GLN G 314 -21.27 39.25 31.72
N TYR G 315 -20.88 40.40 31.15
CA TYR G 315 -19.72 40.47 30.28
C TYR G 315 -18.57 41.31 30.84
N THR G 316 -18.85 42.19 31.81
CA THR G 316 -17.86 43.15 32.31
C THR G 316 -16.74 42.46 33.09
N GLU G 317 -17.08 41.41 33.84
CA GLU G 317 -16.08 40.65 34.60
C GLU G 317 -15.09 39.92 33.69
N ARG G 318 -15.58 39.34 32.60
CA ARG G 318 -14.72 38.69 31.61
C ARG G 318 -13.82 39.69 30.90
N LEU G 319 -14.38 40.86 30.54
CA LEU G 319 -13.57 41.90 29.91
C LEU G 319 -12.50 42.46 30.85
N GLN G 320 -12.84 42.65 32.12
CA GLN G 320 -11.89 43.14 33.12
C GLN G 320 -10.80 42.11 33.41
N ALA G 321 -11.16 40.82 33.40
CA ALA G 321 -10.17 39.76 33.57
C ALA G 321 -9.20 39.70 32.40
N SER G 322 -9.71 39.87 31.18
CA SER G 322 -8.85 39.91 29.99
C SER G 322 -7.92 41.13 30.00
N ILE G 323 -8.44 42.29 30.41
CA ILE G 323 -7.66 43.53 30.46
C ILE G 323 -6.58 43.44 31.55
N SER G 324 -6.92 42.85 32.70
CA SER G 324 -5.96 42.67 33.79
C SER G 324 -4.87 41.65 33.43
N ALA G 325 -5.24 40.58 32.71
CA ALA G 325 -4.26 39.62 32.23
C ALA G 325 -3.31 40.23 31.20
N PHE G 326 -3.84 41.07 30.30
CA PHE G 326 -2.99 41.74 29.33
C PHE G 326 -2.13 42.84 29.98
N ARG G 327 -2.60 43.44 31.07
CA ARG G 327 -1.78 44.40 31.80
C ARG G 327 -0.64 43.71 32.55
N ALA G 328 -0.90 42.51 33.10
CA ALA G 328 0.16 41.70 33.67
C ALA G 328 1.15 41.24 32.61
N LEU G 329 0.65 40.98 31.40
CA LEU G 329 1.52 40.67 30.25
C LEU G 329 2.39 41.87 29.87
N ASP G 330 1.83 43.08 29.93
CA ASP G 330 2.60 44.29 29.63
C ASP G 330 3.63 44.58 30.71
N GLU G 331 3.31 44.27 31.98
CA GLU G 331 4.30 44.33 33.05
C GLU G 331 5.42 43.31 32.83
N LEU G 332 5.07 42.14 32.30
CA LEU G 332 6.09 41.15 31.93
C LEU G 332 6.96 41.63 30.77
N PHE G 333 6.36 42.35 29.80
CA PHE G 333 7.15 42.97 28.72
C PHE G 333 8.08 44.07 29.23
N GLU G 334 7.63 44.83 30.24
CA GLU G 334 8.49 45.83 30.89
C GLU G 334 9.64 45.16 31.63
N ALA G 335 9.38 44.01 32.26
CA ALA G 335 10.44 43.23 32.89
C ALA G 335 11.41 42.66 31.86
N ILE G 336 10.90 42.30 30.67
CA ILE G 336 11.74 41.83 29.56
C ILE G 336 12.64 42.95 29.05
N GLU G 337 12.10 44.18 28.97
CA GLU G 337 12.90 45.35 28.59
C GLU G 337 13.98 45.67 29.63
N GLN G 338 13.64 45.56 30.93
CA GLN G 338 14.61 45.79 31.99
C GLN G 338 15.72 44.73 31.98
N LYS G 339 15.36 43.46 31.75
CA LYS G 339 16.38 42.41 31.63
C LYS G 339 17.15 42.53 30.33
N GLN G 340 16.57 43.13 29.29
CA GLN G 340 17.30 43.43 28.05
C GLN G 340 18.37 44.49 28.29
N ARG G 341 18.04 45.53 29.07
CA ARG G 341 19.04 46.54 29.44
C ARG G 341 20.12 45.95 30.35
N GLU G 342 19.72 45.07 31.27
CA GLU G 342 20.67 44.39 32.16
C GLU G 342 21.60 43.44 31.38
N LEU G 343 21.06 42.76 30.36
CA LEU G 343 21.89 41.90 29.52
C LEU G 343 22.74 42.69 28.55
N ALA G 344 22.28 43.89 28.16
CA ALA G 344 23.10 44.79 27.35
C ALA G 344 24.32 45.29 28.12
N ASP G 345 24.12 45.62 29.39
CA ASP G 345 25.27 45.97 30.23
C ASP G 345 26.09 44.74 30.61
N TYR G 346 25.44 43.57 30.68
CA TYR G 346 26.12 42.34 31.08
C TYR G 346 27.08 41.84 30.02
N LEU G 347 26.63 41.80 28.77
CA LEU G 347 27.45 41.32 27.66
C LEU G 347 28.28 42.43 27.01
N CYS G 348 28.23 43.65 27.59
CA CYS G 348 29.01 44.84 27.18
C CYS G 348 28.71 45.25 25.75
N GLU G 349 27.44 45.20 25.39
CA GLU G 349 26.95 45.67 24.09
C GLU G 349 26.33 47.04 24.26
N ASP G 350 26.15 47.72 23.11
CA ASP G 350 25.42 48.98 23.11
C ASP G 350 23.94 48.69 23.38
N ALA G 351 23.36 49.46 24.31
CA ALA G 351 21.98 49.22 24.73
C ALA G 351 20.98 49.59 23.65
N GLN G 352 21.26 50.64 22.87
CA GLN G 352 20.38 51.05 21.79
C GLN G 352 20.56 50.23 20.53
N GLN G 353 21.59 49.38 20.46
CA GLN G 353 21.82 48.54 19.29
C GLN G 353 21.69 47.05 19.56
N LEU G 354 21.54 46.63 20.82
CA LEU G 354 21.34 45.21 21.12
C LEU G 354 19.95 44.75 20.71
N SER G 355 19.90 43.61 20.04
CA SER G 355 18.68 42.86 19.81
C SER G 355 18.80 41.55 20.59
N LEU G 356 17.71 41.13 21.23
CA LEU G 356 17.73 39.87 21.96
C LEU G 356 17.72 38.67 21.03
N GLU G 357 17.22 38.84 19.81
CA GLU G 357 17.00 37.72 18.89
C GLU G 357 18.32 37.17 18.34
N ASP G 358 19.24 38.05 17.93
CA ASP G 358 20.53 37.58 17.45
C ASP G 358 21.42 37.09 18.59
N THR G 359 21.21 37.63 19.80
CA THR G 359 21.84 37.11 21.02
C THR G 359 21.43 35.66 21.28
N PHE G 360 20.12 35.39 21.26
CA PHE G 360 19.64 34.04 21.49
C PHE G 360 19.96 33.10 20.33
N SER G 361 20.05 33.63 19.11
CA SER G 361 20.45 32.81 17.97
C SER G 361 21.93 32.43 18.04
N THR G 362 22.78 33.35 18.52
CA THR G 362 24.18 33.05 18.74
C THR G 362 24.36 32.00 19.84
N MET G 363 23.56 32.10 20.91
CA MET G 363 23.56 31.05 21.95
C MET G 363 23.03 29.71 21.44
N LYS G 364 22.02 29.73 20.56
CA LYS G 364 21.48 28.51 19.96
C LYS G 364 22.52 27.81 19.08
N ALA G 365 23.24 28.59 18.26
CA ALA G 365 24.30 28.05 17.43
C ALA G 365 25.48 27.56 18.25
N PHE G 366 25.77 28.25 19.37
CA PHE G 366 26.84 27.84 20.27
C PHE G 366 26.50 26.52 20.95
N ARG G 367 25.24 26.33 21.34
CA ARG G 367 24.81 25.06 21.93
C ARG G 367 24.81 23.93 20.91
N ASP G 368 24.41 24.22 19.66
CA ASP G 368 24.46 23.22 18.59
C ASP G 368 25.89 22.81 18.25
N LEU G 369 26.81 23.79 18.21
CA LEU G 369 28.22 23.51 18.00
C LEU G 369 28.82 22.74 19.18
N PHE G 370 28.33 23.01 20.40
CA PHE G 370 28.77 22.31 21.60
C PHE G 370 28.39 20.83 21.54
N LEU G 371 27.12 20.54 21.20
CA LEU G 371 26.67 19.15 21.08
C LEU G 371 27.32 18.43 19.91
N ARG G 372 27.53 19.14 18.79
CA ARG G 372 28.20 18.53 17.64
C ARG G 372 29.67 18.25 17.92
N ALA G 373 30.33 19.11 18.70
CA ALA G 373 31.71 18.87 19.12
C ALA G 373 31.82 17.69 20.07
N LEU G 374 30.86 17.55 21.00
CA LEU G 374 30.83 16.39 21.89
C LEU G 374 30.57 15.09 21.14
N LYS G 375 29.66 15.13 20.15
CA LYS G 375 29.35 13.96 19.34
C LYS G 375 30.55 13.56 18.46
N GLU G 376 31.24 14.54 17.88
CA GLU G 376 32.42 14.25 17.05
C GLU G 376 33.58 13.73 17.90
N ASN G 377 33.73 14.25 19.13
CA ASN G 377 34.76 13.75 20.04
C ASN G 377 34.46 12.31 20.47
N LYS G 378 33.18 12.00 20.75
CA LYS G 378 32.79 10.64 21.11
C LYS G 378 32.99 9.65 19.95
N ASP G 379 32.62 10.07 18.72
CA ASP G 379 32.82 9.23 17.54
C ASP G 379 34.30 9.03 17.23
N ARG G 380 35.11 10.08 17.41
CA ARG G 380 36.55 9.98 17.20
C ARG G 380 37.21 9.05 18.21
N LYS G 381 36.81 9.13 19.49
CA LYS G 381 37.38 8.25 20.51
C LYS G 381 36.93 6.80 20.32
N GLU G 382 35.67 6.60 19.91
CA GLU G 382 35.17 5.24 19.64
C GLU G 382 35.85 4.62 18.43
N GLN G 383 36.07 5.41 17.37
CA GLN G 383 36.75 4.89 16.19
C GLN G 383 38.24 4.68 16.44
N ALA G 384 38.86 5.50 17.28
CA ALA G 384 40.25 5.28 17.67
C ALA G 384 40.40 4.02 18.51
N ALA G 385 39.44 3.76 19.42
CA ALA G 385 39.45 2.54 20.22
C ALA G 385 39.22 1.30 19.36
N LYS G 386 38.31 1.41 18.36
CA LYS G 386 38.07 0.30 17.43
C LYS G 386 39.28 0.03 16.54
N ALA G 387 39.97 1.09 16.11
CA ALA G 387 41.18 0.95 15.31
C ALA G 387 42.31 0.34 16.12
N GLU G 388 42.43 0.72 17.40
CA GLU G 388 43.46 0.14 18.28
C GLU G 388 43.15 -1.33 18.58
N ARG G 389 41.85 -1.67 18.71
CA ARG G 389 41.46 -3.07 18.87
C ARG G 389 41.77 -3.90 17.62
N ARG G 390 41.54 -3.33 16.43
CA ARG G 390 41.88 -4.02 15.20
C ARG G 390 43.40 -4.16 15.02
N LYS G 391 44.17 -3.16 15.46
CA LYS G 391 45.63 -3.26 15.40
C LYS G 391 46.18 -4.28 16.38
N GLN G 392 45.62 -4.39 17.59
CA GLN G 392 46.12 -5.42 18.50
C GLN G 392 45.62 -6.81 18.10
N GLN G 393 44.47 -6.89 17.42
CA GLN G 393 44.04 -8.16 16.84
C GLN G 393 44.95 -8.58 15.68
N LEU G 394 45.39 -7.61 14.88
CA LEU G 394 46.36 -7.90 13.82
C LEU G 394 47.74 -8.22 14.39
N ALA G 395 48.05 -7.68 15.57
CA ALA G 395 49.30 -8.02 16.24
C ALA G 395 49.27 -9.44 16.81
N GLU G 396 48.16 -9.82 17.43
CA GLU G 396 48.05 -11.14 18.06
C GLU G 396 47.89 -12.26 17.04
N GLU G 397 47.43 -11.95 15.83
CA GLU G 397 47.39 -12.90 14.73
C GLU G 397 48.53 -12.61 13.77
N GLU G 398 48.89 -13.66 12.96
CA GLU G 398 50.20 -14.22 12.48
C GLU G 398 50.93 -14.99 13.60
N ALA G 399 50.48 -14.92 14.84
CA ALA G 399 51.14 -15.65 15.92
C ALA G 399 50.39 -16.94 16.23
N CYS G 421 27.66 -35.07 22.59
CA CYS G 421 26.67 -35.19 21.54
C CYS G 421 25.39 -35.81 22.09
N VAL G 422 24.28 -35.10 21.87
CA VAL G 422 22.98 -35.49 22.43
C VAL G 422 22.43 -36.73 21.73
N ILE G 423 22.57 -36.78 20.41
CA ILE G 423 21.73 -37.64 19.56
C ILE G 423 22.15 -39.11 19.69
N ASP G 424 23.46 -39.39 19.58
CA ASP G 424 23.93 -40.77 19.74
C ASP G 424 23.81 -41.25 21.19
N ALA G 425 23.90 -40.33 22.15
CA ALA G 425 23.71 -40.66 23.56
C ALA G 425 22.28 -41.09 23.85
N LEU G 426 21.29 -40.42 23.23
CA LEU G 426 19.92 -40.88 23.41
C LEU G 426 19.61 -42.12 22.57
N LEU G 427 20.18 -42.23 21.36
CA LEU G 427 19.91 -43.39 20.51
C LEU G 427 20.54 -44.67 21.02
N ALA G 428 21.61 -44.58 21.81
CA ALA G 428 22.14 -45.78 22.46
C ALA G 428 21.21 -46.29 23.55
N ASP G 429 20.53 -45.39 24.25
CA ASP G 429 19.71 -45.77 25.40
C ASP G 429 18.23 -45.97 25.08
N ILE G 430 17.77 -45.64 23.88
CA ILE G 430 16.39 -45.97 23.52
C ILE G 430 16.21 -47.49 23.34
N ARG G 431 17.28 -48.21 22.98
CA ARG G 431 17.19 -49.65 22.79
C ARG G 431 17.05 -50.44 24.08
N LYS G 432 17.27 -49.80 25.24
CA LYS G 432 17.01 -50.40 26.54
C LYS G 432 15.53 -50.37 26.92
N GLY G 433 14.69 -49.68 26.16
CA GLY G 433 13.28 -49.59 26.45
C GLY G 433 12.93 -48.45 27.37
N VAL H 1 41.98 42.38 39.76
CA VAL H 1 43.10 41.51 39.47
C VAL H 1 42.99 40.95 38.05
N PRO H 2 43.94 41.32 37.16
CA PRO H 2 43.89 40.79 35.79
C PRO H 2 44.44 39.38 35.66
N SER H 3 43.67 38.40 36.13
CA SER H 3 44.09 37.00 36.06
C SER H 3 44.03 36.46 34.63
N HIS H 4 43.13 36.99 33.80
CA HIS H 4 43.00 36.51 32.42
C HIS H 4 44.16 36.98 31.54
N ARG H 5 44.77 38.13 31.86
CA ARG H 5 45.86 38.65 31.05
C ARG H 5 47.23 38.07 31.42
N ARG H 6 47.34 37.35 32.53
CA ARG H 6 48.62 36.85 33.02
C ARG H 6 48.95 35.51 32.36
N VAL H 7 49.25 35.57 31.07
CA VAL H 7 49.54 34.40 30.25
C VAL H 7 50.96 34.55 29.69
N ASN H 8 51.72 33.45 29.75
CA ASN H 8 53.06 33.43 29.18
C ASN H 8 53.04 33.55 27.65
N PRO H 9 54.07 34.13 27.04
CA PRO H 9 54.17 34.15 25.58
C PRO H 9 54.47 32.77 25.01
N PRO H 10 54.03 32.48 23.79
CA PRO H 10 54.30 31.16 23.22
C PRO H 10 55.60 31.06 22.45
N THR H 11 56.14 29.84 22.43
CA THR H 11 57.40 29.58 21.73
C THR H 11 57.20 29.50 20.22
N LEU H 12 56.09 28.93 19.77
CA LEU H 12 55.84 28.70 18.35
C LEU H 12 54.81 29.68 17.81
N ARG H 13 54.79 29.80 16.49
CA ARG H 13 53.80 30.65 15.82
C ARG H 13 52.43 29.97 15.87
N MET H 14 51.42 30.72 16.28
CA MET H 14 50.08 30.20 16.54
C MET H 14 49.10 30.68 15.49
N LYS H 15 48.13 29.80 15.19
CA LYS H 15 47.08 30.11 14.24
C LYS H 15 46.13 31.12 14.86
N LYS H 16 45.90 32.24 14.16
CA LYS H 16 45.20 33.36 14.75
C LYS H 16 43.70 33.11 14.79
N LEU H 17 43.12 33.09 15.98
CA LEU H 17 41.68 33.08 16.15
C LEU H 17 41.18 34.51 15.98
N ASN H 18 40.41 34.76 14.92
CA ASN H 18 39.93 36.10 14.66
C ASN H 18 38.67 36.38 15.45
N TRP H 19 38.60 37.59 16.02
CA TRP H 19 37.41 37.99 16.77
C TRP H 19 37.28 39.50 16.73
N GLN H 20 36.10 39.97 17.14
CA GLN H 20 35.83 41.40 17.31
C GLN H 20 36.12 41.76 18.76
N LYS H 21 37.22 42.48 18.99
CA LYS H 21 37.65 42.83 20.34
C LYS H 21 36.83 43.99 20.88
N LEU H 22 36.37 43.88 22.12
CA LEU H 22 35.66 44.95 22.79
C LEU H 22 36.61 46.07 23.18
N PRO H 23 36.12 47.30 23.32
CA PRO H 23 36.88 48.33 24.03
C PRO H 23 36.98 48.01 25.52
N SER H 24 38.06 48.49 26.13
CA SER H 24 38.34 48.18 27.53
C SER H 24 37.37 48.91 28.47
N ASN H 25 37.09 50.18 28.19
CA ASN H 25 36.20 50.98 29.03
C ASN H 25 34.74 50.51 28.97
N VAL H 26 34.31 49.95 27.85
CA VAL H 26 33.00 49.32 27.76
C VAL H 26 32.97 48.05 28.61
N ALA H 27 34.08 47.31 28.64
CA ALA H 27 34.17 46.06 29.40
C ALA H 27 34.23 46.28 30.91
N ARG H 28 34.55 47.50 31.37
CA ARG H 28 34.64 47.78 32.80
C ARG H 28 33.35 48.39 33.36
N GLU H 29 32.20 48.00 32.84
CA GLU H 29 30.94 48.50 33.38
C GLU H 29 30.60 47.81 34.71
N HIS H 30 29.63 48.38 35.42
CA HIS H 30 29.26 47.90 36.75
C HIS H 30 28.54 46.55 36.67
N ASN H 31 27.64 46.39 35.70
CA ASN H 31 26.84 45.18 35.55
C ASN H 31 27.55 44.18 34.62
N SER H 32 28.80 44.46 34.24
CA SER H 32 29.51 43.67 33.23
C SER H 32 29.87 42.28 33.75
N MET H 33 29.80 41.30 32.85
CA MET H 33 30.22 39.94 33.15
C MET H 33 31.74 39.86 33.31
N TRP H 34 32.48 40.66 32.53
CA TRP H 34 33.93 40.70 32.64
C TRP H 34 34.38 41.38 33.93
N ALA H 35 33.55 42.30 34.46
CA ALA H 35 33.82 42.87 35.78
C ALA H 35 33.66 41.84 36.89
N SER H 36 32.67 40.94 36.75
CA SER H 36 32.53 39.86 37.70
C SER H 36 33.63 38.82 37.55
N LEU H 37 34.16 38.64 36.34
CA LEU H 37 35.33 37.79 36.17
C LEU H 37 36.59 38.43 36.72
N SER H 38 36.66 39.77 36.74
CA SER H 38 37.84 40.47 37.21
C SER H 38 38.01 40.40 38.72
N SER H 39 36.95 40.07 39.46
CA SER H 39 37.09 39.78 40.88
C SER H 39 37.90 38.50 41.07
N PRO H 40 38.89 38.48 41.97
CA PRO H 40 39.75 37.31 42.09
C PRO H 40 39.10 36.12 42.79
N ASP H 41 37.96 36.30 43.44
CA ASP H 41 37.27 35.20 44.11
C ASP H 41 36.42 34.35 43.17
N ALA H 42 36.31 34.73 41.90
CA ALA H 42 35.57 33.93 40.94
C ALA H 42 36.34 32.67 40.57
N GLU H 43 35.63 31.70 40.00
CA GLU H 43 36.20 30.40 39.67
C GLU H 43 36.95 30.48 38.35
N ALA H 44 38.23 30.12 38.36
CA ALA H 44 39.08 30.17 37.18
C ALA H 44 39.57 28.77 36.83
N VAL H 45 39.56 28.46 35.53
CA VAL H 45 40.07 27.19 35.01
C VAL H 45 41.43 27.45 34.39
N GLU H 46 42.45 26.71 34.86
CA GLU H 46 43.78 26.80 34.31
C GLU H 46 43.87 25.93 33.07
N PRO H 47 44.13 26.49 31.89
CA PRO H 47 44.24 25.65 30.69
C PRO H 47 45.59 24.96 30.60
N ASP H 48 45.60 23.83 29.91
CA ASP H 48 46.82 23.08 29.65
C ASP H 48 47.38 23.64 28.35
N PHE H 49 48.31 24.59 28.48
CA PHE H 49 48.89 25.27 27.31
C PHE H 49 49.86 24.39 26.53
N SER H 50 50.31 23.27 27.12
CA SER H 50 51.27 22.39 26.45
C SER H 50 50.65 21.68 25.26
N SER H 51 49.42 21.17 25.41
CA SER H 51 48.74 20.47 24.32
C SER H 51 48.27 21.44 23.24
N ILE H 52 47.86 22.66 23.65
CA ILE H 52 47.48 23.70 22.70
C ILE H 52 48.67 24.16 21.88
N GLU H 53 49.84 24.32 22.54
CA GLU H 53 51.08 24.62 21.82
C GLU H 53 51.55 23.45 20.98
N ARG H 54 51.24 22.22 21.39
CA ARG H 54 51.61 21.03 20.64
C ARG H 54 50.83 20.92 19.33
N LEU H 55 49.51 21.08 19.39
CA LEU H 55 48.68 20.74 18.25
C LEU H 55 48.38 21.93 17.32
N PHE H 56 48.01 23.08 17.90
CA PHE H 56 47.48 24.18 17.11
C PHE H 56 48.53 25.17 16.62
N SER H 57 49.81 24.88 16.86
CA SER H 57 50.88 25.68 16.26
C SER H 57 50.96 25.41 14.75
N PHE H 58 51.61 26.34 14.04
CA PHE H 58 51.85 26.16 12.62
C PHE H 58 52.87 25.04 12.38
N PRO H 59 52.69 24.26 11.30
CA PRO H 59 53.70 23.26 10.95
C PRO H 59 54.86 23.87 10.20
N ALA H 60 56.01 23.20 10.29
CA ALA H 60 57.25 23.63 9.66
C ALA H 60 57.55 22.78 8.43
N ALA H 61 58.57 23.21 7.69
CA ALA H 61 58.99 22.50 6.49
C ALA H 61 59.75 21.22 6.85
N GLU H 76 54.67 -11.09 -0.54
CA GLU H 76 55.46 -12.31 -0.34
C GLU H 76 54.66 -13.53 -0.79
N PRO H 77 55.34 -14.52 -1.42
CA PRO H 77 54.60 -15.62 -2.07
C PRO H 77 54.01 -16.64 -1.12
N LYS H 78 52.82 -16.36 -0.60
CA LYS H 78 52.04 -17.33 0.16
C LYS H 78 51.18 -18.18 -0.76
N GLU H 79 50.35 -17.54 -1.58
CA GLU H 79 49.47 -18.23 -2.53
C GLU H 79 49.81 -17.71 -3.93
N ILE H 80 50.71 -18.41 -4.61
CA ILE H 80 51.11 -18.06 -5.96
C ILE H 80 50.04 -18.52 -6.93
N THR H 81 49.72 -17.69 -7.92
CA THR H 81 48.74 -18.05 -8.93
C THR H 81 49.23 -17.61 -10.30
N PHE H 82 48.80 -18.33 -11.33
CA PHE H 82 49.08 -17.95 -12.71
C PHE H 82 47.93 -17.20 -13.36
N LEU H 83 46.75 -17.20 -12.75
CA LEU H 83 45.63 -16.40 -13.22
C LEU H 83 45.74 -14.96 -12.74
N ASP H 84 44.94 -14.09 -13.34
CA ASP H 84 44.70 -12.77 -12.78
C ASP H 84 43.70 -12.85 -11.63
N ALA H 85 43.58 -11.74 -10.89
CA ALA H 85 42.84 -11.73 -9.63
C ALA H 85 41.34 -11.83 -9.85
N LYS H 86 40.85 -11.28 -10.97
CA LYS H 86 39.41 -11.26 -11.27
C LYS H 86 38.87 -12.68 -11.53
N LYS H 87 39.57 -13.43 -12.38
CA LYS H 87 39.16 -14.81 -12.67
C LYS H 87 39.39 -15.73 -11.48
N SER H 88 40.42 -15.43 -10.67
CA SER H 88 40.70 -16.22 -9.47
C SER H 88 39.62 -16.02 -8.40
N LEU H 89 39.17 -14.78 -8.19
CA LEU H 89 38.09 -14.55 -7.24
C LEU H 89 36.74 -15.02 -7.75
N ASN H 90 36.52 -14.96 -9.07
CA ASN H 90 35.33 -15.56 -9.66
C ASN H 90 35.33 -17.09 -9.49
N LEU H 91 36.51 -17.70 -9.61
CA LEU H 91 36.67 -19.13 -9.30
C LEU H 91 36.47 -19.42 -7.82
N ASN H 92 36.86 -18.50 -6.94
CA ASN H 92 36.62 -18.68 -5.51
C ASN H 92 35.13 -18.62 -5.17
N ILE H 93 34.39 -17.70 -5.81
CA ILE H 93 32.93 -17.63 -5.65
C ILE H 93 32.28 -18.89 -6.22
N PHE H 94 32.79 -19.38 -7.35
CA PHE H 94 32.27 -20.61 -7.96
C PHE H 94 32.58 -21.84 -7.10
N LEU H 95 33.74 -21.87 -6.45
CA LEU H 95 34.20 -23.06 -5.74
C LEU H 95 33.59 -23.15 -4.35
N LYS H 96 33.50 -22.03 -3.63
CA LYS H 96 33.09 -22.06 -2.23
C LYS H 96 31.59 -22.26 -2.03
N GLN H 97 30.78 -22.25 -3.09
CA GLN H 97 29.37 -22.60 -2.97
C GLN H 97 29.12 -24.09 -3.04
N PHE H 98 30.15 -24.90 -3.34
CA PHE H 98 29.98 -26.34 -3.44
C PHE H 98 29.94 -27.03 -2.08
N LYS H 99 30.34 -26.32 -1.01
CA LYS H 99 30.48 -26.75 0.40
C LYS H 99 31.24 -28.08 0.55
N CYS H 100 32.29 -28.25 -0.25
CA CYS H 100 33.06 -29.48 -0.26
C CYS H 100 34.44 -29.19 -0.82
N SER H 101 35.32 -30.19 -0.73
CA SER H 101 36.67 -30.09 -1.26
C SER H 101 36.68 -30.13 -2.78
N ASN H 102 37.81 -29.69 -3.36
CA ASN H 102 37.94 -29.62 -4.81
C ASN H 102 38.04 -31.00 -5.45
N GLU H 103 38.55 -31.99 -4.69
CA GLU H 103 38.70 -33.35 -5.19
C GLU H 103 37.34 -34.00 -5.41
N GLU H 104 36.37 -33.69 -4.55
CA GLU H 104 35.00 -34.18 -4.72
C GLU H 104 34.36 -33.59 -5.97
N VAL H 105 34.63 -32.31 -6.25
CA VAL H 105 34.13 -31.65 -7.46
C VAL H 105 34.73 -32.27 -8.71
N ALA H 106 36.05 -32.50 -8.70
CA ALA H 106 36.73 -33.09 -9.87
C ALA H 106 36.32 -34.55 -10.09
N ALA H 107 36.18 -35.32 -9.02
CA ALA H 107 35.73 -36.70 -9.13
C ALA H 107 34.27 -36.79 -9.56
N MET H 108 33.45 -35.80 -9.18
CA MET H 108 32.05 -35.84 -9.57
C MET H 108 31.87 -35.38 -11.02
N ILE H 109 32.73 -34.46 -11.48
CA ILE H 109 32.78 -34.12 -12.91
C ILE H 109 33.26 -35.30 -13.74
N ARG H 110 34.26 -36.04 -13.23
CA ARG H 110 34.73 -37.27 -13.90
C ARG H 110 33.67 -38.36 -13.89
N ALA H 111 32.88 -38.46 -12.82
CA ALA H 111 31.82 -39.46 -12.75
C ALA H 111 30.60 -39.08 -13.59
N GLY H 112 30.37 -37.79 -13.81
CA GLY H 112 29.21 -37.37 -14.58
C GLY H 112 27.89 -37.47 -13.85
N ASP H 113 27.91 -37.48 -12.52
CA ASP H 113 26.69 -37.52 -11.74
C ASP H 113 26.04 -36.14 -11.76
N THR H 114 24.73 -36.11 -12.05
CA THR H 114 24.01 -34.85 -12.31
C THR H 114 22.99 -34.53 -11.21
N THR H 115 23.37 -34.71 -9.95
CA THR H 115 22.47 -34.39 -8.85
C THR H 115 22.43 -32.89 -8.58
N LYS H 116 23.58 -32.30 -8.23
CA LYS H 116 23.66 -30.88 -7.89
C LYS H 116 24.47 -30.08 -8.91
N PHE H 117 24.46 -30.50 -10.16
CA PHE H 117 25.02 -29.72 -11.28
C PHE H 117 23.87 -29.39 -12.22
N ASP H 118 23.28 -28.21 -12.03
CA ASP H 118 22.21 -27.72 -12.89
C ASP H 118 22.77 -26.94 -14.08
N VAL H 119 21.91 -26.16 -14.73
CA VAL H 119 22.30 -25.43 -15.94
C VAL H 119 23.24 -24.27 -15.61
N GLU H 120 22.94 -23.53 -14.54
CA GLU H 120 23.63 -22.27 -14.27
C GLU H 120 25.04 -22.49 -13.73
N VAL H 121 25.23 -23.52 -12.90
CA VAL H 121 26.55 -23.84 -12.35
C VAL H 121 27.51 -24.30 -13.46
N LEU H 122 27.00 -25.13 -14.38
CA LEU H 122 27.82 -25.55 -15.51
C LEU H 122 28.05 -24.42 -16.53
N LYS H 123 27.09 -23.48 -16.64
CA LYS H 123 27.31 -22.29 -17.45
C LYS H 123 28.41 -21.41 -16.87
N GLN H 124 28.42 -21.25 -15.53
CA GLN H 124 29.51 -20.55 -14.85
C GLN H 124 30.83 -21.26 -15.02
N LEU H 125 30.81 -22.60 -14.94
CA LEU H 125 32.00 -23.43 -15.12
C LEU H 125 32.56 -23.33 -16.53
N LEU H 126 31.69 -23.21 -17.53
CA LEU H 126 32.14 -22.99 -18.90
C LEU H 126 32.68 -21.57 -19.09
N LYS H 127 32.14 -20.58 -18.36
CA LYS H 127 32.62 -19.22 -18.49
C LYS H 127 34.00 -18.97 -17.85
N LEU H 128 34.50 -19.90 -17.04
CA LEU H 128 35.79 -19.77 -16.36
C LEU H 128 36.86 -20.74 -16.87
N LEU H 129 36.78 -21.08 -18.16
CA LEU H 129 37.55 -22.18 -18.76
C LEU H 129 39.06 -21.89 -18.74
N PRO H 130 39.89 -22.90 -18.47
CA PRO H 130 41.34 -22.66 -18.36
C PRO H 130 41.96 -22.35 -19.71
N GLU H 131 42.65 -21.22 -19.78
CA GLU H 131 43.17 -20.69 -21.03
C GLU H 131 44.51 -21.33 -21.36
N LYS H 132 45.06 -20.97 -22.52
CA LYS H 132 46.23 -21.63 -23.07
C LYS H 132 47.49 -21.31 -22.25
N HIS H 133 47.70 -20.02 -21.94
CA HIS H 133 48.85 -19.62 -21.13
C HIS H 133 48.73 -20.10 -19.69
N GLU H 134 47.49 -20.24 -19.19
CA GLU H 134 47.26 -20.80 -17.85
C GLU H 134 47.64 -22.27 -17.77
N ILE H 135 47.27 -23.05 -18.79
CA ILE H 135 47.64 -24.48 -18.84
C ILE H 135 49.15 -24.64 -19.04
N GLU H 136 49.74 -23.79 -19.89
CA GLU H 136 51.19 -23.83 -20.13
C GLU H 136 51.99 -23.41 -18.89
N ASN H 137 51.45 -22.49 -18.09
CA ASN H 137 52.08 -22.17 -16.81
C ASN H 137 51.88 -23.28 -15.78
N LEU H 138 50.74 -23.98 -15.84
CA LEU H 138 50.49 -25.03 -14.85
C LEU H 138 51.34 -26.29 -15.09
N ARG H 139 51.52 -26.71 -16.35
CA ARG H 139 52.43 -27.84 -16.60
C ARG H 139 53.89 -27.48 -16.42
N ALA H 140 54.26 -26.19 -16.45
CA ALA H 140 55.64 -25.78 -16.19
C ALA H 140 55.99 -25.74 -14.71
N PHE H 141 55.02 -25.97 -13.83
CA PHE H 141 55.30 -25.97 -12.40
C PHE H 141 55.98 -27.28 -12.00
N THR H 142 57.10 -27.16 -11.28
CA THR H 142 57.90 -28.29 -10.85
C THR H 142 57.95 -28.44 -9.33
N GLU H 143 57.68 -27.36 -8.59
CA GLU H 143 57.89 -27.31 -7.15
C GLU H 143 56.75 -28.00 -6.39
N GLU H 144 56.66 -27.72 -5.09
CA GLU H 144 55.69 -28.38 -4.22
C GLU H 144 54.27 -27.89 -4.52
N ARG H 145 53.33 -28.85 -4.56
CA ARG H 145 51.97 -28.58 -4.99
C ARG H 145 51.20 -27.77 -3.94
N ALA H 146 51.49 -27.98 -2.65
CA ALA H 146 50.71 -27.39 -1.58
C ALA H 146 50.94 -25.87 -1.45
N LYS H 147 52.03 -25.35 -2.00
CA LYS H 147 52.33 -23.93 -1.92
C LYS H 147 51.42 -23.07 -2.81
N LEU H 148 50.88 -23.63 -3.89
CA LEU H 148 50.04 -22.84 -4.78
C LEU H 148 48.64 -22.66 -4.19
N ALA H 149 47.83 -21.85 -4.87
CA ALA H 149 46.49 -21.54 -4.39
C ALA H 149 45.51 -22.66 -4.73
N SER H 150 44.28 -22.51 -4.23
CA SER H 150 43.22 -23.46 -4.54
C SER H 150 42.74 -23.34 -5.98
N ALA H 151 42.92 -22.15 -6.58
CA ALA H 151 42.56 -21.92 -7.97
C ALA H 151 43.40 -22.76 -8.93
N ASP H 152 44.70 -22.89 -8.65
CA ASP H 152 45.55 -23.80 -9.43
C ASP H 152 45.23 -25.25 -9.14
N HIS H 153 44.79 -25.54 -7.91
CA HIS H 153 44.51 -26.91 -7.48
C HIS H 153 43.27 -27.46 -8.19
N PHE H 154 42.25 -26.59 -8.35
CA PHE H 154 41.04 -26.95 -9.09
C PHE H 154 41.33 -27.16 -10.57
N TYR H 155 42.19 -26.32 -11.16
CA TYR H 155 42.51 -26.50 -12.57
C TYR H 155 43.40 -27.71 -12.83
N LEU H 156 44.30 -28.07 -11.92
CA LEU H 156 45.08 -29.29 -12.12
C LEU H 156 44.23 -30.55 -11.89
N LEU H 157 43.31 -30.50 -10.92
CA LEU H 157 42.38 -31.62 -10.75
C LEU H 157 41.40 -31.73 -11.92
N LEU H 158 41.08 -30.60 -12.56
CA LEU H 158 40.24 -30.65 -13.75
C LEU H 158 41.01 -31.15 -14.96
N LEU H 159 42.27 -30.73 -15.11
CA LEU H 159 43.09 -31.15 -16.24
C LEU H 159 43.57 -32.59 -16.11
N ALA H 160 43.48 -33.17 -14.91
CA ALA H 160 43.76 -34.60 -14.74
C ALA H 160 42.78 -35.46 -15.51
N ILE H 161 41.54 -35.01 -15.67
CA ILE H 161 40.52 -35.69 -16.45
C ILE H 161 40.85 -35.51 -17.94
N PRO H 162 40.92 -36.60 -18.72
CA PRO H 162 41.15 -36.44 -20.16
C PRO H 162 39.92 -35.87 -20.86
N CYS H 163 40.12 -34.71 -21.49
CA CYS H 163 39.14 -33.98 -22.32
C CYS H 163 37.90 -33.59 -21.49
N TYR H 164 38.15 -32.67 -20.56
CA TYR H 164 37.14 -32.23 -19.58
C TYR H 164 36.01 -31.45 -20.22
N GLN H 165 36.32 -30.65 -21.26
CA GLN H 165 35.39 -29.65 -21.78
C GLN H 165 34.24 -30.29 -22.53
N LEU H 166 34.52 -31.38 -23.26
CA LEU H 166 33.45 -32.16 -23.91
C LEU H 166 32.50 -32.78 -22.89
N ARG H 167 33.04 -33.27 -21.77
CA ARG H 167 32.23 -33.86 -20.70
C ARG H 167 31.31 -32.82 -20.05
N ILE H 168 31.85 -31.62 -19.80
CA ILE H 168 31.07 -30.52 -19.21
C ILE H 168 29.98 -30.07 -20.18
N GLU H 169 30.32 -29.94 -21.47
CA GLU H 169 29.36 -29.48 -22.47
C GLU H 169 28.26 -30.50 -22.74
N CYS H 170 28.58 -31.80 -22.79
CA CYS H 170 27.53 -32.78 -23.06
C CYS H 170 26.67 -33.02 -21.82
N MET H 171 27.24 -32.87 -20.62
CA MET H 171 26.45 -32.95 -19.40
C MET H 171 25.44 -31.81 -19.33
N LEU H 172 25.90 -30.59 -19.66
CA LEU H 172 25.01 -29.44 -19.77
C LEU H 172 23.97 -29.61 -20.87
N LEU H 173 24.37 -30.15 -22.02
CA LEU H 173 23.45 -30.34 -23.14
C LEU H 173 22.46 -31.46 -22.88
N CYS H 174 22.84 -32.50 -22.12
CA CYS H 174 21.92 -33.57 -21.76
C CYS H 174 20.86 -33.07 -20.78
N GLU H 175 21.28 -32.26 -19.78
CA GLU H 175 20.33 -31.66 -18.85
C GLU H 175 19.39 -30.67 -19.55
N GLY H 176 19.95 -29.85 -20.47
CA GLY H 176 19.14 -28.94 -21.25
C GLY H 176 18.20 -29.62 -22.22
N ALA H 177 18.66 -30.72 -22.83
CA ALA H 177 17.82 -31.50 -23.74
C ALA H 177 16.68 -32.19 -23.00
N ALA H 178 16.94 -32.66 -21.78
CA ALA H 178 15.87 -33.21 -20.95
C ALA H 178 14.84 -32.15 -20.56
N ALA H 179 15.30 -30.94 -20.23
CA ALA H 179 14.39 -29.85 -19.89
C ALA H 179 13.56 -29.39 -21.10
N VAL H 180 14.20 -29.29 -22.28
CA VAL H 180 13.50 -28.91 -23.51
C VAL H 180 12.50 -30.00 -23.94
N LEU H 181 12.85 -31.28 -23.75
CA LEU H 181 11.92 -32.37 -24.05
C LEU H 181 10.71 -32.36 -23.12
N ASP H 182 10.95 -32.15 -21.81
CA ASP H 182 9.86 -32.10 -20.83
C ASP H 182 8.97 -30.87 -21.01
N MET H 183 9.48 -29.78 -21.58
CA MET H 183 8.57 -28.66 -21.78
C MET H 183 7.91 -28.65 -23.16
N VAL H 184 8.53 -29.24 -24.19
CA VAL H 184 8.00 -29.13 -25.55
C VAL H 184 7.08 -30.30 -25.91
N ARG H 185 7.45 -31.55 -25.53
CA ARG H 185 6.70 -32.73 -25.96
C ARG H 185 5.24 -32.83 -25.47
N PRO H 186 4.86 -32.54 -24.19
CA PRO H 186 3.42 -32.42 -23.89
C PRO H 186 2.72 -31.27 -24.59
N LYS H 187 3.42 -30.14 -24.83
CA LYS H 187 2.84 -29.04 -25.59
C LYS H 187 2.59 -29.42 -27.05
N ALA H 188 3.53 -30.14 -27.66
CA ALA H 188 3.37 -30.59 -29.05
C ALA H 188 2.27 -31.63 -29.17
N GLN H 189 2.16 -32.52 -28.17
CA GLN H 189 1.05 -33.48 -28.15
C GLN H 189 -0.29 -32.78 -27.93
N LEU H 190 -0.30 -31.70 -27.13
CA LEU H 190 -1.50 -30.90 -26.93
C LEU H 190 -1.93 -30.18 -28.21
N VAL H 191 -0.96 -29.67 -28.97
CA VAL H 191 -1.25 -29.01 -30.25
C VAL H 191 -1.78 -30.01 -31.27
N LEU H 192 -1.19 -31.22 -31.33
CA LEU H 192 -1.67 -32.27 -32.23
C LEU H 192 -3.06 -32.77 -31.83
N ALA H 193 -3.32 -32.92 -30.53
CA ALA H 193 -4.64 -33.33 -30.05
C ALA H 193 -5.67 -32.23 -30.27
N ALA H 194 -5.26 -30.97 -30.18
CA ALA H 194 -6.15 -29.85 -30.46
C ALA H 194 -6.53 -29.78 -31.93
N CYS H 195 -5.56 -30.02 -32.82
CA CYS H 195 -5.85 -30.06 -34.25
C CYS H 195 -6.72 -31.25 -34.63
N GLU H 196 -6.51 -32.40 -33.99
CA GLU H 196 -7.36 -33.57 -34.22
C GLU H 196 -8.76 -33.36 -33.68
N SER H 197 -8.89 -32.69 -32.53
CA SER H 197 -10.20 -32.35 -31.98
C SER H 197 -10.93 -31.32 -32.83
N LEU H 198 -10.17 -30.41 -33.46
CA LEU H 198 -10.78 -29.46 -34.37
C LEU H 198 -11.26 -30.13 -35.65
N LEU H 199 -10.45 -31.02 -36.23
CA LEU H 199 -10.81 -31.66 -37.50
C LEU H 199 -11.93 -32.68 -37.32
N THR H 200 -11.89 -33.48 -36.27
CA THR H 200 -12.90 -34.52 -36.04
C THR H 200 -14.03 -34.04 -35.15
N SER H 201 -14.28 -32.73 -35.08
CA SER H 201 -15.41 -32.23 -34.31
C SER H 201 -16.71 -32.47 -35.07
N ARG H 202 -17.74 -32.89 -34.33
CA ARG H 202 -19.05 -33.16 -34.91
C ARG H 202 -20.05 -32.03 -34.70
N GLN H 203 -20.04 -31.42 -33.51
CA GLN H 203 -21.05 -30.41 -33.18
C GLN H 203 -20.74 -29.06 -33.83
N LEU H 204 -19.46 -28.75 -34.05
CA LEU H 204 -19.02 -27.52 -34.71
C LEU H 204 -19.48 -27.38 -36.17
N PRO H 205 -19.49 -28.42 -37.06
CA PRO H 205 -20.20 -28.24 -38.35
C PRO H 205 -21.68 -27.95 -38.25
N ILE H 206 -22.38 -28.57 -37.29
CA ILE H 206 -23.82 -28.34 -37.12
C ILE H 206 -24.07 -26.92 -36.60
N PHE H 207 -23.21 -26.45 -35.70
CA PHE H 207 -23.29 -25.09 -35.18
C PHE H 207 -22.98 -24.05 -36.26
N CYS H 208 -21.98 -24.35 -37.11
CA CYS H 208 -21.64 -23.46 -38.22
C CYS H 208 -22.74 -23.40 -39.27
N GLN H 209 -23.40 -24.53 -39.55
CA GLN H 209 -24.53 -24.53 -40.47
C GLN H 209 -25.75 -23.82 -39.89
N LEU H 210 -25.95 -23.94 -38.57
CA LEU H 210 -27.04 -23.24 -37.89
C LEU H 210 -26.83 -21.72 -37.94
N ILE H 211 -25.62 -21.26 -37.64
CA ILE H 211 -25.38 -19.82 -37.64
C ILE H 211 -25.28 -19.29 -39.08
N LEU H 212 -24.93 -20.15 -40.06
CA LEU H 212 -24.98 -19.74 -41.45
C LEU H 212 -26.42 -19.57 -41.94
N ARG H 213 -27.31 -20.49 -41.55
CA ARG H 213 -28.73 -20.35 -41.88
C ARG H 213 -29.37 -19.13 -41.22
N ILE H 214 -28.98 -18.87 -39.97
CA ILE H 214 -29.47 -17.67 -39.27
C ILE H 214 -28.91 -16.39 -39.92
N GLY H 215 -27.64 -16.39 -40.32
CA GLY H 215 -27.06 -15.24 -40.97
C GLY H 215 -27.62 -14.99 -42.38
N ASN H 216 -27.95 -16.05 -43.10
CA ASN H 216 -28.63 -15.91 -44.39
C ASN H 216 -30.07 -15.43 -44.20
N PHE H 217 -30.71 -15.82 -43.09
CA PHE H 217 -32.03 -15.27 -42.78
C PHE H 217 -31.96 -13.78 -42.42
N LEU H 218 -30.90 -13.39 -41.70
CA LEU H 218 -30.70 -11.99 -41.33
C LEU H 218 -30.33 -11.13 -42.54
N ASN H 219 -29.70 -11.71 -43.54
CA ASN H 219 -29.18 -10.97 -44.69
C ASN H 219 -29.81 -11.42 -46.01
N TYR H 220 -31.10 -11.73 -46.01
CA TYR H 220 -31.78 -12.08 -47.24
C TYR H 220 -32.07 -10.80 -48.02
N GLY H 221 -31.76 -10.82 -49.32
CA GLY H 221 -31.90 -9.65 -50.17
C GLY H 221 -30.70 -8.74 -50.20
N SER H 222 -29.66 -9.04 -49.43
CA SER H 222 -28.44 -8.23 -49.39
C SER H 222 -27.31 -9.00 -50.07
N HIS H 223 -26.16 -8.33 -50.19
CA HIS H 223 -25.01 -8.91 -50.88
C HIS H 223 -24.29 -9.94 -50.03
N THR H 224 -24.35 -9.82 -48.70
CA THR H 224 -23.68 -10.78 -47.84
C THR H 224 -24.45 -12.09 -47.70
N GLY H 225 -25.72 -12.12 -48.07
CA GLY H 225 -26.50 -13.34 -47.98
C GLY H 225 -26.19 -14.32 -49.09
N ASP H 226 -26.77 -15.53 -48.92
CA ASP H 226 -26.63 -16.69 -49.82
C ASP H 226 -25.15 -17.08 -49.98
N ALA H 227 -24.55 -17.45 -48.85
CA ALA H 227 -23.12 -17.76 -48.77
C ALA H 227 -22.93 -19.23 -48.43
N ASP H 228 -21.83 -19.79 -48.95
CA ASP H 228 -21.47 -21.17 -48.65
C ASP H 228 -20.61 -21.31 -47.39
N GLY H 229 -20.09 -20.22 -46.84
CA GLY H 229 -19.22 -20.35 -45.68
C GLY H 229 -18.82 -18.99 -45.15
N PHE H 230 -18.03 -19.03 -44.08
CA PHE H 230 -17.61 -17.82 -43.39
C PHE H 230 -16.27 -18.06 -42.71
N LYS H 231 -15.57 -16.97 -42.44
CA LYS H 231 -14.30 -17.04 -41.73
C LYS H 231 -14.51 -17.39 -40.26
N ILE H 232 -13.43 -17.83 -39.61
CA ILE H 232 -13.48 -18.32 -38.25
C ILE H 232 -13.66 -17.19 -37.23
N SER H 233 -13.40 -15.94 -37.64
CA SER H 233 -13.57 -14.77 -36.78
C SER H 233 -15.03 -14.34 -36.59
N THR H 234 -15.99 -15.06 -37.21
CA THR H 234 -17.42 -14.84 -36.96
C THR H 234 -17.79 -15.11 -35.50
N LEU H 235 -17.14 -16.08 -34.86
CA LEU H 235 -17.54 -16.56 -33.54
C LEU H 235 -17.24 -15.52 -32.45
N LEU H 236 -16.20 -14.71 -32.63
CA LEU H 236 -15.94 -13.62 -31.69
C LEU H 236 -16.94 -12.49 -31.84
N LYS H 237 -17.51 -12.33 -33.03
CA LYS H 237 -18.41 -11.22 -33.33
C LYS H 237 -19.88 -11.55 -33.14
N LEU H 238 -20.20 -12.70 -32.54
CA LEU H 238 -21.61 -13.09 -32.36
C LEU H 238 -22.31 -12.25 -31.31
N THR H 239 -21.55 -11.70 -30.34
CA THR H 239 -22.14 -10.87 -29.30
C THR H 239 -22.45 -9.45 -29.75
N GLU H 240 -22.03 -9.07 -30.96
CA GLU H 240 -22.32 -7.72 -31.48
C GLU H 240 -23.80 -7.54 -31.78
N THR H 241 -24.44 -8.56 -32.36
CA THR H 241 -25.86 -8.48 -32.67
C THR H 241 -26.67 -8.69 -31.38
N LYS H 242 -27.50 -7.71 -31.05
CA LYS H 242 -28.24 -7.70 -29.78
C LYS H 242 -29.73 -7.53 -30.05
N SER H 243 -30.54 -7.95 -29.08
CA SER H 243 -31.99 -7.95 -29.25
C SER H 243 -32.58 -6.55 -29.09
N GLN H 244 -33.91 -6.49 -29.18
CA GLN H 244 -34.63 -5.22 -29.05
C GLN H 244 -34.60 -4.68 -27.63
N GLN H 245 -34.47 -5.56 -26.63
CA GLN H 245 -34.34 -5.15 -25.24
C GLN H 245 -32.91 -4.78 -24.86
N ASN H 246 -31.96 -4.98 -25.78
CA ASN H 246 -30.51 -4.73 -25.62
C ASN H 246 -29.93 -5.55 -24.46
N ARG H 247 -30.44 -6.76 -24.28
CA ARG H 247 -29.98 -7.69 -23.25
C ARG H 247 -29.54 -9.03 -23.82
N VAL H 248 -30.26 -9.56 -24.79
CA VAL H 248 -30.00 -10.89 -25.35
C VAL H 248 -29.16 -10.72 -26.61
N THR H 249 -27.98 -11.34 -26.62
CA THR H 249 -27.17 -11.35 -27.81
C THR H 249 -27.58 -12.51 -28.72
N LEU H 250 -26.96 -12.57 -29.89
CA LEU H 250 -27.27 -13.61 -30.87
C LEU H 250 -26.84 -14.99 -30.40
N LEU H 251 -25.66 -15.07 -29.75
CA LEU H 251 -25.16 -16.33 -29.20
C LEU H 251 -26.04 -16.84 -28.08
N HIS H 252 -26.61 -15.92 -27.27
CA HIS H 252 -27.53 -16.29 -26.20
C HIS H 252 -28.82 -16.92 -26.75
N HIS H 253 -29.36 -16.36 -27.83
CA HIS H 253 -30.57 -16.93 -28.43
C HIS H 253 -30.28 -18.25 -29.13
N VAL H 254 -29.10 -18.37 -29.76
CA VAL H 254 -28.72 -19.62 -30.42
C VAL H 254 -28.54 -20.74 -29.40
N LEU H 255 -27.89 -20.45 -28.27
CA LEU H 255 -27.79 -21.47 -27.21
C LEU H 255 -29.11 -21.69 -26.48
N GLU H 256 -29.99 -20.69 -26.47
CA GLU H 256 -31.34 -20.88 -25.91
C GLU H 256 -32.16 -21.84 -26.77
N GLU H 257 -32.06 -21.72 -28.10
CA GLU H 257 -32.72 -22.68 -28.98
C GLU H 257 -32.05 -24.05 -28.94
N ALA H 258 -30.71 -24.07 -28.76
CA ALA H 258 -29.98 -25.33 -28.66
C ALA H 258 -30.26 -26.05 -27.35
N GLU H 259 -30.66 -25.31 -26.30
CA GLU H 259 -31.09 -25.91 -25.05
C GLU H 259 -32.35 -26.76 -25.23
N LYS H 260 -33.31 -26.27 -26.01
CA LYS H 260 -34.59 -26.96 -26.14
C LYS H 260 -34.55 -28.07 -27.19
N SER H 261 -33.84 -27.85 -28.29
CA SER H 261 -33.94 -28.72 -29.46
C SER H 261 -32.81 -29.76 -29.53
N HIS H 262 -31.56 -29.31 -29.58
CA HIS H 262 -30.42 -30.18 -29.88
C HIS H 262 -29.38 -29.99 -28.78
N PRO H 263 -29.48 -30.74 -27.68
CA PRO H 263 -28.56 -30.54 -26.54
C PRO H 263 -27.13 -31.02 -26.78
N ASP H 264 -26.88 -31.81 -27.84
CA ASP H 264 -25.54 -32.30 -28.14
C ASP H 264 -24.58 -31.18 -28.52
N LEU H 265 -25.11 -30.07 -29.05
CA LEU H 265 -24.33 -28.85 -29.29
C LEU H 265 -23.78 -28.25 -28.00
N LEU H 266 -24.44 -28.50 -26.86
CA LEU H 266 -23.88 -28.11 -25.56
C LEU H 266 -22.64 -28.90 -25.17
N GLN H 267 -22.32 -30.00 -25.87
CA GLN H 267 -21.02 -30.66 -25.74
C GLN H 267 -19.94 -30.04 -26.65
N LEU H 268 -20.19 -28.87 -27.22
CA LEU H 268 -19.15 -28.15 -27.96
C LEU H 268 -17.90 -27.72 -27.16
N PRO H 269 -17.98 -27.22 -25.90
CA PRO H 269 -16.70 -26.99 -25.17
C PRO H 269 -15.90 -28.24 -24.82
N ARG H 270 -16.51 -29.43 -24.84
CA ARG H 270 -15.74 -30.67 -24.77
C ARG H 270 -14.85 -30.84 -26.00
N ASP H 271 -15.35 -30.45 -27.18
CA ASP H 271 -14.55 -30.50 -28.39
C ASP H 271 -13.45 -29.43 -28.39
N LEU H 272 -13.75 -28.26 -27.84
CA LEU H 272 -12.84 -27.12 -27.92
C LEU H 272 -12.05 -26.88 -26.63
N GLU H 273 -12.02 -27.86 -25.73
CA GLU H 273 -11.21 -27.73 -24.51
C GLU H 273 -9.72 -27.80 -24.83
N GLN H 274 -9.33 -28.75 -25.68
CA GLN H 274 -7.93 -28.91 -26.07
C GLN H 274 -7.39 -27.81 -26.99
N PRO H 275 -8.17 -27.20 -27.92
CA PRO H 275 -7.71 -25.91 -28.48
C PRO H 275 -7.55 -24.79 -27.45
N SER H 276 -8.40 -24.76 -26.43
CA SER H 276 -8.30 -23.72 -25.40
C SER H 276 -7.06 -23.91 -24.53
N GLN H 277 -6.68 -25.16 -24.26
CA GLN H 277 -5.45 -25.44 -23.52
C GLN H 277 -4.22 -25.13 -24.35
N ALA H 278 -4.31 -25.31 -25.68
CA ALA H 278 -3.18 -25.11 -26.57
C ALA H 278 -2.98 -23.66 -26.98
N ALA H 279 -3.85 -22.75 -26.56
CA ALA H 279 -3.74 -21.34 -26.94
C ALA H 279 -2.57 -20.67 -26.24
N GLY H 280 -1.99 -19.67 -26.91
CA GLY H 280 -0.83 -18.97 -26.40
C GLY H 280 0.49 -19.68 -26.62
N ILE H 281 0.51 -20.80 -27.34
CA ILE H 281 1.71 -21.58 -27.57
C ILE H 281 2.19 -21.29 -28.99
N ASN H 282 3.42 -20.79 -29.11
CA ASN H 282 4.03 -20.50 -30.40
C ASN H 282 4.81 -21.73 -30.85
N LEU H 283 4.43 -22.29 -32.00
CA LEU H 283 5.05 -23.50 -32.53
C LEU H 283 6.48 -23.25 -33.03
N GLU H 284 6.71 -22.06 -33.61
CA GLU H 284 7.97 -21.77 -34.29
C GLU H 284 9.14 -21.66 -33.31
N ILE H 285 8.90 -21.08 -32.13
CA ILE H 285 9.95 -20.89 -31.13
C ILE H 285 10.42 -22.23 -30.56
N ILE H 286 9.47 -23.08 -30.15
CA ILE H 286 9.81 -24.39 -29.61
C ILE H 286 10.36 -25.32 -30.69
N ARG H 287 9.90 -25.15 -31.94
CA ARG H 287 10.45 -25.95 -33.04
C ARG H 287 11.88 -25.57 -33.38
N SER H 288 12.18 -24.26 -33.37
CA SER H 288 13.55 -23.80 -33.60
C SER H 288 14.47 -24.20 -32.45
N GLU H 289 13.94 -24.17 -31.21
CA GLU H 289 14.70 -24.63 -30.06
C GLU H 289 15.00 -26.13 -30.12
N ALA H 290 14.00 -26.93 -30.56
CA ALA H 290 14.20 -28.37 -30.74
C ALA H 290 15.17 -28.68 -31.86
N SER H 291 15.12 -27.90 -32.95
CA SER H 291 16.06 -28.09 -34.07
C SER H 291 17.48 -27.72 -33.68
N SER H 292 17.65 -26.62 -32.91
CA SER H 292 18.97 -26.25 -32.40
C SER H 292 19.49 -27.26 -31.39
N ASN H 293 18.61 -27.81 -30.56
CA ASN H 293 19.00 -28.87 -29.61
C ASN H 293 19.41 -30.15 -30.32
N LEU H 294 18.70 -30.51 -31.39
CA LEU H 294 19.05 -31.71 -32.16
C LEU H 294 20.37 -31.53 -32.92
N LYS H 295 20.59 -30.32 -33.47
CA LYS H 295 21.87 -30.01 -34.12
C LYS H 295 23.04 -30.04 -33.14
N LYS H 296 22.84 -29.50 -31.92
CA LYS H 296 23.86 -29.54 -30.88
C LYS H 296 24.12 -30.96 -30.41
N LEU H 297 23.07 -31.78 -30.31
CA LEU H 297 23.24 -33.18 -29.89
C LEU H 297 23.94 -34.02 -30.96
N LEU H 298 23.66 -33.74 -32.24
CA LEU H 298 24.35 -34.44 -33.33
C LEU H 298 25.83 -34.04 -33.40
N GLU H 299 26.13 -32.74 -33.22
CA GLU H 299 27.51 -32.29 -33.14
C GLU H 299 28.23 -32.86 -31.93
N THR H 300 27.51 -32.99 -30.81
CA THR H 300 28.06 -33.57 -29.59
C THR H 300 28.35 -35.06 -29.76
N GLU H 301 27.46 -35.77 -30.47
CA GLU H 301 27.68 -37.20 -30.78
C GLU H 301 28.87 -37.40 -31.70
N ARG H 302 29.04 -36.51 -32.69
CA ARG H 302 30.21 -36.56 -33.56
C ARG H 302 31.50 -36.24 -32.80
N LYS H 303 31.43 -35.33 -31.82
CA LYS H 303 32.60 -35.00 -31.02
C LYS H 303 32.97 -36.13 -30.06
N VAL H 304 31.98 -36.80 -29.46
CA VAL H 304 32.22 -37.92 -28.54
C VAL H 304 32.75 -39.13 -29.31
N SER H 305 32.22 -39.36 -30.53
CA SER H 305 32.65 -40.50 -31.35
C SER H 305 34.09 -40.36 -31.84
N ALA H 306 34.60 -39.12 -31.94
CA ALA H 306 36.01 -38.91 -32.26
C ALA H 306 36.91 -38.95 -31.03
N SER H 307 36.34 -38.99 -29.82
CA SER H 307 37.11 -38.91 -28.59
C SER H 307 37.52 -40.31 -28.12
N VAL H 308 38.00 -40.41 -26.89
CA VAL H 308 38.43 -41.68 -26.31
C VAL H 308 37.22 -42.50 -25.89
N ALA H 309 37.44 -43.78 -25.57
CA ALA H 309 36.34 -44.69 -25.28
C ALA H 309 35.72 -44.48 -23.91
N GLU H 310 36.44 -43.83 -22.98
CA GLU H 310 35.92 -43.59 -21.63
C GLU H 310 34.79 -42.57 -21.64
N VAL H 311 34.87 -41.58 -22.53
CA VAL H 311 33.76 -40.67 -22.79
C VAL H 311 32.60 -41.42 -23.43
N GLN H 312 32.92 -42.36 -24.33
CA GLN H 312 31.93 -43.00 -25.17
C GLN H 312 31.04 -43.96 -24.37
N GLU H 313 31.66 -44.81 -23.54
CA GLU H 313 30.95 -45.82 -22.75
C GLU H 313 30.04 -45.21 -21.69
N GLN H 314 30.29 -43.97 -21.30
CA GLN H 314 29.49 -43.27 -20.31
C GLN H 314 28.38 -42.46 -20.96
N TYR H 315 28.64 -41.88 -22.15
CA TYR H 315 27.80 -40.80 -22.68
C TYR H 315 27.04 -41.12 -23.98
N THR H 316 27.42 -42.16 -24.74
CA THR H 316 26.83 -42.39 -26.06
C THR H 316 25.37 -42.85 -25.98
N GLU H 317 25.03 -43.61 -24.94
CA GLU H 317 23.65 -44.06 -24.76
C GLU H 317 22.70 -42.90 -24.42
N ARG H 318 23.17 -41.92 -23.64
CA ARG H 318 22.34 -40.75 -23.34
C ARG H 318 22.21 -39.84 -24.55
N LEU H 319 23.30 -39.72 -25.32
CA LEU H 319 23.26 -38.93 -26.55
C LEU H 319 22.34 -39.56 -27.60
N GLN H 320 22.37 -40.89 -27.72
CA GLN H 320 21.52 -41.61 -28.66
C GLN H 320 20.05 -41.54 -28.26
N ALA H 321 19.77 -41.64 -26.95
CA ALA H 321 18.40 -41.50 -26.47
C ALA H 321 17.84 -40.10 -26.70
N SER H 322 18.68 -39.07 -26.48
CA SER H 322 18.25 -37.69 -26.72
C SER H 322 18.04 -37.41 -28.20
N ILE H 323 18.91 -37.93 -29.07
CA ILE H 323 18.77 -37.75 -30.52
C ILE H 323 17.53 -38.47 -31.04
N SER H 324 17.26 -39.68 -30.54
CA SER H 324 16.07 -40.43 -30.96
C SER H 324 14.78 -39.76 -30.47
N ALA H 325 14.78 -39.21 -29.26
CA ALA H 325 13.62 -38.49 -28.73
C ALA H 325 13.36 -37.20 -29.51
N PHE H 326 14.43 -36.46 -29.86
CA PHE H 326 14.24 -35.23 -30.64
C PHE H 326 13.87 -35.53 -32.09
N ARG H 327 14.30 -36.67 -32.63
CA ARG H 327 13.84 -37.10 -33.96
C ARG H 327 12.36 -37.45 -33.96
N ALA H 328 11.90 -38.16 -32.92
CA ALA H 328 10.48 -38.44 -32.75
C ALA H 328 9.67 -37.15 -32.55
N LEU H 329 10.27 -36.16 -31.87
CA LEU H 329 9.67 -34.83 -31.81
C LEU H 329 9.61 -34.15 -33.17
N ASP H 330 10.60 -34.38 -34.03
CA ASP H 330 10.58 -33.77 -35.37
C ASP H 330 9.51 -34.39 -36.28
N GLU H 331 9.34 -35.71 -36.24
CA GLU H 331 8.16 -36.29 -36.91
C GLU H 331 6.84 -35.89 -36.26
N LEU H 332 6.84 -35.58 -34.95
CA LEU H 332 5.64 -35.02 -34.33
C LEU H 332 5.33 -33.61 -34.86
N PHE H 333 6.37 -32.80 -35.07
CA PHE H 333 6.20 -31.49 -35.70
C PHE H 333 5.77 -31.59 -37.16
N GLU H 334 6.24 -32.62 -37.88
CA GLU H 334 5.79 -32.87 -39.24
C GLU H 334 4.32 -33.31 -39.28
N ALA H 335 3.89 -34.09 -38.29
CA ALA H 335 2.48 -34.42 -38.14
C ALA H 335 1.65 -33.18 -37.80
N ILE H 336 2.22 -32.25 -37.03
CA ILE H 336 1.56 -30.98 -36.73
C ILE H 336 1.44 -30.13 -38.01
N GLU H 337 2.45 -30.16 -38.89
CA GLU H 337 2.35 -29.53 -40.20
C GLU H 337 1.26 -30.15 -41.08
N GLN H 338 1.16 -31.49 -41.07
CA GLN H 338 0.13 -32.17 -41.86
C GLN H 338 -1.27 -31.85 -41.36
N LYS H 339 -1.45 -31.82 -40.03
CA LYS H 339 -2.73 -31.41 -39.46
C LYS H 339 -2.99 -29.91 -39.66
N GLN H 340 -1.92 -29.10 -39.76
CA GLN H 340 -2.07 -27.68 -40.05
C GLN H 340 -2.55 -27.44 -41.48
N ARG H 341 -2.00 -28.19 -42.44
CA ARG H 341 -2.46 -28.11 -43.82
C ARG H 341 -3.89 -28.65 -43.97
N GLU H 342 -4.22 -29.72 -43.23
CA GLU H 342 -5.58 -30.23 -43.21
C GLU H 342 -6.55 -29.25 -42.55
N LEU H 343 -6.08 -28.50 -41.55
CA LEU H 343 -6.93 -27.49 -40.91
C LEU H 343 -7.08 -26.25 -41.79
N ALA H 344 -6.05 -25.90 -42.55
CA ALA H 344 -6.14 -24.78 -43.48
C ALA H 344 -7.06 -25.09 -44.65
N ASP H 345 -7.02 -26.34 -45.15
CA ASP H 345 -8.00 -26.78 -46.13
C ASP H 345 -9.38 -26.96 -45.48
N TYR H 346 -9.43 -27.23 -44.18
CA TYR H 346 -10.70 -27.39 -43.47
C TYR H 346 -11.39 -26.04 -43.36
N LEU H 347 -10.75 -25.09 -42.68
CA LEU H 347 -11.25 -23.74 -42.43
C LEU H 347 -11.17 -22.81 -43.64
N CYS H 348 -10.66 -23.30 -44.79
CA CYS H 348 -10.66 -22.62 -46.08
C CYS H 348 -9.82 -21.35 -46.08
N GLU H 349 -8.76 -21.34 -45.28
CA GLU H 349 -7.72 -20.32 -45.31
C GLU H 349 -6.58 -20.78 -46.19
N ASP H 350 -5.69 -19.85 -46.52
CA ASP H 350 -4.46 -20.21 -47.20
C ASP H 350 -3.55 -20.99 -46.24
N ALA H 351 -2.82 -21.97 -46.80
CA ALA H 351 -1.94 -22.80 -45.99
C ALA H 351 -0.74 -22.02 -45.47
N GLN H 352 -0.24 -21.06 -46.25
CA GLN H 352 0.89 -20.26 -45.82
C GLN H 352 0.48 -19.11 -44.90
N GLN H 353 -0.81 -18.78 -44.84
CA GLN H 353 -1.27 -17.63 -44.07
C GLN H 353 -1.94 -17.99 -42.77
N LEU H 354 -2.31 -19.26 -42.57
CA LEU H 354 -2.99 -19.65 -41.35
C LEU H 354 -2.02 -19.72 -40.17
N SER H 355 -2.41 -19.10 -39.05
CA SER H 355 -1.67 -19.17 -37.81
C SER H 355 -2.46 -20.02 -36.82
N LEU H 356 -1.80 -21.07 -36.30
CA LEU H 356 -2.47 -21.97 -35.36
C LEU H 356 -2.74 -21.30 -34.01
N GLU H 357 -1.84 -20.39 -33.59
CA GLU H 357 -1.98 -19.71 -32.30
C GLU H 357 -3.20 -18.77 -32.29
N ASP H 358 -3.43 -18.07 -33.41
CA ASP H 358 -4.61 -17.22 -33.54
C ASP H 358 -5.89 -18.05 -33.56
N THR H 359 -5.86 -19.21 -34.20
CA THR H 359 -7.01 -20.11 -34.24
C THR H 359 -7.34 -20.68 -32.86
N PHE H 360 -6.31 -21.08 -32.11
CA PHE H 360 -6.54 -21.59 -30.76
C PHE H 360 -6.96 -20.49 -29.78
N SER H 361 -6.46 -19.26 -29.96
CA SER H 361 -6.93 -18.13 -29.16
C SER H 361 -8.39 -17.79 -29.49
N THR H 362 -8.77 -17.89 -30.77
CA THR H 362 -10.15 -17.72 -31.18
C THR H 362 -11.06 -18.79 -30.58
N MET H 363 -10.59 -20.04 -30.55
CA MET H 363 -11.36 -21.12 -29.93
C MET H 363 -11.47 -20.95 -28.41
N LYS H 364 -10.41 -20.45 -27.77
CA LYS H 364 -10.43 -20.20 -26.32
C LYS H 364 -11.41 -19.08 -25.96
N ALA H 365 -11.36 -17.98 -26.70
CA ALA H 365 -12.29 -16.86 -26.46
C ALA H 365 -13.73 -17.24 -26.81
N PHE H 366 -13.90 -18.08 -27.85
CA PHE H 366 -15.23 -18.56 -28.21
C PHE H 366 -15.79 -19.51 -27.16
N ARG H 367 -14.93 -20.35 -26.55
CA ARG H 367 -15.37 -21.23 -25.48
C ARG H 367 -15.74 -20.46 -24.22
N ASP H 368 -14.99 -19.38 -23.93
CA ASP H 368 -15.33 -18.49 -22.82
C ASP H 368 -16.65 -17.77 -23.07
N LEU H 369 -16.89 -17.33 -24.31
CA LEU H 369 -18.17 -16.71 -24.68
C LEU H 369 -19.32 -17.72 -24.61
N PHE H 370 -19.04 -18.98 -24.98
CA PHE H 370 -20.02 -20.07 -24.90
C PHE H 370 -20.44 -20.32 -23.46
N LEU H 371 -19.47 -20.40 -22.55
CA LEU H 371 -19.77 -20.62 -21.13
C LEU H 371 -20.46 -19.43 -20.50
N ARG H 372 -20.08 -18.21 -20.90
CA ARG H 372 -20.74 -17.01 -20.40
C ARG H 372 -22.20 -16.91 -20.87
N ALA H 373 -22.45 -17.29 -22.13
CA ALA H 373 -23.81 -17.32 -22.66
C ALA H 373 -24.65 -18.40 -22.00
N LEU H 374 -24.04 -19.56 -21.69
CA LEU H 374 -24.74 -20.64 -21.00
C LEU H 374 -25.13 -20.25 -19.59
N LYS H 375 -24.20 -19.61 -18.85
CA LYS H 375 -24.50 -19.16 -17.49
C LYS H 375 -25.52 -18.02 -17.48
N GLU H 376 -25.46 -17.11 -18.47
CA GLU H 376 -26.43 -16.02 -18.52
C GLU H 376 -27.83 -16.51 -18.88
N ASN H 377 -27.93 -17.49 -19.79
CA ASN H 377 -29.23 -18.08 -20.12
C ASN H 377 -29.80 -18.89 -18.96
N LYS H 378 -28.93 -19.60 -18.22
CA LYS H 378 -29.37 -20.35 -17.05
C LYS H 378 -29.86 -19.42 -15.94
N ASP H 379 -29.16 -18.29 -15.72
CA ASP H 379 -29.60 -17.31 -14.74
C ASP H 379 -30.89 -16.61 -15.17
N ARG H 380 -31.07 -16.37 -16.48
CA ARG H 380 -32.30 -15.77 -16.97
C ARG H 380 -33.50 -16.71 -16.80
N LYS H 381 -33.30 -18.01 -17.06
CA LYS H 381 -34.34 -19.00 -16.83
C LYS H 381 -34.68 -19.14 -15.35
N GLU H 382 -33.65 -19.11 -14.48
CA GLU H 382 -33.88 -19.18 -13.04
C GLU H 382 -34.61 -17.95 -12.51
N GLN H 383 -34.25 -16.76 -13.00
CA GLN H 383 -34.92 -15.54 -12.56
C GLN H 383 -36.34 -15.44 -13.08
N ALA H 384 -36.60 -15.97 -14.28
CA ALA H 384 -37.97 -16.08 -14.77
C ALA H 384 -38.79 -17.07 -13.93
N ALA H 385 -38.16 -18.16 -13.48
CA ALA H 385 -38.83 -19.13 -12.61
C ALA H 385 -39.18 -18.53 -11.25
N LYS H 386 -38.23 -17.80 -10.63
CA LYS H 386 -38.53 -17.14 -9.36
C LYS H 386 -39.51 -15.97 -9.52
N ALA H 387 -39.52 -15.30 -10.68
CA ALA H 387 -40.51 -14.27 -10.93
C ALA H 387 -41.92 -14.86 -11.07
N GLU H 388 -42.02 -16.01 -11.73
CA GLU H 388 -43.30 -16.71 -11.82
C GLU H 388 -43.75 -17.24 -10.46
N ARG H 389 -42.80 -17.69 -9.64
CA ARG H 389 -43.11 -18.14 -8.28
C ARG H 389 -43.60 -16.98 -7.40
N ARG H 390 -42.97 -15.81 -7.52
CA ARG H 390 -43.40 -14.63 -6.77
C ARG H 390 -44.76 -14.13 -7.25
N LYS H 391 -45.02 -14.21 -8.56
CA LYS H 391 -46.33 -13.84 -9.10
C LYS H 391 -47.42 -14.81 -8.63
N GLN H 392 -47.11 -16.11 -8.56
CA GLN H 392 -48.06 -17.10 -8.08
C GLN H 392 -48.33 -16.94 -6.58
N GLN H 393 -47.29 -16.60 -5.80
CA GLN H 393 -47.47 -16.36 -4.37
C GLN H 393 -48.24 -15.08 -4.11
N LEU H 394 -48.05 -14.05 -4.94
CA LEU H 394 -48.85 -12.84 -4.83
C LEU H 394 -50.30 -13.08 -5.26
N ALA H 395 -50.50 -13.95 -6.25
CA ALA H 395 -51.85 -14.27 -6.71
C ALA H 395 -52.61 -15.10 -5.67
N GLU H 396 -51.89 -15.96 -4.93
CA GLU H 396 -52.54 -16.72 -3.85
C GLU H 396 -52.96 -15.83 -2.69
N GLU H 397 -52.09 -14.90 -2.29
CA GLU H 397 -52.38 -14.04 -1.15
C GLU H 397 -53.29 -12.88 -1.54
N CYS H 421 -58.94 -31.53 16.43
CA CYS H 421 -59.14 -31.43 17.87
C CYS H 421 -58.73 -32.71 18.57
N VAL H 422 -57.42 -32.98 18.57
CA VAL H 422 -56.90 -34.16 19.25
C VAL H 422 -56.98 -33.97 20.77
N ILE H 423 -56.63 -32.78 21.25
CA ILE H 423 -56.60 -32.48 22.69
C ILE H 423 -58.02 -32.40 23.26
N ASP H 424 -58.98 -31.93 22.46
CA ASP H 424 -60.38 -31.91 22.88
C ASP H 424 -60.92 -33.34 22.98
N ALA H 425 -60.48 -34.22 22.06
CA ALA H 425 -60.80 -35.64 22.17
C ALA H 425 -60.10 -36.29 23.38
N LEU H 426 -58.92 -35.79 23.76
CA LEU H 426 -58.27 -36.25 24.97
C LEU H 426 -58.91 -35.71 26.25
N LEU H 427 -59.69 -34.64 26.14
CA LEU H 427 -60.48 -34.21 27.29
C LEU H 427 -61.87 -34.82 27.30
N ALA H 428 -62.29 -35.41 26.19
CA ALA H 428 -63.64 -35.97 26.09
C ALA H 428 -63.82 -37.26 26.91
N ASP H 429 -62.78 -38.08 27.02
CA ASP H 429 -62.93 -39.42 27.60
C ASP H 429 -62.29 -39.61 28.98
N ILE H 430 -61.66 -38.58 29.56
CA ILE H 430 -61.26 -38.67 30.97
C ILE H 430 -62.49 -38.68 31.86
N ARG H 431 -63.46 -37.81 31.56
CA ARG H 431 -64.73 -37.79 32.28
C ARG H 431 -65.57 -39.03 32.04
N LYS H 432 -65.34 -39.74 30.93
CA LYS H 432 -65.94 -41.05 30.72
C LYS H 432 -65.19 -42.17 31.42
N GLY H 433 -64.02 -41.89 31.99
CA GLY H 433 -63.24 -42.91 32.67
C GLY H 433 -62.14 -43.49 31.82
PB ADP I . -45.11 -51.59 32.38
O1B ADP I . -45.72 -50.63 31.41
O2B ADP I . -45.95 -52.81 32.78
O3B ADP I . -43.67 -51.94 32.09
PA ADP I . -45.91 -49.47 34.04
O1A ADP I . -45.44 -48.27 33.26
O2A ADP I . -47.33 -49.96 33.94
O3A ADP I . -44.95 -50.72 33.72
O5' ADP I . -45.56 -49.28 35.59
C5' ADP I . -46.17 -50.13 36.55
C4' ADP I . -45.19 -50.33 37.70
O4' ADP I . -45.25 -49.19 38.55
C3' ADP I . -45.52 -51.55 38.53
O3' ADP I . -44.48 -52.53 38.36
C2' ADP I . -45.55 -51.08 39.96
O2' ADP I . -44.51 -51.72 40.71
C1' ADP I . -45.31 -49.57 39.92
N9 ADP I . -46.45 -48.87 40.57
C8 ADP I . -47.68 -48.75 40.04
N7 ADP I . -48.49 -48.05 40.87
C5 ADP I . -47.77 -47.70 41.94
C6 ADP I . -48.02 -46.95 43.20
N6 ADP I . -49.24 -46.41 43.46
N1 ADP I . -47.00 -46.82 44.06
C2 ADP I . -45.78 -47.34 43.81
N3 ADP I . -45.49 -48.04 42.70
C4 ADP I . -46.43 -48.25 41.74
MG MG J . -43.46 -49.11 31.31
PB ADP K . -3.43 -40.97 27.16
O1B ADP K . -1.96 -40.77 26.87
O2B ADP K . -3.77 -41.77 28.41
O3B ADP K . -4.27 -39.72 26.99
PA ADP K . -2.97 -42.48 24.82
O1A ADP K . -2.58 -41.32 23.94
O2A ADP K . -1.90 -43.35 25.41
O3A ADP K . -3.94 -41.91 25.97
O5' ADP K . -4.00 -43.40 24.02
C5' ADP K . -5.11 -42.76 23.38
C4' ADP K . -6.26 -43.72 23.19
O4' ADP K . -6.07 -44.48 21.99
C3' ADP K . -6.41 -44.71 24.33
O3' ADP K . -7.48 -44.34 25.19
C2' ADP K . -6.76 -46.02 23.65
O2' ADP K . -8.11 -46.37 23.95
C1' ADP K . -6.63 -45.78 22.16
N9 ADP K . -5.74 -46.80 21.55
C8 ADP K . -4.58 -47.23 22.06
N7 ADP K . -4.01 -48.18 21.27
C5 ADP K . -4.83 -48.37 20.23
C6 ADP K . -4.84 -49.23 19.02
N6 ADP K . -3.82 -50.09 18.78
N1 ADP K . -5.89 -49.12 18.18
C2 ADP K . -6.91 -48.27 18.41
N3 ADP K . -6.96 -47.46 19.49
C4 ADP K . -5.97 -47.46 20.40
MG MG L . -2.51 -37.70 25.30
PB ADP M . -21.37 -3.07 10.57
O1B ADP M . -22.65 -2.47 10.05
O2B ADP M . -21.45 -4.54 10.92
O3B ADP M . -20.16 -2.71 9.73
PA ADP M . -22.21 -2.37 13.19
O1A ADP M . -22.54 -0.96 13.61
O2A ADP M . -23.31 -3.34 12.84
O3A ADP M . -21.14 -2.33 11.98
O5' ADP M . -21.32 -3.05 14.34
C5' ADP M . -21.88 -4.07 15.17
C4' ADP M . -20.77 -4.74 15.97
O4' ADP M . -20.33 -3.87 17.01
C3' ADP M . -21.24 -6.02 16.63
O3' ADP M . -20.69 -7.15 15.96
C2' ADP M . -20.74 -5.97 18.05
O2' ADP M . -19.74 -6.96 18.25
C1' ADP M . -20.15 -4.59 18.23
N9 ADP M . -20.87 -3.88 19.32
C8 ADP M . -22.19 -3.61 19.34
N7 ADP M . -22.55 -2.96 20.47
C5 ADP M . -21.44 -2.79 21.21
C6 ADP M . -21.10 -2.19 22.52
N6 ADP M . -22.05 -1.61 23.28
N1 ADP M . -19.81 -2.24 22.92
C2 ADP M . -18.85 -2.82 22.17
N3 ADP M . -19.09 -3.39 20.97
C4 ADP M . -20.33 -3.42 20.45
MG MG N . -21.16 -0.94 9.20
PB ADP O . 16.88 -2.02 -7.69
O1B ADP O . 18.22 -1.78 -8.34
O2B ADP O . 16.71 -3.30 -6.88
O3B ADP O . 16.34 -0.81 -6.97
PA ADP O . 16.45 -2.51 -10.40
O1A ADP O . 17.09 -1.29 -11.03
O2A ADP O . 17.20 -3.82 -10.28
O3A ADP O . 15.89 -2.14 -8.94
O5' ADP O . 15.05 -2.80 -11.13
C5' ADP O . 14.38 -4.01 -10.81
C4' ADP O . 12.92 -3.69 -10.55
O4' ADP O . 12.22 -3.78 -11.79
C3' ADP O . 12.30 -4.69 -9.59
O3' ADP O . 11.85 -3.99 -8.43
C2' ADP O . 11.14 -5.32 -10.33
O2' ADP O . 9.92 -4.93 -9.70
C1' ADP O . 11.20 -4.77 -11.74
N9 ADP O . 11.57 -5.86 -12.69
C8 ADP O . 12.67 -6.63 -12.61
N7 ADP O . 12.72 -7.53 -13.63
C5 ADP O . 11.62 -7.34 -14.38
C6 ADP O . 11.05 -7.95 -15.60
N6 ADP O . 11.68 -8.96 -16.23
N1 ADP O . 9.88 -7.45 -16.06
C2 ADP O . 9.24 -6.44 -15.45
N3 ADP O . 9.70 -5.85 -14.33
C4 ADP O . 10.87 -6.24 -13.76
MG MG P . 18.88 1.10 -10.07
PB ADP Q . 2.98 40.31 -9.63
O1B ADP Q . 2.59 41.76 -9.78
O2B ADP Q . 2.00 39.37 -8.93
O3B ADP Q . 3.58 39.72 -10.88
PA ADP Q . 4.68 41.73 -7.89
O1A ADP Q . 5.32 42.68 -8.86
O2A ADP Q . 3.51 42.14 -7.02
O3A ADP Q . 4.28 40.38 -8.67
O5' ADP Q . 5.80 41.10 -6.94
C5' ADP Q . 5.37 40.10 -6.02
C4' ADP Q . 6.37 38.96 -6.03
O4' ADP Q . 7.46 39.32 -5.18
C3' ADP Q . 5.76 37.68 -5.48
O3' ADP Q . 5.73 36.69 -6.51
C2' ADP Q . 6.67 37.23 -4.37
O2' ADP Q . 7.34 36.03 -4.77
C1' ADP Q . 7.70 38.34 -4.17
N9 ADP Q . 7.46 38.95 -2.84
C8 ADP Q . 6.32 39.52 -2.42
N7 ADP Q . 6.41 39.96 -1.15
C5 ADP Q . 7.65 39.66 -0.71
C6 ADP Q . 8.41 39.82 0.54
N6 ADP Q . 7.86 40.45 1.61
N1 ADP Q . 9.68 39.37 0.58
C2 ADP Q . 10.24 38.76 -0.48
N3 ADP Q . 9.61 38.56 -1.65
C4 ADP Q . 8.33 38.98 -1.83
MG MG R . 4.72 43.78 -11.51
PB ADP S . 34.29 40.28 -42.05
O1B ADP S . 35.29 39.76 -43.04
O2B ADP S . 33.97 39.36 -40.87
O3B ADP S . 34.55 41.71 -41.62
PA ADP S . 32.62 39.60 -44.23
O1A ADP S . 33.02 40.43 -45.42
O2A ADP S . 33.09 38.16 -44.08
O3A ADP S . 32.92 40.41 -42.88
O5' ADP S . 31.03 39.57 -44.12
C5' ADP S . 30.43 38.39 -43.59
C4' ADP S . 29.15 38.81 -42.90
O4' ADP S . 28.17 39.09 -43.90
C3' ADP S . 28.63 37.70 -42.01
O3' ADP S . 28.70 38.10 -40.64
C2' ADP S . 27.19 37.51 -42.42
O2' ADP S . 26.34 37.96 -41.36
C1' ADP S . 26.97 38.37 -43.65
N9 ADP S . 26.70 37.48 -44.82
C8 ADP S . 27.55 36.54 -45.28
N7 ADP S . 27.03 35.90 -46.35
C5 ADP S . 25.81 36.41 -46.58
C6 ADP S . 24.71 36.19 -47.54
N6 ADP S . 24.82 35.24 -48.51
N1 ADP S . 23.61 36.95 -47.43
C2 ADP S . 23.48 37.89 -46.48
N3 ADP S . 24.44 38.16 -45.57
C4 ADP S . 25.60 37.46 -45.56
MG MG T . 35.28 41.75 -44.00
#